data_6DV9
#
_entry.id   6DV9
#
_cell.length_a   143.270
_cell.length_b   161.440
_cell.length_c   237.690
_cell.angle_alpha   90.00
_cell.angle_beta   90.00
_cell.angle_gamma   90.00
#
_symmetry.space_group_name_H-M   'P 21 21 21'
#
loop_
_entity.id
_entity.type
_entity.pdbx_description
1 polymer 'DNA-directed RNA polymerase subunit alpha'
2 polymer 'DNA-directed RNA polymerase subunit beta'
3 polymer "DNA-directed RNA polymerase subunit beta'"
4 polymer 'DNA-directed RNA polymerase subunit omega'
5 polymer 'ECF RNA polymerase sigma factor SigL'
6 polymer "RNA (5'-R(*CP*UP*CP*GP*A)-3')"
7 polymer "DNA (5'-D(*GP*CP*AP*TP*CP*CP*GP*TP*GP*AP*GP*TP*CP*GP*AP*GP*G)-3')"
8 polymer "DNA (5'-D(P*CP*GP*TP*GP*TP*CP*AP*GP*AP*GP*TP*GP*TP*CP*AP*CP*GP*GP*AP*TP*GP*C)-3')"
9 non-polymer 'MAGNESIUM ION'
10 non-polymer 'ZINC ION'
#
loop_
_entity_poly.entity_id
_entity_poly.type
_entity_poly.pdbx_seq_one_letter_code
_entity_poly.pdbx_strand_id
1 'polypeptide(L)'
;MGHHHHHHHHHHMLISQRPTLSEDVLTDNRSQFVIEPLEPGFGYTLGNSLRRTLLSSIPGAAVTSIRIDGVLHEFTTVPG
VKEDVTEIILNLKSLVVSSEEDEPVTMYLRKQGPGEVTAGDIVPPAGVTVHNPGMHIATLNDKGKLEVELVVERGRGYVP
AVQNRASGAEIGRIPVDSIYSPVLKVTYKVDATRVEQRTDFDKLILDVETKNSISPRDALASAGKTLVELFGLARELNVE
AEGIEIGPSPAEADHIASFALPIDDLDLTVRSYNCLKREGVHTVGELVARTESDLLDIRNFGQKSIDEVKIKLHQLGLSL
KDSPPSFDPSEVAGYDVATGTWSTEGAYDEQDYAETEQL
;
A,B
2 'polypeptide(L)'
;MLEGCILADSRQSKTAASPSPSRPQSSSNNSVPGAPNRVSFAKLREPLEVPGLLDVQTDSFEWLIGSPRWRESAAERGDV
NPVGGLEEVLYELSPIEDFSGSMSLSFSDPRFDDVKAPVDECKDKDMTYAAPLFVTAEFINNNTGEIKSQTVFMGDFPMM
TEKGTFIINGTERVVVSQLVRSPGVYFDETIDKSTDKTLHSVKVIPSRGAWLEFDVDKRDTVGVRIDRKRRQPVTVLLKA
LGWTSEQIVERFGFSEIMRSTLEKDNTVGTDEALLDIYRKLRPGEPPTKESAQTLLENLFFKEKRYDLARVGRYKVNKKL
GLHVGEPITSSTLTEEDVVATIEYLVRLHEGQTTMTVPGGVEVPVETDDIDHFGNRRLRTVGELIQNQIRVGMSRMERVV
RERMTTQDVEAITPQTLINIRPVVAAIKEFFGTSQLSQFMDQNNPLSGLTHKRRLSALGPGGLSRERAGLEVRDVHPSHY
GRMCPIETPEGPNIGLIGSLSVYARVNPFGFIETPYRKVVDGVVSDEIVYLTADEEDRHVVAQANSPIDADGRFVEPRVL
VRRKAGEVEYVPSSEVDYMDVSPRQMVSVATAMIPFLEHDDANRALMGANMQRQAVPLVRSEAPLVGTGMELRAAIDAGD
VVVAEESGVIEEVSADYITVMHDNGTRRTYRMRKFARSNHGTCANQCPIVDAGDRVEAGQVIADGPCTDDGEMALGKNLL
VAIMPWEGHNYEDAIILSNRLVEEDVLTSIHIEEHEIDARDTKLGAEEITRDIPNISDEVLADLDERGIVRIGAEVRDGD
ILVGKVTPKGETELTPEERLLRAIFGEKAREVRDTSLKVPHGESGKVIGIRVFSREDEDELPAGVNELVRVYVAQKRKIS
DGDKLAGRHGNKGVIGKILPVEDMPFLADGTPVDIILNTHGVPRRMNIGQILETHLGWCAHSGWKVDAAKGVPDWAARLP
DELLEAQPNAIVSTPVFDGAQEAELQGLLSCTLPNRDGDVLVDADGKAMLFDGRSGEPFPYPVTVGYMYIMKLHHLVDDK
IHARSTGPYSMITQQPLGGKAQFGGQRFGEMECWAMQAYGAAYTLQELLTIKSDDTVGRVKVYEAIVKGENIPEPGIPES
FKVLLKELQSLCLNVEVLSSDGAAIELREGEDEDLERAAANLGINLSRNESASVEDLA
;
C
3 'polypeptide(L)'
;MLDVNFFDELRIGLATAEDIRQWSYGEVKKPETINYRTLKPEKDGLFCEKIFGPTRDWECYCGKYKRVRFKGIICERCGV
EVTRAKVRRERMGHIELAAPVTHIWYFKGVPSRLGYLLDLAPKDLEKIIYFAAYVITSVDEEMRHNELSTLEAEMAVERK
AVEDQRDGELEARAQKLEADLAELEAEGAKADARRKVRDGGEREMRQIRDRAQRELDRLEDIWSTFTKLAPKQLIVDENL
YRELVDRYGEYFTGAMGAESIQKLIENFDIDAEAESLRDVIRNGKGQKKLRALKRLKVVAAFQQSGNSPMGMVLDAVPVI
PPELRPMVQLDGGRFATSDLNDLYRRVINRNNRLKRLIDLGAPEIIVNNEKRMLQESVDALFDNGRRGRPVTGPGNRPLK
SLSDLLKGKQGRFRQNLLGKRVDYSGRSVIVVGPQLKLHQCGLPKLMALELFKPFVMKRLVDLNHAQNIKSAKRMVERQR
PQVWDVLEEVIAEHPVLLNRAPTLHRLGIQAFEPMLVEGKAIQLHPLVCEAFNADFDGDQMAVHLPLSAEAQAEARILML
SSNNILSPASGRPLAMPRLDMVTGLYYLTTEVPGDTGEYQPASGDHPETGVYSSPAEAIMAADRGVLSVRAKIKVRLTQL
RPPVEIEAELFGHSGWQPGDAWMAETTLGRVMFNELLPLGYPFVNKQMHKKVQAAIINDLAERYPMIVVAQTVDKLKDAG
FYWATRSGVTVSMADVLVPPRKKEILDHYEERADKVEKQFQRGALNHDERNEALVEIWKEATDEVGQALREHYPDDNPII
TIVDSGATGNFTQTRTLAGMKGLVTNPKGEFIPRPVKSSFREGLTVLEYFINTHGARKGLADTALRTADSGYLTRRLVDV
SQDVIVREHDCQTERGIVVELAERAPDGTLIRDPYIETSAYARTLGTDAVDEAGNVIVERGQDLGDPEIDALLAAGITQV
KVRSVLTCATSTGVCATCYGRSMATGKLVDIGEAVGIVAAQSIGEPGTQLTMRTFHQGGVGEDITGGLPRVQELFEARVP
RGKAPIADVTGRVRLEDGERFYKITIVPDDGGEEVVYDKISKRQRLRVFKHEDGSERVLSDGDHVEVGQQLMEGSADPHE
VLRVQGPREVQIHLVREVQEVYRAQGVSIHDKHIEVIVRQMLRRVTIIDSGSTEFLPGSLIDRAEFEAENRRVVAEGGEP
AAGRPVLMGITKASLATDSWLSAASFQETTRVLTDAAINCRSDKLNGLKENVIIGKLIPAGTGINRYRNIAVQPTEEARA
AAYTIPSYEDQYYSPDFGAATGAAVPLDDYGYSDYR
;
D
4 'polypeptide(L)'
;MSISQSDASLAAVPAVDQFDPSSGASGGYDTPLGITNPPIDELLDRVSSKYALVIYAAKRARQINDYYNQLGEGILEYVG
PLVEPGLQEKPLSIALREIHADLLEHTEGE
;
E
5 'polypeptide(L)'
;MARVSGAAAAEAALMRALYDEHAAVLWRYALRLTGDAAQAEDVVQETLLRAWQHPEVIGDTARPARAWLFTVARNMIIDE
RRSARFRNVVGSTDQSGTPEQSTPDEVNAALDRLLIADALAQLSAEHRAVIQRSYYRGWSTAQIATDLGIAEGTVKSRLH
YAVRALRLTLQELGVTR
;
F
6 'polyribonucleotide' CUCGA I
7 'polydeoxyribonucleotide' (DG)(DC)(DA)(DT)(DC)(DC)(DG)(DT)(DG)(DA)(DG)(DT)(DC)(DG)(DA)(DG)(DG) G
8 'polydeoxyribonucleotide'
;(DC)(DG)(DT)(DG)(DT)(DC)(DA)(DG)(DA)(DG)(DT)(DG)(DT)(DC)(DA)(DC)(DG)(DG)(DA)(DT)
(DG)(DC)
;
H
#
# COMPACT_ATOMS: atom_id res chain seq x y z
N LEU A 14 4.73 -35.04 -59.56
CA LEU A 14 5.16 -34.52 -58.28
C LEU A 14 5.85 -35.59 -57.45
N ILE A 15 7.17 -35.70 -57.58
CA ILE A 15 7.95 -36.72 -56.90
C ILE A 15 9.25 -36.10 -56.39
N SER A 16 9.98 -36.87 -55.58
CA SER A 16 11.10 -36.34 -54.83
C SER A 16 12.30 -36.05 -55.71
N GLN A 17 12.96 -34.92 -55.44
CA GLN A 17 14.32 -34.66 -55.87
C GLN A 17 15.12 -34.26 -54.63
N ARG A 18 16.24 -34.94 -54.40
CA ARG A 18 16.95 -34.75 -53.14
C ARG A 18 17.45 -33.32 -53.01
N PRO A 19 17.28 -32.70 -51.84
CA PRO A 19 17.70 -31.30 -51.68
C PRO A 19 19.21 -31.16 -51.67
N THR A 20 19.68 -30.00 -52.13
CA THR A 20 21.10 -29.69 -52.18
C THR A 20 21.36 -28.37 -51.47
N LEU A 21 22.53 -28.27 -50.86
CA LEU A 21 22.96 -27.10 -50.11
C LEU A 21 24.26 -26.60 -50.72
N SER A 22 24.26 -25.33 -51.13
CA SER A 22 25.43 -24.71 -51.76
C SER A 22 25.72 -23.39 -51.08
N GLU A 23 27.00 -23.17 -50.76
CA GLU A 23 27.43 -22.01 -49.99
C GLU A 23 27.69 -20.82 -50.89
N ASP A 24 27.28 -19.64 -50.42
CA ASP A 24 27.59 -18.36 -51.04
C ASP A 24 28.29 -17.49 -50.00
N VAL A 25 29.40 -16.86 -50.41
CA VAL A 25 30.20 -16.03 -49.51
C VAL A 25 29.93 -14.56 -49.80
N LEU A 26 29.78 -13.78 -48.74
CA LEU A 26 29.63 -12.33 -48.84
C LEU A 26 30.87 -11.60 -48.33
N THR A 27 31.32 -11.91 -47.13
CA THR A 27 32.59 -11.43 -46.59
C THR A 27 33.29 -12.60 -45.91
N ASP A 28 34.39 -12.31 -45.22
CA ASP A 28 35.15 -13.36 -44.55
C ASP A 28 34.47 -13.90 -43.30
N ASN A 29 33.40 -13.25 -42.83
CA ASN A 29 32.68 -13.74 -41.65
C ASN A 29 31.17 -13.67 -41.84
N ARG A 30 30.71 -13.82 -43.08
CA ARG A 30 29.28 -13.84 -43.38
C ARG A 30 29.07 -14.62 -44.67
N SER A 31 28.19 -15.61 -44.62
CA SER A 31 27.92 -16.46 -45.77
C SER A 31 26.45 -16.78 -45.85
N GLN A 32 25.92 -16.85 -47.07
CA GLN A 32 24.56 -17.30 -47.31
C GLN A 32 24.56 -18.74 -47.79
N PHE A 33 23.58 -19.51 -47.33
CA PHE A 33 23.43 -20.91 -47.70
C PHE A 33 22.04 -21.12 -48.28
N VAL A 34 21.98 -21.65 -49.50
CA VAL A 34 20.72 -21.96 -50.16
C VAL A 34 20.51 -23.47 -50.13
N ILE A 35 19.31 -23.89 -49.69
CA ILE A 35 18.94 -25.29 -49.59
C ILE A 35 17.66 -25.49 -50.38
N GLU A 36 17.67 -26.46 -51.29
CA GLU A 36 16.56 -26.65 -52.21
C GLU A 36 16.69 -28.02 -52.84
N PRO A 37 15.58 -28.65 -53.23
CA PRO A 37 14.22 -28.12 -53.10
C PRO A 37 13.46 -28.69 -51.91
N LEU A 38 13.07 -27.81 -50.99
CA LEU A 38 12.30 -28.23 -49.83
C LEU A 38 10.82 -28.22 -50.13
N GLU A 39 10.07 -29.01 -49.35
CA GLU A 39 8.63 -29.07 -49.50
C GLU A 39 8.01 -27.71 -49.17
N PRO A 40 6.78 -27.47 -49.64
CA PRO A 40 6.12 -26.20 -49.33
C PRO A 40 5.87 -26.05 -47.83
N GLY A 41 6.11 -24.84 -47.32
CA GLY A 41 6.00 -24.57 -45.90
C GLY A 41 7.13 -25.14 -45.05
N PHE A 42 8.01 -25.96 -45.63
CA PHE A 42 9.10 -26.57 -44.88
C PHE A 42 10.28 -25.63 -44.69
N GLY A 43 10.39 -24.58 -45.51
CA GLY A 43 11.60 -23.77 -45.50
C GLY A 43 11.78 -22.96 -44.24
N TYR A 44 10.69 -22.40 -43.70
CA TYR A 44 10.80 -21.55 -42.53
C TYR A 44 11.24 -22.35 -41.30
N THR A 45 10.76 -23.57 -41.16
CA THR A 45 11.05 -24.34 -39.95
C THR A 45 12.50 -24.85 -39.96
N LEU A 46 13.02 -25.19 -41.14
CA LEU A 46 14.42 -25.61 -41.22
C LEU A 46 15.36 -24.45 -40.91
N GLY A 47 15.08 -23.27 -41.44
CA GLY A 47 15.91 -22.12 -41.15
C GLY A 47 15.95 -21.78 -39.66
N ASN A 48 14.82 -21.96 -38.98
CA ASN A 48 14.76 -21.67 -37.55
C ASN A 48 15.54 -22.69 -36.74
N SER A 49 15.34 -23.99 -37.03
CA SER A 49 16.03 -25.03 -36.28
C SER A 49 17.53 -24.93 -36.39
N LEU A 50 18.03 -24.39 -37.52
CA LEU A 50 19.46 -24.11 -37.62
C LEU A 50 19.82 -22.83 -36.88
N ARG A 51 18.99 -21.79 -36.98
CA ARG A 51 19.27 -20.54 -36.30
C ARG A 51 19.33 -20.73 -34.79
N ARG A 52 18.38 -21.49 -34.24
CA ARG A 52 18.35 -21.70 -32.78
C ARG A 52 19.59 -22.46 -32.32
N THR A 53 20.02 -23.45 -33.09
CA THR A 53 21.23 -24.19 -32.73
C THR A 53 22.48 -23.36 -32.96
N LEU A 54 22.46 -22.46 -33.95
CA LEU A 54 23.60 -21.59 -34.20
C LEU A 54 23.79 -20.59 -33.06
N LEU A 55 22.70 -19.90 -32.67
CA LEU A 55 22.80 -18.86 -31.67
C LEU A 55 23.06 -19.38 -30.26
N SER A 56 23.08 -20.69 -30.07
CA SER A 56 23.11 -21.21 -28.70
C SER A 56 24.17 -22.28 -28.46
N SER A 57 24.33 -23.22 -29.38
CA SER A 57 25.07 -24.46 -29.09
C SER A 57 26.26 -24.65 -30.04
N ILE A 58 26.95 -23.59 -30.39
CA ILE A 58 28.16 -23.67 -31.19
C ILE A 58 29.36 -23.54 -30.27
N PRO A 59 30.25 -24.53 -30.22
CA PRO A 59 31.37 -24.47 -29.27
C PRO A 59 32.30 -23.31 -29.57
N GLY A 60 32.80 -22.68 -28.52
CA GLY A 60 33.75 -21.59 -28.64
C GLY A 60 34.51 -21.43 -27.35
N ALA A 61 35.50 -20.53 -27.39
CA ALA A 61 36.34 -20.24 -26.24
C ALA A 61 36.15 -18.79 -25.80
N ALA A 62 36.23 -18.56 -24.50
CA ALA A 62 36.13 -17.23 -23.93
C ALA A 62 36.98 -17.17 -22.67
N VAL A 63 37.10 -15.97 -22.12
CA VAL A 63 37.88 -15.74 -20.92
C VAL A 63 37.00 -16.00 -19.71
N THR A 64 37.41 -16.94 -18.86
CA THR A 64 36.64 -17.23 -17.63
C THR A 64 36.87 -16.14 -16.59
N SER A 65 38.09 -16.02 -16.10
CA SER A 65 38.44 -15.06 -15.06
C SER A 65 39.68 -14.29 -15.48
N ILE A 66 39.92 -13.17 -14.80
CA ILE A 66 41.11 -12.36 -14.99
C ILE A 66 41.75 -12.14 -13.63
N ARG A 67 42.94 -11.54 -13.65
CA ARG A 67 43.68 -11.26 -12.42
C ARG A 67 44.62 -10.09 -12.68
N ILE A 68 44.27 -8.93 -12.15
CA ILE A 68 45.12 -7.74 -12.20
C ILE A 68 45.88 -7.66 -10.88
N ASP A 69 47.17 -7.31 -10.97
CA ASP A 69 48.05 -7.40 -9.81
C ASP A 69 47.65 -6.41 -8.72
N GLY A 70 47.44 -5.14 -9.07
CA GLY A 70 47.19 -4.13 -8.07
C GLY A 70 45.80 -4.15 -7.46
N VAL A 71 44.88 -4.93 -8.01
CA VAL A 71 43.50 -4.92 -7.58
C VAL A 71 43.16 -6.26 -6.92
N LEU A 72 42.07 -6.24 -6.15
CA LEU A 72 41.53 -7.43 -5.52
C LEU A 72 40.06 -7.65 -5.84
N HIS A 73 39.42 -6.76 -6.59
CA HIS A 73 38.02 -6.90 -6.96
C HIS A 73 37.72 -5.91 -8.08
N GLU A 74 36.53 -6.05 -8.66
CA GLU A 74 36.16 -5.26 -9.84
C GLU A 74 36.10 -3.77 -9.52
N PHE A 75 35.66 -3.42 -8.31
CA PHE A 75 35.22 -2.06 -8.01
C PHE A 75 36.38 -1.22 -7.48
N THR A 76 37.32 -0.93 -8.38
CA THR A 76 38.48 -0.12 -8.02
C THR A 76 39.12 0.41 -9.30
N THR A 77 40.19 1.20 -9.13
CA THR A 77 40.94 1.78 -10.23
C THR A 77 42.40 1.35 -10.15
N VAL A 78 43.07 1.40 -11.29
CA VAL A 78 44.51 1.17 -11.37
C VAL A 78 45.18 2.53 -11.59
N PRO A 79 46.27 2.82 -10.91
CA PRO A 79 46.93 4.13 -11.10
C PRO A 79 47.44 4.29 -12.54
N GLY A 80 47.13 5.44 -13.14
CA GLY A 80 47.62 5.78 -14.45
C GLY A 80 46.72 5.36 -15.60
N VAL A 81 45.76 4.47 -15.37
CA VAL A 81 44.84 4.06 -16.42
C VAL A 81 43.58 4.90 -16.32
N LYS A 82 42.98 5.18 -17.48
CA LYS A 82 41.80 6.03 -17.54
C LYS A 82 40.52 5.29 -17.18
N GLU A 83 40.49 3.97 -17.33
CA GLU A 83 39.31 3.17 -17.05
C GLU A 83 39.44 2.48 -15.70
N ASP A 84 38.34 2.43 -14.96
CA ASP A 84 38.30 1.59 -13.77
C ASP A 84 38.29 0.12 -14.17
N VAL A 85 38.51 -0.76 -13.19
CA VAL A 85 38.60 -2.19 -13.48
C VAL A 85 37.27 -2.71 -14.00
N THR A 86 36.15 -2.16 -13.53
CA THR A 86 34.85 -2.57 -14.05
C THR A 86 34.72 -2.27 -15.53
N GLU A 87 35.13 -1.06 -15.94
CA GLU A 87 35.06 -0.70 -17.36
C GLU A 87 36.08 -1.49 -18.18
N ILE A 88 37.23 -1.83 -17.59
CA ILE A 88 38.20 -2.66 -18.30
C ILE A 88 37.63 -4.05 -18.55
N ILE A 89 36.94 -4.62 -17.55
CA ILE A 89 36.37 -5.95 -17.71
C ILE A 89 35.27 -5.93 -18.77
N LEU A 90 34.48 -4.85 -18.82
CA LEU A 90 33.46 -4.75 -19.85
C LEU A 90 34.06 -4.69 -21.24
N ASN A 91 35.21 -4.01 -21.39
CA ASN A 91 35.92 -4.03 -22.66
C ASN A 91 36.48 -5.42 -22.97
N LEU A 92 36.85 -6.17 -21.92
CA LEU A 92 37.36 -7.53 -22.11
C LEU A 92 36.25 -8.50 -22.49
N LYS A 93 34.98 -8.15 -22.22
CA LYS A 93 33.88 -8.99 -22.66
C LYS A 93 33.72 -8.98 -24.18
N SER A 94 34.31 -8.00 -24.86
CA SER A 94 34.29 -7.94 -26.31
C SER A 94 35.34 -8.85 -26.94
N LEU A 95 36.25 -9.42 -26.16
CA LEU A 95 37.33 -10.23 -26.71
C LEU A 95 36.78 -11.47 -27.39
N VAL A 96 37.27 -11.74 -28.60
CA VAL A 96 36.98 -12.97 -29.32
C VAL A 96 38.26 -13.79 -29.35
N VAL A 97 38.15 -15.07 -29.02
CA VAL A 97 39.33 -15.90 -28.81
C VAL A 97 38.94 -17.35 -29.04
N SER A 98 39.91 -18.15 -29.50
CA SER A 98 39.72 -19.58 -29.71
C SER A 98 40.86 -20.33 -29.06
N SER A 99 40.56 -21.51 -28.53
CA SER A 99 41.53 -22.31 -27.79
C SER A 99 41.49 -23.75 -28.28
N GLU A 100 42.67 -24.32 -28.54
CA GLU A 100 42.75 -25.72 -28.94
C GLU A 100 42.78 -26.67 -27.74
N GLU A 101 43.05 -26.16 -26.54
CA GLU A 101 43.37 -27.01 -25.41
C GLU A 101 42.14 -27.67 -24.78
N ASP A 102 40.98 -27.00 -24.83
CA ASP A 102 39.75 -27.42 -24.15
C ASP A 102 39.94 -27.55 -22.65
N GLU A 103 41.02 -27.03 -22.10
CA GLU A 103 41.30 -27.01 -20.67
C GLU A 103 41.75 -25.61 -20.30
N PRO A 104 41.61 -25.23 -19.03
CA PRO A 104 42.02 -23.88 -18.61
C PRO A 104 43.48 -23.59 -18.97
N VAL A 105 43.71 -22.40 -19.53
CA VAL A 105 45.04 -21.98 -19.96
C VAL A 105 45.12 -20.47 -19.78
N THR A 106 46.33 -19.97 -19.55
CA THR A 106 46.53 -18.62 -19.04
C THR A 106 47.17 -17.72 -20.08
N MET A 107 46.56 -16.56 -20.31
CA MET A 107 47.10 -15.50 -21.13
C MET A 107 47.69 -14.41 -20.25
N TYR A 108 48.65 -13.66 -20.80
CA TYR A 108 49.35 -12.64 -20.03
C TYR A 108 49.36 -11.33 -20.81
N LEU A 109 49.49 -10.23 -20.07
CA LEU A 109 49.50 -8.91 -20.67
C LEU A 109 50.26 -7.96 -19.75
N ARG A 110 51.40 -7.46 -20.22
CA ARG A 110 52.18 -6.45 -19.51
C ARG A 110 52.39 -5.26 -20.43
N LYS A 111 52.07 -4.06 -19.94
CA LYS A 111 52.28 -2.82 -20.68
C LYS A 111 52.54 -1.70 -19.68
N GLN A 112 53.35 -0.72 -20.10
CA GLN A 112 53.69 0.41 -19.26
C GLN A 112 54.11 1.58 -20.14
N GLY A 113 54.15 2.76 -19.53
CA GLY A 113 54.49 3.96 -20.24
C GLY A 113 53.29 4.54 -20.95
N PRO A 114 53.47 5.70 -21.58
CA PRO A 114 52.37 6.29 -22.34
C PRO A 114 51.99 5.40 -23.52
N GLY A 115 50.70 5.29 -23.76
CA GLY A 115 50.21 4.48 -24.85
C GLY A 115 48.86 3.87 -24.53
N GLU A 116 48.32 3.17 -25.52
CA GLU A 116 47.04 2.51 -25.43
C GLU A 116 47.24 1.00 -25.49
N VAL A 117 46.65 0.29 -24.53
CA VAL A 117 46.72 -1.17 -24.50
C VAL A 117 45.59 -1.73 -25.35
N THR A 118 45.94 -2.56 -26.32
CA THR A 118 44.98 -3.20 -27.19
C THR A 118 45.02 -4.72 -27.00
N ALA A 119 44.08 -5.40 -27.63
CA ALA A 119 44.01 -6.86 -27.53
C ALA A 119 45.26 -7.51 -28.12
N GLY A 120 45.93 -6.84 -29.06
CA GLY A 120 47.17 -7.37 -29.61
C GLY A 120 48.32 -7.38 -28.62
N ASP A 121 48.25 -6.54 -27.58
CA ASP A 121 49.27 -6.53 -26.55
C ASP A 121 49.26 -7.78 -25.68
N ILE A 122 48.26 -8.63 -25.82
CA ILE A 122 48.19 -9.88 -25.07
C ILE A 122 49.05 -10.92 -25.76
N VAL A 123 49.83 -11.65 -24.96
CA VAL A 123 50.65 -12.76 -25.46
C VAL A 123 49.90 -14.06 -25.13
N PRO A 124 49.29 -14.72 -26.11
CA PRO A 124 48.58 -15.97 -25.83
C PRO A 124 49.54 -17.14 -25.82
N PRO A 125 49.28 -18.15 -24.99
CA PRO A 125 50.12 -19.36 -25.02
C PRO A 125 49.85 -20.19 -26.27
N ALA A 126 50.60 -21.28 -26.45
CA ALA A 126 50.39 -22.14 -27.60
C ALA A 126 48.98 -22.75 -27.57
N GLY A 127 48.28 -22.67 -28.71
CA GLY A 127 46.95 -23.20 -28.85
C GLY A 127 45.85 -22.15 -28.83
N VAL A 128 46.11 -21.00 -28.20
CA VAL A 128 45.15 -19.92 -28.07
C VAL A 128 45.61 -18.75 -28.92
N THR A 129 44.65 -18.07 -29.56
CA THR A 129 44.96 -16.98 -30.46
C THR A 129 43.89 -15.90 -30.36
N VAL A 130 44.32 -14.64 -30.46
CA VAL A 130 43.44 -13.47 -30.36
C VAL A 130 43.04 -13.04 -31.76
N HIS A 131 41.74 -12.79 -31.97
CA HIS A 131 41.19 -12.62 -33.30
C HIS A 131 40.83 -11.18 -33.64
N ASN A 132 41.10 -10.22 -32.76
CA ASN A 132 40.94 -8.80 -33.05
C ASN A 132 41.98 -8.01 -32.28
N PRO A 133 43.23 -8.05 -32.73
CA PRO A 133 44.33 -7.39 -31.98
C PRO A 133 44.20 -5.87 -31.86
N GLY A 134 43.20 -5.24 -32.48
CA GLY A 134 43.04 -3.81 -32.40
C GLY A 134 42.02 -3.30 -31.41
N MET A 135 41.44 -4.17 -30.59
CA MET A 135 40.40 -3.75 -29.67
C MET A 135 40.98 -2.93 -28.52
N HIS A 136 40.37 -1.78 -28.25
CA HIS A 136 40.77 -0.96 -27.11
C HIS A 136 40.47 -1.68 -25.81
N ILE A 137 41.43 -1.63 -24.88
CA ILE A 137 41.29 -2.20 -23.56
C ILE A 137 41.42 -1.14 -22.47
N ALA A 138 42.48 -0.34 -22.54
CA ALA A 138 42.71 0.72 -21.55
C ALA A 138 43.66 1.75 -22.13
N THR A 139 43.55 2.97 -21.60
CA THR A 139 44.46 4.06 -21.93
C THR A 139 45.37 4.31 -20.74
N LEU A 140 46.68 4.32 -21.00
CA LEU A 140 47.69 4.49 -19.96
C LEU A 140 48.46 5.77 -20.20
N ASN A 141 48.73 6.51 -19.13
CA ASN A 141 49.56 7.70 -19.22
C ASN A 141 50.99 7.34 -18.77
N ASP A 142 51.77 8.35 -18.38
CA ASP A 142 53.17 8.13 -18.02
C ASP A 142 53.28 7.23 -16.79
N LYS A 143 52.46 7.47 -15.77
CA LYS A 143 52.54 6.74 -14.52
C LYS A 143 51.78 5.41 -14.55
N GLY A 144 51.20 5.03 -15.68
CA GLY A 144 50.32 3.87 -15.74
C GLY A 144 51.04 2.61 -16.16
N LYS A 145 50.85 1.54 -15.38
CA LYS A 145 51.35 0.21 -15.68
C LYS A 145 50.23 -0.79 -15.46
N LEU A 146 49.98 -1.63 -16.46
CA LEU A 146 48.89 -2.59 -16.42
C LEU A 146 49.45 -4.00 -16.63
N GLU A 147 49.21 -4.87 -15.66
CA GLU A 147 49.67 -6.26 -15.70
C GLU A 147 48.49 -7.16 -15.39
N VAL A 148 48.07 -7.96 -16.36
CA VAL A 148 46.81 -8.70 -16.29
C VAL A 148 47.05 -10.14 -16.73
N GLU A 149 46.52 -11.09 -15.95
CA GLU A 149 46.40 -12.48 -16.36
C GLU A 149 44.97 -12.75 -16.79
N LEU A 150 44.81 -13.65 -17.76
CA LEU A 150 43.49 -13.98 -18.30
C LEU A 150 43.40 -15.49 -18.49
N VAL A 151 42.51 -16.12 -17.74
CA VAL A 151 42.26 -17.55 -17.87
C VAL A 151 41.20 -17.77 -18.95
N VAL A 152 41.52 -18.59 -19.94
CA VAL A 152 40.64 -18.86 -21.07
C VAL A 152 40.29 -20.34 -21.05
N GLU A 153 39.00 -20.64 -20.96
CA GLU A 153 38.48 -21.99 -21.05
C GLU A 153 37.67 -22.13 -22.34
N ARG A 154 37.06 -23.30 -22.51
CA ARG A 154 36.27 -23.60 -23.70
C ARG A 154 34.98 -24.28 -23.30
N GLY A 155 33.87 -23.71 -23.74
CA GLY A 155 32.54 -24.28 -23.52
C GLY A 155 31.62 -23.91 -24.66
N ARG A 156 30.33 -23.75 -24.34
CA ARG A 156 29.35 -23.32 -25.34
C ARG A 156 28.28 -22.48 -24.66
N GLY A 157 27.66 -21.60 -25.43
CA GLY A 157 26.59 -20.76 -24.93
C GLY A 157 27.06 -19.59 -24.09
N TYR A 158 26.35 -19.32 -22.99
CA TYR A 158 26.70 -18.24 -22.07
C TYR A 158 26.66 -18.79 -20.65
N VAL A 159 27.76 -18.66 -19.93
CA VAL A 159 27.85 -19.05 -18.53
C VAL A 159 28.18 -17.82 -17.71
N PRO A 160 27.45 -17.52 -16.65
CA PRO A 160 27.79 -16.36 -15.81
C PRO A 160 29.07 -16.61 -15.03
N ALA A 161 29.56 -15.54 -14.40
CA ALA A 161 30.80 -15.62 -13.64
C ALA A 161 30.67 -16.66 -12.54
N VAL A 162 31.63 -17.58 -12.48
CA VAL A 162 31.62 -18.62 -11.46
C VAL A 162 31.97 -18.01 -10.11
N GLN A 163 31.18 -18.32 -9.09
CA GLN A 163 31.37 -17.74 -7.77
C GLN A 163 32.71 -18.16 -7.18
N ASN A 164 33.25 -17.32 -6.31
CA ASN A 164 34.46 -17.68 -5.57
C ASN A 164 34.18 -18.72 -4.49
N ARG A 165 32.94 -18.79 -4.00
CA ARG A 165 32.60 -19.84 -3.05
C ARG A 165 32.44 -21.19 -3.73
N ALA A 166 31.99 -21.20 -4.98
CA ALA A 166 31.85 -22.46 -5.70
C ALA A 166 33.18 -22.93 -6.28
N SER A 167 33.98 -22.00 -6.80
CA SER A 167 35.30 -22.34 -7.29
C SER A 167 36.31 -22.35 -6.15
N GLY A 168 37.48 -22.94 -6.44
CA GLY A 168 38.61 -22.85 -5.53
C GLY A 168 39.41 -21.58 -5.66
N ALA A 169 38.92 -20.62 -6.43
CA ALA A 169 39.68 -19.40 -6.69
C ALA A 169 39.80 -18.57 -5.41
N GLU A 170 40.99 -18.04 -5.19
CA GLU A 170 41.27 -17.24 -4.01
C GLU A 170 40.89 -15.79 -4.28
N ILE A 171 41.28 -14.88 -3.38
CA ILE A 171 40.68 -13.55 -3.34
C ILE A 171 41.08 -12.73 -4.57
N GLY A 172 42.32 -12.88 -5.04
CA GLY A 172 42.80 -12.04 -6.11
C GLY A 172 42.08 -12.25 -7.44
N ARG A 173 41.53 -13.44 -7.65
CA ARG A 173 40.92 -13.77 -8.93
C ARG A 173 39.58 -13.05 -9.10
N ILE A 174 39.38 -12.50 -10.29
CA ILE A 174 38.15 -11.78 -10.62
C ILE A 174 37.40 -12.53 -11.71
N PRO A 175 36.36 -13.29 -11.35
CA PRO A 175 35.60 -14.02 -12.37
C PRO A 175 34.81 -13.09 -13.28
N VAL A 176 34.66 -13.51 -14.53
CA VAL A 176 33.94 -12.76 -15.55
C VAL A 176 32.90 -13.67 -16.16
N ASP A 177 31.84 -13.05 -16.70
CA ASP A 177 30.91 -13.80 -17.53
C ASP A 177 31.60 -14.23 -18.82
N SER A 178 31.27 -15.43 -19.29
CA SER A 178 31.88 -16.00 -20.49
C SER A 178 30.82 -16.17 -21.56
N ILE A 179 31.01 -15.52 -22.71
CA ILE A 179 30.12 -15.64 -23.86
C ILE A 179 30.82 -16.56 -24.85
N TYR A 180 30.36 -17.80 -24.92
CA TYR A 180 31.13 -18.82 -25.64
C TYR A 180 30.76 -18.86 -27.12
N SER A 181 29.53 -18.51 -27.45
CA SER A 181 29.08 -18.64 -28.83
C SER A 181 29.89 -17.73 -29.74
N PRO A 182 30.41 -18.25 -30.85
CA PRO A 182 31.10 -17.41 -31.83
C PRO A 182 30.21 -16.84 -32.91
N VAL A 183 28.94 -17.26 -32.98
CA VAL A 183 28.01 -16.78 -34.00
C VAL A 183 27.49 -15.40 -33.59
N LEU A 184 27.37 -14.49 -34.55
CA LEU A 184 27.02 -13.11 -34.27
C LEU A 184 25.57 -12.79 -34.63
N LYS A 185 25.12 -13.20 -35.81
CA LYS A 185 23.78 -12.84 -36.27
C LYS A 185 23.34 -13.85 -37.33
N VAL A 186 22.18 -14.47 -37.10
CA VAL A 186 21.64 -15.49 -38.00
C VAL A 186 20.23 -15.09 -38.40
N THR A 187 19.93 -15.24 -39.70
CA THR A 187 18.59 -15.03 -40.22
C THR A 187 18.37 -15.98 -41.39
N TYR A 188 17.18 -15.91 -41.98
CA TYR A 188 16.85 -16.73 -43.12
C TYR A 188 15.67 -16.11 -43.86
N LYS A 189 15.51 -16.52 -45.11
CA LYS A 189 14.36 -16.18 -45.92
C LYS A 189 14.06 -17.34 -46.85
N VAL A 190 12.79 -17.49 -47.22
CA VAL A 190 12.39 -18.53 -48.15
C VAL A 190 11.61 -17.89 -49.29
N ASP A 191 11.73 -18.50 -50.47
CA ASP A 191 11.01 -18.07 -51.66
C ASP A 191 10.07 -19.20 -52.06
N ALA A 192 8.77 -19.01 -51.84
CA ALA A 192 7.78 -20.01 -52.15
C ALA A 192 7.35 -19.91 -53.60
N THR A 193 7.35 -21.04 -54.31
CA THR A 193 6.86 -21.11 -55.68
C THR A 193 5.39 -21.51 -55.62
N ARG A 194 4.50 -20.52 -55.63
CA ARG A 194 3.07 -20.73 -55.43
C ARG A 194 2.29 -20.68 -56.74
N VAL A 195 2.96 -20.84 -57.88
CA VAL A 195 2.27 -20.92 -59.16
C VAL A 195 1.44 -22.19 -59.17
N GLU A 196 0.12 -22.03 -59.34
CA GLU A 196 -0.80 -23.18 -59.37
C GLU A 196 -0.43 -24.14 -60.48
N GLN A 197 0.24 -25.23 -60.13
CA GLN A 197 0.70 -26.23 -61.10
C GLN A 197 1.08 -27.48 -60.31
N ARG A 198 1.63 -28.47 -61.01
CA ARG A 198 2.04 -29.71 -60.35
C ARG A 198 3.24 -29.54 -59.44
N THR A 199 4.04 -28.49 -59.65
CA THR A 199 5.32 -28.34 -58.96
C THR A 199 5.30 -27.11 -58.06
N ASP A 200 5.41 -27.35 -56.75
CA ASP A 200 5.59 -26.29 -55.75
C ASP A 200 6.74 -26.68 -54.85
N PHE A 201 7.59 -25.71 -54.49
CA PHE A 201 8.73 -26.01 -53.63
C PHE A 201 9.20 -24.73 -52.95
N ASP A 202 9.86 -24.91 -51.82
CA ASP A 202 10.45 -23.81 -51.05
C ASP A 202 11.97 -23.86 -51.15
N LYS A 203 12.58 -22.70 -51.32
CA LYS A 203 14.04 -22.57 -51.30
C LYS A 203 14.44 -21.75 -50.08
N LEU A 204 15.21 -22.35 -49.19
CA LEU A 204 15.65 -21.69 -47.97
C LEU A 204 16.99 -21.00 -48.20
N ILE A 205 17.11 -19.77 -47.72
CA ILE A 205 18.34 -18.99 -47.81
C ILE A 205 18.77 -18.67 -46.39
N LEU A 206 19.72 -19.44 -45.86
CA LEU A 206 20.24 -19.22 -44.52
C LEU A 206 21.38 -18.22 -44.55
N ASP A 207 21.35 -17.27 -43.62
CA ASP A 207 22.36 -16.22 -43.52
C ASP A 207 23.04 -16.32 -42.16
N VAL A 208 24.36 -16.51 -42.16
CA VAL A 208 25.12 -16.76 -40.95
C VAL A 208 26.28 -15.79 -40.89
N GLU A 209 26.46 -15.14 -39.74
CA GLU A 209 27.57 -14.23 -39.50
C GLU A 209 28.26 -14.63 -38.21
N THR A 210 29.58 -14.79 -38.27
CA THR A 210 30.39 -15.20 -37.13
C THR A 210 31.28 -14.03 -36.67
N LYS A 211 32.10 -14.29 -35.66
CA LYS A 211 32.94 -13.28 -35.04
C LYS A 211 34.43 -13.52 -35.27
N ASN A 212 34.79 -14.05 -36.45
CA ASN A 212 36.15 -14.36 -36.87
C ASN A 212 36.80 -15.47 -36.04
N SER A 213 36.12 -16.01 -35.04
CA SER A 213 36.67 -17.17 -34.32
C SER A 213 36.59 -18.43 -35.17
N ILE A 214 35.46 -18.62 -35.87
CA ILE A 214 35.30 -19.67 -36.85
C ILE A 214 34.62 -19.06 -38.08
N SER A 215 34.76 -19.75 -39.20
CA SER A 215 34.11 -19.31 -40.43
C SER A 215 32.65 -19.73 -40.41
N PRO A 216 31.81 -19.06 -41.21
CA PRO A 216 30.36 -19.38 -41.16
C PRO A 216 30.04 -20.84 -41.47
N ARG A 217 30.75 -21.46 -42.41
CA ARG A 217 30.44 -22.85 -42.76
C ARG A 217 30.81 -23.80 -41.63
N ASP A 218 31.83 -23.47 -40.84
CA ASP A 218 32.18 -24.30 -39.69
C ASP A 218 31.07 -24.27 -38.64
N ALA A 219 30.46 -23.11 -38.42
CA ALA A 219 29.38 -23.00 -37.45
C ALA A 219 28.17 -23.81 -37.89
N LEU A 220 27.75 -23.64 -39.15
CA LEU A 220 26.63 -24.42 -39.68
C LEU A 220 26.94 -25.91 -39.63
N ALA A 221 28.21 -26.30 -39.81
CA ALA A 221 28.58 -27.71 -39.69
C ALA A 221 28.38 -28.20 -38.26
N SER A 222 28.72 -27.38 -37.27
CA SER A 222 28.51 -27.76 -35.87
C SER A 222 27.02 -27.89 -35.55
N ALA A 223 26.22 -26.91 -36.00
CA ALA A 223 24.78 -27.01 -35.82
C ALA A 223 24.22 -28.20 -36.60
N GLY A 224 24.83 -28.54 -37.72
CA GLY A 224 24.40 -29.72 -38.46
C GLY A 224 24.64 -31.01 -37.70
N LYS A 225 25.86 -31.18 -37.19
CA LYS A 225 26.18 -32.39 -36.43
C LYS A 225 25.43 -32.44 -35.11
N THR A 226 25.05 -31.28 -34.57
CA THR A 226 24.22 -31.26 -33.36
C THR A 226 22.82 -31.79 -33.66
N LEU A 227 22.22 -31.34 -34.77
CA LEU A 227 20.85 -31.72 -35.09
C LEU A 227 20.76 -33.12 -35.69
N VAL A 228 21.75 -33.52 -36.49
CA VAL A 228 21.80 -34.89 -37.00
C VAL A 228 21.82 -35.87 -35.84
N GLU A 229 22.60 -35.57 -34.80
CA GLU A 229 22.62 -36.41 -33.60
C GLU A 229 21.28 -36.42 -32.90
N LEU A 230 20.63 -35.25 -32.81
CA LEU A 230 19.39 -35.14 -32.04
C LEU A 230 18.24 -35.86 -32.72
N PHE A 231 17.99 -35.53 -34.00
CA PHE A 231 16.86 -36.14 -34.70
C PHE A 231 17.02 -37.64 -34.87
N GLY A 232 18.23 -38.17 -34.71
CA GLY A 232 18.43 -39.61 -34.72
C GLY A 232 17.77 -40.33 -33.57
N LEU A 233 17.24 -39.60 -32.58
CA LEU A 233 16.47 -40.21 -31.49
C LEU A 233 15.09 -40.68 -31.94
N ALA A 234 14.53 -40.09 -32.99
CA ALA A 234 13.23 -40.55 -33.49
C ALA A 234 13.36 -41.77 -34.38
N ARG A 235 14.53 -41.98 -34.99
CA ARG A 235 14.71 -43.08 -35.91
C ARG A 235 14.84 -44.41 -35.18
N GLU A 236 15.30 -44.40 -33.94
CA GLU A 236 15.41 -45.64 -33.17
C GLU A 236 14.03 -46.10 -32.73
N LEU A 237 13.76 -47.40 -32.92
CA LEU A 237 12.45 -47.93 -32.56
C LEU A 237 12.35 -48.15 -31.06
N ASN A 238 11.14 -48.51 -30.62
CA ASN A 238 10.88 -48.68 -29.20
C ASN A 238 11.05 -50.15 -28.78
N MET B 13 32.52 -29.25 -27.81
CA MET B 13 31.63 -28.74 -26.78
C MET B 13 31.71 -29.57 -25.51
N LEU B 14 30.54 -29.97 -25.01
CA LEU B 14 30.44 -30.77 -23.80
C LEU B 14 29.35 -31.81 -23.98
N ILE B 15 29.36 -32.82 -23.11
CA ILE B 15 28.44 -33.94 -23.20
C ILE B 15 27.09 -33.54 -22.63
N SER B 16 26.01 -33.96 -23.30
CA SER B 16 24.64 -33.73 -22.85
C SER B 16 23.91 -35.08 -22.91
N GLN B 17 23.69 -35.70 -21.76
CA GLN B 17 23.28 -37.09 -21.67
C GLN B 17 21.81 -37.23 -21.33
N ARG B 18 21.34 -38.48 -21.50
CA ARG B 18 20.04 -39.04 -21.11
C ARG B 18 18.83 -38.73 -21.98
N PRO B 19 18.96 -38.33 -23.25
CA PRO B 19 17.72 -38.05 -24.01
C PRO B 19 17.12 -39.35 -24.54
N THR B 20 15.89 -39.63 -24.13
CA THR B 20 15.23 -40.88 -24.49
C THR B 20 13.89 -40.60 -25.15
N LEU B 21 13.40 -41.58 -25.90
CA LEU B 21 12.12 -41.51 -26.59
C LEU B 21 11.19 -42.59 -26.05
N SER B 22 10.03 -42.18 -25.55
CA SER B 22 9.02 -43.09 -25.05
C SER B 22 7.73 -42.88 -25.82
N GLU B 23 6.88 -43.92 -25.87
CA GLU B 23 5.67 -43.89 -26.66
C GLU B 23 4.49 -44.40 -25.85
N ASP B 24 3.42 -43.61 -25.80
CA ASP B 24 2.14 -44.04 -25.24
C ASP B 24 1.14 -44.20 -26.38
N VAL B 25 0.50 -45.36 -26.44
CA VAL B 25 -0.37 -45.73 -27.55
C VAL B 25 -1.81 -45.49 -27.14
N LEU B 26 -2.40 -44.42 -27.67
CA LEU B 26 -3.82 -44.14 -27.42
C LEU B 26 -4.70 -45.12 -28.18
N THR B 27 -4.62 -45.09 -29.51
CA THR B 27 -5.30 -46.04 -30.38
C THR B 27 -4.27 -46.73 -31.27
N ASP B 28 -4.74 -47.67 -32.09
CA ASP B 28 -3.84 -48.42 -32.96
C ASP B 28 -3.15 -47.54 -33.98
N ASN B 29 -3.77 -46.42 -34.36
CA ASN B 29 -3.23 -45.49 -35.34
C ASN B 29 -3.15 -44.09 -34.76
N ARG B 30 -2.78 -43.98 -33.49
CA ARG B 30 -2.55 -42.68 -32.85
C ARG B 30 -1.78 -42.92 -31.56
N SER B 31 -0.59 -42.35 -31.47
CA SER B 31 0.26 -42.52 -30.30
C SER B 31 0.83 -41.18 -29.87
N GLN B 32 1.28 -41.12 -28.62
CA GLN B 32 1.94 -39.96 -28.05
C GLN B 32 3.39 -40.27 -27.77
N PHE B 33 4.29 -39.40 -28.22
CA PHE B 33 5.72 -39.57 -28.03
C PHE B 33 6.25 -38.46 -27.13
N VAL B 34 7.20 -38.82 -26.26
CA VAL B 34 7.88 -37.87 -25.39
C VAL B 34 9.38 -38.00 -25.57
N ILE B 35 10.04 -36.89 -25.89
CA ILE B 35 11.50 -36.84 -25.99
C ILE B 35 11.99 -36.10 -24.76
N GLU B 36 12.73 -36.81 -23.91
CA GLU B 36 13.10 -36.29 -22.60
C GLU B 36 14.47 -36.80 -22.21
N PRO B 37 15.33 -35.95 -21.60
CA PRO B 37 15.08 -34.52 -21.51
C PRO B 37 15.98 -33.66 -22.41
N LEU B 38 15.37 -32.89 -23.30
CA LEU B 38 16.13 -31.94 -24.10
C LEU B 38 16.60 -30.78 -23.23
N GLU B 39 17.89 -30.47 -23.32
CA GLU B 39 18.43 -29.33 -22.60
C GLU B 39 17.78 -28.04 -23.07
N PRO B 40 17.63 -27.06 -22.18
CA PRO B 40 16.96 -25.80 -22.54
C PRO B 40 17.75 -25.02 -23.58
N GLY B 41 17.07 -24.61 -24.65
CA GLY B 41 15.66 -24.89 -24.82
C GLY B 41 15.42 -25.53 -26.17
N PHE B 42 15.90 -26.77 -26.34
CA PHE B 42 15.89 -27.38 -27.66
C PHE B 42 14.49 -27.82 -28.07
N GLY B 43 13.65 -28.18 -27.10
CA GLY B 43 12.31 -28.70 -27.34
C GLY B 43 11.53 -28.00 -28.44
N TYR B 44 11.75 -26.70 -28.57
CA TYR B 44 11.14 -25.92 -29.65
C TYR B 44 11.91 -26.04 -30.97
N THR B 45 13.23 -26.19 -30.92
CA THR B 45 14.01 -26.30 -32.16
C THR B 45 13.55 -27.51 -32.98
N LEU B 46 13.64 -28.69 -32.39
CA LEU B 46 13.22 -29.92 -33.04
C LEU B 46 11.75 -30.24 -32.82
N GLY B 47 10.98 -29.27 -32.33
CA GLY B 47 9.55 -29.47 -32.12
C GLY B 47 8.73 -29.22 -33.36
N ASN B 48 8.70 -27.96 -33.82
CA ASN B 48 7.97 -27.63 -35.04
C ASN B 48 8.56 -28.31 -36.27
N SER B 49 9.84 -28.67 -36.23
CA SER B 49 10.46 -29.35 -37.37
C SER B 49 9.97 -30.79 -37.49
N LEU B 50 9.88 -31.50 -36.35
CA LEU B 50 9.39 -32.87 -36.39
C LEU B 50 7.95 -32.93 -36.87
N ARG B 51 7.12 -31.95 -36.48
CA ARG B 51 5.74 -31.95 -36.92
C ARG B 51 5.63 -31.73 -38.42
N ARG B 52 6.30 -30.70 -38.93
CA ARG B 52 6.21 -30.41 -40.36
C ARG B 52 6.80 -31.52 -41.21
N THR B 53 7.81 -32.24 -40.69
CA THR B 53 8.36 -33.37 -41.44
C THR B 53 7.37 -34.52 -41.52
N LEU B 54 6.64 -34.76 -40.43
CA LEU B 54 5.60 -35.79 -40.45
C LEU B 54 4.48 -35.42 -41.41
N LEU B 55 3.98 -34.19 -41.32
CA LEU B 55 2.80 -33.79 -42.09
C LEU B 55 3.09 -33.60 -43.57
N SER B 56 4.35 -33.43 -43.96
CA SER B 56 4.65 -33.00 -45.32
C SER B 56 5.74 -33.80 -46.03
N SER B 57 6.35 -34.78 -45.38
CA SER B 57 7.50 -35.48 -45.98
C SER B 57 7.44 -36.98 -45.70
N ILE B 58 6.27 -37.58 -45.86
CA ILE B 58 6.14 -39.03 -45.85
C ILE B 58 5.41 -39.44 -47.13
N PRO B 59 5.97 -40.33 -47.94
CA PRO B 59 5.33 -40.67 -49.22
C PRO B 59 4.04 -41.47 -49.01
N GLY B 60 2.96 -40.98 -49.61
CA GLY B 60 1.69 -41.69 -49.56
C GLY B 60 0.93 -41.51 -50.86
N ALA B 61 -0.21 -42.19 -50.93
CA ALA B 61 -1.04 -42.18 -52.12
C ALA B 61 -2.47 -41.84 -51.75
N ALA B 62 -3.14 -41.12 -52.65
CA ALA B 62 -4.53 -40.71 -52.43
C ALA B 62 -5.15 -40.34 -53.77
N VAL B 63 -6.48 -40.20 -53.77
CA VAL B 63 -7.21 -39.92 -55.00
C VAL B 63 -6.87 -38.52 -55.49
N THR B 64 -6.51 -38.42 -56.77
CA THR B 64 -6.16 -37.14 -57.38
C THR B 64 -7.36 -36.48 -58.05
N SER B 65 -8.14 -37.26 -58.81
CA SER B 65 -9.34 -36.76 -59.45
C SER B 65 -10.30 -37.91 -59.64
N ILE B 66 -11.59 -37.58 -59.74
CA ILE B 66 -12.63 -38.58 -59.97
C ILE B 66 -13.49 -38.14 -61.15
N ARG B 67 -14.26 -39.09 -61.67
CA ARG B 67 -15.17 -38.82 -62.78
C ARG B 67 -16.39 -39.72 -62.61
N ILE B 68 -17.58 -39.11 -62.57
CA ILE B 68 -18.82 -39.81 -62.29
C ILE B 68 -19.64 -39.88 -63.57
N ASP B 69 -20.03 -41.10 -63.96
CA ASP B 69 -20.87 -41.27 -65.13
C ASP B 69 -22.25 -40.67 -64.88
N GLY B 70 -22.76 -39.95 -65.87
CA GLY B 70 -24.01 -39.22 -65.73
C GLY B 70 -23.87 -37.82 -65.18
N VAL B 71 -22.65 -37.38 -64.90
CA VAL B 71 -22.39 -36.04 -64.37
C VAL B 71 -21.45 -35.35 -65.36
N LEU B 72 -21.95 -34.32 -66.04
CA LEU B 72 -21.18 -33.62 -67.07
C LEU B 72 -21.06 -32.14 -66.75
N HIS B 73 -22.15 -31.38 -66.80
CA HIS B 73 -22.10 -29.93 -66.61
C HIS B 73 -22.86 -29.49 -65.36
N GLU B 74 -23.32 -30.42 -64.53
CA GLU B 74 -24.15 -30.07 -63.39
C GLU B 74 -23.35 -29.99 -62.10
N PHE B 75 -22.84 -31.14 -61.65
CA PHE B 75 -22.10 -31.29 -60.40
C PHE B 75 -22.95 -30.95 -59.17
N THR B 76 -24.28 -30.91 -59.33
CA THR B 76 -25.17 -30.61 -58.21
C THR B 76 -25.71 -31.88 -57.57
N THR B 77 -26.22 -32.81 -58.37
CA THR B 77 -26.81 -34.03 -57.86
C THR B 77 -26.51 -35.18 -58.81
N VAL B 78 -26.37 -36.37 -58.25
CA VAL B 78 -26.24 -37.60 -59.01
C VAL B 78 -27.56 -38.34 -58.92
N PRO B 79 -28.21 -38.67 -60.05
CA PRO B 79 -29.48 -39.39 -59.98
C PRO B 79 -29.28 -40.85 -59.62
N GLY B 80 -30.19 -41.37 -58.80
CA GLY B 80 -30.13 -42.75 -58.38
C GLY B 80 -29.40 -42.99 -57.08
N VAL B 81 -28.88 -41.95 -56.44
CA VAL B 81 -28.24 -42.06 -55.14
C VAL B 81 -28.69 -40.91 -54.26
N LYS B 82 -28.75 -41.15 -52.96
CA LYS B 82 -29.16 -40.12 -52.03
C LYS B 82 -28.12 -39.02 -51.92
N GLU B 83 -26.85 -39.40 -51.81
CA GLU B 83 -25.79 -38.42 -51.70
C GLU B 83 -25.69 -37.57 -52.97
N ASP B 84 -25.40 -36.28 -52.80
CA ASP B 84 -25.14 -35.40 -53.91
C ASP B 84 -23.67 -35.57 -54.34
N VAL B 85 -23.18 -34.68 -55.19
CA VAL B 85 -21.86 -34.85 -55.78
C VAL B 85 -20.77 -34.63 -54.75
N THR B 86 -20.85 -33.53 -54.01
CA THR B 86 -19.77 -33.16 -53.09
C THR B 86 -19.65 -34.14 -51.92
N GLU B 87 -20.77 -34.74 -51.49
CA GLU B 87 -20.69 -35.72 -50.42
C GLU B 87 -20.01 -37.01 -50.87
N ILE B 88 -20.12 -37.34 -52.16
CA ILE B 88 -19.36 -38.45 -52.71
C ILE B 88 -17.86 -38.16 -52.64
N ILE B 89 -17.48 -36.92 -52.99
CA ILE B 89 -16.07 -36.54 -53.00
C ILE B 89 -15.46 -36.63 -51.60
N LEU B 90 -16.24 -36.31 -50.57
CA LEU B 90 -15.73 -36.33 -49.21
C LEU B 90 -15.35 -37.75 -48.78
N ASN B 91 -16.32 -38.67 -48.82
CA ASN B 91 -16.03 -40.07 -48.48
C ASN B 91 -15.00 -40.69 -49.40
N LEU B 92 -14.87 -40.19 -50.63
CA LEU B 92 -13.78 -40.63 -51.50
C LEU B 92 -12.44 -40.01 -51.09
N LYS B 93 -12.44 -38.77 -50.60
CA LYS B 93 -11.21 -38.15 -50.15
C LYS B 93 -10.63 -38.88 -48.93
N SER B 94 -11.50 -39.34 -48.04
CA SER B 94 -11.08 -40.08 -46.85
C SER B 94 -10.74 -41.53 -47.14
N LEU B 95 -10.88 -41.98 -48.38
CA LEU B 95 -10.49 -43.34 -48.73
C LEU B 95 -8.98 -43.50 -48.56
N VAL B 96 -8.57 -44.42 -47.70
CA VAL B 96 -7.17 -44.67 -47.44
C VAL B 96 -6.67 -45.71 -48.44
N VAL B 97 -5.52 -45.43 -49.06
CA VAL B 97 -5.04 -46.25 -50.17
C VAL B 97 -3.52 -46.17 -50.20
N SER B 98 -2.91 -47.24 -50.71
CA SER B 98 -1.46 -47.33 -50.83
C SER B 98 -1.11 -47.94 -52.18
N SER B 99 0.00 -47.49 -52.74
CA SER B 99 0.44 -47.94 -54.06
C SER B 99 1.94 -48.20 -54.05
N GLU B 100 2.35 -49.24 -54.78
CA GLU B 100 3.76 -49.52 -55.01
C GLU B 100 4.26 -49.01 -56.35
N GLU B 101 3.38 -48.42 -57.16
CA GLU B 101 3.74 -47.88 -58.46
C GLU B 101 3.76 -46.37 -58.40
N ASP B 102 4.86 -45.77 -58.88
CA ASP B 102 5.01 -44.32 -58.82
C ASP B 102 4.05 -43.62 -59.78
N GLU B 103 3.81 -44.21 -60.95
CA GLU B 103 2.98 -43.59 -61.96
C GLU B 103 1.52 -43.53 -61.51
N PRO B 104 0.74 -42.59 -62.03
CA PRO B 104 -0.68 -42.53 -61.66
C PRO B 104 -1.43 -43.75 -62.18
N VAL B 105 -2.37 -44.22 -61.36
CA VAL B 105 -3.21 -45.37 -61.69
C VAL B 105 -4.67 -44.95 -61.62
N THR B 106 -5.49 -45.53 -62.49
CA THR B 106 -6.91 -45.25 -62.55
C THR B 106 -7.68 -46.48 -62.07
N MET B 107 -8.58 -46.28 -61.10
CA MET B 107 -9.40 -47.35 -60.56
C MET B 107 -10.87 -47.04 -60.86
N TYR B 108 -11.62 -48.08 -61.19
CA TYR B 108 -13.04 -47.96 -61.49
C TYR B 108 -13.86 -48.58 -60.36
N LEU B 109 -14.98 -47.95 -60.04
CA LEU B 109 -15.89 -48.41 -59.00
C LEU B 109 -17.30 -48.43 -59.57
N ARG B 110 -17.92 -49.61 -59.58
CA ARG B 110 -19.23 -49.79 -60.17
C ARG B 110 -20.06 -50.76 -59.34
N LYS B 111 -21.33 -50.42 -59.13
CA LYS B 111 -22.29 -51.29 -58.48
C LYS B 111 -23.69 -50.78 -58.78
N GLN B 112 -24.60 -51.70 -59.08
CA GLN B 112 -25.96 -51.37 -59.48
C GLN B 112 -26.96 -51.96 -58.48
N GLY B 113 -28.22 -51.56 -58.62
CA GLY B 113 -29.28 -52.09 -57.80
C GLY B 113 -29.34 -51.43 -56.44
N PRO B 114 -30.52 -51.47 -55.82
CA PRO B 114 -30.65 -50.92 -54.46
C PRO B 114 -29.71 -51.63 -53.50
N GLY B 115 -29.15 -50.86 -52.59
CA GLY B 115 -28.16 -51.36 -51.64
C GLY B 115 -27.24 -50.23 -51.22
N GLU B 116 -26.03 -50.62 -50.83
CA GLU B 116 -25.04 -49.69 -50.30
C GLU B 116 -23.69 -49.93 -50.96
N VAL B 117 -23.01 -48.83 -51.31
CA VAL B 117 -21.66 -48.89 -51.87
C VAL B 117 -20.66 -48.83 -50.73
N THR B 118 -19.55 -49.54 -50.89
CA THR B 118 -18.46 -49.51 -49.93
C THR B 118 -17.14 -49.38 -50.68
N ALA B 119 -16.09 -49.07 -49.93
CA ALA B 119 -14.74 -49.08 -50.49
C ALA B 119 -14.21 -50.48 -50.73
N GLY B 120 -14.98 -51.51 -50.37
CA GLY B 120 -14.64 -52.88 -50.71
C GLY B 120 -15.22 -53.27 -52.05
N ASP B 121 -16.34 -52.64 -52.41
CA ASP B 121 -16.93 -52.83 -53.73
C ASP B 121 -16.09 -52.23 -54.85
N ILE B 122 -14.93 -51.67 -54.53
CA ILE B 122 -14.00 -51.16 -55.51
C ILE B 122 -13.09 -52.30 -55.95
N VAL B 123 -12.67 -52.26 -57.21
CA VAL B 123 -11.75 -53.26 -57.76
C VAL B 123 -10.37 -52.62 -57.85
N PRO B 124 -9.38 -53.10 -57.11
CA PRO B 124 -8.07 -52.45 -57.11
C PRO B 124 -7.12 -53.13 -58.07
N PRO B 125 -6.55 -52.37 -59.01
CA PRO B 125 -5.49 -52.93 -59.86
C PRO B 125 -4.30 -53.39 -59.02
N ALA B 126 -3.51 -54.28 -59.61
CA ALA B 126 -2.39 -54.89 -58.88
C ALA B 126 -1.38 -53.82 -58.48
N GLY B 127 -0.93 -53.89 -57.23
CA GLY B 127 -0.02 -52.92 -56.67
C GLY B 127 -0.68 -51.92 -55.74
N VAL B 128 -1.98 -51.70 -55.88
CA VAL B 128 -2.72 -50.75 -55.05
C VAL B 128 -3.54 -51.53 -54.02
N THR B 129 -3.67 -50.97 -52.83
CA THR B 129 -4.36 -51.63 -51.72
C THR B 129 -5.31 -50.65 -51.06
N VAL B 130 -6.56 -51.07 -50.86
CA VAL B 130 -7.57 -50.30 -50.13
C VAL B 130 -7.61 -50.81 -48.70
N HIS B 131 -7.30 -49.93 -47.75
CA HIS B 131 -7.11 -50.34 -46.36
C HIS B 131 -8.38 -50.23 -45.52
N ASN B 132 -9.46 -49.63 -46.03
CA ASN B 132 -10.71 -49.50 -45.31
C ASN B 132 -11.87 -49.98 -46.19
N PRO B 133 -11.97 -51.29 -46.43
CA PRO B 133 -13.06 -51.79 -47.29
C PRO B 133 -14.45 -51.52 -46.74
N GLY B 134 -14.60 -51.31 -45.43
CA GLY B 134 -15.88 -51.05 -44.82
C GLY B 134 -16.33 -49.61 -44.83
N MET B 135 -15.56 -48.71 -45.45
CA MET B 135 -15.92 -47.30 -45.47
C MET B 135 -17.11 -47.07 -46.40
N HIS B 136 -18.18 -46.46 -45.86
CA HIS B 136 -19.34 -46.13 -46.66
C HIS B 136 -18.99 -45.07 -47.70
N ILE B 137 -19.56 -45.22 -48.90
CA ILE B 137 -19.33 -44.29 -50.00
C ILE B 137 -20.64 -43.68 -50.49
N ALA B 138 -21.66 -44.52 -50.72
CA ALA B 138 -22.93 -44.04 -51.24
C ALA B 138 -24.02 -45.06 -50.97
N THR B 139 -25.24 -44.57 -50.80
CA THR B 139 -26.43 -45.39 -50.71
C THR B 139 -27.13 -45.40 -52.06
N LEU B 140 -27.42 -46.59 -52.59
CA LEU B 140 -28.01 -46.73 -53.91
C LEU B 140 -29.53 -46.72 -53.81
N ASN B 141 -30.17 -45.81 -54.54
CA ASN B 141 -31.62 -45.78 -54.60
C ASN B 141 -32.15 -47.01 -55.35
N ASP B 142 -33.46 -47.20 -55.27
CA ASP B 142 -34.08 -48.34 -55.94
C ASP B 142 -33.85 -48.26 -57.44
N LYS B 143 -33.45 -49.39 -58.04
CA LYS B 143 -33.06 -49.45 -59.45
C LYS B 143 -31.95 -48.45 -59.75
N GLY B 144 -31.03 -48.30 -58.80
CA GLY B 144 -29.97 -47.32 -58.88
C GLY B 144 -28.67 -47.94 -59.40
N LYS B 145 -27.93 -47.14 -60.17
CA LYS B 145 -26.65 -47.55 -60.73
C LYS B 145 -25.65 -46.42 -60.53
N LEU B 146 -24.40 -46.79 -60.23
CA LEU B 146 -23.36 -45.81 -59.97
C LEU B 146 -22.06 -46.28 -60.60
N GLU B 147 -21.54 -45.50 -61.55
CA GLU B 147 -20.23 -45.71 -62.13
C GLU B 147 -19.36 -44.51 -61.82
N VAL B 148 -18.13 -44.75 -61.36
CA VAL B 148 -17.21 -43.67 -61.02
C VAL B 148 -15.78 -44.17 -61.21
N GLU B 149 -14.91 -43.28 -61.69
CA GLU B 149 -13.53 -43.59 -61.98
C GLU B 149 -12.64 -42.77 -61.06
N LEU B 150 -11.68 -43.43 -60.41
CA LEU B 150 -10.79 -42.79 -59.44
C LEU B 150 -9.35 -42.81 -59.96
N VAL B 151 -8.64 -41.72 -59.72
CA VAL B 151 -7.24 -41.57 -60.12
C VAL B 151 -6.40 -41.47 -58.86
N VAL B 152 -5.46 -42.38 -58.70
CA VAL B 152 -4.60 -42.46 -57.52
C VAL B 152 -3.16 -42.18 -57.94
N GLU B 153 -2.49 -41.32 -57.17
CA GLU B 153 -1.11 -40.94 -57.44
C GLU B 153 -0.32 -40.93 -56.14
N ARG B 154 0.99 -41.02 -56.27
CA ARG B 154 1.88 -40.89 -55.12
C ARG B 154 2.29 -39.44 -54.92
N GLY B 155 2.43 -39.04 -53.66
CA GLY B 155 2.85 -37.69 -53.35
C GLY B 155 3.10 -37.56 -51.87
N ARG B 156 3.40 -36.33 -51.45
CA ARG B 156 3.67 -36.03 -50.05
C ARG B 156 2.92 -34.78 -49.63
N GLY B 157 2.26 -34.86 -48.47
CA GLY B 157 1.57 -33.73 -47.90
C GLY B 157 0.15 -33.56 -48.37
N TYR B 158 -0.26 -32.31 -48.60
CA TYR B 158 -1.62 -31.98 -49.00
C TYR B 158 -1.55 -30.98 -50.14
N VAL B 159 -2.14 -31.32 -51.28
CA VAL B 159 -2.14 -30.47 -52.47
C VAL B 159 -3.60 -30.16 -52.81
N PRO B 160 -3.97 -28.90 -53.02
CA PRO B 160 -5.36 -28.58 -53.32
C PRO B 160 -5.77 -29.07 -54.69
N ALA B 161 -7.10 -29.08 -54.92
CA ALA B 161 -7.64 -29.51 -56.20
C ALA B 161 -7.33 -28.52 -57.31
N VAL B 162 -7.20 -27.24 -56.97
CA VAL B 162 -7.05 -26.20 -57.99
C VAL B 162 -5.81 -26.45 -58.84
N GLN B 163 -4.73 -26.95 -58.22
CA GLN B 163 -3.53 -27.27 -58.98
C GLN B 163 -3.74 -28.46 -59.91
N ASN B 164 -4.70 -29.33 -59.61
CA ASN B 164 -5.03 -30.47 -60.47
C ASN B 164 -6.01 -30.11 -61.58
N ARG B 165 -6.19 -28.82 -61.88
CA ARG B 165 -7.13 -28.42 -62.91
C ARG B 165 -6.69 -28.90 -64.29
N ALA B 166 -5.37 -28.91 -64.53
CA ALA B 166 -4.85 -29.37 -65.81
C ALA B 166 -4.85 -30.88 -65.92
N SER B 167 -4.80 -31.60 -64.79
CA SER B 167 -4.76 -33.05 -64.79
C SER B 167 -6.07 -33.67 -65.28
N GLY B 168 -7.17 -32.93 -65.25
CA GLY B 168 -8.47 -33.48 -65.62
C GLY B 168 -8.77 -33.31 -67.10
N ALA B 169 -9.28 -34.37 -67.71
CA ALA B 169 -9.66 -34.32 -69.11
C ALA B 169 -10.99 -33.60 -69.27
N GLU B 170 -11.16 -32.94 -70.42
CA GLU B 170 -12.36 -32.15 -70.70
C GLU B 170 -13.51 -33.09 -71.04
N ILE B 171 -13.94 -33.86 -70.04
CA ILE B 171 -15.04 -34.79 -70.19
C ILE B 171 -15.57 -35.18 -68.81
N GLY B 172 -16.11 -34.20 -68.09
CA GLY B 172 -16.73 -34.46 -66.81
C GLY B 172 -15.80 -34.97 -65.72
N ARG B 173 -14.51 -34.65 -65.81
CA ARG B 173 -13.55 -35.03 -64.78
C ARG B 173 -13.37 -33.88 -63.81
N ILE B 174 -13.44 -34.17 -62.52
CA ILE B 174 -13.34 -33.17 -61.46
C ILE B 174 -12.08 -33.46 -60.64
N PRO B 175 -11.25 -32.46 -60.36
CA PRO B 175 -10.11 -32.69 -59.47
C PRO B 175 -10.52 -32.55 -58.01
N VAL B 176 -9.75 -33.19 -57.14
CA VAL B 176 -10.04 -33.23 -55.71
C VAL B 176 -8.77 -32.94 -54.93
N ASP B 177 -8.97 -32.50 -53.68
CA ASP B 177 -7.86 -32.38 -52.75
C ASP B 177 -7.25 -33.74 -52.50
N SER B 178 -5.93 -33.81 -52.54
CA SER B 178 -5.19 -35.07 -52.39
C SER B 178 -4.53 -35.08 -51.02
N ILE B 179 -5.03 -35.93 -50.12
CA ILE B 179 -4.41 -36.11 -48.82
C ILE B 179 -3.37 -37.22 -48.96
N TYR B 180 -2.23 -36.89 -49.57
CA TYR B 180 -1.17 -37.87 -49.75
C TYR B 180 -0.60 -38.34 -48.43
N SER B 181 -0.43 -37.42 -47.48
CA SER B 181 0.30 -37.72 -46.26
C SER B 181 -0.40 -38.80 -45.46
N PRO B 182 0.34 -39.79 -44.94
CA PRO B 182 -0.31 -40.83 -44.13
C PRO B 182 -0.74 -40.36 -42.76
N VAL B 183 -0.16 -39.28 -42.24
CA VAL B 183 -0.55 -38.75 -40.94
C VAL B 183 -1.62 -37.68 -41.13
N LEU B 184 -2.59 -37.65 -40.23
CA LEU B 184 -3.75 -36.78 -40.35
C LEU B 184 -3.63 -35.52 -39.51
N LYS B 185 -3.23 -35.64 -38.24
CA LYS B 185 -3.20 -34.51 -37.33
C LYS B 185 -2.07 -34.70 -36.35
N VAL B 186 -1.17 -33.71 -36.29
CA VAL B 186 -0.03 -33.73 -35.37
C VAL B 186 -0.01 -32.41 -34.60
N THR B 187 0.07 -32.51 -33.28
CA THR B 187 0.25 -31.35 -32.41
C THR B 187 1.38 -31.63 -31.44
N TYR B 188 1.99 -30.56 -30.94
CA TYR B 188 3.12 -30.70 -30.03
C TYR B 188 3.11 -29.57 -29.01
N LYS B 189 3.56 -29.89 -27.81
CA LYS B 189 3.77 -28.90 -26.76
C LYS B 189 5.05 -29.24 -26.02
N VAL B 190 5.66 -28.22 -25.41
CA VAL B 190 6.92 -28.38 -24.71
C VAL B 190 6.72 -28.00 -23.25
N ASP B 191 7.14 -28.89 -22.35
CA ASP B 191 7.08 -28.66 -20.91
C ASP B 191 8.49 -28.55 -20.35
N ALA B 192 8.60 -28.57 -19.03
CA ALA B 192 9.88 -28.42 -18.34
C ALA B 192 10.10 -29.60 -17.40
N THR B 193 11.33 -30.12 -17.41
CA THR B 193 11.75 -31.17 -16.51
C THR B 193 13.08 -30.78 -15.89
N ARG B 194 13.36 -31.29 -14.70
CA ARG B 194 14.58 -30.96 -13.97
C ARG B 194 15.51 -32.16 -13.99
N VAL B 195 16.63 -32.03 -14.71
CA VAL B 195 17.64 -33.08 -14.72
C VAL B 195 18.51 -32.99 -13.48
N GLU B 196 19.12 -31.81 -13.25
CA GLU B 196 20.09 -31.60 -12.18
C GLU B 196 19.81 -30.24 -11.54
N GLN B 197 18.74 -30.17 -10.75
CA GLN B 197 18.35 -28.99 -9.99
C GLN B 197 18.12 -27.76 -10.88
N ARG B 198 17.99 -27.97 -12.19
CA ARG B 198 17.67 -26.92 -13.14
C ARG B 198 16.29 -27.22 -13.71
N THR B 199 15.36 -26.27 -13.55
CA THR B 199 13.98 -26.48 -13.97
C THR B 199 13.72 -26.08 -15.41
N ASP B 200 14.76 -25.72 -16.16
CA ASP B 200 14.56 -25.21 -17.51
C ASP B 200 14.69 -26.27 -18.60
N PHE B 201 15.20 -27.46 -18.27
CA PHE B 201 15.35 -28.50 -19.29
C PHE B 201 14.00 -28.84 -19.92
N ASP B 202 13.95 -28.84 -21.24
CA ASP B 202 12.70 -29.00 -21.98
C ASP B 202 12.34 -30.47 -22.18
N LYS B 203 11.05 -30.75 -22.12
CA LYS B 203 10.50 -32.06 -22.46
C LYS B 203 9.49 -31.89 -23.58
N LEU B 204 9.73 -32.56 -24.70
CA LEU B 204 8.89 -32.42 -25.89
C LEU B 204 7.88 -33.56 -25.95
N ILE B 205 6.63 -33.21 -26.25
CA ILE B 205 5.53 -34.17 -26.33
C ILE B 205 4.92 -34.08 -27.72
N LEU B 206 4.90 -35.20 -28.44
CA LEU B 206 4.36 -35.28 -29.78
C LEU B 206 3.12 -36.16 -29.79
N ASP B 207 2.05 -35.68 -30.42
CA ASP B 207 0.80 -36.41 -30.58
C ASP B 207 0.54 -36.57 -32.08
N VAL B 208 0.63 -37.80 -32.57
CA VAL B 208 0.49 -38.09 -34.00
C VAL B 208 -0.70 -39.00 -34.20
N GLU B 209 -1.68 -38.52 -34.95
CA GLU B 209 -2.81 -39.35 -35.41
C GLU B 209 -2.62 -39.63 -36.89
N THR B 210 -2.61 -40.91 -37.25
CA THR B 210 -2.29 -41.34 -38.61
C THR B 210 -3.40 -42.23 -39.15
N LYS B 211 -3.37 -42.43 -40.45
CA LYS B 211 -4.23 -43.41 -41.08
C LYS B 211 -3.71 -44.83 -40.79
N ASN B 212 -4.48 -45.83 -41.20
CA ASN B 212 -4.08 -47.21 -40.99
C ASN B 212 -3.07 -47.70 -42.03
N SER B 213 -2.52 -46.81 -42.85
CA SER B 213 -1.47 -47.21 -43.77
C SER B 213 -0.19 -47.57 -43.03
N ILE B 214 0.16 -46.79 -42.00
CA ILE B 214 1.32 -47.05 -41.16
C ILE B 214 1.00 -46.62 -39.73
N SER B 215 1.71 -47.22 -38.79
CA SER B 215 1.56 -46.88 -37.39
C SER B 215 2.32 -45.59 -37.07
N PRO B 216 2.02 -44.96 -35.93
CA PRO B 216 2.78 -43.76 -35.56
C PRO B 216 4.27 -44.00 -35.40
N ARG B 217 4.68 -45.20 -35.00
CA ARG B 217 6.10 -45.50 -34.82
C ARG B 217 6.88 -45.31 -36.12
N ASP B 218 6.42 -45.95 -37.19
CA ASP B 218 7.13 -45.88 -38.46
C ASP B 218 7.02 -44.51 -39.10
N ALA B 219 5.90 -43.81 -38.88
CA ALA B 219 5.78 -42.44 -39.37
C ALA B 219 6.84 -41.54 -38.76
N LEU B 220 7.08 -41.68 -37.45
CA LEU B 220 8.11 -40.88 -36.79
C LEU B 220 9.50 -41.31 -37.23
N ALA B 221 9.76 -42.62 -37.31
CA ALA B 221 11.06 -43.09 -37.79
C ALA B 221 11.34 -42.64 -39.21
N SER B 222 10.30 -42.56 -40.05
CA SER B 222 10.48 -42.02 -41.40
C SER B 222 10.87 -40.55 -41.35
N ALA B 223 10.22 -39.76 -40.50
CA ALA B 223 10.55 -38.35 -40.37
C ALA B 223 11.96 -38.15 -39.85
N GLY B 224 12.42 -39.04 -38.97
CA GLY B 224 13.78 -38.93 -38.45
C GLY B 224 14.82 -39.17 -39.53
N LYS B 225 14.60 -40.18 -40.36
CA LYS B 225 15.54 -40.47 -41.45
C LYS B 225 15.65 -39.30 -42.42
N THR B 226 14.51 -38.77 -42.86
CA THR B 226 14.51 -37.67 -43.81
C THR B 226 15.08 -36.39 -43.22
N LEU B 227 15.05 -36.22 -41.90
CA LEU B 227 15.65 -35.06 -41.26
C LEU B 227 17.14 -35.21 -41.04
N VAL B 228 17.59 -36.39 -40.62
CA VAL B 228 19.03 -36.66 -40.52
C VAL B 228 19.70 -36.49 -41.87
N GLU B 229 19.03 -36.94 -42.94
CA GLU B 229 19.53 -36.69 -44.29
C GLU B 229 19.55 -35.20 -44.60
N LEU B 230 18.54 -34.48 -44.14
CA LEU B 230 18.46 -33.04 -44.41
C LEU B 230 19.60 -32.29 -43.73
N PHE B 231 19.72 -32.44 -42.40
CA PHE B 231 20.82 -31.79 -41.68
C PHE B 231 22.16 -32.45 -41.96
N GLY B 232 22.18 -33.63 -42.58
CA GLY B 232 23.44 -34.20 -43.02
C GLY B 232 24.14 -33.34 -44.04
N LEU B 233 23.37 -32.57 -44.82
CA LEU B 233 23.98 -31.65 -45.79
C LEU B 233 24.86 -30.62 -45.09
N ALA B 234 24.40 -30.08 -43.96
CA ALA B 234 25.22 -29.17 -43.20
C ALA B 234 26.39 -29.90 -42.53
N ARG B 235 26.12 -31.10 -42.02
CA ARG B 235 27.16 -31.86 -41.32
C ARG B 235 28.33 -32.17 -42.23
N GLU B 236 28.05 -32.42 -43.52
CA GLU B 236 29.10 -32.76 -44.48
C GLU B 236 30.10 -31.63 -44.70
N LEU B 237 29.82 -30.41 -44.22
CA LEU B 237 30.62 -29.26 -44.60
C LEU B 237 32.01 -29.26 -43.96
N ASN B 238 32.13 -29.74 -42.71
CA ASN B 238 33.40 -29.59 -42.01
C ASN B 238 33.71 -30.76 -41.07
N VAL B 239 32.69 -31.35 -40.46
CA VAL B 239 32.85 -32.41 -39.47
C VAL B 239 33.66 -31.87 -38.30
N GLU B 240 33.09 -30.90 -37.59
CA GLU B 240 33.68 -30.35 -36.38
C GLU B 240 32.95 -30.90 -35.16
N ALA B 241 33.38 -30.47 -33.98
CA ALA B 241 32.77 -30.93 -32.74
C ALA B 241 31.44 -30.22 -32.50
N GLU B 242 30.59 -30.87 -31.71
CA GLU B 242 29.28 -30.34 -31.37
C GLU B 242 28.73 -31.15 -30.21
N GLY B 243 27.91 -30.49 -29.39
CA GLY B 243 27.30 -31.13 -28.23
C GLY B 243 26.55 -32.41 -28.58
N ILE B 244 27.14 -33.54 -28.22
CA ILE B 244 26.66 -34.84 -28.69
C ILE B 244 26.85 -35.88 -27.59
N GLU B 245 25.87 -36.77 -27.46
CA GLU B 245 25.99 -37.93 -26.58
C GLU B 245 25.12 -39.08 -27.08
N SER C 28 20.35 23.33 -33.47
CA SER C 28 20.99 22.63 -32.36
C SER C 28 20.32 22.96 -31.04
N ASN C 29 20.53 22.12 -30.03
CA ASN C 29 19.91 22.27 -28.72
C ASN C 29 20.99 22.56 -27.69
N ASN C 30 20.83 23.67 -26.96
CA ASN C 30 21.69 24.03 -25.84
C ASN C 30 23.15 24.16 -26.27
N SER C 31 23.38 25.09 -27.20
CA SER C 31 24.74 25.37 -27.68
C SER C 31 25.40 26.43 -26.81
N VAL C 32 25.57 26.09 -25.53
CA VAL C 32 26.16 27.02 -24.56
C VAL C 32 27.32 26.39 -23.78
N PRO C 33 27.34 25.07 -23.47
CA PRO C 33 28.47 24.56 -22.67
C PRO C 33 29.51 23.79 -23.47
N GLY C 34 29.21 23.46 -24.73
CA GLY C 34 30.04 22.54 -25.48
C GLY C 34 29.58 21.10 -25.39
N ALA C 35 28.28 20.86 -25.34
CA ALA C 35 27.71 19.54 -25.12
C ALA C 35 27.51 18.84 -26.46
N PRO C 36 27.14 17.55 -26.44
CA PRO C 36 26.83 16.88 -27.70
C PRO C 36 25.66 17.55 -28.42
N ASN C 37 25.68 17.45 -29.74
CA ASN C 37 24.70 18.14 -30.58
C ASN C 37 23.45 17.29 -30.72
N ARG C 38 22.45 17.59 -29.90
CA ARG C 38 21.13 16.99 -30.04
C ARG C 38 20.26 17.91 -30.89
N VAL C 39 19.59 17.35 -31.88
CA VAL C 39 18.86 18.13 -32.88
C VAL C 39 17.39 18.16 -32.49
N SER C 40 16.86 19.36 -32.33
CA SER C 40 15.54 19.56 -31.74
C SER C 40 14.48 19.85 -32.80
N PHE C 41 13.27 19.34 -32.57
CA PHE C 41 12.11 19.61 -33.41
C PHE C 41 11.40 20.88 -32.92
N ALA C 42 12.15 21.97 -32.87
CA ALA C 42 11.70 23.21 -32.24
C ALA C 42 11.28 24.22 -33.30
N LYS C 43 10.00 24.60 -33.26
CA LYS C 43 9.48 25.67 -34.11
C LYS C 43 9.50 27.02 -33.41
N LEU C 44 9.59 27.04 -32.08
CA LEU C 44 9.56 28.27 -31.30
C LEU C 44 10.92 28.54 -30.70
N ARG C 45 11.40 29.76 -30.84
CA ARG C 45 12.66 30.16 -30.23
C ARG C 45 12.49 30.30 -28.71
N GLU C 46 13.59 30.06 -27.99
CA GLU C 46 13.59 30.20 -26.55
C GLU C 46 14.11 31.57 -26.18
N PRO C 47 13.27 32.48 -25.66
CA PRO C 47 13.77 33.82 -25.34
C PRO C 47 14.69 33.86 -24.13
N LEU C 48 14.39 33.07 -23.10
CA LEU C 48 15.15 33.07 -21.86
C LEU C 48 15.63 31.66 -21.56
N GLU C 49 16.92 31.51 -21.28
CA GLU C 49 17.49 30.20 -20.97
C GLU C 49 17.14 29.81 -19.53
N VAL C 50 17.05 28.51 -19.32
CA VAL C 50 16.70 27.92 -18.02
C VAL C 50 17.61 28.50 -16.94
N PRO C 51 17.06 28.96 -15.80
CA PRO C 51 17.92 29.49 -14.74
C PRO C 51 18.72 28.39 -14.04
N GLY C 52 19.39 28.76 -12.95
CA GLY C 52 20.06 27.77 -12.14
C GLY C 52 19.06 26.93 -11.38
N LEU C 53 18.97 25.64 -11.69
CA LEU C 53 17.98 24.78 -11.06
C LEU C 53 18.22 24.62 -9.57
N LEU C 54 19.40 24.95 -9.08
CA LEU C 54 19.73 24.87 -7.67
C LEU C 54 19.61 26.21 -6.96
N ASP C 55 19.07 27.23 -7.63
CA ASP C 55 19.03 28.57 -7.04
C ASP C 55 18.18 28.60 -5.78
N VAL C 56 17.11 27.81 -5.73
CA VAL C 56 16.21 27.82 -4.59
C VAL C 56 16.96 27.50 -3.30
N GLN C 57 17.76 26.43 -3.33
CA GLN C 57 18.61 26.09 -2.18
C GLN C 57 19.81 27.01 -2.07
N THR C 58 20.37 27.45 -3.21
CA THR C 58 21.58 28.27 -3.19
C THR C 58 21.28 29.69 -2.71
N ASP C 59 20.37 30.39 -3.42
CA ASP C 59 20.13 31.80 -3.12
C ASP C 59 19.63 32.00 -1.70
N SER C 60 18.81 31.07 -1.20
CA SER C 60 18.25 31.23 0.14
C SER C 60 19.34 31.17 1.21
N PHE C 61 20.38 30.36 1.00
CA PHE C 61 21.44 30.23 1.98
C PHE C 61 22.48 31.35 1.86
N GLU C 62 22.72 31.84 0.64
CA GLU C 62 23.66 32.94 0.47
C GLU C 62 23.16 34.21 1.15
N TRP C 63 21.85 34.45 1.11
CA TRP C 63 21.28 35.58 1.84
C TRP C 63 21.43 35.40 3.34
N LEU C 64 21.29 34.16 3.84
CA LEU C 64 21.33 33.92 5.27
C LEU C 64 22.70 34.27 5.85
N ILE C 65 23.77 33.93 5.15
CA ILE C 65 25.13 34.15 5.65
C ILE C 65 25.77 35.38 5.03
N GLY C 66 25.02 36.16 4.24
CA GLY C 66 25.51 37.41 3.69
C GLY C 66 26.76 37.28 2.84
N SER C 67 26.76 36.32 1.92
CA SER C 67 27.91 36.10 1.07
C SER C 67 28.09 37.27 0.10
N PRO C 68 29.31 37.45 -0.44
CA PRO C 68 29.51 38.54 -1.42
C PRO C 68 28.65 38.41 -2.66
N ARG C 69 28.38 37.19 -3.12
CA ARG C 69 27.55 37.00 -4.31
C ARG C 69 26.13 37.51 -4.06
N TRP C 70 25.55 37.17 -2.91
CA TRP C 70 24.23 37.68 -2.58
C TRP C 70 24.23 39.19 -2.44
N ARG C 71 25.25 39.74 -1.78
CA ARG C 71 25.33 41.19 -1.60
C ARG C 71 25.45 41.91 -2.93
N GLU C 72 26.28 41.38 -3.83
CA GLU C 72 26.40 41.97 -5.16
C GLU C 72 25.11 41.82 -5.95
N SER C 73 24.42 40.71 -5.79
CA SER C 73 23.12 40.54 -6.45
C SER C 73 22.11 41.55 -5.93
N ALA C 74 22.11 41.79 -4.63
CA ALA C 74 21.19 42.78 -4.07
C ALA C 74 21.57 44.20 -4.46
N ALA C 75 22.86 44.45 -4.70
CA ALA C 75 23.30 45.79 -5.08
C ALA C 75 22.70 46.22 -6.42
N GLU C 76 22.77 45.34 -7.41
CA GLU C 76 22.16 45.65 -8.70
C GLU C 76 20.64 45.54 -8.66
N ARG C 77 20.09 44.87 -7.64
CA ARG C 77 18.65 44.78 -7.46
C ARG C 77 18.03 46.11 -7.03
N GLY C 78 18.86 47.12 -6.75
CA GLY C 78 18.39 48.41 -6.30
C GLY C 78 18.43 48.60 -4.80
N ASP C 79 18.75 47.55 -4.05
CA ASP C 79 18.76 47.61 -2.60
C ASP C 79 19.73 48.67 -2.09
N VAL C 80 19.42 49.23 -0.94
CA VAL C 80 20.27 50.21 -0.27
C VAL C 80 20.50 49.71 1.16
N ASN C 81 21.76 49.47 1.51
CA ASN C 81 22.15 48.87 2.77
C ASN C 81 21.41 47.56 3.01
N PRO C 82 21.65 46.52 2.21
CA PRO C 82 21.00 45.24 2.45
C PRO C 82 21.60 44.54 3.66
N VAL C 83 20.80 43.64 4.24
CA VAL C 83 21.14 42.98 5.49
C VAL C 83 20.90 41.49 5.33
N GLY C 84 21.93 40.68 5.61
CA GLY C 84 21.80 39.25 5.54
C GLY C 84 20.95 38.68 6.67
N GLY C 85 20.60 37.40 6.51
CA GLY C 85 19.73 36.76 7.48
C GLY C 85 20.34 36.66 8.87
N LEU C 86 21.66 36.48 8.95
CA LEU C 86 22.33 36.48 10.24
C LEU C 86 22.39 37.88 10.84
N GLU C 87 22.79 38.86 10.02
CA GLU C 87 22.76 40.24 10.49
C GLU C 87 21.34 40.64 10.90
N GLU C 88 20.33 40.22 10.14
CA GLU C 88 18.96 40.58 10.47
C GLU C 88 18.54 40.06 11.84
N VAL C 89 19.08 38.92 12.26
CA VAL C 89 18.76 38.39 13.59
C VAL C 89 19.50 39.19 14.68
N LEU C 90 20.74 39.60 14.41
CA LEU C 90 21.52 40.31 15.42
C LEU C 90 21.00 41.73 15.63
N TYR C 91 20.55 42.39 14.56
CA TYR C 91 20.00 43.74 14.69
C TYR C 91 18.69 43.73 15.45
N GLU C 92 17.83 42.75 15.17
CA GLU C 92 16.60 42.61 15.97
C GLU C 92 16.92 42.32 17.43
N LEU C 93 17.92 41.47 17.67
CA LEU C 93 18.30 41.15 19.04
C LEU C 93 18.82 42.39 19.76
N SER C 94 19.66 43.17 19.09
CA SER C 94 20.25 44.33 19.72
C SER C 94 19.16 45.38 19.98
N PRO C 95 19.18 46.02 21.16
CA PRO C 95 20.10 45.73 22.25
C PRO C 95 19.41 45.07 23.44
N ILE C 96 20.18 44.42 24.29
CA ILE C 96 19.67 43.73 25.47
C ILE C 96 19.92 44.62 26.68
N GLU C 97 18.86 44.96 27.40
CA GLU C 97 18.96 45.84 28.56
C GLU C 97 18.02 45.34 29.66
N ASP C 98 18.39 45.60 30.90
CA ASP C 98 17.56 45.25 32.04
C ASP C 98 16.49 46.31 32.25
N PHE C 99 15.71 46.14 33.32
CA PHE C 99 14.60 47.05 33.59
C PHE C 99 15.08 48.46 33.87
N SER C 100 16.29 48.61 34.42
CA SER C 100 16.81 49.94 34.71
C SER C 100 17.39 50.60 33.47
N GLY C 101 18.22 49.87 32.72
CA GLY C 101 18.95 50.43 31.61
C GLY C 101 20.41 50.71 31.90
N SER C 102 20.95 50.20 33.01
CA SER C 102 22.34 50.43 33.36
C SER C 102 23.30 49.51 32.62
N MET C 103 22.81 48.38 32.11
CA MET C 103 23.63 47.40 31.43
C MET C 103 23.06 47.13 30.05
N SER C 104 23.94 46.98 29.06
CA SER C 104 23.52 46.77 27.68
C SER C 104 24.52 45.90 26.95
N LEU C 105 24.01 45.02 26.07
CA LEU C 105 24.83 44.14 25.25
C LEU C 105 24.34 44.21 23.82
N SER C 106 25.29 44.18 22.87
CA SER C 106 24.97 44.33 21.46
C SER C 106 25.89 43.44 20.63
N PHE C 107 25.42 43.10 19.43
CA PHE C 107 26.15 42.24 18.51
C PHE C 107 26.18 42.88 17.12
N SER C 108 27.25 42.60 16.39
CA SER C 108 27.43 43.14 15.04
C SER C 108 28.55 42.37 14.36
N ASP C 109 28.62 42.54 13.03
CA ASP C 109 29.67 41.99 12.18
C ASP C 109 29.79 40.47 12.33
N PRO C 110 28.85 39.69 11.79
CA PRO C 110 29.02 38.23 11.81
C PRO C 110 29.93 37.78 10.67
N ARG C 111 30.86 36.89 10.98
CA ARG C 111 31.82 36.41 10.00
C ARG C 111 32.13 34.95 10.27
N PHE C 112 32.62 34.28 9.24
CA PHE C 112 32.95 32.85 9.30
C PHE C 112 34.42 32.63 9.01
N ASP C 113 35.04 31.72 9.77
CA ASP C 113 36.34 31.20 9.41
C ASP C 113 36.18 30.07 8.40
N ASP C 114 37.31 29.57 7.90
CA ASP C 114 37.27 28.50 6.91
C ASP C 114 36.58 27.26 7.48
N VAL C 115 36.16 26.38 6.57
CA VAL C 115 35.42 25.19 6.97
C VAL C 115 36.32 24.26 7.77
N LYS C 116 35.72 23.54 8.72
CA LYS C 116 36.50 22.71 9.64
C LYS C 116 37.11 21.51 8.92
N ALA C 117 36.34 20.85 8.06
CA ALA C 117 36.80 19.66 7.37
C ALA C 117 36.16 19.61 5.99
N PRO C 118 36.84 19.04 5.00
CA PRO C 118 36.24 18.94 3.65
C PRO C 118 34.99 18.09 3.64
N VAL C 119 34.30 18.14 2.49
CA VAL C 119 32.99 17.50 2.37
C VAL C 119 33.10 15.99 2.54
N ASP C 120 34.04 15.37 1.83
CA ASP C 120 34.14 13.91 1.87
C ASP C 120 34.71 13.41 3.19
N GLU C 121 35.50 14.23 3.90
CA GLU C 121 36.01 13.80 5.19
C GLU C 121 34.89 13.69 6.21
N CYS C 122 33.89 14.58 6.11
CA CYS C 122 32.74 14.49 7.01
C CYS C 122 31.90 13.25 6.72
N LYS C 123 31.77 12.89 5.44
CA LYS C 123 31.06 11.66 5.08
C LYS C 123 31.77 10.43 5.61
N ASP C 124 33.10 10.47 5.67
CA ASP C 124 33.87 9.31 6.10
C ASP C 124 33.87 9.16 7.62
N LYS C 125 34.16 10.24 8.34
CA LYS C 125 34.26 10.20 9.79
C LYS C 125 32.94 10.49 10.49
N ASP C 126 31.85 10.65 9.74
CA ASP C 126 30.50 10.82 10.29
C ASP C 126 30.43 12.05 11.20
N MET C 127 30.98 13.16 10.73
CA MET C 127 30.85 14.45 11.38
C MET C 127 30.00 15.38 10.53
N THR C 128 29.93 16.65 10.92
CA THR C 128 29.03 17.63 10.32
C THR C 128 29.84 18.72 9.62
N TYR C 129 29.49 19.01 8.37
CA TYR C 129 30.12 20.07 7.59
C TYR C 129 29.70 21.42 8.16
N ALA C 130 30.65 22.15 8.72
CA ALA C 130 30.33 23.41 9.38
C ALA C 130 31.57 24.32 9.39
N ALA C 131 31.30 25.60 9.58
CA ALA C 131 32.34 26.62 9.72
C ALA C 131 32.10 27.43 10.98
N PRO C 132 33.16 27.76 11.72
CA PRO C 132 32.97 28.52 12.98
C PRO C 132 32.49 29.93 12.69
N LEU C 133 31.50 30.36 13.46
CA LEU C 133 30.86 31.66 13.29
C LEU C 133 31.38 32.63 14.34
N PHE C 134 31.94 33.74 13.89
CA PHE C 134 32.46 34.79 14.76
C PHE C 134 31.58 36.03 14.67
N VAL C 135 31.36 36.69 15.81
CA VAL C 135 30.65 37.95 15.86
C VAL C 135 31.44 38.92 16.72
N THR C 136 31.10 40.20 16.59
CA THR C 136 31.72 41.27 17.38
C THR C 136 30.69 41.74 18.40
N ALA C 137 31.02 41.56 19.69
CA ALA C 137 30.13 41.91 20.78
C ALA C 137 30.80 42.91 21.72
N GLU C 138 29.97 43.74 22.35
CA GLU C 138 30.47 44.75 23.27
C GLU C 138 29.42 45.02 24.34
N PHE C 139 29.89 45.37 25.53
CA PHE C 139 29.04 45.65 26.67
C PHE C 139 28.94 47.15 26.87
N ILE C 140 27.71 47.69 26.80
CA ILE C 140 27.47 49.11 26.95
C ILE C 140 27.00 49.35 28.39
N ASN C 141 27.79 50.08 29.16
CA ASN C 141 27.43 50.47 30.53
C ASN C 141 27.33 51.99 30.57
N ASN C 142 26.12 52.50 30.82
CA ASN C 142 25.93 53.94 30.89
C ASN C 142 26.66 54.55 32.07
N ASN C 143 26.89 53.76 33.12
CA ASN C 143 27.44 54.26 34.37
C ASN C 143 28.96 54.23 34.43
N THR C 144 29.64 53.74 33.40
CA THR C 144 31.09 53.65 33.44
C THR C 144 31.80 54.37 32.32
N GLY C 145 31.10 54.73 31.24
CA GLY C 145 31.71 55.50 30.17
C GLY C 145 32.85 54.82 29.45
N GLU C 146 32.84 53.49 29.42
CA GLU C 146 33.87 52.73 28.71
C GLU C 146 33.28 51.39 28.31
N ILE C 147 33.73 50.87 27.17
CA ILE C 147 33.16 49.67 26.58
C ILE C 147 34.29 48.76 26.11
N LYS C 148 34.15 47.46 26.41
CA LYS C 148 35.11 46.44 25.97
C LYS C 148 34.47 45.65 24.84
N SER C 149 35.01 45.82 23.62
CA SER C 149 34.53 45.12 22.45
C SER C 149 35.59 44.12 21.98
N GLN C 150 35.15 42.93 21.61
CA GLN C 150 36.05 41.88 21.16
C GLN C 150 35.28 40.91 20.28
N THR C 151 35.97 39.90 19.77
CA THR C 151 35.38 38.88 18.91
C THR C 151 34.92 37.70 19.76
N VAL C 152 33.65 37.33 19.61
CA VAL C 152 33.05 36.25 20.37
C VAL C 152 32.64 35.15 19.41
N PHE C 153 33.21 33.96 19.60
CA PHE C 153 32.82 32.79 18.82
C PHE C 153 31.45 32.31 19.26
N MET C 154 30.54 32.15 18.30
CA MET C 154 29.16 31.76 18.59
C MET C 154 28.94 30.25 18.48
N GLY C 155 29.41 29.64 17.40
CA GLY C 155 29.22 28.21 17.25
C GLY C 155 29.62 27.69 15.88
N ASP C 156 29.84 26.38 15.78
CA ASP C 156 30.10 25.77 14.49
C ASP C 156 28.81 25.74 13.69
N PHE C 157 28.79 26.48 12.58
CA PHE C 157 27.57 26.74 11.84
C PHE C 157 27.48 25.83 10.63
N PRO C 158 26.44 24.99 10.52
CA PRO C 158 26.36 24.07 9.38
C PRO C 158 26.34 24.83 8.05
N MET C 159 27.23 24.41 7.16
CA MET C 159 27.40 25.05 5.86
C MET C 159 26.77 24.22 4.76
N MET C 160 26.27 24.90 3.72
CA MET C 160 25.66 24.23 2.59
C MET C 160 26.70 23.95 1.52
N THR C 161 26.72 22.71 1.04
CA THR C 161 27.63 22.32 -0.02
C THR C 161 27.27 23.02 -1.33
N GLU C 162 28.19 22.94 -2.29
CA GLU C 162 27.95 23.52 -3.60
C GLU C 162 26.80 22.82 -4.32
N LYS C 163 26.56 21.55 -4.01
CA LYS C 163 25.44 20.82 -4.58
C LYS C 163 24.11 21.19 -3.94
N GLY C 164 24.08 22.14 -3.02
CA GLY C 164 22.84 22.55 -2.38
C GLY C 164 22.40 21.68 -1.24
N THR C 165 23.31 20.94 -0.60
CA THR C 165 22.96 20.03 0.47
C THR C 165 23.76 20.38 1.73
N PHE C 166 23.30 19.84 2.85
CA PHE C 166 24.02 19.87 4.11
C PHE C 166 24.48 18.46 4.46
N ILE C 167 25.47 18.37 5.34
CA ILE C 167 25.99 17.09 5.81
C ILE C 167 25.91 17.11 7.33
N ILE C 168 24.95 16.36 7.87
CA ILE C 168 24.75 16.25 9.31
C ILE C 168 25.13 14.84 9.71
N ASN C 169 26.23 14.71 10.45
CA ASN C 169 26.75 13.44 10.94
C ASN C 169 27.04 12.48 9.78
N GLY C 170 27.60 13.01 8.70
CA GLY C 170 28.08 12.19 7.60
C GLY C 170 27.03 11.70 6.63
N THR C 171 25.87 12.34 6.58
CA THR C 171 24.82 11.97 5.63
C THR C 171 24.29 13.23 4.97
N GLU C 172 24.32 13.26 3.64
CA GLU C 172 23.82 14.42 2.90
C GLU C 172 22.33 14.57 3.13
N ARG C 173 21.93 15.75 3.61
CA ARG C 173 20.53 16.06 3.85
C ARG C 173 20.13 17.27 3.03
N VAL C 174 18.82 17.43 2.82
CA VAL C 174 18.27 18.49 1.99
C VAL C 174 17.19 19.22 2.80
N VAL C 175 17.37 20.51 2.99
CA VAL C 175 16.36 21.35 3.63
C VAL C 175 15.32 21.72 2.57
N VAL C 176 14.11 21.19 2.71
CA VAL C 176 13.07 21.34 1.70
C VAL C 176 12.32 22.64 1.93
N SER C 177 12.06 23.35 0.82
CA SER C 177 11.28 24.58 0.89
C SER C 177 9.83 24.25 1.27
N GLN C 178 9.28 25.06 2.17
CA GLN C 178 7.98 24.79 2.77
C GLN C 178 6.94 25.80 2.30
N LEU C 179 5.78 25.30 1.87
CA LEU C 179 4.64 26.13 1.53
C LEU C 179 3.83 26.39 2.79
N VAL C 180 3.70 27.67 3.17
CA VAL C 180 2.97 28.04 4.37
C VAL C 180 1.98 29.15 4.04
N ARG C 181 1.02 29.33 4.94
CA ARG C 181 0.06 30.42 4.84
C ARG C 181 0.79 31.75 5.07
N SER C 182 0.74 32.64 4.07
CA SER C 182 1.44 33.91 4.18
C SER C 182 0.83 34.75 5.29
N PRO C 183 1.66 35.53 6.00
CA PRO C 183 1.13 36.46 7.00
C PRO C 183 0.27 37.53 6.34
N GLY C 184 -0.83 37.88 7.02
CA GLY C 184 -1.73 38.87 6.49
C GLY C 184 -3.12 38.70 7.07
N VAL C 185 -4.05 39.50 6.56
CA VAL C 185 -5.44 39.51 6.98
C VAL C 185 -6.26 38.84 5.90
N TYR C 186 -7.01 37.80 6.28
CA TYR C 186 -7.73 36.97 5.33
C TYR C 186 -9.19 36.86 5.73
N PHE C 187 -10.07 36.88 4.73
CA PHE C 187 -11.51 36.89 4.92
C PHE C 187 -12.12 35.67 4.26
N ASP C 188 -13.16 35.12 4.90
CA ASP C 188 -13.78 33.88 4.46
C ASP C 188 -15.29 34.04 4.42
N GLU C 189 -15.92 33.41 3.42
CA GLU C 189 -17.38 33.40 3.27
C GLU C 189 -17.86 31.97 3.53
N THR C 190 -18.20 31.70 4.78
CA THR C 190 -18.71 30.39 5.18
C THR C 190 -20.23 30.41 5.24
N ILE C 191 -20.83 29.25 5.07
CA ILE C 191 -22.28 29.08 5.09
C ILE C 191 -22.65 28.31 6.35
N ASP C 192 -23.60 28.84 7.12
CA ASP C 192 -23.98 28.23 8.38
C ASP C 192 -24.73 26.92 8.14
N LYS C 193 -24.68 26.05 9.15
CA LYS C 193 -25.27 24.72 9.09
C LYS C 193 -26.76 24.71 9.42
N SER C 194 -27.16 25.41 10.49
CA SER C 194 -28.52 25.30 11.00
C SER C 194 -29.47 26.37 10.45
N THR C 195 -28.99 27.59 10.25
CA THR C 195 -29.84 28.69 9.80
C THR C 195 -29.70 28.99 8.32
N ASP C 196 -28.72 28.40 7.64
CA ASP C 196 -28.57 28.50 6.18
C ASP C 196 -28.39 29.94 5.72
N LYS C 197 -27.67 30.73 6.51
CA LYS C 197 -27.34 32.11 6.15
C LYS C 197 -25.84 32.22 5.91
N THR C 198 -25.47 33.16 5.04
CA THR C 198 -24.08 33.35 4.64
C THR C 198 -23.34 34.09 5.75
N LEU C 199 -22.38 33.42 6.39
CA LEU C 199 -21.56 34.02 7.44
C LEU C 199 -20.24 34.51 6.86
N HIS C 200 -19.48 35.23 7.69
CA HIS C 200 -18.19 35.75 7.29
C HIS C 200 -17.26 35.75 8.49
N SER C 201 -15.96 35.57 8.22
CA SER C 201 -14.97 35.50 9.28
C SER C 201 -13.67 36.10 8.79
N VAL C 202 -12.85 36.56 9.75
CA VAL C 202 -11.57 37.21 9.47
C VAL C 202 -10.49 36.53 10.32
N LYS C 203 -9.29 36.42 9.76
CA LYS C 203 -8.13 35.93 10.49
C LYS C 203 -6.96 36.88 10.26
N VAL C 204 -6.26 37.22 11.35
CA VAL C 204 -5.08 38.08 11.30
C VAL C 204 -3.91 37.22 11.75
N ILE C 205 -3.15 36.69 10.79
CA ILE C 205 -2.10 35.72 11.05
C ILE C 205 -0.76 36.46 11.07
N PRO C 206 -0.15 36.64 12.23
CA PRO C 206 1.17 37.29 12.29
C PRO C 206 2.29 36.33 11.91
N SER C 207 3.44 36.91 11.57
CA SER C 207 4.63 36.12 11.32
C SER C 207 5.11 35.42 12.59
N ARG C 208 4.75 35.96 13.75
CA ARG C 208 4.99 35.34 15.05
C ARG C 208 4.15 36.08 16.09
N GLY C 209 3.73 35.33 17.09
CA GLY C 209 2.99 35.84 18.21
C GLY C 209 1.60 35.28 18.31
N ALA C 210 0.72 36.06 18.93
CA ALA C 210 -0.65 35.65 19.18
C ALA C 210 -1.53 35.93 17.97
N TRP C 211 -2.55 35.10 17.80
CA TRP C 211 -3.49 35.21 16.70
C TRP C 211 -4.73 36.00 17.12
N LEU C 212 -5.45 36.47 16.12
CA LEU C 212 -6.59 37.36 16.35
C LEU C 212 -7.58 37.17 15.20
N GLU C 213 -8.77 36.68 15.51
CA GLU C 213 -9.78 36.37 14.51
C GLU C 213 -11.12 36.96 14.91
N PHE C 214 -11.69 37.79 14.04
CA PHE C 214 -13.02 38.34 14.18
C PHE C 214 -14.00 37.54 13.33
N ASP C 215 -15.27 37.59 13.70
CA ASP C 215 -16.27 36.80 12.99
C ASP C 215 -17.66 37.37 13.25
N VAL C 216 -18.56 37.11 12.31
CA VAL C 216 -19.98 37.41 12.44
C VAL C 216 -20.71 36.07 12.51
N ASP C 217 -21.29 35.77 13.66
CA ASP C 217 -22.01 34.52 13.87
C ASP C 217 -23.37 34.59 13.17
N LYS C 218 -24.24 33.63 13.47
CA LYS C 218 -25.56 33.57 12.84
C LYS C 218 -26.59 34.46 13.54
N ARG C 219 -26.23 35.11 14.64
CA ARG C 219 -27.14 35.99 15.36
C ARG C 219 -26.90 37.46 15.03
N ASP C 220 -26.23 37.74 13.91
CA ASP C 220 -25.98 39.11 13.45
C ASP C 220 -25.23 39.93 14.51
N THR C 221 -24.29 39.28 15.19
CA THR C 221 -23.44 39.93 16.18
C THR C 221 -21.98 39.67 15.85
N VAL C 222 -21.12 40.59 16.26
CA VAL C 222 -19.69 40.55 15.94
C VAL C 222 -18.90 40.29 17.21
N GLY C 223 -17.92 39.40 17.11
CA GLY C 223 -17.06 39.05 18.24
C GLY C 223 -15.63 38.84 17.79
N VAL C 224 -14.78 38.47 18.74
CA VAL C 224 -13.35 38.31 18.49
C VAL C 224 -12.78 37.33 19.49
N ARG C 225 -12.12 36.30 18.97
CA ARG C 225 -11.34 35.38 19.79
C ARG C 225 -9.89 35.86 19.81
N ILE C 226 -9.29 35.89 20.99
CA ILE C 226 -7.92 36.37 21.18
C ILE C 226 -7.09 35.20 21.67
N ASP C 227 -6.17 34.73 20.83
CA ASP C 227 -5.31 33.59 21.14
C ASP C 227 -6.13 32.35 21.48
N ARG C 228 -7.10 32.05 20.61
CA ARG C 228 -8.00 30.90 20.68
C ARG C 228 -8.82 30.84 21.96
N LYS C 229 -8.76 31.88 22.80
CA LYS C 229 -9.52 31.89 24.05
C LYS C 229 -11.00 32.09 23.74
N ARG C 230 -11.80 32.35 24.78
CA ARG C 230 -13.23 32.49 24.62
C ARG C 230 -13.56 33.70 23.75
N ARG C 231 -14.69 33.59 23.04
CA ARG C 231 -15.11 34.63 22.10
C ARG C 231 -15.91 35.69 22.83
N GLN C 232 -15.33 36.87 22.99
CA GLN C 232 -15.90 38.07 23.58
C GLN C 232 -16.59 38.92 22.50
N PRO C 233 -17.57 39.74 22.88
CA PRO C 233 -18.14 40.68 21.91
C PRO C 233 -17.08 41.64 21.39
N VAL C 234 -17.22 42.03 20.13
CA VAL C 234 -16.20 42.81 19.45
C VAL C 234 -16.00 44.18 20.09
N THR C 235 -17.00 44.70 20.78
CA THR C 235 -16.87 46.00 21.44
C THR C 235 -16.13 45.91 22.77
N VAL C 236 -16.02 44.72 23.35
CA VAL C 236 -15.21 44.55 24.55
C VAL C 236 -13.75 44.87 24.25
N LEU C 237 -13.29 44.54 23.04
CA LEU C 237 -11.93 44.87 22.65
C LEU C 237 -11.79 46.36 22.36
N LEU C 238 -12.79 46.95 21.72
CA LEU C 238 -12.72 48.37 21.35
C LEU C 238 -12.71 49.27 22.60
N LYS C 239 -13.46 48.89 23.63
CA LYS C 239 -13.49 49.69 24.85
C LYS C 239 -12.19 49.59 25.62
N ALA C 240 -11.49 48.45 25.54
CA ALA C 240 -10.25 48.27 26.28
C ALA C 240 -9.10 49.06 25.66
N LEU C 241 -9.17 49.41 24.38
CA LEU C 241 -8.12 50.15 23.70
C LEU C 241 -8.25 51.65 23.89
N GLY C 242 -9.28 52.12 24.58
CA GLY C 242 -9.48 53.54 24.78
C GLY C 242 -10.49 54.19 23.86
N TRP C 243 -11.39 53.44 23.25
CA TRP C 243 -12.41 54.00 22.37
C TRP C 243 -13.71 54.14 23.14
N THR C 244 -14.25 55.35 23.17
CA THR C 244 -15.49 55.62 23.88
C THR C 244 -16.66 54.93 23.19
N SER C 245 -17.72 54.67 23.97
CA SER C 245 -18.92 54.06 23.41
C SER C 245 -19.60 54.96 22.39
N GLU C 246 -19.27 56.26 22.37
CA GLU C 246 -19.84 57.16 21.38
C GLU C 246 -19.07 57.10 20.06
N GLN C 247 -17.74 57.17 20.13
CA GLN C 247 -16.92 57.08 18.93
C GLN C 247 -17.08 55.75 18.21
N ILE C 248 -17.53 54.71 18.92
CA ILE C 248 -17.81 53.43 18.26
C ILE C 248 -19.07 53.54 17.40
N VAL C 249 -20.11 54.19 17.93
CA VAL C 249 -21.35 54.35 17.16
C VAL C 249 -21.11 55.24 15.94
N GLU C 250 -20.17 56.19 16.04
CA GLU C 250 -19.87 57.06 14.90
C GLU C 250 -19.23 56.30 13.76
N ARG C 251 -18.41 55.28 14.06
CA ARG C 251 -17.66 54.56 13.04
C ARG C 251 -18.47 53.42 12.41
N PHE C 252 -19.26 52.71 13.20
CA PHE C 252 -19.97 51.52 12.76
C PHE C 252 -21.47 51.72 12.68
N GLY C 253 -21.92 52.97 12.49
CA GLY C 253 -23.34 53.27 12.52
C GLY C 253 -24.09 52.89 11.27
N PHE C 254 -23.40 52.77 10.13
CA PHE C 254 -24.08 52.49 8.87
C PHE C 254 -24.60 51.07 8.77
N SER C 255 -24.25 50.19 9.70
CA SER C 255 -24.73 48.82 9.70
C SER C 255 -25.57 48.58 10.95
N GLU C 256 -26.65 47.82 10.78
CA GLU C 256 -27.50 47.50 11.91
C GLU C 256 -26.96 46.34 12.74
N ILE C 257 -26.02 45.56 12.20
CA ILE C 257 -25.45 44.44 12.94
C ILE C 257 -24.45 44.90 13.99
N MET C 258 -23.90 46.11 13.87
CA MET C 258 -23.02 46.65 14.89
C MET C 258 -23.79 47.41 15.98
N ARG C 259 -24.92 48.03 15.61
CA ARG C 259 -25.77 48.64 16.63
C ARG C 259 -26.30 47.59 17.60
N SER C 260 -26.53 46.37 17.12
CA SER C 260 -26.97 45.27 17.97
C SER C 260 -25.84 44.68 18.80
N THR C 261 -24.59 45.04 18.52
CA THR C 261 -23.46 44.50 19.27
C THR C 261 -23.17 45.32 20.52
N LEU C 262 -23.10 46.65 20.39
CA LEU C 262 -22.88 47.50 21.56
C LEU C 262 -24.05 47.44 22.54
N GLU C 263 -25.26 47.12 22.05
CA GLU C 263 -26.41 47.02 22.94
C GLU C 263 -26.42 45.69 23.69
N LYS C 264 -26.27 44.58 22.97
CA LYS C 264 -26.18 43.27 23.60
C LYS C 264 -24.93 43.11 24.45
N ASP C 265 -23.98 44.06 24.36
CA ASP C 265 -22.75 43.99 25.14
C ASP C 265 -23.07 43.92 26.63
N ASN C 266 -22.21 43.22 27.36
CA ASN C 266 -22.41 42.99 28.79
C ASN C 266 -21.85 44.13 29.64
N THR C 267 -20.56 44.43 29.48
CA THR C 267 -19.86 45.40 30.32
C THR C 267 -19.43 46.60 29.49
N VAL C 268 -19.43 47.76 30.14
CA VAL C 268 -19.02 49.01 29.53
C VAL C 268 -18.00 49.68 30.43
N GLY C 269 -17.04 50.37 29.81
CA GLY C 269 -15.99 51.05 30.55
C GLY C 269 -14.61 50.67 30.08
N THR C 270 -13.72 51.66 29.97
CA THR C 270 -12.36 51.39 29.49
C THR C 270 -11.60 50.51 30.46
N ASP C 271 -11.73 50.77 31.77
CA ASP C 271 -11.08 49.95 32.78
C ASP C 271 -11.90 48.73 33.15
N GLU C 272 -13.03 48.49 32.48
CA GLU C 272 -13.90 47.36 32.76
C GLU C 272 -13.74 46.23 31.74
N ALA C 273 -13.83 46.54 30.46
CA ALA C 273 -13.60 45.53 29.43
C ALA C 273 -12.13 45.18 29.30
N LEU C 274 -11.23 46.00 29.85
CA LEU C 274 -9.82 45.67 29.86
C LEU C 274 -9.49 44.60 30.88
N LEU C 275 -10.24 44.55 31.99
CA LEU C 275 -10.10 43.47 32.94
C LEU C 275 -10.87 42.23 32.52
N ASP C 276 -11.97 42.42 31.78
CA ASP C 276 -12.72 41.28 31.25
C ASP C 276 -11.86 40.45 30.30
N ILE C 277 -11.00 41.12 29.53
CA ILE C 277 -10.08 40.40 28.65
C ILE C 277 -8.99 39.72 29.45
N TYR C 278 -8.56 40.35 30.55
CA TYR C 278 -7.46 39.81 31.35
C TYR C 278 -7.86 38.51 32.02
N ARG C 279 -9.10 38.40 32.50
CA ARG C 279 -9.52 37.22 33.25
C ARG C 279 -9.84 36.03 32.36
N LYS C 280 -10.08 36.24 31.07
CA LYS C 280 -10.27 35.15 30.14
C LYS C 280 -8.97 34.73 29.45
N LEU C 281 -7.99 35.62 29.40
CA LEU C 281 -6.72 35.36 28.73
C LEU C 281 -5.72 34.69 29.67
N ARG C 282 -5.51 35.28 30.85
CA ARG C 282 -4.60 34.74 31.87
C ARG C 282 -5.38 34.52 33.16
N PRO C 283 -6.19 33.47 33.22
CA PRO C 283 -7.03 33.25 34.41
C PRO C 283 -6.19 32.88 35.63
N GLY C 284 -6.80 33.11 36.80
CA GLY C 284 -6.16 32.81 38.06
C GLY C 284 -5.23 33.89 38.59
N GLU C 285 -5.12 35.02 37.90
CA GLU C 285 -4.23 36.10 38.30
C GLU C 285 -5.03 37.32 38.74
N PRO C 286 -4.49 38.12 39.66
CA PRO C 286 -5.20 39.34 40.08
C PRO C 286 -5.26 40.35 38.96
N PRO C 287 -6.45 40.84 38.61
CA PRO C 287 -6.56 41.78 37.50
C PRO C 287 -6.37 43.23 37.93
N THR C 288 -5.25 43.82 37.52
CA THR C 288 -4.96 45.23 37.78
C THR C 288 -5.15 46.02 36.50
N LYS C 289 -5.67 47.24 36.63
CA LYS C 289 -5.85 48.12 35.48
C LYS C 289 -4.57 48.32 34.69
N GLU C 290 -3.40 48.15 35.32
CA GLU C 290 -2.12 48.35 34.67
C GLU C 290 -1.39 47.05 34.34
N SER C 291 -1.88 45.90 34.81
CA SER C 291 -1.35 44.62 34.38
C SER C 291 -2.00 44.12 33.11
N ALA C 292 -3.21 44.58 32.79
CA ALA C 292 -3.82 44.33 31.50
C ALA C 292 -3.48 45.40 30.48
N GLN C 293 -3.26 46.64 30.93
CA GLN C 293 -2.76 47.69 30.05
C GLN C 293 -1.35 47.37 29.54
N THR C 294 -0.62 46.51 30.24
CA THR C 294 0.74 46.15 29.84
C THR C 294 0.77 45.03 28.81
N LEU C 295 -0.05 43.99 28.99
CA LEU C 295 0.03 42.84 28.09
C LEU C 295 -0.72 43.07 26.79
N LEU C 296 -1.86 43.78 26.83
CA LEU C 296 -2.58 44.07 25.59
C LEU C 296 -1.80 44.97 24.66
N GLU C 297 -0.71 45.59 25.13
CA GLU C 297 0.22 46.28 24.25
C GLU C 297 1.40 45.39 23.85
N ASN C 298 1.87 44.55 24.78
CA ASN C 298 3.02 43.69 24.48
C ASN C 298 2.64 42.53 23.57
N LEU C 299 1.40 42.05 23.65
CA LEU C 299 0.97 40.90 22.87
C LEU C 299 0.61 41.25 21.43
N PHE C 300 0.42 42.53 21.11
CA PHE C 300 -0.02 42.92 19.76
C PHE C 300 0.67 44.15 19.20
N PHE C 301 1.39 44.94 20.00
CA PHE C 301 1.94 46.20 19.53
C PHE C 301 3.39 46.44 19.91
N LYS C 302 3.97 45.63 20.79
CA LYS C 302 5.40 45.67 21.06
C LYS C 302 6.09 44.60 20.23
N GLU C 303 7.21 44.98 19.59
CA GLU C 303 7.95 44.06 18.74
C GLU C 303 8.52 42.86 19.49
N LYS C 304 8.37 42.78 20.83
CA LYS C 304 8.90 41.64 21.57
C LYS C 304 8.08 40.38 21.32
N ARG C 305 6.76 40.45 21.53
CA ARG C 305 5.89 39.28 21.48
C ARG C 305 4.94 39.32 20.28
N TYR C 306 5.20 40.20 19.31
CA TYR C 306 4.36 40.26 18.12
C TYR C 306 5.16 40.90 16.99
N ASP C 307 4.97 40.39 15.77
CA ASP C 307 5.72 40.89 14.62
C ASP C 307 5.11 40.41 13.30
N LEU C 308 4.70 41.35 12.46
CA LEU C 308 4.40 41.07 11.07
C LEU C 308 5.68 41.30 10.27
N ALA C 309 6.10 40.29 9.51
CA ALA C 309 7.30 40.40 8.71
C ALA C 309 7.12 41.49 7.65
N ARG C 310 8.24 41.82 6.98
CA ARG C 310 8.17 42.80 5.90
C ARG C 310 7.18 42.38 4.83
N VAL C 311 6.92 41.09 4.71
CA VAL C 311 5.86 40.60 3.82
C VAL C 311 4.50 40.61 4.51
N GLY C 312 4.46 40.35 5.82
CA GLY C 312 3.19 40.38 6.53
C GLY C 312 2.61 41.78 6.63
N ARG C 313 3.45 42.77 6.93
CA ARG C 313 3.00 44.15 6.93
C ARG C 313 2.53 44.58 5.54
N TYR C 314 3.26 44.16 4.51
CA TYR C 314 2.91 44.53 3.14
C TYR C 314 1.60 43.88 2.70
N LYS C 315 1.36 42.64 3.14
CA LYS C 315 0.12 41.96 2.79
C LYS C 315 -1.08 42.57 3.49
N VAL C 316 -0.87 43.30 4.59
CA VAL C 316 -1.96 44.00 5.25
C VAL C 316 -2.21 45.35 4.61
N ASN C 317 -1.13 46.06 4.27
CA ASN C 317 -1.25 47.42 3.73
C ASN C 317 -1.85 47.45 2.33
N LYS C 318 -1.92 46.31 1.64
CA LYS C 318 -2.63 46.21 0.38
C LYS C 318 -4.05 45.68 0.55
N LYS C 319 -4.25 44.72 1.46
CA LYS C 319 -5.58 44.15 1.64
C LYS C 319 -6.54 45.16 2.25
N LEU C 320 -6.06 46.01 3.15
CA LEU C 320 -6.89 47.02 3.78
C LEU C 320 -6.86 48.36 3.06
N GLY C 321 -5.85 48.60 2.22
CA GLY C 321 -5.74 49.86 1.51
C GLY C 321 -5.28 51.03 2.35
N LEU C 322 -4.26 50.81 3.19
CA LEU C 322 -3.73 51.87 4.04
C LEU C 322 -2.20 51.79 4.03
N HIS C 323 -1.56 52.95 4.13
CA HIS C 323 -0.11 53.05 4.13
C HIS C 323 0.51 52.43 2.87
N VAL C 324 -0.25 52.40 1.79
CA VAL C 324 0.17 51.68 0.58
C VAL C 324 1.25 52.46 -0.15
N GLY C 325 1.62 53.63 0.37
CA GLY C 325 2.69 54.40 -0.23
C GLY C 325 3.87 54.63 0.70
N GLU C 326 3.65 54.46 1.99
CA GLU C 326 4.71 54.66 2.97
C GLU C 326 5.77 53.57 2.85
N PRO C 327 7.05 53.92 3.01
CA PRO C 327 8.09 52.88 3.04
C PRO C 327 7.89 51.93 4.22
N ILE C 328 8.11 50.64 3.98
CA ILE C 328 7.85 49.61 4.97
C ILE C 328 8.82 49.73 6.13
N THR C 329 8.38 50.40 7.19
CA THR C 329 9.16 50.53 8.42
C THR C 329 8.48 49.92 9.63
N SER C 330 7.15 49.88 9.67
CA SER C 330 6.42 49.33 10.80
C SER C 330 6.46 47.81 10.73
N SER C 331 7.22 47.20 11.64
CA SER C 331 7.25 45.74 11.78
C SER C 331 6.22 45.24 12.78
N THR C 332 5.11 45.97 12.95
CA THR C 332 4.19 45.70 14.04
C THR C 332 2.76 45.98 13.60
N LEU C 333 1.82 45.28 14.23
CA LEU C 333 0.41 45.61 14.10
C LEU C 333 0.11 46.90 14.85
N THR C 334 -0.82 47.69 14.30
CA THR C 334 -1.22 48.95 14.89
C THR C 334 -2.71 48.94 15.23
N GLU C 335 -3.12 49.87 16.08
CA GLU C 335 -4.52 49.98 16.43
C GLU C 335 -5.38 50.36 15.25
N GLU C 336 -4.85 51.19 14.34
CA GLU C 336 -5.59 51.58 13.15
C GLU C 336 -5.99 50.37 12.31
N ASP C 337 -5.10 49.37 12.23
CA ASP C 337 -5.40 48.18 11.45
C ASP C 337 -6.56 47.40 12.04
N VAL C 338 -6.62 47.29 13.37
CA VAL C 338 -7.68 46.53 14.02
C VAL C 338 -9.05 47.12 13.68
N VAL C 339 -9.16 48.44 13.68
CA VAL C 339 -10.42 49.09 13.34
C VAL C 339 -10.73 48.87 11.86
N ALA C 340 -9.75 49.08 10.99
CA ALA C 340 -9.97 48.90 9.55
C ALA C 340 -10.33 47.45 9.23
N THR C 341 -9.85 46.51 10.03
CA THR C 341 -10.22 45.12 9.82
C THR C 341 -11.69 44.88 10.16
N ILE C 342 -12.12 45.37 11.32
CA ILE C 342 -13.53 45.27 11.70
C ILE C 342 -14.40 46.05 10.72
N GLU C 343 -13.88 47.17 10.20
CA GLU C 343 -14.61 47.91 9.18
C GLU C 343 -14.70 47.11 7.88
N TYR C 344 -13.61 46.41 7.52
CA TYR C 344 -13.60 45.58 6.32
C TYR C 344 -14.61 44.43 6.45
N LEU C 345 -14.73 43.85 7.64
CA LEU C 345 -15.58 42.69 7.82
C LEU C 345 -17.06 43.04 7.72
N VAL C 346 -17.48 44.08 8.46
CA VAL C 346 -18.91 44.38 8.56
C VAL C 346 -19.49 44.77 7.21
N ARG C 347 -18.70 45.42 6.36
CA ARG C 347 -19.20 45.80 5.04
C ARG C 347 -19.40 44.58 4.15
N LEU C 348 -18.49 43.61 4.23
CA LEU C 348 -18.64 42.39 3.43
C LEU C 348 -19.88 41.60 3.81
N HIS C 349 -20.29 41.69 5.08
CA HIS C 349 -21.44 40.91 5.55
C HIS C 349 -22.72 41.33 4.86
N GLU C 350 -22.89 42.63 4.60
CA GLU C 350 -24.11 43.17 4.01
C GLU C 350 -23.97 43.45 2.51
N GLY C 351 -23.19 42.65 1.81
CA GLY C 351 -23.16 42.71 0.36
C GLY C 351 -22.35 43.84 -0.24
N GLN C 352 -21.65 44.62 0.56
CA GLN C 352 -20.82 45.68 0.01
C GLN C 352 -19.62 45.09 -0.74
N THR C 353 -19.13 45.85 -1.72
CA THR C 353 -18.03 45.39 -2.55
C THR C 353 -16.86 46.37 -2.59
N THR C 354 -16.94 47.51 -1.90
CA THR C 354 -15.90 48.53 -1.99
C THR C 354 -15.83 49.29 -0.67
N MET C 355 -14.62 49.62 -0.25
CA MET C 355 -14.40 50.32 1.01
C MET C 355 -13.08 51.08 0.95
N THR C 356 -13.06 52.28 1.52
CA THR C 356 -11.85 53.05 1.74
C THR C 356 -11.73 53.37 3.22
N VAL C 357 -10.61 53.01 3.82
CA VAL C 357 -10.35 53.36 5.22
C VAL C 357 -10.24 54.87 5.34
N PRO C 358 -10.76 55.49 6.42
CA PRO C 358 -10.55 56.92 6.63
C PRO C 358 -9.09 57.33 6.49
N GLY C 359 -8.77 58.03 5.42
CA GLY C 359 -7.39 58.37 5.13
C GLY C 359 -6.63 57.29 4.39
N GLY C 360 -7.33 56.44 3.65
CA GLY C 360 -6.70 55.34 2.96
C GLY C 360 -7.24 55.18 1.54
N VAL C 361 -6.43 54.51 0.71
CA VAL C 361 -6.79 54.31 -0.69
C VAL C 361 -7.94 53.30 -0.79
N GLU C 362 -8.64 53.36 -1.92
CA GLU C 362 -9.76 52.46 -2.17
C GLU C 362 -9.27 51.04 -2.40
N VAL C 363 -10.02 50.07 -1.90
CA VAL C 363 -9.69 48.65 -2.04
C VAL C 363 -10.96 47.82 -2.09
N PRO C 364 -10.99 46.75 -2.87
CA PRO C 364 -12.20 45.92 -2.94
C PRO C 364 -12.39 45.09 -1.68
N VAL C 365 -13.64 44.69 -1.46
CA VAL C 365 -14.03 43.92 -0.28
C VAL C 365 -14.46 42.54 -0.75
N GLU C 366 -13.65 41.53 -0.46
CA GLU C 366 -13.91 40.17 -0.92
C GLU C 366 -13.21 39.19 0.00
N THR C 367 -13.44 37.90 -0.25
CA THR C 367 -12.81 36.82 0.50
C THR C 367 -11.58 36.31 -0.26
N ASP C 368 -10.64 35.76 0.50
CA ASP C 368 -9.35 35.36 -0.03
C ASP C 368 -9.31 33.85 -0.24
N ASP C 369 -8.51 33.42 -1.22
CA ASP C 369 -8.48 32.01 -1.60
C ASP C 369 -7.71 31.18 -0.57
N ILE C 370 -6.55 31.67 -0.13
CA ILE C 370 -5.61 31.01 0.78
C ILE C 370 -4.88 29.87 0.08
N ASP C 371 -5.40 29.43 -1.07
CA ASP C 371 -4.67 28.53 -1.96
C ASP C 371 -3.96 29.28 -3.08
N HIS C 372 -4.38 30.52 -3.36
CA HIS C 372 -3.68 31.34 -4.34
C HIS C 372 -2.23 31.57 -3.91
N PHE C 373 -1.32 31.43 -4.86
CA PHE C 373 0.11 31.53 -4.55
C PHE C 373 0.55 32.95 -4.17
N GLY C 374 -0.36 33.90 -4.05
CA GLY C 374 -0.04 35.22 -3.54
C GLY C 374 -0.42 35.34 -2.08
N ASN C 375 -1.35 34.48 -1.65
CA ASN C 375 -1.69 34.35 -0.24
C ASN C 375 -1.07 33.11 0.39
N ARG C 376 -0.50 32.23 -0.40
CA ARG C 376 0.24 31.07 0.09
C ARG C 376 1.72 31.31 -0.15
N ARG C 377 2.51 31.21 0.91
CA ARG C 377 3.90 31.64 0.88
C ARG C 377 4.86 30.46 0.98
N LEU C 378 6.01 30.60 0.33
CA LEU C 378 7.06 29.60 0.34
C LEU C 378 8.27 30.15 1.09
N ARG C 379 8.64 29.51 2.18
CA ARG C 379 9.83 29.87 2.94
C ARG C 379 10.90 28.81 2.74
N THR C 380 12.08 29.24 2.34
CA THR C 380 13.13 28.37 1.85
C THR C 380 14.16 28.09 2.96
N VAL C 381 15.36 27.66 2.57
CA VAL C 381 16.35 27.19 3.52
C VAL C 381 16.73 28.29 4.51
N GLY C 382 17.06 29.48 3.98
CA GLY C 382 17.56 30.54 4.84
C GLY C 382 16.59 30.93 5.93
N GLU C 383 15.32 31.14 5.57
CA GLU C 383 14.32 31.53 6.55
C GLU C 383 14.10 30.43 7.58
N LEU C 384 14.00 29.18 7.12
CA LEU C 384 13.79 28.06 8.05
C LEU C 384 14.95 27.94 9.03
N ILE C 385 16.16 28.27 8.60
CA ILE C 385 17.30 28.28 9.52
C ILE C 385 17.31 29.55 10.35
N GLN C 386 16.95 30.68 9.75
CA GLN C 386 16.93 31.95 10.47
C GLN C 386 15.98 31.89 11.66
N ASN C 387 14.79 31.30 11.47
CA ASN C 387 13.84 31.20 12.56
C ASN C 387 14.40 30.35 13.70
N GLN C 388 15.13 29.28 13.37
CA GLN C 388 15.75 28.45 14.40
C GLN C 388 16.86 29.20 15.10
N ILE C 389 17.61 30.03 14.37
CA ILE C 389 18.63 30.86 14.99
C ILE C 389 17.99 31.89 15.90
N ARG C 390 16.88 32.50 15.45
CA ARG C 390 16.19 33.50 16.26
C ARG C 390 15.71 32.90 17.58
N VAL C 391 15.14 31.69 17.52
CA VAL C 391 14.70 31.03 18.75
C VAL C 391 15.88 30.67 19.63
N GLY C 392 16.98 30.22 19.04
CA GLY C 392 18.16 29.90 19.81
C GLY C 392 18.79 31.12 20.46
N MET C 393 18.76 32.25 19.76
CA MET C 393 19.31 33.49 20.32
C MET C 393 18.47 33.96 21.50
N SER C 394 17.14 33.83 21.40
CA SER C 394 16.26 34.29 22.47
C SER C 394 16.47 33.49 23.75
N ARG C 395 16.78 32.20 23.64
CA ARG C 395 17.11 31.42 24.83
C ARG C 395 18.42 31.89 25.45
N MET C 396 19.41 32.22 24.63
CA MET C 396 20.65 32.79 25.15
C MET C 396 20.44 34.18 25.72
N GLU C 397 19.53 34.96 25.12
CA GLU C 397 19.26 36.31 25.61
C GLU C 397 18.79 36.29 27.06
N ARG C 398 17.91 35.33 27.40
CA ARG C 398 17.47 35.20 28.79
C ARG C 398 18.63 34.84 29.70
N VAL C 399 19.61 34.08 29.19
CA VAL C 399 20.81 33.80 29.97
C VAL C 399 21.61 35.09 30.20
N VAL C 400 21.63 35.97 29.20
CA VAL C 400 22.38 37.22 29.32
C VAL C 400 21.77 38.10 30.41
N ARG C 401 20.46 38.36 30.33
CA ARG C 401 19.81 39.20 31.32
C ARG C 401 19.92 38.62 32.72
N GLU C 402 19.95 37.28 32.84
CA GLU C 402 20.12 36.67 34.14
C GLU C 402 21.56 36.81 34.64
N ARG C 403 22.53 36.66 33.74
CA ARG C 403 23.93 36.76 34.12
C ARG C 403 24.34 38.20 34.43
N MET C 404 23.60 39.18 33.93
CA MET C 404 23.95 40.58 34.20
C MET C 404 23.68 40.94 35.66
N THR C 405 22.47 40.63 36.15
CA THR C 405 22.05 41.04 37.48
C THR C 405 22.63 40.19 38.59
N THR C 406 23.39 39.14 38.27
CA THR C 406 24.05 38.32 39.29
C THR C 406 25.52 38.69 39.45
N GLN C 407 26.26 38.78 38.34
CA GLN C 407 27.67 39.12 38.39
C GLN C 407 27.84 40.61 38.68
N ASP C 408 29.08 41.00 38.96
CA ASP C 408 29.37 42.40 39.22
C ASP C 408 29.35 43.20 37.92
N VAL C 409 29.24 44.52 38.06
CA VAL C 409 29.07 45.40 36.92
C VAL C 409 30.41 46.01 36.52
N GLU C 410 31.51 45.30 36.81
CA GLU C 410 32.83 45.77 36.44
C GLU C 410 33.77 44.67 35.96
N ALA C 411 33.49 43.40 36.21
CA ALA C 411 34.28 42.30 35.68
C ALA C 411 33.56 41.57 34.54
N ILE C 412 32.54 42.20 33.96
CA ILE C 412 31.75 41.59 32.90
C ILE C 412 32.41 41.85 31.56
N THR C 413 32.61 40.79 30.79
CA THR C 413 33.06 40.85 29.41
C THR C 413 32.01 40.21 28.52
N PRO C 414 32.06 40.44 27.21
CA PRO C 414 31.13 39.71 26.33
C PRO C 414 31.22 38.20 26.47
N GLN C 415 32.39 37.67 26.85
CA GLN C 415 32.54 36.23 26.98
C GLN C 415 31.79 35.67 28.18
N THR C 416 31.65 36.47 29.24
CA THR C 416 31.01 35.97 30.46
C THR C 416 29.49 35.96 30.35
N LEU C 417 28.92 36.90 29.61
CA LEU C 417 27.46 36.96 29.47
C LEU C 417 26.92 35.94 28.49
N ILE C 418 27.76 35.38 27.63
CA ILE C 418 27.31 34.58 26.50
C ILE C 418 27.51 33.10 26.83
N ASN C 419 26.41 32.36 26.81
CA ASN C 419 26.42 30.90 26.93
C ASN C 419 25.83 30.36 25.62
N ILE C 420 26.69 29.84 24.75
CA ILE C 420 26.26 29.40 23.42
C ILE C 420 25.60 28.03 23.43
N ARG C 421 25.42 27.42 24.60
CA ARG C 421 24.79 26.11 24.67
C ARG C 421 23.38 26.09 24.10
N PRO C 422 22.47 27.01 24.46
CA PRO C 422 21.14 26.98 23.85
C PRO C 422 21.13 27.40 22.39
N VAL C 423 22.19 28.03 21.90
CA VAL C 423 22.22 28.48 20.51
C VAL C 423 22.51 27.30 19.57
N VAL C 424 23.64 26.63 19.81
CA VAL C 424 24.03 25.53 18.93
C VAL C 424 23.08 24.35 19.09
N ALA C 425 22.49 24.19 20.27
CA ALA C 425 21.51 23.12 20.49
C ALA C 425 20.19 23.40 19.77
N ALA C 426 19.97 24.61 19.29
CA ALA C 426 18.77 24.94 18.54
C ALA C 426 18.93 24.68 17.05
N ILE C 427 20.12 24.94 16.50
CA ILE C 427 20.36 24.57 15.12
C ILE C 427 20.60 23.07 14.99
N LYS C 428 21.15 22.43 16.03
CA LYS C 428 21.33 20.99 16.00
C LYS C 428 19.99 20.26 16.00
N GLU C 429 19.06 20.72 16.85
CA GLU C 429 17.75 20.09 16.91
C GLU C 429 17.01 20.22 15.59
N PHE C 430 17.25 21.30 14.85
CA PHE C 430 16.58 21.50 13.56
C PHE C 430 17.07 20.49 12.53
N PHE C 431 18.36 20.54 12.20
CA PHE C 431 18.91 19.62 11.21
C PHE C 431 18.80 18.17 11.67
N GLY C 432 18.86 17.92 12.98
CA GLY C 432 18.76 16.57 13.48
C GLY C 432 17.35 16.01 13.38
N THR C 433 16.35 16.82 13.72
CA THR C 433 14.96 16.39 13.72
C THR C 433 14.10 17.51 13.17
N SER C 434 13.59 17.33 11.95
CA SER C 434 12.67 18.28 11.35
C SER C 434 12.05 17.65 10.12
N GLN C 435 10.77 17.96 9.88
CA GLN C 435 10.11 17.53 8.65
C GLN C 435 10.74 18.17 7.42
N LEU C 436 11.47 19.27 7.60
CA LEU C 436 12.12 19.96 6.48
C LEU C 436 13.54 19.48 6.24
N SER C 437 14.23 19.04 7.29
CA SER C 437 15.55 18.42 7.15
C SER C 437 15.33 16.96 6.80
N GLN C 438 15.47 16.62 5.52
CA GLN C 438 15.11 15.31 5.02
C GLN C 438 16.34 14.58 4.49
N PHE C 439 16.43 13.29 4.83
CA PHE C 439 17.41 12.39 4.24
C PHE C 439 17.33 12.45 2.72
N MET C 440 18.43 12.87 2.10
CA MET C 440 18.40 13.22 0.68
C MET C 440 18.07 12.02 -0.19
N ASP C 441 17.18 12.24 -1.16
CA ASP C 441 16.89 11.25 -2.20
C ASP C 441 18.11 11.12 -3.12
N GLN C 442 18.74 9.96 -3.14
CA GLN C 442 19.95 9.74 -3.91
C GLN C 442 19.88 8.46 -4.71
N ASN C 443 18.74 8.17 -5.32
CA ASN C 443 18.66 7.05 -6.26
C ASN C 443 19.46 7.36 -7.52
N ASN C 444 19.15 8.47 -8.18
CA ASN C 444 19.84 8.93 -9.37
C ASN C 444 20.00 10.44 -9.27
N PRO C 445 20.83 11.07 -10.12
CA PRO C 445 20.95 12.55 -10.06
C PRO C 445 19.64 13.29 -10.15
N LEU C 446 18.69 12.83 -10.97
CA LEU C 446 17.41 13.52 -11.09
C LEU C 446 16.65 13.51 -9.76
N SER C 447 16.64 12.37 -9.07
CA SER C 447 15.96 12.30 -7.78
C SER C 447 16.56 13.29 -6.79
N GLY C 448 17.89 13.48 -6.84
CA GLY C 448 18.51 14.43 -5.93
C GLY C 448 18.17 15.88 -6.29
N LEU C 449 18.23 16.20 -7.58
CA LEU C 449 17.90 17.56 -8.03
C LEU C 449 16.44 17.88 -7.73
N THR C 450 15.55 16.92 -7.93
CA THR C 450 14.13 17.16 -7.64
C THR C 450 13.90 17.37 -6.15
N HIS C 451 14.62 16.63 -5.30
CA HIS C 451 14.42 16.73 -3.86
C HIS C 451 14.74 18.14 -3.36
N LYS C 452 15.74 18.79 -3.95
CA LYS C 452 16.10 20.13 -3.53
C LYS C 452 15.08 21.17 -3.99
N ARG C 453 14.36 20.89 -5.08
CA ARG C 453 13.34 21.78 -5.61
C ARG C 453 11.94 21.44 -5.13
N ARG C 454 11.81 20.60 -4.11
CA ARG C 454 10.51 20.23 -3.59
C ARG C 454 9.87 21.38 -2.82
N LEU C 455 8.54 21.42 -2.86
CA LEU C 455 7.75 22.35 -2.07
C LEU C 455 6.79 21.51 -1.23
N SER C 456 6.95 21.56 0.09
CA SER C 456 6.20 20.69 0.99
C SER C 456 5.24 21.52 1.83
N ALA C 457 3.96 21.14 1.82
CA ALA C 457 2.98 21.79 2.68
C ALA C 457 3.07 21.30 4.12
N LEU C 458 3.50 20.06 4.32
CA LEU C 458 3.57 19.47 5.65
C LEU C 458 4.72 20.07 6.46
N GLY C 459 4.66 19.86 7.78
CA GLY C 459 5.69 20.32 8.67
C GLY C 459 5.20 21.34 9.68
N PRO C 460 6.10 21.80 10.54
CA PRO C 460 5.71 22.81 11.53
C PRO C 460 5.41 24.15 10.88
N GLY C 461 4.37 24.81 11.38
CA GLY C 461 3.90 26.06 10.81
C GLY C 461 3.01 25.90 9.61
N GLY C 462 2.96 24.72 9.00
CA GLY C 462 2.11 24.49 7.84
C GLY C 462 0.78 23.89 8.21
N LEU C 463 0.62 22.59 7.99
CA LEU C 463 -0.64 21.91 8.25
C LEU C 463 -0.37 20.47 8.66
N SER C 464 -1.34 19.88 9.35
CA SER C 464 -1.32 18.47 9.68
C SER C 464 -1.87 17.65 8.52
N ARG C 465 -1.30 16.45 8.34
CA ARG C 465 -1.78 15.55 7.30
C ARG C 465 -3.22 15.14 7.54
N GLU C 466 -3.65 15.10 8.80
CA GLU C 466 -5.03 14.77 9.14
C GLU C 466 -5.97 15.95 8.98
N ARG C 467 -5.46 17.16 8.78
CA ARG C 467 -6.28 18.34 8.56
C ARG C 467 -6.24 18.84 7.11
N ALA C 468 -5.55 18.15 6.23
CA ALA C 468 -5.44 18.56 4.83
C ALA C 468 -6.59 17.94 4.05
N GLY C 469 -7.54 18.77 3.63
CA GLY C 469 -8.67 18.30 2.86
C GLY C 469 -8.38 18.21 1.37
N LEU C 470 -9.42 17.85 0.63
CA LEU C 470 -9.28 17.65 -0.81
C LEU C 470 -9.16 18.97 -1.58
N GLU C 471 -9.15 20.12 -0.90
CA GLU C 471 -9.01 21.40 -1.57
C GLU C 471 -7.58 21.94 -1.54
N VAL C 472 -6.80 21.60 -0.51
CA VAL C 472 -5.42 22.04 -0.46
C VAL C 472 -4.57 21.29 -1.48
N ARG C 473 -4.98 20.08 -1.84
CA ARG C 473 -4.12 19.17 -2.59
C ARG C 473 -4.23 19.33 -4.09
N ASP C 474 -5.36 19.81 -4.60
CA ASP C 474 -5.56 19.84 -6.04
C ASP C 474 -4.94 21.08 -6.67
N VAL C 475 -4.90 21.10 -8.00
CA VAL C 475 -4.19 22.13 -8.74
C VAL C 475 -4.98 23.44 -8.70
N HIS C 476 -4.27 24.54 -8.48
CA HIS C 476 -4.81 25.90 -8.46
C HIS C 476 -4.33 26.67 -9.69
N PRO C 477 -5.19 27.52 -10.28
CA PRO C 477 -4.78 28.23 -11.50
C PRO C 477 -3.62 29.18 -11.31
N SER C 478 -3.29 29.55 -10.08
CA SER C 478 -2.12 30.40 -9.83
C SER C 478 -0.83 29.60 -9.79
N HIS C 479 -0.89 28.27 -9.86
CA HIS C 479 0.31 27.44 -9.89
C HIS C 479 0.98 27.43 -11.25
N TYR C 480 0.38 28.07 -12.26
CA TYR C 480 0.94 28.07 -13.61
C TYR C 480 2.33 28.73 -13.61
N GLY C 481 3.32 27.99 -14.12
CA GLY C 481 4.68 28.47 -14.16
C GLY C 481 5.37 28.58 -12.81
N ARG C 482 4.73 28.16 -11.73
CA ARG C 482 5.31 28.23 -10.39
C ARG C 482 5.48 26.87 -9.77
N MET C 483 4.40 26.10 -9.60
CA MET C 483 4.48 24.73 -9.14
C MET C 483 3.94 23.81 -10.22
N CYS C 484 4.57 22.64 -10.37
CA CYS C 484 4.17 21.72 -11.42
C CYS C 484 2.81 21.11 -11.11
N PRO C 485 1.93 20.99 -12.10
CA PRO C 485 0.65 20.31 -11.88
C PRO C 485 0.71 18.80 -12.06
N ILE C 486 1.85 18.27 -12.47
CA ILE C 486 2.01 16.85 -12.74
C ILE C 486 2.82 16.16 -11.66
N GLU C 487 4.02 16.67 -11.38
CA GLU C 487 4.94 16.00 -10.47
C GLU C 487 4.45 16.13 -9.03
N THR C 488 3.95 15.05 -8.47
CA THR C 488 3.51 14.93 -7.09
C THR C 488 3.30 13.44 -6.79
N PRO C 489 3.61 12.98 -5.58
CA PRO C 489 3.40 11.56 -5.27
C PRO C 489 1.93 11.19 -5.34
N GLU C 490 1.69 9.90 -5.59
CA GLU C 490 0.32 9.38 -5.69
C GLU C 490 -0.11 8.66 -4.42
N GLY C 491 0.72 8.69 -3.38
CA GLY C 491 0.39 8.07 -2.12
C GLY C 491 -0.45 8.99 -1.24
N PRO C 492 -0.28 8.86 0.08
CA PRO C 492 -1.03 9.73 1.00
C PRO C 492 -0.56 11.18 0.98
N ASN C 493 0.56 11.49 0.33
CA ASN C 493 1.08 12.85 0.27
C ASN C 493 0.79 13.51 -1.08
N ILE C 494 -0.29 13.12 -1.74
CA ILE C 494 -0.62 13.70 -3.04
C ILE C 494 -1.08 15.14 -2.87
N GLY C 495 -0.50 16.04 -3.66
CA GLY C 495 -0.86 17.44 -3.59
C GLY C 495 -0.13 18.20 -2.51
N LEU C 496 0.15 17.53 -1.39
CA LEU C 496 0.87 18.16 -0.29
C LEU C 496 2.34 18.41 -0.61
N ILE C 497 2.89 17.70 -1.60
CA ILE C 497 4.28 17.83 -1.99
C ILE C 497 4.32 18.08 -3.49
N GLY C 498 4.87 19.22 -3.89
CA GLY C 498 5.03 19.56 -5.29
C GLY C 498 6.49 19.87 -5.61
N SER C 499 6.74 20.07 -6.91
CA SER C 499 8.05 20.44 -7.40
C SER C 499 7.96 21.81 -8.06
N LEU C 500 8.98 22.64 -7.85
CA LEU C 500 8.98 23.97 -8.42
C LEU C 500 9.11 23.90 -9.93
N SER C 501 8.34 24.75 -10.61
CA SER C 501 8.44 24.82 -12.06
C SER C 501 9.84 25.28 -12.48
N VAL C 502 10.15 25.05 -13.75
CA VAL C 502 11.50 25.24 -14.28
C VAL C 502 11.96 26.68 -14.14
N TYR C 503 11.31 27.59 -14.85
CA TYR C 503 11.73 28.99 -14.86
C TYR C 503 11.34 29.75 -13.61
N ALA C 504 10.67 29.11 -12.66
CA ALA C 504 10.19 29.80 -11.48
C ALA C 504 11.34 30.17 -10.55
N ARG C 505 11.11 31.18 -9.71
CA ARG C 505 12.05 31.59 -8.69
C ARG C 505 11.28 32.21 -7.53
N VAL C 506 11.99 32.50 -6.45
CA VAL C 506 11.39 33.02 -5.23
C VAL C 506 11.93 34.43 -4.98
N ASN C 507 11.03 35.36 -4.67
CA ASN C 507 11.45 36.70 -4.30
C ASN C 507 11.78 36.75 -2.82
N PRO C 508 12.50 37.80 -2.36
CA PRO C 508 12.83 37.89 -0.93
C PRO C 508 11.62 37.96 -0.01
N PHE C 509 10.40 38.08 -0.55
CA PHE C 509 9.22 38.07 0.31
C PHE C 509 8.77 36.65 0.65
N GLY C 510 8.84 35.73 -0.32
CA GLY C 510 8.45 34.36 -0.09
C GLY C 510 7.51 33.82 -1.14
N PHE C 511 7.06 34.68 -2.05
CA PHE C 511 6.20 34.27 -3.14
C PHE C 511 7.05 33.83 -4.34
N ILE C 512 6.42 33.06 -5.23
CA ILE C 512 7.12 32.46 -6.36
C ILE C 512 6.83 33.29 -7.61
N GLU C 513 7.89 33.73 -8.29
CA GLU C 513 7.79 34.53 -9.50
C GLU C 513 8.09 33.67 -10.72
N THR C 514 7.43 34.01 -11.83
CA THR C 514 7.66 33.34 -13.10
C THR C 514 7.83 34.38 -14.20
N PRO C 515 8.77 34.18 -15.11
CA PRO C 515 9.08 35.22 -16.10
C PRO C 515 8.07 35.28 -17.22
N TYR C 516 7.97 36.48 -17.81
CA TYR C 516 7.07 36.73 -18.94
C TYR C 516 7.70 37.76 -19.86
N ARG C 517 7.37 37.67 -21.15
CA ARG C 517 7.79 38.65 -22.13
C ARG C 517 6.74 39.75 -22.24
N LYS C 518 7.14 40.99 -21.95
CA LYS C 518 6.18 42.10 -21.95
C LYS C 518 5.79 42.47 -23.37
N VAL C 519 4.51 42.36 -23.68
CA VAL C 519 3.96 42.76 -24.97
C VAL C 519 3.39 44.16 -24.80
N VAL C 520 3.97 45.13 -25.49
CA VAL C 520 3.58 46.53 -25.35
C VAL C 520 2.21 46.74 -25.96
N ASP C 521 2.13 46.78 -27.30
CA ASP C 521 0.88 46.96 -28.03
C ASP C 521 0.85 45.93 -29.15
N GLY C 522 0.52 44.68 -28.81
CA GLY C 522 0.58 43.61 -29.77
C GLY C 522 1.94 43.40 -30.37
N VAL C 523 3.00 43.75 -29.63
CA VAL C 523 4.37 43.67 -30.11
C VAL C 523 5.18 42.89 -29.08
N VAL C 524 5.69 41.72 -29.48
CA VAL C 524 6.51 40.92 -28.59
C VAL C 524 7.85 41.61 -28.39
N SER C 525 8.23 41.80 -27.14
CA SER C 525 9.51 42.40 -26.79
C SER C 525 10.39 41.36 -26.10
N ASP C 526 11.70 41.51 -26.27
CA ASP C 526 12.65 40.67 -25.57
C ASP C 526 12.87 41.09 -24.13
N GLU C 527 12.17 42.13 -23.67
CA GLU C 527 12.23 42.52 -22.26
C GLU C 527 11.44 41.52 -21.43
N ILE C 528 12.08 40.99 -20.38
CA ILE C 528 11.49 39.94 -19.54
C ILE C 528 11.42 40.47 -18.11
N VAL C 529 10.26 40.30 -17.48
CA VAL C 529 10.03 40.74 -16.11
C VAL C 529 9.38 39.60 -15.33
N TYR C 530 9.77 39.45 -14.07
CA TYR C 530 9.21 38.42 -13.20
C TYR C 530 8.02 38.97 -12.44
N LEU C 531 6.92 38.23 -12.46
CA LEU C 531 5.68 38.64 -11.81
C LEU C 531 5.33 37.63 -10.72
N THR C 532 4.87 38.14 -9.57
CA THR C 532 4.38 37.28 -8.52
C THR C 532 3.01 36.72 -8.90
N ALA C 533 2.40 35.99 -7.98
CA ALA C 533 1.13 35.34 -8.28
C ALA C 533 0.00 36.36 -8.44
N ASP C 534 -0.10 37.29 -7.48
CA ASP C 534 -1.14 38.31 -7.58
C ASP C 534 -0.81 39.38 -8.61
N GLU C 535 0.48 39.62 -8.87
CA GLU C 535 0.87 40.53 -9.94
C GLU C 535 0.42 40.02 -11.30
N GLU C 536 0.39 38.70 -11.47
CA GLU C 536 0.02 38.11 -12.75
C GLU C 536 -1.46 38.31 -13.06
N ASP C 537 -2.31 38.39 -12.03
CA ASP C 537 -3.75 38.51 -12.26
C ASP C 537 -4.13 39.90 -12.74
N ARG C 538 -3.37 40.93 -12.36
CA ARG C 538 -3.69 42.28 -12.78
C ARG C 538 -3.40 42.53 -14.25
N HIS C 539 -3.02 41.50 -15.01
CA HIS C 539 -2.81 41.61 -16.45
C HIS C 539 -3.39 40.37 -17.10
N VAL C 540 -3.22 40.26 -18.42
CA VAL C 540 -3.58 39.07 -19.16
C VAL C 540 -2.37 38.65 -20.00
N VAL C 541 -2.09 37.36 -20.03
CA VAL C 541 -0.88 36.82 -20.64
C VAL C 541 -1.26 35.86 -21.74
N ALA C 542 -0.49 35.89 -22.84
CA ALA C 542 -0.73 35.00 -23.96
C ALA C 542 0.03 33.71 -23.79
N GLN C 543 -0.56 32.61 -24.26
CA GLN C 543 0.10 31.32 -24.23
C GLN C 543 1.38 31.37 -25.07
N ALA C 544 2.36 30.55 -24.67
CA ALA C 544 3.68 30.62 -25.27
C ALA C 544 3.64 30.34 -26.77
N ASN C 545 2.82 29.37 -27.19
CA ASN C 545 2.78 28.99 -28.60
C ASN C 545 1.87 29.90 -29.40
N SER C 546 2.06 31.21 -29.27
CA SER C 546 1.28 32.16 -30.06
C SER C 546 1.96 32.41 -31.40
N PRO C 547 1.22 32.39 -32.51
CA PRO C 547 1.81 32.77 -33.81
C PRO C 547 2.19 34.23 -33.80
N ILE C 548 3.47 34.51 -34.07
CA ILE C 548 4.03 35.84 -33.89
C ILE C 548 4.77 36.25 -35.16
N ASP C 549 4.58 37.49 -35.58
CA ASP C 549 5.32 38.06 -36.69
C ASP C 549 6.81 38.15 -36.33
N ALA C 550 7.65 38.18 -37.38
CA ALA C 550 9.08 38.36 -37.16
C ALA C 550 9.38 39.68 -36.49
N ASP C 551 8.51 40.68 -36.67
CA ASP C 551 8.65 41.93 -35.92
C ASP C 551 8.11 41.79 -34.50
N GLY C 552 7.08 40.98 -34.30
CA GLY C 552 6.54 40.74 -32.98
C GLY C 552 5.04 40.79 -32.89
N ARG C 553 4.38 41.16 -33.98
CA ARG C 553 2.93 41.34 -33.97
C ARG C 553 2.21 40.00 -34.07
N PHE C 554 1.15 39.87 -33.27
CA PHE C 554 0.35 38.65 -33.28
C PHE C 554 -0.33 38.47 -34.64
N VAL C 555 -0.38 37.23 -35.10
CA VAL C 555 -0.99 36.95 -36.41
C VAL C 555 -2.51 37.06 -36.33
N GLU C 556 -3.09 36.50 -35.27
CA GLU C 556 -4.54 36.59 -35.15
C GLU C 556 -4.93 37.75 -34.24
N PRO C 557 -6.05 38.43 -34.52
CA PRO C 557 -6.55 39.42 -33.57
C PRO C 557 -6.94 38.79 -32.24
N ARG C 558 -7.63 37.66 -32.27
CA ARG C 558 -8.04 36.94 -31.07
C ARG C 558 -7.05 35.81 -30.82
N VAL C 559 -6.47 35.79 -29.61
CA VAL C 559 -5.48 34.79 -29.24
C VAL C 559 -5.88 34.17 -27.90
N LEU C 560 -5.54 32.90 -27.74
CA LEU C 560 -5.78 32.20 -26.48
C LEU C 560 -4.96 32.85 -25.36
N VAL C 561 -5.65 33.33 -24.34
CA VAL C 561 -5.05 34.14 -23.28
C VAL C 561 -5.61 33.69 -21.93
N ARG C 562 -4.73 33.65 -20.93
CA ARG C 562 -5.13 33.34 -19.56
C ARG C 562 -5.52 34.61 -18.83
N ARG C 563 -6.59 34.53 -18.05
CA ARG C 563 -7.08 35.66 -17.26
C ARG C 563 -7.26 35.21 -15.82
N LYS C 564 -7.37 36.20 -14.93
CA LYS C 564 -7.58 35.96 -13.51
C LYS C 564 -8.75 34.99 -13.29
N ALA C 565 -8.66 34.22 -12.21
CA ALA C 565 -9.63 33.20 -11.82
C ALA C 565 -9.69 32.03 -12.79
N GLY C 566 -8.60 31.79 -13.52
CA GLY C 566 -8.49 30.62 -14.38
C GLY C 566 -9.47 30.60 -15.54
N GLU C 567 -9.59 31.72 -16.25
CA GLU C 567 -10.47 31.84 -17.40
C GLU C 567 -9.63 31.84 -18.67
N VAL C 568 -10.03 31.02 -19.64
CA VAL C 568 -9.35 30.93 -20.93
C VAL C 568 -10.34 31.33 -22.02
N GLU C 569 -9.96 32.31 -22.82
CA GLU C 569 -10.83 32.83 -23.87
C GLU C 569 -9.99 33.63 -24.86
N TYR C 570 -10.55 33.83 -26.04
CA TYR C 570 -9.92 34.68 -27.05
C TYR C 570 -10.08 36.14 -26.65
N VAL C 571 -9.13 36.97 -27.11
CA VAL C 571 -9.08 38.37 -26.70
C VAL C 571 -8.31 39.16 -27.74
N PRO C 572 -8.58 40.46 -27.93
CA PRO C 572 -7.90 41.22 -28.99
C PRO C 572 -6.39 41.24 -28.80
N SER C 573 -5.68 41.40 -29.93
CA SER C 573 -4.22 41.45 -29.90
C SER C 573 -3.72 42.69 -29.18
N SER C 574 -4.50 43.76 -29.15
CA SER C 574 -4.14 44.98 -28.44
C SER C 574 -4.42 44.89 -26.94
N GLU C 575 -4.79 43.71 -26.44
CA GLU C 575 -5.05 43.49 -25.03
C GLU C 575 -3.97 42.66 -24.35
N VAL C 576 -3.13 41.98 -25.12
CA VAL C 576 -2.11 41.09 -24.56
C VAL C 576 -1.02 41.94 -23.90
N ASP C 577 -0.89 41.82 -22.58
CA ASP C 577 0.12 42.56 -21.83
C ASP C 577 1.46 41.81 -21.77
N TYR C 578 1.41 40.50 -21.54
CA TYR C 578 2.61 39.67 -21.46
C TYR C 578 2.32 38.36 -22.19
N MET C 579 3.36 37.51 -22.28
CA MET C 579 3.19 36.17 -22.81
C MET C 579 4.24 35.26 -22.21
N ASP C 580 3.98 33.96 -22.26
CA ASP C 580 4.85 32.98 -21.64
C ASP C 580 6.22 32.95 -22.32
N VAL C 581 7.24 32.64 -21.53
CA VAL C 581 8.60 32.53 -22.02
C VAL C 581 8.72 31.32 -22.94
N SER C 582 8.52 30.14 -22.38
CA SER C 582 8.61 28.88 -23.10
C SER C 582 7.32 28.09 -22.94
N PRO C 583 7.00 27.21 -23.90
CA PRO C 583 5.82 26.34 -23.70
C PRO C 583 5.86 25.53 -22.42
N ARG C 584 6.98 24.86 -22.16
CA ARG C 584 7.22 24.03 -20.98
C ARG C 584 7.34 24.85 -19.68
N GLN C 585 6.91 26.11 -19.67
CA GLN C 585 7.08 26.97 -18.50
C GLN C 585 6.34 26.46 -17.27
N MET C 586 5.30 25.65 -17.45
CA MET C 586 4.43 25.24 -16.35
C MET C 586 4.84 23.93 -15.69
N VAL C 587 5.74 23.17 -16.28
CA VAL C 587 6.06 21.83 -15.80
C VAL C 587 7.34 21.88 -14.98
N SER C 588 7.58 20.81 -14.22
CA SER C 588 8.81 20.67 -13.45
C SER C 588 9.93 20.15 -14.34
N VAL C 589 11.14 20.07 -13.77
CA VAL C 589 12.29 19.58 -14.51
C VAL C 589 12.11 18.11 -14.88
N ALA C 590 11.68 17.29 -13.93
CA ALA C 590 11.45 15.88 -14.21
C ALA C 590 10.30 15.69 -15.18
N THR C 591 9.23 16.48 -15.02
CA THR C 591 8.11 16.40 -15.95
C THR C 591 8.53 16.81 -17.36
N ALA C 592 9.39 17.82 -17.48
CA ALA C 592 9.87 18.30 -18.77
C ALA C 592 10.79 17.31 -19.47
N MET C 593 11.11 16.17 -18.86
CA MET C 593 11.97 15.17 -19.46
C MET C 593 11.21 14.07 -20.18
N ILE C 594 9.89 14.13 -20.21
CA ILE C 594 9.06 13.12 -20.85
C ILE C 594 8.78 13.59 -22.27
N PRO C 595 9.38 12.98 -23.29
CA PRO C 595 9.08 13.38 -24.67
C PRO C 595 7.62 13.05 -25.02
N PHE C 596 7.06 13.85 -25.91
CA PHE C 596 5.65 13.73 -26.31
C PHE C 596 4.74 13.71 -25.09
N LEU C 597 5.05 14.56 -24.11
CA LEU C 597 4.25 14.64 -22.89
C LEU C 597 2.82 15.08 -23.19
N GLU C 598 2.64 15.90 -24.21
CA GLU C 598 1.31 16.39 -24.59
C GLU C 598 0.41 15.28 -25.13
N HIS C 599 0.91 14.06 -25.31
CA HIS C 599 0.10 12.94 -25.76
C HIS C 599 -0.19 11.93 -24.65
N ASP C 600 0.23 12.23 -23.42
CA ASP C 600 0.00 11.36 -22.28
C ASP C 600 -0.93 12.05 -21.28
N ASP C 601 -1.88 11.30 -20.75
CA ASP C 601 -2.79 11.86 -19.76
C ASP C 601 -2.04 12.17 -18.46
N ALA C 602 -2.61 13.10 -17.69
CA ALA C 602 -1.94 13.56 -16.47
C ALA C 602 -1.72 12.43 -15.47
N ASN C 603 -2.62 11.43 -15.46
CA ASN C 603 -2.50 10.32 -14.54
C ASN C 603 -1.18 9.57 -14.75
N ARG C 604 -0.97 9.05 -15.96
CA ARG C 604 0.27 8.32 -16.25
C ARG C 604 1.47 9.26 -16.38
N ALA C 605 1.24 10.55 -16.67
CA ALA C 605 2.35 11.50 -16.72
C ALA C 605 2.95 11.70 -15.34
N LEU C 606 2.10 11.76 -14.31
CA LEU C 606 2.57 11.83 -12.93
C LEU C 606 3.49 10.67 -12.61
N MET C 607 3.05 9.45 -12.91
CA MET C 607 3.87 8.27 -12.67
C MET C 607 5.15 8.29 -13.51
N GLY C 608 5.09 8.89 -14.69
CA GLY C 608 6.28 8.94 -15.53
C GLY C 608 7.40 9.75 -14.91
N ALA C 609 7.07 10.93 -14.37
CA ALA C 609 8.08 11.75 -13.72
C ALA C 609 8.51 11.17 -12.38
N ASN C 610 7.54 10.60 -11.63
CA ASN C 610 7.86 10.04 -10.31
C ASN C 610 8.74 8.80 -10.42
N MET C 611 8.62 8.04 -11.51
CA MET C 611 9.44 6.85 -11.68
C MET C 611 10.80 7.14 -12.30
N GLN C 612 10.95 8.28 -12.99
CA GLN C 612 12.28 8.68 -13.44
C GLN C 612 13.21 8.91 -12.26
N ARG C 613 12.69 9.42 -11.14
CA ARG C 613 13.47 9.59 -9.93
C ARG C 613 13.77 8.25 -9.24
N GLN C 614 13.15 7.17 -9.68
CA GLN C 614 13.39 5.84 -9.12
C GLN C 614 14.34 5.01 -9.98
N ALA C 615 14.91 5.59 -11.03
CA ALA C 615 15.85 4.86 -11.88
C ALA C 615 17.11 4.51 -11.11
N VAL C 616 17.72 3.41 -11.50
CA VAL C 616 18.92 2.88 -10.85
C VAL C 616 20.11 3.15 -11.76
N PRO C 617 21.22 3.67 -11.25
CA PRO C 617 22.41 3.91 -12.10
C PRO C 617 23.02 2.58 -12.54
N LEU C 618 23.08 2.38 -13.85
CA LEU C 618 23.59 1.14 -14.42
C LEU C 618 25.11 1.17 -14.46
N VAL C 619 25.69 0.02 -14.81
CA VAL C 619 27.15 -0.11 -14.91
C VAL C 619 27.68 0.89 -15.94
N ARG C 620 27.22 0.78 -17.17
CA ARG C 620 27.44 1.78 -18.21
C ARG C 620 26.11 2.46 -18.52
N SER C 621 26.19 3.71 -18.99
CA SER C 621 25.00 4.51 -19.22
C SER C 621 24.97 5.01 -20.66
N GLU C 622 23.78 4.95 -21.27
CA GLU C 622 23.54 5.44 -22.61
C GLU C 622 22.50 6.54 -22.58
N ALA C 623 22.78 7.65 -23.25
CA ALA C 623 21.80 8.71 -23.39
C ALA C 623 20.68 8.26 -24.34
N PRO C 624 19.44 8.68 -24.08
CA PRO C 624 18.33 8.24 -24.93
C PRO C 624 18.40 8.84 -26.33
N LEU C 625 17.94 8.05 -27.30
CA LEU C 625 17.82 8.55 -28.67
C LEU C 625 16.78 9.65 -28.75
N VAL C 626 15.59 9.41 -28.19
CA VAL C 626 14.52 10.41 -28.16
C VAL C 626 14.65 11.19 -26.86
N GLY C 627 14.99 12.48 -26.98
CA GLY C 627 15.16 13.34 -25.83
C GLY C 627 14.21 14.53 -25.88
N THR C 628 14.38 15.39 -24.88
CA THR C 628 13.61 16.63 -24.78
C THR C 628 14.50 17.86 -24.73
N GLY C 629 15.82 17.69 -24.72
CA GLY C 629 16.75 18.78 -24.52
C GLY C 629 17.04 19.08 -23.06
N MET C 630 16.11 18.79 -22.17
CA MET C 630 16.30 19.03 -20.74
C MET C 630 17.33 18.10 -20.12
N GLU C 631 17.64 16.98 -20.78
CA GLU C 631 18.53 15.98 -20.17
C GLU C 631 19.91 16.55 -19.90
N LEU C 632 20.35 17.54 -20.68
CA LEU C 632 21.68 18.12 -20.49
C LEU C 632 21.73 18.97 -19.22
N ARG C 633 20.88 19.99 -19.14
CA ARG C 633 20.90 20.89 -17.99
C ARG C 633 20.52 20.18 -16.70
N ALA C 634 19.65 19.17 -16.79
CA ALA C 634 19.26 18.42 -15.60
C ALA C 634 20.45 17.71 -14.97
N ALA C 635 21.35 17.17 -15.81
CA ALA C 635 22.54 16.50 -15.29
C ALA C 635 23.57 17.49 -14.76
N ILE C 636 23.80 18.59 -15.48
CA ILE C 636 24.81 19.56 -15.04
C ILE C 636 24.37 20.24 -13.75
N ASP C 637 23.12 20.72 -13.71
CA ASP C 637 22.63 21.43 -12.53
C ASP C 637 22.44 20.52 -11.32
N ALA C 638 22.28 19.21 -11.53
CA ALA C 638 22.15 18.29 -10.40
C ALA C 638 23.42 18.24 -9.56
N GLY C 639 24.58 18.37 -10.20
CA GLY C 639 25.83 18.41 -9.47
C GLY C 639 26.52 17.07 -9.28
N ASP C 640 26.15 16.05 -10.05
CA ASP C 640 26.80 14.75 -9.97
C ASP C 640 27.78 14.51 -11.11
N VAL C 641 27.98 15.49 -11.99
CA VAL C 641 29.01 15.42 -13.02
C VAL C 641 30.20 16.24 -12.54
N VAL C 642 31.20 16.42 -13.42
CA VAL C 642 32.39 17.19 -13.10
C VAL C 642 32.56 18.20 -14.23
N VAL C 643 32.25 19.46 -13.95
CA VAL C 643 32.34 20.54 -14.93
C VAL C 643 33.64 21.30 -14.71
N ALA C 644 34.23 21.77 -15.80
CA ALA C 644 35.47 22.55 -15.73
C ALA C 644 35.17 23.95 -15.23
N GLU C 645 35.84 24.36 -14.15
CA GLU C 645 35.62 25.69 -13.61
C GLU C 645 36.23 26.76 -14.53
N GLU C 646 37.46 26.53 -15.00
CA GLU C 646 38.16 27.48 -15.83
C GLU C 646 38.65 26.78 -17.10
N SER C 647 38.71 27.54 -18.19
CA SER C 647 39.16 26.98 -19.46
C SER C 647 40.64 26.63 -19.40
N GLY C 648 41.01 25.59 -20.16
CA GLY C 648 42.39 25.17 -20.19
C GLY C 648 42.55 23.90 -21.00
N VAL C 649 43.68 23.24 -20.80
CA VAL C 649 43.99 21.98 -21.48
C VAL C 649 44.18 20.90 -20.43
N ILE C 650 43.95 19.65 -20.82
CA ILE C 650 44.04 18.52 -19.90
C ILE C 650 45.50 18.12 -19.78
N GLU C 651 46.08 18.34 -18.60
CA GLU C 651 47.48 17.98 -18.35
C GLU C 651 47.64 16.48 -18.15
N GLU C 652 46.89 15.92 -17.20
CA GLU C 652 46.93 14.50 -16.92
C GLU C 652 45.53 14.01 -16.58
N VAL C 653 45.16 12.85 -17.10
CA VAL C 653 43.86 12.23 -16.84
C VAL C 653 44.07 10.80 -16.41
N SER C 654 43.42 10.39 -15.32
CA SER C 654 43.48 9.04 -14.81
C SER C 654 42.09 8.64 -14.33
N ALA C 655 41.92 7.35 -14.04
CA ALA C 655 40.68 6.91 -13.43
C ALA C 655 40.48 7.50 -12.04
N ASP C 656 41.54 8.05 -11.46
CA ASP C 656 41.48 8.62 -10.11
C ASP C 656 41.19 10.12 -10.12
N TYR C 657 41.85 10.88 -10.99
CA TYR C 657 41.68 12.33 -10.99
C TYR C 657 41.96 12.88 -12.38
N ILE C 658 41.48 14.11 -12.60
CA ILE C 658 41.70 14.86 -13.83
C ILE C 658 42.35 16.18 -13.47
N THR C 659 43.47 16.49 -14.14
CA THR C 659 44.20 17.73 -13.91
C THR C 659 44.07 18.63 -15.13
N VAL C 660 43.75 19.90 -14.91
CA VAL C 660 43.54 20.86 -15.97
C VAL C 660 44.57 21.97 -15.82
N MET C 661 45.33 22.21 -16.89
CA MET C 661 46.31 23.31 -16.94
C MET C 661 45.62 24.52 -17.55
N HIS C 662 45.42 25.56 -16.75
CA HIS C 662 44.72 26.75 -17.20
C HIS C 662 45.61 27.59 -18.11
N ASP C 663 45.00 28.59 -18.73
CA ASP C 663 45.75 29.48 -19.62
C ASP C 663 46.72 30.37 -18.84
N ASN C 664 46.29 30.88 -17.68
CA ASN C 664 47.16 31.75 -16.90
C ASN C 664 48.37 30.98 -16.39
N GLY C 665 48.20 29.72 -16.03
CA GLY C 665 49.32 28.91 -15.56
C GLY C 665 48.99 28.05 -14.36
N THR C 666 47.85 28.30 -13.71
CA THR C 666 47.47 27.54 -12.54
C THR C 666 46.86 26.20 -12.93
N ARG C 667 46.89 25.26 -11.99
CA ARG C 667 46.37 23.91 -12.20
C ARG C 667 45.27 23.63 -11.18
N ARG C 668 44.14 23.14 -11.66
CA ARG C 668 43.08 22.65 -10.81
C ARG C 668 42.84 21.18 -11.11
N THR C 669 42.77 20.36 -10.07
CA THR C 669 42.63 18.91 -10.22
C THR C 669 41.31 18.47 -9.61
N TYR C 670 40.52 17.75 -10.41
CA TYR C 670 39.21 17.25 -9.98
C TYR C 670 39.33 15.76 -9.70
N ARG C 671 39.00 15.36 -8.48
CA ARG C 671 39.07 13.96 -8.09
C ARG C 671 37.74 13.26 -8.36
N MET C 672 37.83 12.05 -8.92
CA MET C 672 36.65 11.30 -9.28
C MET C 672 36.13 10.50 -8.10
N ARG C 673 34.81 10.49 -7.94
CA ARG C 673 34.15 9.68 -6.92
C ARG C 673 33.90 8.30 -7.50
N LYS C 674 34.62 7.30 -6.99
CA LYS C 674 34.65 5.97 -7.57
C LYS C 674 33.98 4.98 -6.62
N PHE C 675 32.90 4.36 -7.09
CA PHE C 675 32.22 3.27 -6.38
C PHE C 675 31.85 3.68 -4.96
N ALA C 676 31.15 4.80 -4.85
CA ALA C 676 30.70 5.31 -3.56
C ALA C 676 29.24 4.94 -3.35
N ARG C 677 28.90 4.55 -2.12
CA ARG C 677 27.53 4.20 -1.79
C ARG C 677 26.68 5.46 -1.66
N SER C 678 25.55 5.49 -2.34
CA SER C 678 24.62 6.60 -2.23
C SER C 678 23.77 6.42 -0.97
N ASN C 679 22.89 7.39 -0.72
CA ASN C 679 21.98 7.31 0.42
C ASN C 679 21.08 6.09 0.32
N HIS C 680 20.66 5.72 -0.89
CA HIS C 680 19.72 4.63 -1.11
C HIS C 680 20.39 3.38 -1.68
N GLY C 681 21.69 3.20 -1.45
CA GLY C 681 22.37 2.00 -1.86
C GLY C 681 22.71 1.91 -3.33
N THR C 682 22.46 2.96 -4.11
CA THR C 682 22.87 2.96 -5.50
C THR C 682 24.34 3.33 -5.62
N CYS C 683 24.94 2.98 -6.75
CA CYS C 683 26.36 3.19 -6.98
C CYS C 683 26.57 4.55 -7.65
N ALA C 684 27.14 5.50 -6.91
CA ALA C 684 27.57 6.77 -7.46
C ALA C 684 29.03 6.63 -7.91
N ASN C 685 29.24 6.58 -9.22
CA ASN C 685 30.57 6.38 -9.79
C ASN C 685 30.78 7.36 -10.92
N GLN C 686 31.81 8.17 -10.82
CA GLN C 686 32.17 9.14 -11.85
C GLN C 686 33.26 8.56 -12.75
N CYS C 687 33.23 8.97 -14.02
CA CYS C 687 34.18 8.52 -15.01
C CYS C 687 34.66 9.69 -15.86
N PRO C 688 35.96 9.79 -16.11
CA PRO C 688 36.47 10.85 -16.97
C PRO C 688 35.95 10.71 -18.39
N ILE C 689 35.74 11.86 -19.04
CA ILE C 689 35.30 11.92 -20.42
C ILE C 689 36.41 12.39 -21.35
N VAL C 690 37.14 13.44 -20.95
CA VAL C 690 38.20 14.02 -21.77
C VAL C 690 39.41 13.09 -21.78
N ASP C 691 40.35 13.36 -22.69
CA ASP C 691 41.59 12.62 -22.79
C ASP C 691 42.77 13.57 -22.59
N ALA C 692 43.98 13.03 -22.76
CA ALA C 692 45.19 13.80 -22.54
C ALA C 692 45.35 14.86 -23.61
N GLY C 693 45.47 16.12 -23.19
CA GLY C 693 45.72 17.21 -24.11
C GLY C 693 44.51 17.69 -24.88
N ASP C 694 43.35 17.79 -24.22
CA ASP C 694 42.13 18.26 -24.85
C ASP C 694 41.81 19.67 -24.38
N ARG C 695 41.60 20.57 -25.32
CA ARG C 695 41.19 21.93 -24.99
C ARG C 695 39.74 21.92 -24.52
N VAL C 696 39.51 22.36 -23.28
CA VAL C 696 38.19 22.32 -22.66
C VAL C 696 37.81 23.75 -22.27
N GLU C 697 36.61 24.16 -22.66
CA GLU C 697 36.09 25.48 -22.33
C GLU C 697 35.57 25.49 -20.90
N ALA C 698 35.32 26.70 -20.40
CA ALA C 698 34.83 26.85 -19.03
C ALA C 698 33.38 26.39 -18.93
N GLY C 699 33.04 25.76 -17.81
CA GLY C 699 31.70 25.27 -17.61
C GLY C 699 31.34 24.06 -18.44
N GLN C 700 32.33 23.33 -18.95
CA GLN C 700 32.11 22.16 -19.79
C GLN C 700 32.32 20.88 -18.98
N VAL C 701 31.57 19.84 -19.34
CA VAL C 701 31.61 18.57 -18.62
C VAL C 701 32.88 17.82 -19.04
N ILE C 702 33.80 17.64 -18.08
CA ILE C 702 35.03 16.88 -18.31
C ILE C 702 34.93 15.46 -17.78
N ALA C 703 33.87 15.13 -17.06
CA ALA C 703 33.64 13.82 -16.47
C ALA C 703 32.21 13.78 -15.96
N ASP C 704 31.58 12.62 -16.07
CA ASP C 704 30.19 12.45 -15.68
C ASP C 704 30.05 11.29 -14.72
N GLY C 705 29.04 11.37 -13.85
CA GLY C 705 28.82 10.39 -12.82
C GLY C 705 27.71 9.40 -13.15
N PRO C 706 26.94 9.01 -12.14
CA PRO C 706 25.87 8.03 -12.36
C PRO C 706 24.74 8.61 -13.22
N CYS C 707 24.15 7.75 -14.04
CA CYS C 707 23.03 8.11 -14.91
C CYS C 707 23.37 9.32 -15.77
N THR C 708 24.58 9.35 -16.31
CA THR C 708 25.03 10.43 -17.18
C THR C 708 25.85 9.84 -18.32
N ASP C 709 25.61 10.34 -19.53
CA ASP C 709 26.35 9.92 -20.72
C ASP C 709 26.64 11.17 -21.54
N ASP C 710 27.92 11.55 -21.59
CA ASP C 710 28.37 12.77 -22.27
C ASP C 710 27.68 14.01 -21.72
N GLY C 711 27.25 13.95 -20.46
CA GLY C 711 26.64 15.09 -19.80
C GLY C 711 25.12 15.14 -19.81
N GLU C 712 24.44 14.06 -20.18
CA GLU C 712 23.00 14.05 -20.27
C GLU C 712 22.42 12.95 -19.38
N MET C 713 21.21 13.17 -18.88
CA MET C 713 20.56 12.24 -17.96
C MET C 713 20.30 10.92 -18.68
N ALA C 714 21.00 9.88 -18.27
CA ALA C 714 20.89 8.56 -18.87
C ALA C 714 20.25 7.60 -17.88
N LEU C 715 18.96 7.80 -17.63
CA LEU C 715 18.24 7.03 -16.64
C LEU C 715 17.96 5.60 -17.07
N GLY C 716 18.25 5.24 -18.31
CA GLY C 716 18.00 3.90 -18.79
C GLY C 716 18.78 3.58 -20.05
N LYS C 717 18.23 2.66 -20.84
CA LYS C 717 18.86 2.20 -22.06
C LYS C 717 17.86 2.23 -23.20
N ASN C 718 18.38 2.24 -24.43
CA ASN C 718 17.56 2.16 -25.63
C ASN C 718 17.37 0.70 -26.00
N LEU C 719 16.13 0.23 -25.92
CA LEU C 719 15.80 -1.17 -26.14
C LEU C 719 14.93 -1.32 -27.38
N LEU C 720 15.21 -2.36 -28.18
CA LEU C 720 14.39 -2.68 -29.34
C LEU C 720 13.09 -3.32 -28.88
N VAL C 721 11.99 -2.61 -29.03
CA VAL C 721 10.70 -3.01 -28.47
C VAL C 721 9.76 -3.43 -29.58
N ALA C 722 8.97 -4.46 -29.31
CA ALA C 722 7.87 -4.88 -30.17
C ALA C 722 6.57 -4.81 -29.36
N ILE C 723 5.53 -4.29 -29.98
CA ILE C 723 4.24 -4.08 -29.30
C ILE C 723 3.34 -5.22 -29.74
N MET C 724 3.31 -6.28 -28.93
CA MET C 724 2.50 -7.45 -29.26
C MET C 724 2.36 -8.37 -28.06
N PRO C 725 1.21 -9.02 -27.89
CA PRO C 725 1.12 -10.09 -26.89
C PRO C 725 1.96 -11.28 -27.31
N TRP C 726 2.53 -11.97 -26.32
CA TRP C 726 3.46 -13.07 -26.59
C TRP C 726 3.20 -14.20 -25.58
N GLU C 727 2.34 -15.13 -25.96
CA GLU C 727 2.12 -16.38 -25.23
C GLU C 727 1.74 -16.15 -23.77
N GLY C 728 1.21 -14.96 -23.44
CA GLY C 728 0.75 -14.67 -22.11
C GLY C 728 1.82 -14.31 -21.10
N HIS C 729 3.10 -14.33 -21.49
CA HIS C 729 4.15 -13.95 -20.54
C HIS C 729 4.18 -12.45 -20.28
N ASN C 730 3.50 -11.65 -21.10
CA ASN C 730 3.35 -10.22 -20.83
C ASN C 730 1.87 -9.90 -20.65
N TYR C 731 1.26 -10.47 -19.62
CA TYR C 731 -0.18 -10.41 -19.40
C TYR C 731 -0.49 -9.32 -18.37
N GLU C 732 -1.35 -8.38 -18.77
CA GLU C 732 -1.57 -7.10 -18.10
C GLU C 732 -0.33 -6.56 -17.39
N ASP C 733 0.49 -5.82 -18.14
CA ASP C 733 1.62 -4.99 -17.68
C ASP C 733 2.88 -5.80 -17.35
N ALA C 734 2.89 -7.12 -17.52
CA ALA C 734 4.14 -7.86 -17.39
C ALA C 734 5.03 -7.58 -18.60
N ILE C 735 6.32 -7.85 -18.43
CA ILE C 735 7.32 -7.51 -19.44
C ILE C 735 8.17 -8.74 -19.75
N ILE C 736 8.45 -8.94 -21.04
CA ILE C 736 9.31 -10.00 -21.52
C ILE C 736 10.61 -9.37 -22.01
N LEU C 737 11.74 -9.92 -21.58
CA LEU C 737 13.05 -9.39 -21.92
C LEU C 737 13.89 -10.41 -22.68
N SER C 738 14.68 -9.93 -23.63
CA SER C 738 15.68 -10.76 -24.28
C SER C 738 16.84 -10.99 -23.32
N ASN C 739 17.33 -12.23 -23.25
CA ASN C 739 18.45 -12.56 -22.38
C ASN C 739 19.72 -11.81 -22.77
N ARG C 740 19.74 -11.15 -23.92
CA ARG C 740 20.86 -10.31 -24.30
C ARG C 740 21.13 -9.23 -23.25
N LEU C 741 20.06 -8.70 -22.65
CA LEU C 741 20.21 -7.69 -21.62
C LEU C 741 20.91 -8.24 -20.38
N VAL C 742 20.90 -9.57 -20.20
CA VAL C 742 21.63 -10.20 -19.11
C VAL C 742 23.07 -10.52 -19.53
N GLU C 743 23.23 -11.12 -20.71
CA GLU C 743 24.56 -11.50 -21.17
C GLU C 743 25.49 -10.31 -21.35
N GLU C 744 24.93 -9.15 -21.72
CA GLU C 744 25.73 -7.98 -22.04
C GLU C 744 25.62 -6.88 -20.98
N ASP C 745 25.09 -7.19 -19.80
CA ASP C 745 25.04 -6.25 -18.69
C ASP C 745 24.36 -4.94 -19.07
N VAL C 746 23.33 -5.04 -19.91
CA VAL C 746 22.62 -3.85 -20.36
C VAL C 746 21.82 -3.24 -19.22
N LEU C 747 21.11 -4.08 -18.46
CA LEU C 747 20.36 -3.63 -17.29
C LEU C 747 20.98 -4.12 -15.99
N THR C 748 22.31 -4.23 -15.96
CA THR C 748 23.04 -4.60 -14.76
C THR C 748 23.43 -3.34 -13.99
N SER C 749 23.24 -3.38 -12.67
CA SER C 749 23.50 -2.25 -11.81
C SER C 749 24.26 -2.68 -10.57
N ILE C 750 25.09 -1.77 -10.07
CA ILE C 750 25.89 -2.01 -8.86
C ILE C 750 25.13 -1.47 -7.66
N HIS C 751 25.13 -2.24 -6.58
CA HIS C 751 24.50 -1.84 -5.32
C HIS C 751 25.48 -2.08 -4.19
N ILE C 752 25.48 -1.18 -3.22
CA ILE C 752 26.41 -1.24 -2.09
C ILE C 752 25.62 -1.14 -0.80
N GLU C 753 25.88 -2.06 0.12
CA GLU C 753 25.28 -2.06 1.44
C GLU C 753 26.34 -1.79 2.49
N GLU C 754 25.94 -1.12 3.57
CA GLU C 754 26.83 -0.81 4.68
C GLU C 754 26.46 -1.69 5.87
N HIS C 755 27.45 -2.42 6.38
CA HIS C 755 27.30 -3.25 7.56
C HIS C 755 28.23 -2.74 8.66
N GLU C 756 27.76 -2.83 9.91
CA GLU C 756 28.41 -2.15 11.01
C GLU C 756 28.23 -2.95 12.29
N ILE C 757 29.26 -2.94 13.14
CA ILE C 757 29.19 -3.55 14.46
C ILE C 757 30.27 -2.91 15.31
N ASP C 758 30.07 -2.91 16.63
CA ASP C 758 30.97 -2.26 17.56
C ASP C 758 31.26 -3.18 18.74
N ALA C 759 32.39 -2.93 19.39
CA ALA C 759 32.84 -3.69 20.55
C ALA C 759 32.73 -2.80 21.78
N ARG C 760 31.84 -3.16 22.69
CA ARG C 760 31.53 -2.33 23.84
C ARG C 760 32.17 -2.89 25.11
N ASP C 761 31.98 -2.16 26.21
CA ASP C 761 32.35 -2.62 27.54
C ASP C 761 31.08 -3.16 28.21
N THR C 762 31.14 -4.41 28.65
CA THR C 762 30.00 -5.06 29.28
C THR C 762 30.26 -5.18 30.79
N LYS C 763 29.24 -5.70 31.50
CA LYS C 763 29.34 -5.81 32.95
C LYS C 763 30.38 -6.85 33.36
N LEU C 764 30.59 -7.88 32.55
CA LEU C 764 31.50 -8.96 32.89
C LEU C 764 32.83 -8.88 32.13
N GLY C 765 33.10 -7.77 31.46
CA GLY C 765 34.32 -7.61 30.71
C GLY C 765 34.19 -6.63 29.57
N ALA C 766 34.66 -7.00 28.39
CA ALA C 766 34.57 -6.14 27.23
C ALA C 766 34.41 -6.99 25.98
N GLU C 767 33.45 -6.63 25.13
CA GLU C 767 33.35 -7.24 23.82
C GLU C 767 34.64 -7.01 23.04
N GLU C 768 35.20 -8.06 22.48
CA GLU C 768 36.43 -7.96 21.71
C GLU C 768 36.22 -8.56 20.33
N ILE C 769 36.73 -7.86 19.32
CA ILE C 769 36.68 -8.34 17.94
C ILE C 769 37.92 -9.20 17.71
N THR C 770 37.71 -10.50 17.51
CA THR C 770 38.82 -11.43 17.40
C THR C 770 38.48 -12.54 16.43
N ARG C 771 39.53 -13.08 15.80
CA ARG C 771 39.36 -14.22 14.90
C ARG C 771 38.98 -15.48 15.68
N ASP C 772 39.40 -15.58 16.93
CA ASP C 772 39.11 -16.74 17.76
C ASP C 772 37.65 -16.68 18.20
N ILE C 773 36.81 -17.53 17.62
CA ILE C 773 35.38 -17.59 17.92
C ILE C 773 35.09 -19.00 18.43
N PRO C 774 34.36 -19.16 19.53
CA PRO C 774 34.16 -20.51 20.10
C PRO C 774 33.37 -21.42 19.17
N ASN C 775 33.89 -22.64 18.99
CA ASN C 775 33.18 -23.71 18.29
C ASN C 775 32.89 -23.35 16.84
N ILE C 776 33.87 -22.79 16.15
CA ILE C 776 33.79 -22.50 14.73
C ILE C 776 35.00 -23.08 14.04
N SER C 777 34.78 -23.72 12.88
CA SER C 777 35.87 -24.35 12.15
C SER C 777 36.84 -23.29 11.61
N ASP C 778 38.01 -23.76 11.18
CA ASP C 778 38.96 -22.91 10.48
C ASP C 778 38.52 -22.60 9.05
N GLU C 779 37.40 -23.17 8.60
CA GLU C 779 36.93 -23.02 7.23
C GLU C 779 36.00 -21.81 7.07
N VAL C 780 35.11 -21.58 8.05
CA VAL C 780 34.28 -20.39 8.02
C VAL C 780 35.12 -19.15 8.27
N LEU C 781 36.09 -19.25 9.18
CA LEU C 781 37.00 -18.16 9.50
C LEU C 781 38.11 -18.00 8.47
N ALA C 782 38.06 -18.76 7.36
CA ALA C 782 39.14 -18.72 6.38
C ALA C 782 39.18 -17.40 5.63
N ASP C 783 38.04 -16.74 5.45
CA ASP C 783 38.00 -15.45 4.76
C ASP C 783 38.33 -14.28 5.66
N LEU C 784 38.65 -14.52 6.93
CA LEU C 784 38.97 -13.46 7.88
C LEU C 784 40.47 -13.31 8.02
N ASP C 785 40.90 -12.08 8.27
CA ASP C 785 42.30 -11.81 8.55
C ASP C 785 42.60 -12.17 10.00
N GLU C 786 43.75 -11.74 10.51
CA GLU C 786 44.14 -12.07 11.88
C GLU C 786 43.34 -11.31 12.92
N ARG C 787 42.61 -10.27 12.53
CA ARG C 787 41.83 -9.47 13.47
C ARG C 787 40.41 -9.98 13.65
N GLY C 788 39.96 -10.89 12.81
CA GLY C 788 38.56 -11.28 12.79
C GLY C 788 37.72 -10.53 11.80
N ILE C 789 38.33 -9.78 10.88
CA ILE C 789 37.62 -8.99 9.89
C ILE C 789 37.75 -9.70 8.54
N VAL C 790 36.65 -9.69 7.77
CA VAL C 790 36.71 -10.22 6.42
C VAL C 790 37.70 -9.40 5.59
N ARG C 791 38.38 -10.06 4.67
CA ARG C 791 39.43 -9.43 3.88
C ARG C 791 38.84 -8.82 2.61
N ILE C 792 39.50 -7.76 2.12
CA ILE C 792 39.01 -7.07 0.93
C ILE C 792 39.07 -8.00 -0.27
N GLY C 793 38.00 -7.99 -1.07
CA GLY C 793 37.89 -8.80 -2.26
C GLY C 793 37.17 -10.11 -2.08
N ALA C 794 37.02 -10.57 -0.83
CA ALA C 794 36.37 -11.85 -0.57
C ALA C 794 34.89 -11.77 -0.87
N GLU C 795 34.39 -12.72 -1.66
CA GLU C 795 32.96 -12.82 -1.92
C GLU C 795 32.29 -13.53 -0.74
N VAL C 796 31.21 -12.94 -0.23
CA VAL C 796 30.55 -13.43 0.98
C VAL C 796 29.07 -13.63 0.69
N ARG C 797 28.58 -14.85 0.92
CA ARG C 797 27.17 -15.16 0.82
C ARG C 797 26.47 -14.76 2.13
N ASP C 798 25.18 -15.07 2.24
CA ASP C 798 24.45 -14.80 3.48
C ASP C 798 24.86 -15.81 4.55
N GLY C 799 25.04 -15.31 5.78
CA GLY C 799 25.47 -16.14 6.88
C GLY C 799 26.97 -16.14 7.11
N ASP C 800 27.77 -15.68 6.15
CA ASP C 800 29.21 -15.61 6.33
C ASP C 800 29.55 -14.56 7.37
N ILE C 801 30.63 -14.83 8.12
CA ILE C 801 31.09 -13.92 9.16
C ILE C 801 31.81 -12.75 8.52
N LEU C 802 31.43 -11.53 8.90
CA LEU C 802 32.10 -10.32 8.48
C LEU C 802 33.04 -9.77 9.54
N VAL C 803 32.60 -9.74 10.79
CA VAL C 803 33.40 -9.27 11.91
C VAL C 803 33.20 -10.25 13.06
N GLY C 804 34.28 -10.85 13.54
CA GLY C 804 34.20 -11.80 14.64
C GLY C 804 34.25 -11.16 16.01
N LYS C 805 33.09 -11.01 16.64
CA LYS C 805 32.98 -10.39 17.96
C LYS C 805 32.44 -11.40 18.96
N VAL C 806 33.07 -11.47 20.12
CA VAL C 806 32.64 -12.33 21.21
C VAL C 806 32.34 -11.46 22.43
N THR C 807 31.27 -11.78 23.14
CA THR C 807 30.86 -11.06 24.32
C THR C 807 30.84 -12.00 25.52
N PRO C 808 31.44 -11.63 26.65
CA PRO C 808 31.47 -12.54 27.80
C PRO C 808 30.11 -12.65 28.44
N LYS C 809 29.64 -13.88 28.61
CA LYS C 809 28.37 -14.18 29.22
C LYS C 809 28.60 -14.81 30.59
N GLY C 810 27.80 -14.41 31.57
CA GLY C 810 27.97 -14.91 32.92
C GLY C 810 27.63 -16.38 33.05
N GLU C 811 28.17 -16.98 34.12
CA GLU C 811 27.89 -18.40 34.37
C GLU C 811 26.45 -18.59 34.83
N THR C 812 25.92 -17.66 35.61
CA THR C 812 24.55 -17.75 36.10
C THR C 812 23.51 -17.52 35.01
N GLU C 813 23.93 -17.35 33.75
CA GLU C 813 23.03 -17.16 32.63
C GLU C 813 22.93 -18.40 31.74
N LEU C 814 23.32 -19.55 32.26
CA LEU C 814 23.44 -20.77 31.46
C LEU C 814 22.22 -21.66 31.60
N THR C 815 21.78 -22.20 30.47
CA THR C 815 20.73 -23.20 30.46
C THR C 815 21.17 -24.44 31.23
N PRO C 816 20.25 -25.16 31.87
CA PRO C 816 20.63 -26.46 32.44
C PRO C 816 21.21 -27.42 31.41
N GLU C 817 20.59 -27.51 30.22
CA GLU C 817 21.16 -28.35 29.17
C GLU C 817 22.49 -27.79 28.66
N GLU C 818 22.62 -26.46 28.61
CA GLU C 818 23.87 -25.86 28.13
C GLU C 818 25.02 -26.12 29.08
N ARG C 819 24.75 -26.15 30.39
CA ARG C 819 25.81 -26.46 31.34
C ARG C 819 26.17 -27.94 31.29
N LEU C 820 25.18 -28.81 31.05
CA LEU C 820 25.48 -30.22 30.80
C LEU C 820 26.21 -30.39 29.47
N LEU C 821 25.73 -29.71 28.42
CA LEU C 821 26.40 -29.79 27.12
C LEU C 821 27.81 -29.22 27.18
N ARG C 822 28.05 -28.28 28.10
CA ARG C 822 29.41 -27.78 28.29
C ARG C 822 30.28 -28.78 29.02
N ALA C 823 29.69 -29.57 29.93
CA ALA C 823 30.45 -30.57 30.66
C ALA C 823 30.75 -31.79 29.79
N ILE C 824 29.82 -32.18 28.91
CA ILE C 824 30.03 -33.35 28.07
C ILE C 824 30.90 -33.07 26.87
N PHE C 825 31.44 -31.85 26.75
CA PHE C 825 32.43 -31.52 25.73
C PHE C 825 33.73 -31.01 26.32
N GLY C 826 33.82 -30.88 27.65
CA GLY C 826 35.06 -30.57 28.34
C GLY C 826 35.70 -29.25 27.97
N GLU C 827 34.97 -28.38 27.29
CA GLU C 827 35.51 -27.11 26.84
C GLU C 827 35.32 -26.07 27.94
N LYS C 828 36.35 -25.88 28.76
CA LYS C 828 36.34 -24.83 29.76
C LYS C 828 36.76 -23.50 29.12
N ALA C 829 36.69 -22.44 29.92
CA ALA C 829 37.18 -21.10 29.54
C ALA C 829 36.47 -20.55 28.31
N ARG C 830 35.26 -21.03 27.99
CA ARG C 830 34.47 -20.45 26.90
C ARG C 830 33.35 -19.57 27.43
N GLU C 831 33.67 -18.72 28.42
CA GLU C 831 32.69 -17.82 29.02
C GLU C 831 32.17 -16.77 28.06
N VAL C 832 32.62 -16.77 26.80
CA VAL C 832 32.18 -15.82 25.79
C VAL C 832 31.27 -16.54 24.80
N ARG C 833 30.30 -15.81 24.27
CA ARG C 833 29.39 -16.32 23.26
C ARG C 833 29.59 -15.59 21.94
N ASP C 834 28.99 -16.13 20.89
CA ASP C 834 29.16 -15.59 19.55
C ASP C 834 28.19 -14.43 19.34
N THR C 835 28.74 -13.26 19.03
CA THR C 835 27.96 -12.08 18.64
C THR C 835 28.60 -11.43 17.42
N SER C 836 29.03 -12.26 16.47
CA SER C 836 29.75 -11.80 15.29
C SER C 836 28.79 -11.14 14.30
N LEU C 837 29.36 -10.26 13.48
CA LEU C 837 28.59 -9.60 12.43
C LEU C 837 28.52 -10.51 11.22
N LYS C 838 27.31 -11.00 10.92
CA LYS C 838 27.09 -11.90 9.79
C LYS C 838 26.31 -11.19 8.70
N VAL C 839 26.37 -11.77 7.50
CA VAL C 839 25.69 -11.20 6.34
C VAL C 839 24.19 -11.48 6.45
N PRO C 840 23.33 -10.48 6.26
CA PRO C 840 21.89 -10.72 6.37
C PRO C 840 21.38 -11.61 5.25
N HIS C 841 20.16 -12.11 5.45
CA HIS C 841 19.51 -12.95 4.44
C HIS C 841 19.18 -12.11 3.21
N GLY C 842 19.55 -12.62 2.04
CA GLY C 842 19.31 -11.93 0.79
C GLY C 842 20.42 -11.01 0.33
N GLU C 843 21.53 -10.95 1.06
CA GLU C 843 22.69 -10.15 0.69
C GLU C 843 23.81 -11.07 0.24
N SER C 844 24.62 -10.57 -0.70
CA SER C 844 25.79 -11.29 -1.22
C SER C 844 26.55 -10.38 -2.16
N GLY C 845 27.88 -10.42 -2.08
CA GLY C 845 28.69 -9.61 -2.96
C GLY C 845 30.15 -9.64 -2.52
N LYS C 846 30.94 -8.81 -3.19
CA LYS C 846 32.36 -8.68 -2.87
C LYS C 846 32.57 -7.59 -1.82
N VAL C 847 33.41 -7.90 -0.84
CA VAL C 847 33.82 -6.90 0.14
C VAL C 847 34.79 -5.94 -0.54
N ILE C 848 34.38 -4.67 -0.63
CA ILE C 848 35.15 -3.68 -1.38
C ILE C 848 35.90 -2.71 -0.47
N GLY C 849 35.49 -2.54 0.79
CA GLY C 849 36.16 -1.59 1.66
C GLY C 849 35.90 -1.90 3.11
N ILE C 850 36.89 -1.60 3.95
CA ILE C 850 36.78 -1.75 5.39
C ILE C 850 37.24 -0.46 6.04
N ARG C 851 36.49 0.01 7.03
CA ARG C 851 36.86 1.16 7.84
C ARG C 851 36.78 0.75 9.30
N VAL C 852 37.85 1.00 10.06
CA VAL C 852 37.95 0.59 11.44
C VAL C 852 38.15 1.82 12.31
N PHE C 853 37.41 1.91 13.40
CA PHE C 853 37.54 3.01 14.36
C PHE C 853 37.76 2.41 15.74
N SER C 854 38.84 2.85 16.40
CA SER C 854 39.24 2.30 17.68
C SER C 854 39.43 3.43 18.68
N ARG C 855 38.89 3.25 19.90
CA ARG C 855 39.15 4.18 20.97
C ARG C 855 40.64 4.29 21.26
N GLU C 856 41.37 3.19 21.12
CA GLU C 856 42.81 3.19 21.33
C GLU C 856 43.52 4.15 20.38
N ASP C 857 42.95 4.40 19.21
CA ASP C 857 43.60 5.22 18.20
C ASP C 857 42.90 6.56 18.00
N GLU C 858 42.68 7.29 19.10
CA GLU C 858 42.18 8.67 19.13
C GLU C 858 40.84 8.84 18.42
N ASP C 859 40.23 7.76 17.93
CA ASP C 859 38.94 7.86 17.24
C ASP C 859 37.83 7.99 18.27
N GLU C 860 37.03 9.06 18.14
CA GLU C 860 36.00 9.39 19.12
C GLU C 860 34.78 8.49 18.89
N LEU C 861 34.64 7.48 19.73
CA LEU C 861 33.48 6.60 19.76
C LEU C 861 32.54 7.04 20.86
N PRO C 862 31.25 6.67 20.77
CA PRO C 862 30.35 6.89 21.91
C PRO C 862 30.88 6.22 23.17
N ALA C 863 30.63 6.86 24.30
CA ALA C 863 31.15 6.36 25.58
C ALA C 863 30.64 4.95 25.83
N GLY C 864 31.57 4.04 26.11
CA GLY C 864 31.25 2.65 26.31
C GLY C 864 31.60 1.75 25.14
N VAL C 865 32.24 2.28 24.11
CA VAL C 865 32.63 1.51 22.92
C VAL C 865 34.15 1.51 22.83
N ASN C 866 34.71 0.38 22.41
CA ASN C 866 36.16 0.24 22.26
C ASN C 866 36.62 0.06 20.83
N GLU C 867 35.75 -0.39 19.93
CA GLU C 867 36.13 -0.58 18.53
C GLU C 867 34.87 -0.52 17.67
N LEU C 868 35.03 0.00 16.45
CA LEU C 868 33.94 0.12 15.50
C LEU C 868 34.45 -0.26 14.12
N VAL C 869 33.71 -1.13 13.43
CA VAL C 869 34.09 -1.62 12.11
C VAL C 869 32.91 -1.46 11.16
N ARG C 870 33.20 -0.96 9.95
CA ARG C 870 32.21 -0.86 8.88
C ARG C 870 32.73 -1.63 7.67
N VAL C 871 31.91 -2.54 7.16
CA VAL C 871 32.27 -3.37 6.01
C VAL C 871 31.32 -3.01 4.87
N TYR C 872 31.90 -2.63 3.73
CA TYR C 872 31.14 -2.27 2.54
C TYR C 872 31.11 -3.47 1.60
N VAL C 873 29.91 -3.92 1.24
CA VAL C 873 29.71 -5.05 0.35
C VAL C 873 29.03 -4.54 -0.91
N ALA C 874 29.58 -4.89 -2.07
CA ALA C 874 29.03 -4.50 -3.36
C ALA C 874 28.57 -5.73 -4.11
N GLN C 875 27.33 -5.69 -4.59
CA GLN C 875 26.79 -6.73 -5.45
C GLN C 875 26.61 -6.20 -6.86
N LYS C 876 26.86 -7.07 -7.84
CA LYS C 876 26.63 -6.75 -9.25
C LYS C 876 25.32 -7.44 -9.66
N ARG C 877 24.27 -6.62 -9.82
CA ARG C 877 22.91 -7.14 -9.99
C ARG C 877 22.52 -7.09 -11.47
N LYS C 878 22.51 -8.26 -12.11
CA LYS C 878 21.91 -8.36 -13.42
C LYS C 878 20.40 -8.28 -13.31
N ILE C 879 19.75 -8.02 -14.45
CA ILE C 879 18.30 -7.88 -14.49
C ILE C 879 17.67 -9.27 -14.34
N SER C 880 16.73 -9.38 -13.40
CA SER C 880 16.17 -10.67 -13.02
C SER C 880 14.67 -10.70 -13.26
N ASP C 881 14.12 -11.91 -13.22
CA ASP C 881 12.68 -12.09 -13.27
C ASP C 881 12.03 -11.41 -12.08
N GLY C 882 11.16 -10.44 -12.35
CA GLY C 882 10.46 -9.71 -11.31
C GLY C 882 11.01 -8.33 -11.02
N ASP C 883 12.19 -8.00 -11.52
CA ASP C 883 12.68 -6.62 -11.38
C ASP C 883 11.78 -5.68 -12.16
N LYS C 884 11.47 -4.53 -11.57
CA LYS C 884 10.48 -3.61 -12.10
C LYS C 884 11.14 -2.65 -13.09
N LEU C 885 10.74 -2.75 -14.35
CA LEU C 885 11.13 -1.80 -15.38
C LEU C 885 9.99 -0.82 -15.63
N ALA C 886 10.33 0.29 -16.29
CA ALA C 886 9.34 1.30 -16.63
C ALA C 886 9.93 2.25 -17.66
N GLY C 887 9.05 2.91 -18.40
CA GLY C 887 9.43 3.95 -19.33
C GLY C 887 9.20 5.33 -18.76
N ARG C 888 9.16 6.32 -19.65
CA ARG C 888 8.97 7.71 -19.26
C ARG C 888 7.51 8.14 -19.28
N HIS C 889 6.59 7.26 -19.68
CA HIS C 889 5.19 7.62 -19.84
C HIS C 889 4.28 6.89 -18.84
N GLY C 890 4.81 6.58 -17.65
CA GLY C 890 4.03 5.86 -16.67
C GLY C 890 3.64 4.45 -17.08
N ASN C 891 4.45 3.81 -17.92
CA ASN C 891 4.21 2.42 -18.36
C ASN C 891 5.16 1.52 -17.58
N LYS C 892 4.67 1.01 -16.45
CA LYS C 892 5.47 0.21 -15.53
C LYS C 892 5.09 -1.26 -15.62
N GLY C 893 6.02 -2.11 -15.20
CA GLY C 893 5.79 -3.55 -15.21
C GLY C 893 6.98 -4.34 -14.72
N VAL C 894 6.72 -5.51 -14.15
CA VAL C 894 7.78 -6.38 -13.68
C VAL C 894 8.18 -7.34 -14.80
N ILE C 895 9.40 -7.84 -14.72
CA ILE C 895 9.89 -8.77 -15.74
C ILE C 895 9.20 -10.12 -15.55
N GLY C 896 8.40 -10.52 -16.53
CA GLY C 896 7.66 -11.76 -16.45
C GLY C 896 8.41 -12.97 -16.98
N LYS C 897 9.34 -12.74 -17.91
CA LYS C 897 10.05 -13.84 -18.54
C LYS C 897 11.24 -13.27 -19.27
N ILE C 898 12.40 -13.90 -19.10
CA ILE C 898 13.62 -13.55 -19.80
C ILE C 898 13.94 -14.73 -20.73
N LEU C 899 13.48 -14.63 -21.96
CA LEU C 899 13.66 -15.68 -22.95
C LEU C 899 15.09 -15.72 -23.47
N PRO C 900 15.55 -16.88 -23.92
CA PRO C 900 16.83 -16.93 -24.65
C PRO C 900 16.76 -16.08 -25.91
N VAL C 901 17.93 -15.64 -26.36
CA VAL C 901 17.99 -14.71 -27.49
C VAL C 901 17.37 -15.32 -28.73
N GLU C 902 17.43 -16.65 -28.88
CA GLU C 902 16.84 -17.28 -30.05
C GLU C 902 15.32 -17.35 -29.98
N ASP C 903 14.75 -17.43 -28.77
CA ASP C 903 13.29 -17.49 -28.66
C ASP C 903 12.62 -16.17 -29.03
N MET C 904 13.35 -15.07 -28.89
CA MET C 904 12.75 -13.75 -29.08
C MET C 904 12.32 -13.55 -30.54
N PRO C 905 11.17 -12.94 -30.77
CA PRO C 905 10.79 -12.57 -32.14
C PRO C 905 11.82 -11.64 -32.75
N PHE C 906 12.32 -12.01 -33.93
CA PHE C 906 13.42 -11.31 -34.55
C PHE C 906 12.98 -10.70 -35.88
N LEU C 907 13.71 -9.67 -36.29
CA LEU C 907 13.39 -8.92 -37.50
C LEU C 907 13.86 -9.68 -38.73
N ALA C 908 13.79 -9.02 -39.89
CA ALA C 908 14.12 -9.69 -41.15
C ALA C 908 15.59 -10.04 -41.25
N ASP C 909 16.47 -9.22 -40.67
CA ASP C 909 17.91 -9.46 -40.72
C ASP C 909 18.43 -10.20 -39.50
N GLY C 910 17.56 -10.91 -38.78
CA GLY C 910 17.97 -11.74 -37.67
C GLY C 910 18.16 -11.05 -36.34
N THR C 911 18.13 -9.72 -36.30
CA THR C 911 18.30 -9.00 -35.05
C THR C 911 17.06 -9.21 -34.18
N PRO C 912 17.17 -9.88 -33.03
CA PRO C 912 15.99 -10.07 -32.18
C PRO C 912 15.66 -8.81 -31.40
N VAL C 913 14.38 -8.63 -31.11
CA VAL C 913 13.97 -7.53 -30.26
C VAL C 913 14.47 -7.77 -28.85
N ASP C 914 14.55 -6.68 -28.08
CA ASP C 914 15.04 -6.76 -26.71
C ASP C 914 13.93 -6.86 -25.68
N ILE C 915 12.76 -6.28 -25.96
CA ILE C 915 11.69 -6.20 -24.97
C ILE C 915 10.36 -6.27 -25.70
N ILE C 916 9.40 -6.99 -25.11
CA ILE C 916 8.09 -7.21 -25.71
C ILE C 916 7.04 -6.59 -24.80
N LEU C 917 6.50 -5.45 -25.20
CA LEU C 917 5.46 -4.77 -24.42
C LEU C 917 4.08 -5.18 -24.91
N ASN C 918 3.21 -5.54 -23.98
CA ASN C 918 1.87 -5.97 -24.33
C ASN C 918 1.08 -4.82 -24.94
N THR C 919 0.26 -5.14 -25.95
CA THR C 919 -0.55 -4.13 -26.60
C THR C 919 -1.74 -3.72 -25.75
N HIS C 920 -2.27 -4.64 -24.95
CA HIS C 920 -3.52 -4.36 -24.22
C HIS C 920 -3.35 -3.25 -23.20
N GLY C 921 -2.12 -3.04 -22.72
CA GLY C 921 -1.88 -2.04 -21.69
C GLY C 921 -1.49 -0.69 -22.24
N VAL C 922 -1.90 -0.39 -23.47
CA VAL C 922 -1.53 0.86 -24.13
C VAL C 922 -2.74 1.79 -24.27
N PRO C 923 -3.85 1.38 -24.90
CA PRO C 923 -4.94 2.35 -25.14
C PRO C 923 -5.81 2.62 -23.93
N ARG C 924 -5.67 1.86 -22.84
CA ARG C 924 -6.41 2.18 -21.62
C ARG C 924 -5.81 3.39 -20.91
N ARG C 925 -4.47 3.41 -20.80
CA ARG C 925 -3.78 4.40 -19.99
C ARG C 925 -3.70 5.77 -20.63
N MET C 926 -3.97 5.89 -21.94
CA MET C 926 -3.94 7.16 -22.65
C MET C 926 -2.53 7.75 -22.70
N ASN C 927 -1.53 6.88 -22.89
CA ASN C 927 -0.12 7.27 -22.93
C ASN C 927 0.45 6.85 -24.29
N ILE C 928 -0.08 7.45 -25.34
CA ILE C 928 0.41 7.20 -26.69
C ILE C 928 1.84 7.70 -26.88
N GLY C 929 2.35 8.51 -25.95
CA GLY C 929 3.72 8.99 -26.06
C GLY C 929 4.73 7.86 -26.23
N GLN C 930 4.49 6.72 -25.57
CA GLN C 930 5.37 5.57 -25.76
C GLN C 930 5.30 5.04 -27.19
N ILE C 931 4.13 5.11 -27.82
CA ILE C 931 4.01 4.70 -29.21
C ILE C 931 4.69 5.70 -30.13
N LEU C 932 4.52 6.99 -29.85
CA LEU C 932 5.17 8.02 -30.67
C LEU C 932 6.67 8.02 -30.45
N GLU C 933 7.13 7.76 -29.22
CA GLU C 933 8.55 7.63 -28.98
C GLU C 933 9.13 6.43 -29.72
N THR C 934 8.38 5.33 -29.75
CA THR C 934 8.84 4.13 -30.45
C THR C 934 9.05 4.40 -31.93
N HIS C 935 8.17 5.20 -32.53
CA HIS C 935 8.34 5.56 -33.93
C HIS C 935 9.56 6.44 -34.14
N LEU C 936 9.60 7.60 -33.45
CA LEU C 936 10.75 8.48 -33.53
C LEU C 936 12.03 7.78 -33.06
N GLY C 937 11.88 6.83 -32.12
CA GLY C 937 13.05 6.08 -31.66
C GLY C 937 13.67 5.25 -32.76
N TRP C 938 12.86 4.63 -33.61
CA TRP C 938 13.41 3.86 -34.72
C TRP C 938 14.08 4.77 -35.73
N CYS C 939 13.41 5.86 -36.12
CA CYS C 939 13.99 6.81 -37.06
C CYS C 939 15.34 7.31 -36.56
N ALA C 940 15.46 7.53 -35.25
CA ALA C 940 16.75 7.90 -34.68
C ALA C 940 17.76 6.77 -34.81
N HIS C 941 17.31 5.53 -34.64
CA HIS C 941 18.23 4.39 -34.74
C HIS C 941 18.71 4.18 -36.16
N SER C 942 17.85 4.42 -37.15
CA SER C 942 18.19 4.12 -38.53
C SER C 942 18.69 5.35 -39.28
N GLY C 943 18.09 6.51 -39.04
CA GLY C 943 18.36 7.70 -39.82
C GLY C 943 17.38 7.84 -40.97
N TRP C 944 17.39 9.03 -41.58
CA TRP C 944 16.42 9.32 -42.64
C TRP C 944 17.01 10.31 -43.63
N LYS C 945 16.40 10.34 -44.81
CA LYS C 945 16.78 11.26 -45.87
C LYS C 945 15.49 11.68 -46.59
N VAL C 946 15.15 12.96 -46.49
CA VAL C 946 13.94 13.49 -47.11
C VAL C 946 14.24 13.82 -48.56
N ASP C 947 13.25 13.59 -49.44
CA ASP C 947 13.41 13.84 -50.86
C ASP C 947 13.62 15.34 -51.09
N ALA C 948 14.84 15.72 -51.45
CA ALA C 948 15.13 17.13 -51.70
C ALA C 948 14.75 17.55 -53.11
N ALA C 949 14.73 16.61 -54.06
CA ALA C 949 14.38 16.94 -55.43
C ALA C 949 12.94 17.41 -55.50
N LYS C 950 12.68 18.32 -56.45
CA LYS C 950 11.36 18.95 -56.62
C LYS C 950 10.90 19.63 -55.35
N GLY C 951 11.84 20.28 -54.65
CA GLY C 951 11.52 21.07 -53.49
C GLY C 951 11.41 20.25 -52.21
N VAL C 952 11.12 20.96 -51.13
CA VAL C 952 10.89 20.35 -49.82
C VAL C 952 9.44 19.90 -49.75
N PRO C 953 9.16 18.65 -49.39
CA PRO C 953 7.77 18.18 -49.31
C PRO C 953 6.95 18.99 -48.33
N ASP C 954 5.64 18.83 -48.43
CA ASP C 954 4.70 19.67 -47.69
C ASP C 954 4.56 19.28 -46.23
N TRP C 955 5.12 18.15 -45.81
CA TRP C 955 5.09 17.80 -44.39
C TRP C 955 6.32 18.28 -43.65
N ALA C 956 7.45 18.44 -44.37
CA ALA C 956 8.70 18.84 -43.75
C ALA C 956 8.98 20.32 -43.92
N ALA C 957 7.98 21.12 -44.28
CA ALA C 957 8.20 22.56 -44.43
C ALA C 957 8.47 23.23 -43.10
N ARG C 958 7.85 22.77 -42.02
CA ARG C 958 8.06 23.35 -40.70
C ARG C 958 9.33 22.85 -40.03
N LEU C 959 9.88 21.72 -40.49
CA LEU C 959 11.05 21.15 -39.83
C LEU C 959 12.29 22.00 -40.10
N PRO C 960 13.21 22.11 -39.14
CA PRO C 960 14.48 22.78 -39.41
C PRO C 960 15.27 22.02 -40.47
N ASP C 961 16.17 22.75 -41.15
CA ASP C 961 16.96 22.15 -42.21
C ASP C 961 17.90 21.08 -41.67
N GLU C 962 18.27 21.16 -40.40
CA GLU C 962 19.14 20.16 -39.78
C GLU C 962 18.46 18.80 -39.68
N LEU C 963 17.13 18.74 -39.78
CA LEU C 963 16.39 17.51 -39.63
C LEU C 963 16.14 16.79 -40.94
N LEU C 964 16.41 17.43 -42.09
CA LEU C 964 16.10 16.82 -43.37
C LEU C 964 16.97 15.60 -43.66
N GLU C 965 18.15 15.51 -43.04
CA GLU C 965 19.02 14.35 -43.19
C GLU C 965 19.53 13.94 -41.81
N ALA C 966 19.46 12.65 -41.52
CA ALA C 966 19.92 12.11 -40.24
C ALA C 966 20.75 10.87 -40.47
N GLN C 967 21.76 10.69 -39.65
CA GLN C 967 22.61 9.52 -39.66
C GLN C 967 22.12 8.50 -38.64
N PRO C 968 22.46 7.22 -38.81
CA PRO C 968 22.03 6.22 -37.84
C PRO C 968 22.52 6.54 -36.44
N ASN C 969 21.70 6.19 -35.44
CA ASN C 969 21.97 6.46 -34.04
C ASN C 969 22.14 7.97 -33.79
N ALA C 970 21.25 8.76 -34.37
CA ALA C 970 21.23 10.19 -34.13
C ALA C 970 20.37 10.50 -32.90
N ILE C 971 20.68 11.61 -32.25
CA ILE C 971 19.99 12.04 -31.03
C ILE C 971 19.12 13.25 -31.36
N VAL C 972 17.92 13.28 -30.77
CA VAL C 972 16.92 14.29 -31.09
C VAL C 972 16.23 14.76 -29.81
N SER C 973 15.67 15.97 -29.88
CA SER C 973 14.96 16.59 -28.77
C SER C 973 13.51 16.84 -29.16
N THR C 974 12.58 16.39 -28.31
CA THR C 974 11.17 16.69 -28.45
C THR C 974 10.75 17.48 -27.21
N PRO C 975 10.92 18.80 -27.22
CA PRO C 975 10.56 19.60 -26.04
C PRO C 975 9.08 19.47 -25.71
N VAL C 976 8.77 19.63 -24.42
CA VAL C 976 7.41 19.45 -23.95
C VAL C 976 6.52 20.55 -24.53
N PHE C 977 5.35 20.13 -25.05
CA PHE C 977 4.34 21.02 -25.63
C PHE C 977 4.83 21.65 -26.93
N ASP C 978 6.09 21.43 -27.26
CA ASP C 978 6.62 21.71 -28.59
C ASP C 978 7.04 20.38 -29.19
N GLY C 979 8.05 20.37 -30.04
CA GLY C 979 8.60 19.12 -30.54
C GLY C 979 7.88 18.57 -31.75
N ALA C 980 8.10 17.28 -31.99
CA ALA C 980 7.63 16.64 -33.20
C ALA C 980 6.11 16.59 -33.25
N GLN C 981 5.56 16.95 -34.40
CA GLN C 981 4.14 16.81 -34.69
C GLN C 981 3.89 15.53 -35.48
N GLU C 982 2.65 15.04 -35.41
CA GLU C 982 2.32 13.77 -36.05
C GLU C 982 2.46 13.85 -37.57
N ALA C 983 2.30 15.03 -38.15
CA ALA C 983 2.48 15.19 -39.60
C ALA C 983 3.92 14.90 -39.99
N GLU C 984 4.88 15.37 -39.21
CA GLU C 984 6.29 15.15 -39.51
C GLU C 984 6.74 13.76 -39.11
N LEU C 985 6.17 13.19 -38.04
CA LEU C 985 6.55 11.84 -37.63
C LEU C 985 6.09 10.81 -38.65
N GLN C 986 4.87 10.97 -39.17
CA GLN C 986 4.39 10.10 -40.23
C GLN C 986 5.28 10.17 -41.47
N GLY C 987 5.80 11.37 -41.78
CA GLY C 987 6.65 11.52 -42.94
C GLY C 987 8.04 10.94 -42.76
N LEU C 988 8.53 10.87 -41.51
CA LEU C 988 9.86 10.33 -41.27
C LEU C 988 9.87 8.81 -41.45
N LEU C 989 8.81 8.14 -41.02
CA LEU C 989 8.74 6.69 -41.19
C LEU C 989 8.78 6.29 -42.66
N SER C 990 8.34 7.19 -43.55
CA SER C 990 8.33 6.89 -44.98
C SER C 990 9.71 6.96 -45.61
N CYS C 991 10.66 7.66 -44.99
CA CYS C 991 12.00 7.84 -45.54
C CYS C 991 13.07 7.35 -44.59
N THR C 992 12.80 6.28 -43.84
CA THR C 992 13.80 5.72 -42.95
C THR C 992 14.95 5.12 -43.75
N LEU C 993 16.15 5.22 -43.21
CA LEU C 993 17.33 4.75 -43.93
C LEU C 993 17.35 3.22 -43.96
N PRO C 994 17.81 2.61 -45.05
CA PRO C 994 17.93 1.15 -45.08
C PRO C 994 19.10 0.67 -44.25
N ASN C 995 19.07 -0.62 -43.93
CA ASN C 995 20.13 -1.23 -43.13
C ASN C 995 21.38 -1.41 -44.00
N ARG C 996 22.35 -2.17 -43.49
CA ARG C 996 23.58 -2.40 -44.24
C ARG C 996 23.32 -3.21 -45.50
N ASP C 997 22.31 -4.08 -45.49
CA ASP C 997 21.98 -4.87 -46.66
C ASP C 997 21.17 -4.10 -47.70
N GLY C 998 20.70 -2.90 -47.35
CA GLY C 998 19.93 -2.08 -48.26
C GLY C 998 18.44 -2.25 -48.18
N ASP C 999 17.92 -2.92 -47.15
CA ASP C 999 16.50 -3.21 -47.02
C ASP C 999 15.90 -2.37 -45.90
N VAL C 1000 14.70 -1.87 -46.14
CA VAL C 1000 13.97 -1.08 -45.15
C VAL C 1000 13.11 -2.03 -44.33
N LEU C 1001 13.39 -2.11 -43.03
CA LEU C 1001 12.76 -3.12 -42.20
C LEU C 1001 11.36 -2.71 -41.73
N VAL C 1002 11.17 -1.43 -41.41
CA VAL C 1002 9.88 -0.96 -40.91
C VAL C 1002 9.15 -0.24 -42.02
N ASP C 1003 7.82 -0.40 -42.06
CA ASP C 1003 7.00 0.16 -43.10
C ASP C 1003 6.66 1.62 -42.77
N ALA C 1004 5.94 2.28 -43.69
CA ALA C 1004 5.52 3.65 -43.46
C ALA C 1004 4.55 3.75 -42.29
N ASP C 1005 3.80 2.67 -42.01
CA ASP C 1005 2.95 2.64 -40.83
C ASP C 1005 3.74 2.62 -39.54
N GLY C 1006 5.01 2.23 -39.60
CA GLY C 1006 5.82 2.02 -38.42
C GLY C 1006 5.88 0.58 -37.95
N LYS C 1007 5.17 -0.32 -38.62
CA LYS C 1007 5.20 -1.74 -38.27
C LYS C 1007 6.24 -2.47 -39.11
N ALA C 1008 6.68 -3.61 -38.59
CA ALA C 1008 7.64 -4.45 -39.29
C ALA C 1008 7.22 -5.91 -39.14
N MET C 1009 7.77 -6.75 -40.02
CA MET C 1009 7.43 -8.18 -40.04
C MET C 1009 8.40 -8.93 -39.14
N LEU C 1010 7.85 -9.63 -38.14
CA LEU C 1010 8.64 -10.37 -37.16
C LEU C 1010 8.50 -11.87 -37.39
N PHE C 1011 9.51 -12.60 -36.93
CA PHE C 1011 9.56 -14.06 -37.04
C PHE C 1011 9.49 -14.67 -35.65
N ASP C 1012 8.61 -15.65 -35.48
CA ASP C 1012 8.52 -16.38 -34.22
C ASP C 1012 9.76 -17.25 -34.06
N GLY C 1013 10.63 -16.88 -33.12
CA GLY C 1013 11.85 -17.62 -32.87
C GLY C 1013 11.65 -19.01 -32.29
N ARG C 1014 10.44 -19.31 -31.81
CA ARG C 1014 10.17 -20.62 -31.23
C ARG C 1014 9.69 -21.64 -32.24
N SER C 1015 9.03 -21.21 -33.31
CA SER C 1015 8.58 -22.10 -34.38
C SER C 1015 9.27 -21.84 -35.71
N GLY C 1016 9.47 -20.58 -36.07
CA GLY C 1016 10.07 -20.19 -37.33
C GLY C 1016 9.11 -19.50 -38.28
N GLU C 1017 7.82 -19.77 -38.13
CA GLU C 1017 6.82 -19.14 -39.00
C GLU C 1017 6.80 -17.63 -38.74
N PRO C 1018 6.72 -16.80 -39.78
CA PRO C 1018 6.59 -15.36 -39.56
C PRO C 1018 5.25 -15.02 -38.94
N PHE C 1019 5.24 -13.95 -38.17
CA PHE C 1019 4.01 -13.56 -37.48
C PHE C 1019 2.99 -13.05 -38.49
N PRO C 1020 1.71 -13.40 -38.33
CA PRO C 1020 0.73 -13.21 -39.41
C PRO C 1020 0.51 -11.77 -39.82
N TYR C 1021 0.85 -10.80 -38.97
CA TYR C 1021 0.59 -9.41 -39.25
C TYR C 1021 1.79 -8.56 -38.85
N PRO C 1022 1.99 -7.41 -39.50
CA PRO C 1022 3.09 -6.53 -39.10
C PRO C 1022 2.86 -5.99 -37.69
N VAL C 1023 3.97 -5.75 -37.00
CA VAL C 1023 3.95 -5.34 -35.59
C VAL C 1023 4.77 -4.07 -35.44
N THR C 1024 4.24 -3.11 -34.68
CA THR C 1024 4.98 -1.89 -34.39
C THR C 1024 6.29 -2.23 -33.70
N VAL C 1025 7.39 -1.75 -34.28
CA VAL C 1025 8.73 -2.06 -33.78
C VAL C 1025 9.56 -0.79 -33.81
N GLY C 1026 10.27 -0.53 -32.73
CA GLY C 1026 11.16 0.61 -32.66
C GLY C 1026 12.01 0.54 -31.42
N TYR C 1027 12.50 1.71 -31.00
CA TYR C 1027 13.35 1.83 -29.82
C TYR C 1027 12.71 2.72 -28.79
N MET C 1028 12.63 2.22 -27.55
CA MET C 1028 12.02 2.92 -26.44
C MET C 1028 13.01 2.98 -25.29
N TYR C 1029 13.02 4.10 -24.58
CA TYR C 1029 13.92 4.28 -23.44
C TYR C 1029 13.30 3.64 -22.21
N ILE C 1030 13.93 2.59 -21.70
CA ILE C 1030 13.44 1.83 -20.56
C ILE C 1030 14.39 2.04 -19.39
N MET C 1031 13.82 2.24 -18.20
CA MET C 1031 14.59 2.47 -16.99
C MET C 1031 14.44 1.30 -16.03
N LYS C 1032 15.50 0.98 -15.32
CA LYS C 1032 15.47 -0.02 -14.25
C LYS C 1032 15.17 0.70 -12.94
N LEU C 1033 13.96 0.50 -12.42
CA LEU C 1033 13.53 1.15 -11.19
C LEU C 1033 14.07 0.40 -9.99
N HIS C 1034 14.22 1.12 -8.88
CA HIS C 1034 14.78 0.55 -7.65
C HIS C 1034 13.69 -0.22 -6.89
N HIS C 1035 13.13 -1.22 -7.57
CA HIS C 1035 12.16 -2.15 -7.00
C HIS C 1035 12.52 -3.54 -7.53
N LEU C 1036 13.60 -4.10 -7.00
CA LEU C 1036 14.18 -5.35 -7.48
C LEU C 1036 13.80 -6.48 -6.54
N VAL C 1037 13.60 -7.67 -7.12
CA VAL C 1037 13.21 -8.83 -6.32
C VAL C 1037 14.32 -9.21 -5.34
N ASP C 1038 15.57 -8.88 -5.67
CA ASP C 1038 16.68 -9.19 -4.77
C ASP C 1038 16.48 -8.55 -3.40
N ASP C 1039 15.78 -7.41 -3.34
CA ASP C 1039 15.44 -6.79 -2.07
C ASP C 1039 14.04 -7.18 -1.59
N LYS C 1040 13.10 -7.40 -2.51
CA LYS C 1040 11.69 -7.55 -2.16
C LYS C 1040 11.26 -8.99 -1.88
N ILE C 1041 12.17 -9.95 -1.95
CA ILE C 1041 11.84 -11.33 -1.59
C ILE C 1041 12.18 -11.55 -0.13
N HIS C 1042 11.31 -12.25 0.59
CA HIS C 1042 11.55 -12.54 1.99
C HIS C 1042 10.70 -13.74 2.41
N ALA C 1043 11.24 -14.51 3.34
CA ALA C 1043 10.54 -15.66 3.91
C ALA C 1043 11.12 -15.93 5.29
N ARG C 1044 10.33 -16.60 6.12
CA ARG C 1044 10.71 -16.89 7.50
C ARG C 1044 10.01 -18.13 8.00
N SER C 1045 10.78 -19.10 8.47
CA SER C 1045 10.20 -20.23 9.21
C SER C 1045 9.90 -19.80 10.64
N THR C 1046 10.94 -19.58 11.43
CA THR C 1046 10.85 -18.98 12.75
C THR C 1046 11.87 -17.85 12.82
N GLY C 1047 11.97 -17.23 14.00
CA GLY C 1047 12.92 -16.16 14.20
C GLY C 1047 12.61 -15.34 15.44
N PRO C 1048 13.02 -14.08 15.43
CA PRO C 1048 12.81 -13.22 16.60
C PRO C 1048 11.32 -12.94 16.81
N TYR C 1049 10.99 -12.65 18.07
CA TYR C 1049 9.64 -12.29 18.48
C TYR C 1049 9.70 -11.01 19.29
N SER C 1050 8.69 -10.16 19.13
CA SER C 1050 8.63 -8.93 19.91
C SER C 1050 8.46 -9.27 21.39
N MET C 1051 9.35 -8.72 22.21
CA MET C 1051 9.45 -9.14 23.61
C MET C 1051 8.12 -8.99 24.34
N ILE C 1052 7.39 -7.93 24.08
CA ILE C 1052 6.19 -7.63 24.85
C ILE C 1052 5.02 -8.52 24.41
N THR C 1053 4.71 -8.51 23.12
CA THR C 1053 3.55 -9.24 22.60
C THR C 1053 3.85 -10.69 22.25
N GLN C 1054 5.12 -11.07 22.15
CA GLN C 1054 5.52 -12.44 21.84
C GLN C 1054 5.02 -12.88 20.46
N GLN C 1055 4.76 -11.92 19.59
CA GLN C 1055 4.46 -12.18 18.19
C GLN C 1055 5.68 -11.93 17.34
N PRO C 1056 5.76 -12.55 16.15
CA PRO C 1056 6.93 -12.34 15.29
C PRO C 1056 7.16 -10.88 14.95
N LEU C 1057 8.42 -10.52 14.77
CA LEU C 1057 8.80 -9.17 14.41
C LEU C 1057 8.22 -8.81 13.04
N GLY C 1058 8.33 -7.53 12.70
CA GLY C 1058 7.89 -7.05 11.42
C GLY C 1058 9.03 -6.63 10.52
N GLY C 1059 8.78 -6.57 9.21
CA GLY C 1059 9.79 -6.11 8.27
C GLY C 1059 10.81 -7.17 7.87
N LYS C 1060 11.38 -7.03 6.68
CA LYS C 1060 12.39 -7.98 6.21
C LYS C 1060 13.70 -7.82 6.98
N ALA C 1061 14.10 -6.58 7.26
CA ALA C 1061 15.39 -6.32 7.90
C ALA C 1061 15.50 -7.00 9.25
N GLN C 1062 14.41 -7.07 10.01
CA GLN C 1062 14.39 -7.75 11.29
C GLN C 1062 14.08 -9.24 11.17
N PHE C 1063 14.07 -9.77 9.96
CA PHE C 1063 13.78 -11.20 9.72
C PHE C 1063 12.42 -11.58 10.29
N GLY C 1064 11.42 -10.74 10.05
CA GLY C 1064 10.10 -10.97 10.62
C GLY C 1064 9.17 -11.71 9.68
N GLY C 1065 7.99 -12.06 10.23
CA GLY C 1065 6.98 -12.77 9.47
C GLY C 1065 5.92 -11.81 8.93
N GLN C 1066 5.09 -12.37 8.04
CA GLN C 1066 4.02 -11.59 7.44
C GLN C 1066 2.86 -11.43 8.43
N ARG C 1067 2.11 -10.34 8.26
CA ARG C 1067 1.01 -10.01 9.16
C ARG C 1067 -0.30 -10.50 8.56
N PHE C 1068 -0.87 -11.55 9.14
CA PHE C 1068 -2.20 -12.01 8.78
C PHE C 1068 -3.19 -11.05 9.45
N GLY C 1069 -3.55 -10.00 8.74
CA GLY C 1069 -4.28 -8.89 9.32
C GLY C 1069 -5.73 -9.21 9.63
N GLU C 1070 -6.44 -8.14 10.00
CA GLU C 1070 -7.85 -8.26 10.37
C GLU C 1070 -8.71 -8.66 9.17
N MET C 1071 -8.49 -8.00 8.02
CA MET C 1071 -9.25 -8.35 6.82
C MET C 1071 -8.99 -9.78 6.40
N GLU C 1072 -7.76 -10.26 6.59
CA GLU C 1072 -7.41 -11.61 6.16
C GLU C 1072 -8.09 -12.67 7.01
N CYS C 1073 -8.37 -12.37 8.27
CA CYS C 1073 -9.08 -13.33 9.12
C CYS C 1073 -10.53 -13.49 8.70
N TRP C 1074 -11.13 -12.43 8.15
CA TRP C 1074 -12.50 -12.55 7.62
C TRP C 1074 -12.55 -13.52 6.46
N ALA C 1075 -11.49 -13.57 5.65
CA ALA C 1075 -11.43 -14.50 4.53
C ALA C 1075 -11.44 -15.95 5.01
N MET C 1076 -10.65 -16.24 6.05
CA MET C 1076 -10.64 -17.58 6.63
C MET C 1076 -12.04 -17.98 7.10
N GLN C 1077 -12.69 -17.10 7.85
CA GLN C 1077 -14.02 -17.40 8.38
C GLN C 1077 -15.04 -17.54 7.26
N ALA C 1078 -14.92 -16.74 6.20
CA ALA C 1078 -15.80 -16.86 5.06
C ALA C 1078 -15.66 -18.23 4.39
N TYR C 1079 -14.45 -18.79 4.39
CA TYR C 1079 -14.24 -20.14 3.90
C TYR C 1079 -14.71 -21.20 4.89
N GLY C 1080 -14.84 -20.86 6.16
CA GLY C 1080 -15.07 -21.86 7.18
C GLY C 1080 -13.82 -22.60 7.61
N ALA C 1081 -12.65 -22.08 7.28
CA ALA C 1081 -11.37 -22.72 7.61
C ALA C 1081 -11.02 -22.41 9.06
N ALA C 1082 -11.67 -23.13 9.97
CA ALA C 1082 -11.52 -22.87 11.39
C ALA C 1082 -10.12 -23.25 11.88
N TYR C 1083 -9.63 -24.43 11.50
CA TYR C 1083 -8.34 -24.89 12.00
C TYR C 1083 -7.19 -24.05 11.47
N THR C 1084 -7.26 -23.63 10.21
CA THR C 1084 -6.26 -22.71 9.68
C THR C 1084 -6.25 -21.40 10.46
N LEU C 1085 -7.44 -20.91 10.83
CA LEU C 1085 -7.52 -19.66 11.58
C LEU C 1085 -6.94 -19.83 12.99
N GLN C 1086 -7.33 -20.90 13.68
CA GLN C 1086 -6.75 -21.18 15.00
C GLN C 1086 -5.25 -21.44 14.90
N GLU C 1087 -4.82 -22.10 13.82
CA GLU C 1087 -3.41 -22.40 13.65
C GLU C 1087 -2.59 -21.12 13.46
N LEU C 1088 -3.11 -20.17 12.67
CA LEU C 1088 -2.38 -18.94 12.41
C LEU C 1088 -2.16 -18.14 13.68
N LEU C 1089 -3.19 -18.03 14.52
CA LEU C 1089 -3.16 -17.16 15.68
C LEU C 1089 -2.58 -17.82 16.92
N THR C 1090 -2.19 -19.08 16.86
CA THR C 1090 -1.67 -19.76 18.04
C THR C 1090 -0.27 -20.30 17.81
N ILE C 1091 -0.17 -21.53 17.33
CA ILE C 1091 1.14 -22.21 17.25
C ILE C 1091 2.08 -21.49 16.29
N LYS C 1092 1.55 -20.85 15.25
CA LYS C 1092 2.37 -20.13 14.29
C LYS C 1092 2.66 -18.70 14.71
N SER C 1093 2.14 -18.24 15.85
CA SER C 1093 2.30 -16.83 16.21
C SER C 1093 2.82 -16.66 17.63
N ASP C 1094 1.92 -16.51 18.61
CA ASP C 1094 2.28 -16.06 19.95
C ASP C 1094 2.04 -17.12 21.02
N ASP C 1095 1.75 -18.36 20.65
CA ASP C 1095 1.70 -19.45 21.64
C ASP C 1095 3.13 -19.78 22.05
N THR C 1096 3.48 -19.43 23.30
CA THR C 1096 4.86 -19.59 23.75
C THR C 1096 5.29 -21.05 23.74
N VAL C 1097 4.43 -21.95 24.21
CA VAL C 1097 4.78 -23.36 24.26
C VAL C 1097 4.38 -24.09 22.97
N GLY C 1098 3.32 -23.64 22.30
CA GLY C 1098 2.85 -24.34 21.12
C GLY C 1098 3.82 -24.22 19.95
N ARG C 1099 4.45 -23.06 19.78
CA ARG C 1099 5.35 -22.87 18.65
C ARG C 1099 6.60 -23.75 18.78
N VAL C 1100 7.11 -23.91 20.00
CA VAL C 1100 8.28 -24.75 20.21
C VAL C 1100 7.91 -26.22 20.03
N LYS C 1101 6.75 -26.63 20.55
CA LYS C 1101 6.32 -28.01 20.41
C LYS C 1101 5.93 -28.36 18.98
N VAL C 1102 5.53 -27.37 18.17
CA VAL C 1102 5.27 -27.64 16.76
C VAL C 1102 6.58 -27.88 16.02
N TYR C 1103 7.60 -27.06 16.30
CA TYR C 1103 8.90 -27.25 15.68
C TYR C 1103 9.49 -28.62 16.04
N GLU C 1104 9.31 -29.04 17.29
CA GLU C 1104 9.74 -30.38 17.68
C GLU C 1104 8.90 -31.45 17.00
N ALA C 1105 7.59 -31.22 16.87
CA ALA C 1105 6.72 -32.21 16.25
C ALA C 1105 7.03 -32.39 14.77
N ILE C 1106 7.59 -31.37 14.12
CA ILE C 1106 7.94 -31.50 12.71
C ILE C 1106 9.25 -32.26 12.55
N VAL C 1107 10.28 -31.89 13.32
CA VAL C 1107 11.56 -32.58 13.23
C VAL C 1107 11.49 -34.00 13.77
N LYS C 1108 10.53 -34.28 14.66
CA LYS C 1108 10.29 -35.64 15.12
C LYS C 1108 9.46 -36.47 14.15
N GLY C 1109 8.78 -35.83 13.19
CA GLY C 1109 7.83 -36.52 12.35
C GLY C 1109 6.49 -36.79 12.99
N GLU C 1110 6.28 -36.31 14.22
CA GLU C 1110 5.02 -36.50 14.90
C GLU C 1110 3.94 -35.60 14.29
N ASN C 1111 2.74 -35.67 14.86
CA ASN C 1111 1.66 -34.83 14.41
C ASN C 1111 1.72 -33.46 15.07
N ILE C 1112 1.02 -32.51 14.49
CA ILE C 1112 0.99 -31.15 15.03
C ILE C 1112 0.20 -31.14 16.34
N PRO C 1113 0.76 -30.63 17.43
CA PRO C 1113 0.04 -30.67 18.72
C PRO C 1113 -1.16 -29.74 18.76
N GLU C 1114 -1.82 -29.68 19.92
CA GLU C 1114 -3.04 -28.87 20.06
C GLU C 1114 -2.68 -27.44 20.46
N PRO C 1115 -3.26 -26.45 19.80
CA PRO C 1115 -2.93 -25.04 20.11
C PRO C 1115 -3.37 -24.67 21.52
N GLY C 1116 -2.54 -23.85 22.17
CA GLY C 1116 -2.80 -23.37 23.51
C GLY C 1116 -3.47 -22.02 23.54
N ILE C 1117 -3.10 -21.22 24.53
CA ILE C 1117 -3.69 -19.90 24.77
C ILE C 1117 -2.68 -18.85 24.33
N PRO C 1118 -3.08 -17.84 23.55
CA PRO C 1118 -2.12 -16.83 23.11
C PRO C 1118 -1.60 -16.01 24.28
N GLU C 1119 -0.28 -15.79 24.30
CA GLU C 1119 0.31 -14.93 25.32
C GLU C 1119 -0.17 -13.49 25.19
N SER C 1120 -0.54 -13.07 23.97
CA SER C 1120 -1.05 -11.72 23.78
C SER C 1120 -2.37 -11.51 24.51
N PHE C 1121 -3.22 -12.54 24.54
CA PHE C 1121 -4.46 -12.46 25.30
C PHE C 1121 -4.18 -12.42 26.80
N LYS C 1122 -3.14 -13.10 27.26
CA LYS C 1122 -2.74 -13.00 28.66
C LYS C 1122 -2.36 -11.57 29.01
N VAL C 1123 -1.71 -10.86 28.09
CA VAL C 1123 -1.32 -9.49 28.34
C VAL C 1123 -2.54 -8.57 28.37
N LEU C 1124 -3.52 -8.84 27.51
CA LEU C 1124 -4.74 -8.04 27.50
C LEU C 1124 -5.41 -8.06 28.87
N LEU C 1125 -5.51 -9.24 29.48
CA LEU C 1125 -6.12 -9.34 30.80
C LEU C 1125 -5.30 -8.58 31.84
N LYS C 1126 -3.98 -8.73 31.81
CA LYS C 1126 -3.13 -8.02 32.76
C LYS C 1126 -3.14 -6.52 32.54
N GLU C 1127 -3.57 -6.06 31.36
CA GLU C 1127 -3.73 -4.63 31.09
C GLU C 1127 -5.10 -4.12 31.53
N LEU C 1128 -6.15 -4.90 31.31
CA LEU C 1128 -7.45 -4.55 31.86
C LEU C 1128 -7.40 -4.49 33.38
N GLN C 1129 -6.58 -5.34 34.01
CA GLN C 1129 -6.43 -5.28 35.46
C GLN C 1129 -5.81 -3.96 35.90
N SER C 1130 -4.83 -3.44 35.14
CA SER C 1130 -4.19 -2.19 35.49
C SER C 1130 -5.12 -0.99 35.38
N LEU C 1131 -6.30 -1.16 34.77
CA LEU C 1131 -7.30 -0.12 34.68
C LEU C 1131 -8.45 -0.32 35.67
N CYS C 1132 -8.19 -1.06 36.75
CA CYS C 1132 -9.19 -1.31 37.79
C CYS C 1132 -10.41 -2.05 37.24
N LEU C 1133 -10.15 -3.03 36.38
CA LEU C 1133 -11.18 -3.92 35.86
C LEU C 1133 -10.86 -5.34 36.31
N ASN C 1134 -11.82 -5.96 37.01
CA ASN C 1134 -11.61 -7.30 37.55
C ASN C 1134 -12.10 -8.31 36.50
N VAL C 1135 -11.17 -8.76 35.66
CA VAL C 1135 -11.46 -9.74 34.63
C VAL C 1135 -11.02 -11.11 35.12
N GLU C 1136 -11.91 -12.09 35.00
CA GLU C 1136 -11.63 -13.46 35.45
C GLU C 1136 -12.15 -14.44 34.41
N VAL C 1137 -11.50 -15.59 34.34
CA VAL C 1137 -11.88 -16.66 33.43
C VAL C 1137 -12.60 -17.73 34.22
N LEU C 1138 -13.83 -18.08 33.79
CA LEU C 1138 -14.66 -19.04 34.48
C LEU C 1138 -14.75 -20.32 33.66
N SER C 1139 -14.79 -21.45 34.36
CA SER C 1139 -14.99 -22.74 33.71
C SER C 1139 -16.49 -22.97 33.49
N SER C 1140 -16.82 -24.16 32.97
CA SER C 1140 -18.22 -24.48 32.73
C SER C 1140 -19.02 -24.53 34.03
N ASP C 1141 -18.40 -25.01 35.11
CA ASP C 1141 -19.10 -25.00 36.39
C ASP C 1141 -19.21 -23.60 36.96
N GLY C 1142 -18.27 -22.71 36.63
CA GLY C 1142 -18.28 -21.35 37.14
C GLY C 1142 -17.11 -20.97 38.02
N ALA C 1143 -16.22 -21.89 38.38
CA ALA C 1143 -15.07 -21.55 39.22
C ALA C 1143 -14.01 -20.82 38.42
N ALA C 1144 -13.44 -19.78 39.01
CA ALA C 1144 -12.38 -19.03 38.36
C ALA C 1144 -11.11 -19.87 38.26
N ILE C 1145 -10.46 -19.81 37.10
CA ILE C 1145 -9.24 -20.57 36.86
C ILE C 1145 -8.10 -19.58 36.63
N GLU C 1146 -6.98 -19.82 37.30
CA GLU C 1146 -5.81 -18.95 37.13
C GLU C 1146 -5.03 -19.36 35.88
N LEU C 1147 -4.06 -18.52 35.52
CA LEU C 1147 -3.26 -18.71 34.32
C LEU C 1147 -1.78 -18.66 34.70
N ARG C 1148 -1.31 -19.71 35.37
CA ARG C 1148 0.08 -19.84 35.80
C ARG C 1148 0.50 -18.69 36.70
N GLU C 1149 -0.38 -18.31 37.63
CA GLU C 1149 -0.09 -17.21 38.54
C GLU C 1149 -1.00 -17.34 39.75
N GLY C 1150 -0.58 -16.70 40.85
CA GLY C 1150 -1.37 -16.61 42.06
C GLY C 1150 -1.63 -15.18 42.48
N GLU C 1151 -1.71 -14.94 43.78
CA GLU C 1151 -1.96 -13.59 44.28
C GLU C 1151 -1.56 -13.53 45.75
N ASP C 1152 -0.78 -12.51 46.09
CA ASP C 1152 -0.37 -12.26 47.47
C ASP C 1152 -0.77 -10.84 47.85
N GLU C 1153 -0.71 -10.56 49.15
CA GLU C 1153 -1.07 -9.24 49.66
C GLU C 1153 0.08 -8.61 50.41
N ASP D 3 -3.31 -26.34 30.76
CA ASP D 3 -4.11 -25.15 30.51
C ASP D 3 -4.95 -25.35 29.25
N VAL D 4 -6.08 -26.04 29.40
CA VAL D 4 -6.96 -26.37 28.28
C VAL D 4 -7.60 -25.09 27.76
N ASN D 5 -8.22 -25.16 26.58
CA ASN D 5 -8.76 -23.99 25.91
C ASN D 5 -10.29 -23.98 25.87
N PHE D 6 -10.95 -24.75 26.73
CA PHE D 6 -12.41 -24.72 26.85
C PHE D 6 -12.76 -24.18 28.23
N PHE D 7 -13.17 -22.92 28.27
CA PHE D 7 -13.74 -22.29 29.45
C PHE D 7 -14.88 -21.40 28.98
N ASP D 8 -16.05 -21.55 29.61
CA ASP D 8 -17.27 -20.96 29.06
C ASP D 8 -17.27 -19.44 29.12
N GLU D 9 -17.32 -18.88 30.33
CA GLU D 9 -17.56 -17.46 30.51
C GLU D 9 -16.29 -16.69 30.84
N LEU D 10 -16.26 -15.43 30.40
CA LEU D 10 -15.22 -14.47 30.74
C LEU D 10 -15.89 -13.31 31.46
N ARG D 11 -15.72 -13.25 32.78
CA ARG D 11 -16.41 -12.28 33.62
C ARG D 11 -15.57 -11.03 33.82
N ILE D 12 -16.23 -9.87 33.74
CA ILE D 12 -15.61 -8.58 34.02
C ILE D 12 -16.43 -7.87 35.07
N GLY D 13 -15.76 -7.08 35.91
CA GLY D 13 -16.43 -6.32 36.93
C GLY D 13 -15.52 -5.27 37.52
N LEU D 14 -16.12 -4.42 38.35
CA LEU D 14 -15.34 -3.38 39.02
C LEU D 14 -14.34 -3.99 39.98
N ALA D 15 -13.12 -3.44 39.97
CA ALA D 15 -12.05 -3.92 40.83
C ALA D 15 -12.07 -3.13 42.13
N THR D 16 -12.44 -3.81 43.21
CA THR D 16 -12.41 -3.19 44.54
C THR D 16 -11.00 -2.75 44.88
N ALA D 17 -10.90 -1.65 45.63
CA ALA D 17 -9.61 -1.24 46.18
C ALA D 17 -9.02 -2.32 47.07
N GLU D 18 -9.84 -3.24 47.57
CA GLU D 18 -9.35 -4.40 48.30
C GLU D 18 -8.89 -5.49 47.34
N ASP D 19 -9.45 -5.54 46.13
CA ASP D 19 -8.94 -6.45 45.12
C ASP D 19 -7.58 -6.01 44.61
N ILE D 20 -7.37 -4.69 44.51
CA ILE D 20 -6.10 -4.16 44.02
C ILE D 20 -4.95 -4.57 44.94
N ARG D 21 -5.21 -4.58 46.25
CA ARG D 21 -4.20 -5.04 47.20
C ARG D 21 -4.05 -6.56 47.17
N GLN D 22 -5.14 -7.28 46.88
CA GLN D 22 -5.05 -8.73 46.74
C GLN D 22 -4.17 -9.13 45.57
N TRP D 23 -4.17 -8.33 44.50
CA TRP D 23 -3.31 -8.60 43.36
C TRP D 23 -1.85 -8.24 43.64
N SER D 24 -1.62 -7.13 44.34
CA SER D 24 -0.30 -6.54 44.40
C SER D 24 0.65 -7.34 45.28
N TYR D 25 1.89 -7.52 44.78
CA TYR D 25 2.96 -8.14 45.53
C TYR D 25 3.81 -7.14 46.30
N GLY D 26 3.25 -5.99 46.64
CA GLY D 26 3.96 -4.95 47.36
C GLY D 26 3.62 -3.57 46.83
N GLU D 27 3.86 -2.56 47.67
CA GLU D 27 3.58 -1.18 47.30
C GLU D 27 4.80 -0.54 46.66
N VAL D 28 4.56 0.24 45.60
CA VAL D 28 5.60 0.99 44.92
C VAL D 28 5.74 2.33 45.65
N LYS D 29 6.72 2.40 46.57
CA LYS D 29 6.85 3.59 47.40
C LYS D 29 7.68 4.67 46.70
N LYS D 30 8.96 4.39 46.44
CA LYS D 30 9.84 5.38 45.84
C LYS D 30 9.48 5.59 44.37
N PRO D 31 9.77 6.77 43.83
CA PRO D 31 9.51 7.02 42.40
C PRO D 31 10.65 6.62 41.48
N GLU D 32 11.80 6.21 42.02
CA GLU D 32 12.95 5.86 41.19
C GLU D 32 12.64 4.63 40.32
N THR D 33 13.45 4.47 39.28
CA THR D 33 13.30 3.33 38.39
C THR D 33 14.42 2.33 38.62
N ILE D 34 15.59 2.56 38.03
CA ILE D 34 16.75 1.68 38.22
C ILE D 34 17.94 2.53 38.62
N ASN D 35 19.11 1.89 38.70
CA ASN D 35 20.37 2.60 38.83
C ASN D 35 21.06 2.61 37.46
N TYR D 36 21.49 3.80 37.04
CA TYR D 36 22.00 4.01 35.69
C TYR D 36 23.48 3.71 35.56
N ARG D 37 24.01 2.82 36.40
CA ARG D 37 25.34 2.25 36.23
C ARG D 37 25.25 0.74 36.29
N THR D 38 24.75 0.22 37.41
CA THR D 38 24.65 -1.22 37.63
C THR D 38 23.44 -1.85 36.95
N LEU D 39 22.55 -1.04 36.37
CA LEU D 39 21.29 -1.48 35.78
C LEU D 39 20.40 -2.23 36.76
N LYS D 40 20.75 -2.25 38.05
CA LYS D 40 19.94 -2.92 39.05
C LYS D 40 18.80 -2.01 39.48
N PRO D 41 17.57 -2.50 39.52
CA PRO D 41 16.44 -1.65 39.93
C PRO D 41 16.51 -1.32 41.42
N GLU D 42 16.13 -0.10 41.75
CA GLU D 42 16.14 0.36 43.13
C GLU D 42 15.01 -0.28 43.91
N LYS D 43 15.25 -0.49 45.21
CA LYS D 43 14.26 -1.12 46.08
C LYS D 43 13.03 -0.22 46.23
N ASP D 44 11.86 -0.85 46.18
CA ASP D 44 10.55 -0.19 46.29
C ASP D 44 10.29 0.80 45.17
N GLY D 45 11.06 0.73 44.09
CA GLY D 45 10.83 1.57 42.92
C GLY D 45 9.86 0.93 41.95
N LEU D 46 9.72 1.58 40.78
CA LEU D 46 8.81 1.11 39.75
C LEU D 46 9.27 -0.20 39.12
N PHE D 47 10.50 -0.65 39.40
CA PHE D 47 10.99 -1.93 38.88
C PHE D 47 11.53 -2.83 39.99
N CYS D 48 11.05 -2.64 41.23
CA CYS D 48 11.60 -3.35 42.38
C CYS D 48 11.49 -4.86 42.20
N GLU D 49 12.61 -5.56 42.39
CA GLU D 49 12.61 -7.01 42.27
C GLU D 49 11.91 -7.68 43.44
N LYS D 50 11.92 -7.04 44.61
CA LYS D 50 11.14 -7.55 45.74
C LYS D 50 9.65 -7.58 45.44
N ILE D 51 9.17 -6.65 44.63
CA ILE D 51 7.75 -6.55 44.30
C ILE D 51 7.44 -7.38 43.08
N PHE D 52 8.03 -7.01 41.93
CA PHE D 52 7.63 -7.55 40.64
C PHE D 52 8.32 -8.87 40.31
N GLY D 53 9.62 -8.98 40.57
CA GLY D 53 10.34 -10.20 40.28
C GLY D 53 11.78 -9.97 39.87
N PRO D 54 12.56 -11.04 39.81
CA PRO D 54 14.00 -10.89 39.53
C PRO D 54 14.25 -10.52 38.08
N THR D 55 15.25 -9.66 37.89
CA THR D 55 15.68 -9.30 36.54
C THR D 55 16.08 -10.53 35.75
N ARG D 56 17.01 -11.32 36.28
CA ARG D 56 17.47 -12.55 35.68
C ARG D 56 16.91 -13.74 36.45
N ASP D 57 16.89 -14.89 35.79
CA ASP D 57 16.31 -16.09 36.38
C ASP D 57 17.18 -16.58 37.55
N TRP D 58 16.53 -16.83 38.68
CA TRP D 58 17.16 -17.36 39.89
C TRP D 58 18.25 -16.45 40.45
N GLU D 59 18.25 -15.18 40.06
CA GLU D 59 19.21 -14.20 40.55
C GLU D 59 18.49 -13.16 41.38
N CYS D 60 18.90 -13.02 42.64
CA CYS D 60 18.27 -12.07 43.54
C CYS D 60 18.95 -10.71 43.44
N TYR D 61 18.47 -9.75 44.22
CA TYR D 61 19.01 -8.39 44.18
C TYR D 61 20.35 -8.29 44.91
N CYS D 62 20.41 -8.79 46.15
CA CYS D 62 21.60 -8.66 46.96
C CYS D 62 22.74 -9.56 46.49
N GLY D 63 22.49 -10.48 45.56
CA GLY D 63 23.55 -11.32 45.04
C GLY D 63 23.87 -12.55 45.85
N LYS D 64 23.12 -12.83 46.91
CA LYS D 64 23.41 -13.99 47.74
C LYS D 64 22.95 -15.28 47.06
N TYR D 65 21.80 -15.26 46.40
CA TYR D 65 21.22 -16.44 45.77
C TYR D 65 21.25 -16.24 44.25
N LYS D 66 22.20 -16.91 43.60
CA LYS D 66 22.35 -16.85 42.15
C LYS D 66 22.24 -18.21 41.48
N ARG D 67 22.02 -19.27 42.24
CA ARG D 67 21.98 -20.63 41.70
C ARG D 67 20.56 -21.18 41.75
N VAL D 68 20.34 -22.24 40.98
CA VAL D 68 19.00 -22.80 40.84
C VAL D 68 18.61 -23.69 42.01
N ARG D 69 19.59 -24.18 42.79
CA ARG D 69 19.29 -25.12 43.87
C ARG D 69 18.41 -24.48 44.94
N PHE D 70 18.49 -23.16 45.12
CA PHE D 70 17.64 -22.46 46.08
C PHE D 70 16.35 -22.00 45.40
N LYS D 71 15.56 -22.96 44.93
CA LYS D 71 14.36 -22.64 44.17
C LYS D 71 13.20 -22.36 45.13
N GLY D 72 12.67 -21.14 45.07
CA GLY D 72 11.53 -20.74 45.88
C GLY D 72 11.86 -20.07 47.19
N ILE D 73 13.11 -19.66 47.39
CA ILE D 73 13.53 -19.05 48.65
C ILE D 73 13.29 -17.55 48.60
N ILE D 74 12.65 -17.02 49.64
CA ILE D 74 12.50 -15.58 49.79
C ILE D 74 13.77 -15.06 50.46
N CYS D 75 14.59 -14.34 49.71
CA CYS D 75 15.84 -13.84 50.25
C CYS D 75 15.56 -12.88 51.41
N GLU D 76 16.35 -13.01 52.48
CA GLU D 76 16.10 -12.22 53.68
C GLU D 76 16.67 -10.83 53.58
N ARG D 77 17.75 -10.64 52.82
CA ARG D 77 18.44 -9.36 52.79
C ARG D 77 17.87 -8.41 51.75
N CYS D 78 17.30 -8.92 50.66
CA CYS D 78 16.69 -8.06 49.66
C CYS D 78 15.22 -8.34 49.42
N GLY D 79 14.66 -9.40 50.02
CA GLY D 79 13.24 -9.67 49.90
C GLY D 79 12.79 -10.24 48.57
N VAL D 80 13.70 -10.53 47.67
CA VAL D 80 13.32 -11.00 46.34
C VAL D 80 13.13 -12.51 46.37
N GLU D 81 12.11 -12.99 45.66
CA GLU D 81 11.95 -14.42 45.42
C GLU D 81 12.90 -14.86 44.30
N VAL D 82 13.11 -16.17 44.21
CA VAL D 82 14.00 -16.71 43.19
C VAL D 82 13.26 -17.68 42.28
N THR D 83 12.49 -17.13 41.34
CA THR D 83 11.92 -17.88 40.24
C THR D 83 12.43 -17.27 38.94
N ARG D 84 11.85 -17.72 37.82
CA ARG D 84 12.24 -17.18 36.53
C ARG D 84 11.71 -15.76 36.37
N ALA D 85 12.34 -15.01 35.45
CA ALA D 85 11.90 -13.65 35.16
C ALA D 85 10.56 -13.60 34.42
N LYS D 86 9.91 -14.75 34.24
CA LYS D 86 8.58 -14.79 33.63
C LYS D 86 7.53 -14.13 34.51
N VAL D 87 7.78 -14.03 35.82
CA VAL D 87 6.80 -13.41 36.71
C VAL D 87 6.73 -11.90 36.49
N ARG D 88 7.81 -11.30 35.99
CA ARG D 88 7.83 -9.85 35.76
C ARG D 88 6.91 -9.42 34.63
N ARG D 89 6.16 -10.34 34.02
CA ARG D 89 5.14 -10.01 33.05
C ARG D 89 3.73 -10.12 33.62
N GLU D 90 3.57 -10.63 34.84
CA GLU D 90 2.25 -10.91 35.41
C GLU D 90 2.06 -10.47 36.85
N ARG D 91 3.13 -10.18 37.59
CA ARG D 91 2.99 -9.79 38.99
C ARG D 91 2.63 -8.31 39.08
N MET D 92 1.47 -8.03 39.66
CA MET D 92 0.97 -6.66 39.75
C MET D 92 1.53 -5.95 40.96
N GLY D 93 1.69 -4.63 40.84
CA GLY D 93 1.99 -3.77 41.95
C GLY D 93 0.81 -2.86 42.26
N HIS D 94 1.02 -1.97 43.23
CA HIS D 94 -0.02 -1.02 43.58
C HIS D 94 0.60 0.16 44.33
N ILE D 95 -0.03 1.32 44.19
CA ILE D 95 0.31 2.51 44.94
C ILE D 95 -0.83 2.77 45.92
N GLU D 96 -0.48 2.94 47.19
CA GLU D 96 -1.47 3.25 48.22
C GLU D 96 -1.63 4.77 48.32
N LEU D 97 -2.80 5.27 47.98
CA LEU D 97 -3.04 6.70 47.92
C LEU D 97 -3.36 7.26 49.29
N ALA D 98 -2.85 8.46 49.55
CA ALA D 98 -3.12 9.16 50.80
C ALA D 98 -4.47 9.86 50.80
N ALA D 99 -5.13 9.95 49.64
CA ALA D 99 -6.43 10.57 49.51
C ALA D 99 -7.18 9.88 48.39
N PRO D 100 -8.43 9.49 48.61
CA PRO D 100 -9.19 8.79 47.56
C PRO D 100 -9.31 9.63 46.29
N VAL D 101 -9.36 8.94 45.15
CA VAL D 101 -9.51 9.56 43.85
C VAL D 101 -10.57 8.79 43.08
N THR D 102 -11.15 9.46 42.08
CA THR D 102 -12.20 8.87 41.26
C THR D 102 -11.62 8.39 39.93
N HIS D 103 -12.20 7.31 39.42
CA HIS D 103 -11.80 6.75 38.14
C HIS D 103 -12.40 7.59 37.01
N ILE D 104 -11.53 8.19 36.19
CA ILE D 104 -11.97 9.13 35.17
C ILE D 104 -12.92 8.49 34.16
N TRP D 105 -12.87 7.16 34.01
CA TRP D 105 -13.78 6.49 33.09
C TRP D 105 -15.24 6.69 33.48
N TYR D 106 -15.53 6.85 34.77
CA TYR D 106 -16.89 6.99 35.25
C TYR D 106 -17.26 8.44 35.57
N PHE D 107 -16.28 9.35 35.60
CA PHE D 107 -16.57 10.76 35.80
C PHE D 107 -16.70 11.49 34.46
N LYS D 108 -15.64 11.46 33.65
CA LYS D 108 -15.61 12.22 32.41
C LYS D 108 -16.20 11.47 31.22
N GLY D 109 -16.20 10.13 31.26
CA GLY D 109 -16.80 9.34 30.21
C GLY D 109 -18.27 9.65 30.05
N VAL D 110 -18.70 9.93 28.82
CA VAL D 110 -20.08 10.34 28.56
C VAL D 110 -20.93 9.11 28.26
N PRO D 111 -22.09 8.95 28.92
CA PRO D 111 -22.61 9.85 29.96
C PRO D 111 -21.94 9.57 31.31
N SER D 112 -21.78 10.62 32.14
CA SER D 112 -21.10 10.50 33.42
C SER D 112 -21.81 9.50 34.32
N ARG D 113 -21.16 8.37 34.59
CA ARG D 113 -21.78 7.32 35.39
C ARG D 113 -22.01 7.77 36.83
N LEU D 114 -21.08 8.56 37.37
CA LEU D 114 -21.29 9.10 38.72
C LEU D 114 -22.42 10.12 38.73
N GLY D 115 -22.49 10.97 37.71
CA GLY D 115 -23.56 11.95 37.65
C GLY D 115 -24.94 11.34 37.54
N TYR D 116 -25.04 10.16 36.93
CA TYR D 116 -26.31 9.44 36.85
C TYR D 116 -26.68 8.80 38.18
N LEU D 117 -25.69 8.38 38.96
CA LEU D 117 -25.97 7.71 40.23
C LEU D 117 -26.43 8.69 41.30
N LEU D 118 -25.72 9.81 41.44
CA LEU D 118 -26.00 10.80 42.48
C LEU D 118 -26.88 11.94 41.98
N ASP D 119 -27.35 11.88 40.73
CA ASP D 119 -28.23 12.92 40.16
C ASP D 119 -27.56 14.29 40.16
N LEU D 120 -26.23 14.31 40.10
CA LEU D 120 -25.48 15.56 40.05
C LEU D 120 -25.13 15.91 38.60
N ALA D 121 -25.13 17.20 38.30
CA ALA D 121 -24.79 17.65 36.96
C ALA D 121 -23.31 17.39 36.67
N PRO D 122 -22.96 17.23 35.38
CA PRO D 122 -21.54 16.98 35.06
C PRO D 122 -20.62 18.11 35.48
N LYS D 123 -20.98 19.37 35.21
CA LYS D 123 -20.12 20.49 35.59
C LYS D 123 -20.03 20.63 37.10
N ASP D 124 -21.15 20.41 37.80
CA ASP D 124 -21.12 20.41 39.26
C ASP D 124 -20.23 19.29 39.79
N LEU D 125 -20.33 18.10 39.18
CA LEU D 125 -19.43 17.01 39.54
C LEU D 125 -17.98 17.35 39.21
N GLU D 126 -17.75 18.11 38.13
CA GLU D 126 -16.41 18.56 37.81
C GLU D 126 -15.88 19.52 38.86
N LYS D 127 -16.75 20.43 39.33
CA LYS D 127 -16.33 21.40 40.35
C LYS D 127 -16.00 20.72 41.67
N ILE D 128 -16.64 19.60 41.98
CA ILE D 128 -16.41 18.95 43.27
C ILE D 128 -15.05 18.25 43.30
N ILE D 129 -14.82 17.34 42.36
CA ILE D 129 -13.66 16.47 42.40
C ILE D 129 -12.37 17.28 42.35
N TYR D 130 -12.35 18.35 41.56
CA TYR D 130 -11.14 19.13 41.34
C TYR D 130 -11.08 20.38 42.23
N PHE D 131 -11.77 20.33 43.37
CA PHE D 131 -11.62 21.32 44.44
C PHE D 131 -11.95 22.73 43.97
N ALA D 132 -13.12 22.87 43.35
CA ALA D 132 -13.67 24.17 42.99
C ALA D 132 -14.91 24.52 43.79
N ALA D 133 -15.50 23.56 44.50
CA ALA D 133 -16.70 23.81 45.27
C ALA D 133 -16.85 22.71 46.33
N TYR D 134 -17.24 23.11 47.53
CA TYR D 134 -17.60 22.13 48.56
C TYR D 134 -18.97 21.54 48.25
N VAL D 135 -19.22 20.37 48.82
CA VAL D 135 -20.50 19.69 48.70
C VAL D 135 -20.94 19.23 50.08
N ILE D 136 -22.24 19.33 50.34
CA ILE D 136 -22.79 18.97 51.65
C ILE D 136 -22.99 17.47 51.72
N THR D 137 -22.27 16.82 52.64
CA THR D 137 -22.38 15.38 52.81
C THR D 137 -23.49 14.97 53.77
N SER D 138 -23.75 15.77 54.80
CA SER D 138 -24.79 15.45 55.76
C SER D 138 -25.22 16.73 56.47
N VAL D 139 -26.46 16.73 56.95
CA VAL D 139 -27.04 17.85 57.68
C VAL D 139 -27.91 17.29 58.80
N ASP D 140 -27.61 17.68 60.03
CA ASP D 140 -28.43 17.29 61.19
C ASP D 140 -29.69 18.13 61.16
N GLU D 141 -30.69 17.66 60.41
CA GLU D 141 -31.89 18.45 60.18
C GLU D 141 -32.73 18.60 61.45
N GLU D 142 -32.68 17.63 62.35
CA GLU D 142 -33.46 17.76 63.58
C GLU D 142 -32.81 18.72 64.56
N MET D 143 -31.48 18.70 64.67
CA MET D 143 -30.79 19.65 65.54
C MET D 143 -31.00 21.08 65.06
N ARG D 144 -31.03 21.28 63.74
CA ARG D 144 -31.28 22.62 63.21
C ARG D 144 -32.66 23.12 63.59
N HIS D 145 -33.65 22.22 63.62
CA HIS D 145 -35.00 22.63 64.00
C HIS D 145 -35.09 22.95 65.48
N ASN D 146 -34.41 22.18 66.33
CA ASN D 146 -34.45 22.41 67.77
C ASN D 146 -33.66 23.64 68.20
N GLU D 147 -32.90 24.25 67.29
CA GLU D 147 -32.15 25.47 67.59
C GLU D 147 -32.45 26.59 66.60
N LEU D 148 -33.47 26.42 65.74
CA LEU D 148 -33.73 27.39 64.69
C LEU D 148 -34.20 28.72 65.27
N SER D 149 -35.05 28.68 66.30
CA SER D 149 -35.51 29.91 66.93
C SER D 149 -34.35 30.71 67.51
N THR D 150 -33.40 30.03 68.14
CA THR D 150 -32.27 30.71 68.75
C THR D 150 -31.33 31.28 67.69
N LEU D 151 -31.01 30.49 66.66
CA LEU D 151 -30.11 30.97 65.62
C LEU D 151 -30.74 32.09 64.79
N GLU D 152 -32.07 32.11 64.68
CA GLU D 152 -32.73 33.17 63.92
C GLU D 152 -32.59 34.51 64.61
N ALA D 153 -32.86 34.55 65.92
CA ALA D 153 -32.75 35.80 66.66
C ALA D 153 -31.31 36.29 66.73
N GLU D 154 -30.35 35.37 66.85
CA GLU D 154 -28.94 35.76 66.84
C GLU D 154 -28.55 36.38 65.51
N MET D 155 -29.00 35.78 64.41
CA MET D 155 -28.75 36.36 63.09
C MET D 155 -29.48 37.70 62.94
N ALA D 156 -30.71 37.78 63.44
CA ALA D 156 -31.46 39.03 63.38
C ALA D 156 -30.77 40.13 64.19
N VAL D 157 -30.21 39.77 65.35
CA VAL D 157 -29.47 40.74 66.16
C VAL D 157 -28.21 41.19 65.43
N GLU D 158 -27.51 40.27 64.77
CA GLU D 158 -26.29 40.63 64.05
C GLU D 158 -26.61 41.55 62.88
N ARG D 159 -27.73 41.31 62.19
CA ARG D 159 -28.11 42.18 61.08
C ARG D 159 -28.47 43.58 61.57
N LYS D 160 -29.15 43.68 62.70
CA LYS D 160 -29.50 45.00 63.24
C LYS D 160 -28.26 45.78 63.64
N ALA D 161 -27.32 45.11 64.32
CA ALA D 161 -26.08 45.78 64.74
C ALA D 161 -25.28 46.27 63.54
N VAL D 162 -25.41 45.60 62.39
CA VAL D 162 -24.75 46.08 61.18
C VAL D 162 -25.46 47.32 60.66
N GLU D 163 -26.79 47.34 60.71
CA GLU D 163 -27.54 48.51 60.27
C GLU D 163 -27.30 49.70 61.19
N ASP D 164 -27.25 49.47 62.50
CA ASP D 164 -27.01 50.55 63.43
C ASP D 164 -25.65 51.21 63.18
N GLN D 165 -24.63 50.41 62.85
CA GLN D 165 -23.32 50.96 62.58
C GLN D 165 -23.29 51.74 61.27
N ARG D 166 -24.05 51.28 60.27
CA ARG D 166 -24.12 52.00 58.99
C ARG D 166 -24.73 53.38 59.18
N ASP D 167 -25.92 53.44 59.77
CA ASP D 167 -26.62 54.71 59.93
C ASP D 167 -25.83 55.69 60.79
N GLY D 168 -25.12 55.19 61.80
CA GLY D 168 -24.29 56.07 62.60
C GLY D 168 -23.10 56.61 61.84
N GLU D 169 -22.44 55.76 61.05
CA GLU D 169 -21.32 56.21 60.24
C GLU D 169 -21.79 57.17 59.15
N LEU D 170 -22.97 56.92 58.58
CA LEU D 170 -23.50 57.80 57.55
C LEU D 170 -23.81 59.19 58.11
N GLU D 171 -24.35 59.24 59.34
CA GLU D 171 -24.69 60.53 59.95
C GLU D 171 -23.45 61.38 60.19
N ALA D 172 -22.44 60.81 60.87
CA ALA D 172 -21.24 61.57 61.19
C ALA D 172 -20.57 62.11 59.93
N ARG D 173 -20.63 61.34 58.83
CA ARG D 173 -20.08 61.83 57.57
C ARG D 173 -20.95 62.94 56.97
N ALA D 174 -22.27 62.74 56.99
CA ALA D 174 -23.17 63.76 56.44
C ALA D 174 -23.11 65.04 57.24
N GLN D 175 -22.91 64.95 58.56
CA GLN D 175 -22.77 66.14 59.37
C GLN D 175 -21.40 66.78 59.19
N LYS D 176 -20.36 65.96 59.03
CA LYS D 176 -19.05 66.49 58.68
C LYS D 176 -19.07 67.15 57.31
N LEU D 177 -19.87 66.62 56.38
CA LEU D 177 -20.03 67.26 55.07
C LEU D 177 -20.75 68.60 55.21
N GLU D 178 -21.87 68.61 55.94
CA GLU D 178 -22.61 69.85 56.12
C GLU D 178 -21.81 70.88 56.91
N ALA D 179 -20.88 70.42 57.76
CA ALA D 179 -20.01 71.35 58.48
C ALA D 179 -18.88 71.87 57.60
N ASP D 180 -18.34 71.01 56.73
CA ASP D 180 -17.28 71.44 55.83
C ASP D 180 -17.79 72.46 54.81
N LEU D 181 -19.02 72.28 54.33
CA LEU D 181 -19.58 73.25 53.39
C LEU D 181 -19.82 74.59 54.05
N ALA D 182 -20.26 74.58 55.32
CA ALA D 182 -20.43 75.83 56.04
C ALA D 182 -19.09 76.48 56.37
N GLU D 183 -18.04 75.67 56.51
CA GLU D 183 -16.72 76.22 56.82
C GLU D 183 -16.08 76.83 55.58
N LEU D 184 -16.28 76.23 54.42
CA LEU D 184 -15.79 76.79 53.17
C LEU D 184 -16.67 77.91 52.63
N GLU D 185 -17.79 78.19 53.29
CA GLU D 185 -18.60 79.37 52.98
C GLU D 185 -18.14 80.59 53.74
N ALA D 186 -17.68 80.42 54.99
CA ALA D 186 -17.08 81.53 55.71
C ALA D 186 -15.73 81.92 55.10
N GLU D 187 -15.00 80.95 54.55
CA GLU D 187 -13.78 81.24 53.82
C GLU D 187 -14.05 81.90 52.48
N GLY D 188 -15.29 81.90 52.01
CA GLY D 188 -15.66 82.64 50.82
C GLY D 188 -15.30 81.98 49.51
N ALA D 189 -15.02 80.68 49.51
CA ALA D 189 -14.69 80.00 48.27
C ALA D 189 -15.85 80.06 47.29
N LYS D 190 -15.53 79.99 46.00
CA LYS D 190 -16.56 80.06 44.97
C LYS D 190 -17.54 78.90 45.12
N ALA D 191 -18.81 79.18 44.87
CA ALA D 191 -19.85 78.16 45.06
C ALA D 191 -19.62 76.94 44.19
N ASP D 192 -18.92 77.11 43.06
CA ASP D 192 -18.58 75.96 42.23
C ASP D 192 -17.57 75.06 42.91
N ALA D 193 -16.65 75.64 43.69
CA ALA D 193 -15.69 74.82 44.43
C ALA D 193 -16.37 74.02 45.54
N ARG D 194 -17.45 74.55 46.12
CA ARG D 194 -18.19 73.80 47.12
C ARG D 194 -18.83 72.56 46.51
N ARG D 195 -19.33 72.67 45.28
CA ARG D 195 -19.97 71.54 44.62
C ARG D 195 -19.01 70.37 44.48
N LYS D 196 -17.70 70.63 44.42
CA LYS D 196 -16.73 69.54 44.44
C LYS D 196 -16.69 68.86 45.79
N VAL D 197 -16.73 69.64 46.88
CA VAL D 197 -16.76 69.07 48.21
C VAL D 197 -18.10 68.41 48.48
N ARG D 198 -19.18 68.93 47.89
CA ARG D 198 -20.49 68.31 48.02
C ARG D 198 -20.54 66.98 47.30
N ASP D 199 -20.11 66.94 46.04
CA ASP D 199 -20.11 65.70 45.28
C ASP D 199 -19.15 64.68 45.89
N GLY D 200 -18.09 65.12 46.54
CA GLY D 200 -17.20 64.20 47.22
C GLY D 200 -17.85 63.55 48.42
N GLY D 201 -18.63 64.32 49.18
CA GLY D 201 -19.34 63.76 50.31
C GLY D 201 -20.39 62.75 49.89
N GLU D 202 -21.18 63.10 48.87
CA GLU D 202 -22.15 62.16 48.33
C GLU D 202 -21.48 60.92 47.76
N ARG D 203 -20.27 61.08 47.21
CA ARG D 203 -19.53 59.92 46.73
C ARG D 203 -19.02 59.07 47.89
N GLU D 204 -18.59 59.71 48.98
CA GLU D 204 -18.13 58.97 50.15
C GLU D 204 -19.30 58.31 50.87
N MET D 205 -20.45 58.99 50.95
CA MET D 205 -21.60 58.40 51.62
C MET D 205 -22.13 57.19 50.86
N ARG D 206 -22.11 57.24 49.52
CA ARG D 206 -22.54 56.11 48.72
C ARG D 206 -21.67 54.88 48.99
N GLN D 207 -20.36 55.08 49.14
CA GLN D 207 -19.47 53.95 49.43
C GLN D 207 -19.77 53.33 50.79
N ILE D 208 -20.04 54.17 51.79
CA ILE D 208 -20.32 53.65 53.14
C ILE D 208 -21.62 52.86 53.14
N ARG D 209 -22.63 53.36 52.43
CA ARG D 209 -23.91 52.64 52.37
C ARG D 209 -23.77 51.32 51.64
N ASP D 210 -22.91 51.25 50.62
CA ASP D 210 -22.75 50.03 49.84
C ASP D 210 -21.90 49.00 50.59
N ARG D 211 -20.83 49.45 51.25
CA ARG D 211 -20.02 48.52 52.05
C ARG D 211 -20.85 47.85 53.13
N ALA D 212 -21.89 48.52 53.61
CA ALA D 212 -22.80 47.91 54.57
C ALA D 212 -23.78 46.96 53.88
N GLN D 213 -24.24 47.31 52.68
CA GLN D 213 -25.19 46.46 51.97
C GLN D 213 -24.54 45.14 51.54
N ARG D 214 -23.28 45.19 51.14
CA ARG D 214 -22.57 43.94 50.81
C ARG D 214 -22.42 43.05 52.03
N GLU D 215 -22.26 43.63 53.21
CA GLU D 215 -22.22 42.84 54.44
C GLU D 215 -23.60 42.30 54.79
N LEU D 216 -24.65 43.09 54.55
CA LEU D 216 -26.01 42.62 54.81
C LEU D 216 -26.39 41.49 53.86
N ASP D 217 -25.95 41.57 52.60
CA ASP D 217 -26.35 40.56 51.62
C ASP D 217 -25.69 39.22 51.89
N ARG D 218 -24.47 39.21 52.45
CA ARG D 218 -23.87 37.96 52.86
C ARG D 218 -24.69 37.30 53.97
N LEU D 219 -25.04 38.08 55.00
CA LEU D 219 -25.82 37.54 56.10
C LEU D 219 -27.19 37.07 55.63
N GLU D 220 -27.70 37.64 54.53
CA GLU D 220 -28.91 37.11 53.93
C GLU D 220 -28.63 35.79 53.21
N ASP D 221 -27.48 35.69 52.52
CA ASP D 221 -27.11 34.43 51.88
C ASP D 221 -26.66 33.39 52.90
N ILE D 222 -25.90 33.82 53.92
CA ILE D 222 -25.43 32.88 54.94
C ILE D 222 -26.59 32.25 55.68
N TRP D 223 -27.62 33.05 55.99
CA TRP D 223 -28.80 32.50 56.66
C TRP D 223 -29.65 31.69 55.69
N SER D 224 -29.79 32.16 54.45
CA SER D 224 -30.59 31.43 53.46
C SER D 224 -29.99 30.06 53.17
N THR D 225 -28.66 29.98 53.08
CA THR D 225 -28.02 28.70 52.77
C THR D 225 -28.18 27.71 53.91
N PHE D 226 -27.94 28.15 55.15
CA PHE D 226 -28.08 27.26 56.29
C PHE D 226 -29.53 26.84 56.51
N THR D 227 -30.48 27.71 56.18
CA THR D 227 -31.89 27.34 56.32
C THR D 227 -32.28 26.25 55.33
N LYS D 228 -31.85 26.38 54.09
CA LYS D 228 -32.18 25.43 53.03
C LYS D 228 -30.97 24.57 52.68
N LEU D 229 -30.45 23.88 53.70
CA LEU D 229 -29.26 23.06 53.58
C LEU D 229 -29.67 21.59 53.59
N ALA D 230 -29.39 20.89 52.50
CA ALA D 230 -29.66 19.48 52.33
C ALA D 230 -28.44 18.82 51.70
N PRO D 231 -28.30 17.51 51.85
CA PRO D 231 -27.17 16.81 51.22
C PRO D 231 -27.19 16.99 49.70
N LYS D 232 -26.01 16.75 49.10
CA LYS D 232 -25.75 16.85 47.67
C LYS D 232 -25.86 18.28 47.14
N GLN D 233 -26.00 19.27 48.02
CA GLN D 233 -25.95 20.67 47.59
C GLN D 233 -24.51 21.10 47.40
N LEU D 234 -24.31 22.07 46.51
CA LEU D 234 -22.97 22.57 46.19
C LEU D 234 -22.83 24.02 46.64
N ILE D 235 -21.64 24.36 47.12
CA ILE D 235 -21.33 25.70 47.61
C ILE D 235 -20.07 26.13 46.87
N VAL D 236 -20.24 26.85 45.77
CA VAL D 236 -19.10 27.23 44.94
C VAL D 236 -18.26 28.31 45.63
N ASP D 237 -18.89 29.17 46.43
CA ASP D 237 -18.18 30.23 47.13
C ASP D 237 -17.42 29.64 48.32
N GLU D 238 -16.10 29.80 48.32
CA GLU D 238 -15.29 29.25 49.40
C GLU D 238 -15.47 30.07 50.69
N ASN D 239 -15.62 31.38 50.57
CA ASN D 239 -15.82 32.21 51.76
C ASN D 239 -17.18 31.95 52.39
N LEU D 240 -18.21 31.72 51.58
CA LEU D 240 -19.52 31.37 52.11
C LEU D 240 -19.46 30.08 52.93
N TYR D 241 -18.82 29.05 52.37
CA TYR D 241 -18.68 27.79 53.11
C TYR D 241 -17.87 27.99 54.38
N ARG D 242 -16.85 28.85 54.32
CA ARG D 242 -16.05 29.12 55.52
C ARG D 242 -16.91 29.76 56.61
N GLU D 243 -17.82 30.65 56.23
CA GLU D 243 -18.73 31.25 57.21
C GLU D 243 -19.68 30.20 57.78
N LEU D 244 -20.18 29.30 56.94
CA LEU D 244 -21.13 28.29 57.40
C LEU D 244 -20.51 27.39 58.47
N VAL D 245 -19.27 26.96 58.27
CA VAL D 245 -18.60 26.13 59.26
C VAL D 245 -18.26 26.94 60.50
N ASP D 246 -17.87 28.20 60.31
CA ASP D 246 -17.54 29.06 61.44
C ASP D 246 -18.74 29.29 62.35
N ARG D 247 -19.95 29.25 61.79
CA ARG D 247 -21.16 29.51 62.56
C ARG D 247 -21.88 28.22 62.93
N TYR D 248 -22.38 27.51 61.92
CA TYR D 248 -23.25 26.36 62.12
C TYR D 248 -22.55 25.05 61.83
N GLY D 249 -21.24 24.96 62.13
CA GLY D 249 -20.50 23.74 61.86
C GLY D 249 -20.99 22.54 62.64
N GLU D 250 -21.62 22.77 63.80
CA GLU D 250 -22.17 21.68 64.59
C GLU D 250 -23.31 20.96 63.89
N TYR D 251 -23.88 21.57 62.85
CA TYR D 251 -25.14 21.10 62.28
C TYR D 251 -24.97 20.31 60.99
N PHE D 252 -23.93 20.59 60.20
CA PHE D 252 -23.75 19.94 58.90
C PHE D 252 -22.31 19.47 58.74
N THR D 253 -22.10 18.63 57.74
CA THR D 253 -20.78 18.13 57.38
C THR D 253 -20.63 18.21 55.87
N GLY D 254 -19.60 18.94 55.42
CA GLY D 254 -19.29 19.03 54.01
C GLY D 254 -17.83 18.69 53.77
N ALA D 255 -17.50 18.55 52.48
CA ALA D 255 -16.14 18.22 52.08
C ALA D 255 -15.95 18.60 50.63
N MET D 256 -14.70 18.53 50.19
CA MET D 256 -14.31 18.85 48.82
C MET D 256 -13.65 17.64 48.17
N GLY D 257 -13.38 17.76 46.88
CA GLY D 257 -12.60 16.77 46.17
C GLY D 257 -13.28 15.43 46.01
N ALA D 258 -12.44 14.40 45.80
CA ALA D 258 -12.93 13.06 45.54
C ALA D 258 -13.41 12.37 46.82
N GLU D 259 -12.72 12.60 47.94
CA GLU D 259 -13.11 11.96 49.19
C GLU D 259 -14.53 12.31 49.59
N SER D 260 -15.03 13.46 49.16
CA SER D 260 -16.41 13.83 49.43
C SER D 260 -17.38 12.91 48.70
N ILE D 261 -17.14 12.68 47.41
CA ILE D 261 -18.02 11.79 46.64
C ILE D 261 -18.01 10.38 47.21
N GLN D 262 -16.85 9.93 47.68
CA GLN D 262 -16.77 8.65 48.37
C GLN D 262 -17.73 8.58 49.55
N LYS D 263 -17.95 9.71 50.23
CA LYS D 263 -18.88 9.74 51.36
C LYS D 263 -20.33 9.77 50.89
N LEU D 264 -20.62 10.39 49.74
CA LEU D 264 -21.98 10.41 49.23
C LEU D 264 -22.42 9.02 48.80
N ILE D 265 -21.50 8.24 48.22
CA ILE D 265 -21.84 6.89 47.77
C ILE D 265 -22.12 5.98 48.98
N GLU D 266 -21.39 6.20 50.08
CA GLU D 266 -21.63 5.42 51.28
C GLU D 266 -23.00 5.75 51.88
N ASN D 267 -23.30 7.04 52.03
CA ASN D 267 -24.60 7.48 52.54
C ASN D 267 -25.62 7.54 51.39
N PHE D 268 -25.88 6.37 50.82
CA PHE D 268 -26.75 6.27 49.66
C PHE D 268 -27.52 4.96 49.75
N ASP D 269 -28.84 5.04 49.69
CA ASP D 269 -29.70 3.85 49.72
C ASP D 269 -30.01 3.45 48.27
N ILE D 270 -29.42 2.34 47.84
CA ILE D 270 -29.55 1.92 46.44
C ILE D 270 -31.00 1.57 46.12
N ASP D 271 -31.64 0.79 47.01
CA ASP D 271 -32.99 0.31 46.73
C ASP D 271 -34.00 1.44 46.68
N ALA D 272 -33.86 2.44 47.55
CA ALA D 272 -34.80 3.55 47.58
C ALA D 272 -34.69 4.39 46.30
N GLU D 273 -33.47 4.80 45.95
CA GLU D 273 -33.28 5.59 44.75
C GLU D 273 -33.67 4.83 43.50
N ALA D 274 -33.59 3.49 43.53
CA ALA D 274 -34.09 2.69 42.43
C ALA D 274 -35.60 2.78 42.32
N GLU D 275 -36.30 2.61 43.46
CA GLU D 275 -37.75 2.70 43.46
C GLU D 275 -38.24 4.11 43.16
N SER D 276 -37.51 5.13 43.61
CA SER D 276 -37.91 6.51 43.34
C SER D 276 -37.95 6.78 41.84
N LEU D 277 -36.99 6.23 41.10
CA LEU D 277 -37.03 6.33 39.64
C LEU D 277 -38.16 5.52 39.05
N ARG D 278 -38.49 4.38 39.66
CA ARG D 278 -39.57 3.54 39.16
C ARG D 278 -40.91 4.25 39.25
N ASP D 279 -41.13 5.02 40.33
CA ASP D 279 -42.37 5.78 40.44
C ASP D 279 -42.51 6.81 39.33
N VAL D 280 -41.42 7.53 39.03
CA VAL D 280 -41.44 8.47 37.92
C VAL D 280 -41.60 7.73 36.59
N ILE D 281 -40.96 6.57 36.47
CA ILE D 281 -41.02 5.80 35.22
C ILE D 281 -42.44 5.28 34.99
N ARG D 282 -43.13 4.86 36.05
CA ARG D 282 -44.44 4.25 35.90
C ARG D 282 -45.43 5.24 35.31
N ASN D 283 -45.46 6.47 35.82
CA ASN D 283 -46.35 7.52 35.32
C ASN D 283 -45.57 8.82 35.23
N GLY D 284 -45.27 9.25 34.01
CA GLY D 284 -44.47 10.46 33.83
C GLY D 284 -44.59 11.01 32.44
N LYS D 285 -44.21 12.28 32.32
CA LYS D 285 -44.17 12.97 31.03
C LYS D 285 -42.86 12.68 30.34
N GLY D 286 -42.92 12.46 29.02
CA GLY D 286 -41.75 12.01 28.29
C GLY D 286 -40.57 12.97 28.40
N GLN D 287 -40.85 14.27 28.51
CA GLN D 287 -39.79 15.25 28.64
C GLN D 287 -38.88 14.95 29.83
N LYS D 288 -39.47 14.66 30.98
CA LYS D 288 -38.72 14.39 32.20
C LYS D 288 -38.66 12.91 32.56
N LYS D 289 -39.27 12.03 31.74
CA LYS D 289 -39.22 10.60 31.99
C LYS D 289 -38.04 9.92 31.32
N LEU D 290 -37.72 10.31 30.08
CA LEU D 290 -36.55 9.76 29.41
C LEU D 290 -35.29 9.98 30.23
N ARG D 291 -35.15 11.18 30.82
CA ARG D 291 -34.02 11.46 31.68
C ARG D 291 -34.05 10.64 32.97
N ALA D 292 -35.21 10.13 33.35
CA ALA D 292 -35.32 9.23 34.49
C ALA D 292 -35.15 7.77 34.11
N LEU D 293 -35.44 7.41 32.86
CA LEU D 293 -35.21 6.04 32.40
C LEU D 293 -33.73 5.70 32.42
N LYS D 294 -32.90 6.59 31.88
CA LYS D 294 -31.47 6.29 31.72
C LYS D 294 -30.76 6.19 33.07
N ARG D 295 -31.21 6.94 34.08
CA ARG D 295 -30.63 6.81 35.41
C ARG D 295 -30.84 5.41 35.97
N LEU D 296 -32.03 4.85 35.78
CA LEU D 296 -32.32 3.52 36.30
C LEU D 296 -31.38 2.48 35.71
N LYS D 297 -31.00 2.64 34.44
CA LYS D 297 -30.08 1.70 33.81
C LYS D 297 -28.79 1.56 34.59
N VAL D 298 -28.26 2.68 35.09
CA VAL D 298 -27.05 2.65 35.91
C VAL D 298 -27.36 2.16 37.31
N VAL D 299 -28.43 2.67 37.92
CA VAL D 299 -28.72 2.36 39.32
C VAL D 299 -29.14 0.90 39.49
N ALA D 300 -29.98 0.39 38.58
CA ALA D 300 -30.46 -0.99 38.71
C ALA D 300 -29.31 -2.00 38.60
N ALA D 301 -28.29 -1.69 37.80
CA ALA D 301 -27.17 -2.63 37.63
C ALA D 301 -26.40 -2.81 38.93
N PHE D 302 -26.18 -1.72 39.68
CA PHE D 302 -25.45 -1.84 40.95
C PHE D 302 -26.23 -2.66 41.97
N GLN D 303 -27.56 -2.55 41.95
CA GLN D 303 -28.38 -3.23 42.94
C GLN D 303 -28.34 -4.74 42.78
N GLN D 304 -28.65 -5.24 41.58
CA GLN D 304 -28.75 -6.69 41.38
C GLN D 304 -27.40 -7.38 41.51
N SER D 305 -26.34 -6.80 40.93
CA SER D 305 -25.07 -7.51 40.80
C SER D 305 -24.43 -7.81 42.15
N GLY D 306 -24.63 -6.95 43.15
CA GLY D 306 -23.97 -7.15 44.42
C GLY D 306 -22.59 -6.56 44.50
N ASN D 307 -22.17 -5.79 43.50
CA ASN D 307 -20.91 -5.05 43.54
C ASN D 307 -21.20 -3.61 43.91
N SER D 308 -20.41 -3.07 44.82
CA SER D 308 -20.68 -1.74 45.32
C SER D 308 -20.28 -0.68 44.29
N PRO D 309 -21.04 0.42 44.21
CA PRO D 309 -20.61 1.55 43.36
C PRO D 309 -19.37 2.26 43.88
N MET D 310 -18.92 1.94 45.09
CA MET D 310 -17.75 2.61 45.67
C MET D 310 -16.48 2.36 44.87
N GLY D 311 -16.46 1.32 44.04
CA GLY D 311 -15.28 1.04 43.23
C GLY D 311 -14.91 2.16 42.28
N MET D 312 -15.87 3.01 41.93
CA MET D 312 -15.59 4.16 41.07
C MET D 312 -14.63 5.15 41.73
N VAL D 313 -14.51 5.10 43.06
CA VAL D 313 -13.54 5.91 43.79
C VAL D 313 -12.46 4.96 44.31
N LEU D 314 -11.21 5.29 43.98
CA LEU D 314 -10.08 4.40 44.26
C LEU D 314 -9.30 4.88 45.48
N ASP D 315 -8.99 3.95 46.37
CA ASP D 315 -8.02 4.19 47.42
C ASP D 315 -6.63 3.69 47.06
N ALA D 316 -6.54 2.72 46.15
CA ALA D 316 -5.27 2.21 45.65
C ALA D 316 -5.39 1.98 44.15
N VAL D 317 -4.30 2.22 43.43
CA VAL D 317 -4.24 2.06 41.99
C VAL D 317 -3.27 0.92 41.68
N PRO D 318 -3.63 -0.02 40.81
CA PRO D 318 -2.72 -1.11 40.49
C PRO D 318 -1.64 -0.68 39.49
N VAL D 319 -0.49 -1.32 39.59
CA VAL D 319 0.66 -1.05 38.73
C VAL D 319 0.83 -2.24 37.80
N ILE D 320 0.89 -1.96 36.50
CA ILE D 320 1.03 -3.02 35.49
C ILE D 320 2.44 -3.61 35.59
N PRO D 321 2.62 -4.90 35.37
CA PRO D 321 3.96 -5.49 35.53
C PRO D 321 4.96 -4.80 34.62
N PRO D 322 6.24 -4.82 34.99
CA PRO D 322 7.22 -3.97 34.29
C PRO D 322 7.47 -4.36 32.85
N GLU D 323 7.41 -5.65 32.50
CA GLU D 323 7.73 -6.06 31.15
C GLU D 323 6.70 -5.55 30.14
N LEU D 324 5.52 -5.16 30.59
CA LEU D 324 4.53 -4.53 29.72
C LEU D 324 4.74 -3.01 29.60
N ARG D 325 5.67 -2.47 30.37
CA ARG D 325 6.07 -1.06 30.28
C ARG D 325 7.60 -0.99 30.28
N PRO D 326 8.25 -1.67 29.34
CA PRO D 326 9.69 -1.94 29.49
C PRO D 326 10.53 -0.69 29.25
N MET D 327 11.66 -0.65 29.94
CA MET D 327 12.65 0.42 29.81
C MET D 327 13.87 -0.17 29.12
N VAL D 328 14.11 0.26 27.88
CA VAL D 328 15.18 -0.28 27.06
C VAL D 328 16.35 0.69 27.03
N GLN D 329 17.55 0.14 26.96
CA GLN D 329 18.75 0.95 26.81
C GLN D 329 19.01 1.22 25.33
N LEU D 330 19.63 2.36 25.05
CA LEU D 330 19.90 2.81 23.70
C LEU D 330 21.39 2.70 23.40
N ASP D 331 21.71 2.55 22.11
CA ASP D 331 23.09 2.40 21.67
C ASP D 331 23.94 3.65 21.93
N GLY D 332 23.33 4.75 22.37
CA GLY D 332 24.06 5.94 22.75
C GLY D 332 24.40 6.04 24.21
N GLY D 333 24.06 5.02 25.01
CA GLY D 333 24.37 5.02 26.43
C GLY D 333 23.19 5.37 27.30
N ARG D 334 22.32 6.24 26.82
CA ARG D 334 21.17 6.70 27.58
C ARG D 334 20.06 5.65 27.52
N PHE D 335 18.86 6.02 27.99
CA PHE D 335 17.76 5.08 28.13
C PHE D 335 16.49 5.63 27.47
N ALA D 336 15.47 4.78 27.40
CA ALA D 336 14.16 5.14 26.88
C ALA D 336 13.12 4.24 27.53
N THR D 337 12.12 4.85 28.17
CA THR D 337 11.12 4.10 28.93
C THR D 337 9.73 4.38 28.37
N SER D 338 8.79 3.47 28.66
CA SER D 338 7.42 3.65 28.22
C SER D 338 6.79 4.86 28.90
N ASP D 339 5.81 5.46 28.23
CA ASP D 339 5.14 6.62 28.82
C ASP D 339 4.40 6.26 30.10
N LEU D 340 3.96 4.99 30.22
CA LEU D 340 3.31 4.55 31.44
C LEU D 340 4.22 4.71 32.64
N ASN D 341 5.54 4.63 32.44
CA ASN D 341 6.47 4.82 33.55
C ASN D 341 6.54 6.28 33.97
N ASP D 342 6.40 7.22 33.03
CA ASP D 342 6.36 8.63 33.41
C ASP D 342 5.02 9.00 34.06
N LEU D 343 3.95 8.28 33.72
CA LEU D 343 2.66 8.53 34.35
C LEU D 343 2.62 7.94 35.75
N TYR D 344 3.07 6.69 35.91
CA TYR D 344 3.16 6.09 37.23
C TYR D 344 4.10 6.88 38.12
N ARG D 345 5.18 7.42 37.56
CA ARG D 345 6.13 8.19 38.35
C ARG D 345 5.51 9.50 38.82
N ARG D 346 4.68 10.13 38.00
CA ARG D 346 4.07 11.39 38.41
C ARG D 346 3.02 11.18 39.49
N VAL D 347 2.29 10.05 39.44
CA VAL D 347 1.37 9.71 40.53
C VAL D 347 2.15 9.49 41.83
N ILE D 348 3.26 8.76 41.75
CA ILE D 348 4.06 8.49 42.94
C ILE D 348 4.65 9.78 43.50
N ASN D 349 5.13 10.65 42.60
CA ASN D 349 5.73 11.92 43.05
C ASN D 349 4.71 12.76 43.80
N ARG D 350 3.51 12.92 43.25
CA ARG D 350 2.51 13.76 43.88
C ARG D 350 1.86 13.09 45.10
N ASN D 351 1.79 11.76 45.10
CA ASN D 351 1.24 11.07 46.26
C ASN D 351 2.18 11.12 47.46
N ASN D 352 3.50 11.07 47.22
CA ASN D 352 4.46 11.18 48.31
C ASN D 352 4.58 12.60 48.83
N ARG D 353 4.35 13.60 47.99
CA ARG D 353 4.33 14.98 48.46
C ARG D 353 3.11 15.26 49.33
N LEU D 354 1.98 14.63 48.98
CA LEU D 354 0.78 14.77 49.80
C LEU D 354 0.98 14.14 51.17
N LYS D 355 1.72 13.03 51.24
CA LYS D 355 2.02 12.41 52.52
C LYS D 355 2.84 13.32 53.42
N ARG D 356 3.69 14.18 52.83
CA ARG D 356 4.45 15.12 53.62
C ARG D 356 3.55 16.23 54.18
N LEU D 357 2.64 16.74 53.35
CA LEU D 357 1.79 17.85 53.79
C LEU D 357 0.88 17.42 54.93
N ILE D 358 0.37 16.19 54.89
CA ILE D 358 -0.48 15.69 55.97
C ILE D 358 0.32 15.58 57.26
N ASP D 359 1.57 15.13 57.17
CA ASP D 359 2.40 15.02 58.37
C ASP D 359 2.75 16.40 58.91
N LEU D 360 3.11 17.33 58.03
CA LEU D 360 3.51 18.68 58.44
C LEU D 360 2.34 19.54 58.88
N GLY D 361 1.10 19.10 58.68
CA GLY D 361 -0.03 19.96 58.97
C GLY D 361 -0.06 21.20 58.11
N ALA D 362 0.38 21.08 56.86
CA ALA D 362 0.46 22.21 55.94
C ALA D 362 -0.93 22.84 55.76
N PRO D 363 -0.98 24.11 55.34
CA PRO D 363 -2.28 24.77 55.18
C PRO D 363 -3.21 24.01 54.25
N GLU D 364 -4.50 24.07 54.56
CA GLU D 364 -5.52 23.38 53.77
C GLU D 364 -5.49 23.80 52.31
N ILE D 365 -4.97 24.98 52.00
CA ILE D 365 -4.92 25.44 50.63
C ILE D 365 -3.86 24.65 49.83
N ILE D 366 -2.77 24.25 50.49
CA ILE D 366 -1.75 23.48 49.80
C ILE D 366 -2.16 22.01 49.68
N VAL D 367 -2.77 21.48 50.74
CA VAL D 367 -3.20 20.08 50.73
C VAL D 367 -4.31 19.87 49.70
N ASN D 368 -5.28 20.80 49.65
CA ASN D 368 -6.38 20.65 48.70
C ASN D 368 -5.89 20.84 47.26
N ASN D 369 -5.01 21.81 47.03
CA ASN D 369 -4.46 22.01 45.70
C ASN D 369 -3.54 20.86 45.29
N GLU D 370 -2.94 20.16 46.27
CA GLU D 370 -2.14 18.98 45.97
C GLU D 370 -3.02 17.79 45.65
N LYS D 371 -4.05 17.55 46.46
CA LYS D 371 -4.98 16.44 46.21
C LYS D 371 -5.61 16.55 44.83
N ARG D 372 -5.89 17.77 44.39
CA ARG D 372 -6.41 17.98 43.03
C ARG D 372 -5.43 17.46 41.99
N MET D 373 -4.14 17.73 42.18
CA MET D 373 -3.14 17.28 41.21
C MET D 373 -2.99 15.77 41.23
N LEU D 374 -3.21 15.13 42.39
CA LEU D 374 -3.18 13.68 42.44
C LEU D 374 -4.33 13.07 41.63
N GLN D 375 -5.49 13.73 41.66
CA GLN D 375 -6.62 13.26 40.85
C GLN D 375 -6.30 13.36 39.36
N GLU D 376 -5.72 14.48 38.94
CA GLU D 376 -5.36 14.65 37.54
C GLU D 376 -4.27 13.67 37.11
N SER D 377 -3.42 13.26 38.05
CA SER D 377 -2.37 12.29 37.73
C SER D 377 -2.96 10.92 37.45
N VAL D 378 -3.84 10.44 38.34
CA VAL D 378 -4.51 9.16 38.09
C VAL D 378 -5.40 9.23 36.87
N ASP D 379 -5.99 10.40 36.61
CA ASP D 379 -6.77 10.59 35.38
C ASP D 379 -5.87 10.50 34.15
N ALA D 380 -4.64 11.01 34.26
CA ALA D 380 -3.71 10.92 33.13
C ALA D 380 -3.18 9.50 32.97
N LEU D 381 -2.96 8.79 34.09
CA LEU D 381 -2.45 7.42 34.00
C LEU D 381 -3.47 6.50 33.35
N PHE D 382 -4.76 6.73 33.60
CA PHE D 382 -5.81 5.86 33.08
C PHE D 382 -6.27 6.29 31.69
N ASP D 383 -6.44 7.58 31.46
CA ASP D 383 -6.91 8.08 30.17
C ASP D 383 -6.45 9.51 29.96
N ASN D 384 -5.16 9.70 29.69
CA ASN D 384 -4.62 11.03 29.47
C ASN D 384 -5.26 11.69 28.26
N GLY D 385 -5.70 12.93 28.42
CA GLY D 385 -6.36 13.67 27.39
C GLY D 385 -7.87 13.69 27.47
N ARG D 386 -8.45 12.81 28.30
CA ARG D 386 -9.91 12.74 28.40
C ARG D 386 -10.49 14.06 28.90
N ARG D 387 -9.93 14.60 29.98
CA ARG D 387 -10.37 15.86 30.55
C ARG D 387 -9.30 16.92 30.31
N GLY D 388 -9.67 17.98 29.58
CA GLY D 388 -8.76 19.09 29.38
C GLY D 388 -7.64 18.76 28.42
N ARG D 389 -6.52 19.45 28.59
CA ARG D 389 -5.35 19.28 27.74
C ARG D 389 -4.46 18.16 28.29
N PRO D 390 -3.96 17.29 27.42
CA PRO D 390 -3.24 16.11 27.86
C PRO D 390 -1.83 16.45 28.36
N VAL D 391 -1.27 15.50 29.14
CA VAL D 391 0.07 15.65 29.68
C VAL D 391 1.07 15.47 28.53
N THR D 392 1.72 16.56 28.14
CA THR D 392 2.70 16.50 27.06
C THR D 392 4.03 15.99 27.57
N GLY D 393 4.69 15.16 26.76
CA GLY D 393 6.04 14.74 27.03
C GLY D 393 7.02 15.69 26.39
N PRO D 394 8.27 15.25 26.22
CA PRO D 394 9.27 16.09 25.51
C PRO D 394 8.88 16.24 24.05
N GLY D 395 8.74 17.49 23.61
CA GLY D 395 8.36 17.77 22.25
C GLY D 395 6.88 17.93 22.02
N ASN D 396 6.11 18.28 23.04
CA ASN D 396 4.66 18.49 22.93
C ASN D 396 3.95 17.23 22.43
N ARG D 397 4.49 16.06 22.74
CA ARG D 397 3.82 14.83 22.34
C ARG D 397 2.97 14.32 23.50
N PRO D 398 1.68 14.01 23.28
CA PRO D 398 0.85 13.50 24.37
C PRO D 398 1.28 12.09 24.76
N LEU D 399 1.39 11.87 26.07
CA LEU D 399 1.76 10.55 26.57
C LEU D 399 0.62 9.56 26.38
N LYS D 400 0.97 8.30 26.12
CA LYS D 400 0.00 7.24 25.90
C LYS D 400 -0.38 6.64 27.24
N SER D 401 -1.66 6.73 27.60
CA SER D 401 -2.16 6.21 28.85
C SER D 401 -2.46 4.72 28.74
N LEU D 402 -2.94 4.14 29.84
CA LEU D 402 -3.29 2.72 29.84
C LEU D 402 -4.43 2.43 28.86
N SER D 403 -5.45 3.28 28.86
CA SER D 403 -6.58 3.08 27.94
C SER D 403 -6.19 3.31 26.49
N ASP D 404 -5.07 3.98 26.23
CA ASP D 404 -4.57 4.10 24.86
C ASP D 404 -4.08 2.77 24.32
N LEU D 405 -3.79 1.80 25.18
CA LEU D 405 -3.32 0.51 24.74
C LEU D 405 -4.42 -0.36 24.12
N LEU D 406 -5.67 0.08 24.16
CA LEU D 406 -6.79 -0.74 23.74
C LEU D 406 -7.60 -0.14 22.59
N LYS D 407 -7.35 1.10 22.22
CA LYS D 407 -8.21 1.85 21.31
C LYS D 407 -7.70 1.79 19.89
N GLY D 408 -8.61 1.53 18.95
CA GLY D 408 -8.38 1.78 17.54
C GLY D 408 -7.43 0.82 16.85
N LYS D 409 -6.95 1.28 15.69
CA LYS D 409 -6.11 0.45 14.83
C LYS D 409 -4.80 0.05 15.51
N GLN D 410 -4.24 0.91 16.36
CA GLN D 410 -3.00 0.62 17.06
C GLN D 410 -3.23 -0.01 18.43
N GLY D 411 -4.48 -0.18 18.84
CA GLY D 411 -4.78 -0.75 20.14
C GLY D 411 -4.53 -2.24 20.20
N ARG D 412 -4.62 -2.78 21.41
CA ARG D 412 -4.30 -4.19 21.63
C ARG D 412 -5.24 -5.11 20.84
N PHE D 413 -6.52 -4.75 20.76
CA PHE D 413 -7.50 -5.62 20.13
C PHE D 413 -7.27 -5.77 18.64
N ARG D 414 -7.22 -4.64 17.93
CA ARG D 414 -7.10 -4.70 16.47
C ARG D 414 -5.67 -5.02 16.02
N GLN D 415 -4.67 -4.52 16.75
CA GLN D 415 -3.29 -4.69 16.31
C GLN D 415 -2.74 -6.07 16.65
N ASN D 416 -3.11 -6.62 17.81
CA ASN D 416 -2.46 -7.82 18.33
C ASN D 416 -3.41 -8.97 18.65
N LEU D 417 -4.71 -8.80 18.45
CA LEU D 417 -5.67 -9.87 18.74
C LEU D 417 -6.52 -10.24 17.54
N LEU D 418 -7.06 -9.27 16.81
CA LEU D 418 -7.81 -9.60 15.60
C LEU D 418 -6.88 -9.98 14.46
N GLY D 419 -5.70 -9.41 14.44
CA GLY D 419 -4.69 -9.79 13.45
C GLY D 419 -3.34 -9.90 14.13
N LYS D 420 -2.56 -10.88 13.68
CA LYS D 420 -1.26 -11.18 14.26
C LYS D 420 -0.27 -11.41 13.13
N ARG D 421 1.01 -11.28 13.46
CA ARG D 421 2.08 -11.75 12.60
C ARG D 421 2.31 -13.23 12.85
N VAL D 422 2.64 -13.96 11.79
CA VAL D 422 2.66 -15.41 11.84
C VAL D 422 4.01 -15.93 11.35
N ASP D 423 4.45 -17.05 11.96
CA ASP D 423 5.58 -17.78 11.45
C ASP D 423 5.21 -18.53 10.17
N TYR D 424 6.22 -19.11 9.53
CA TYR D 424 6.06 -19.87 8.30
C TYR D 424 5.30 -19.06 7.26
N SER D 425 5.91 -17.93 6.87
CA SER D 425 5.29 -17.04 5.91
C SER D 425 6.37 -16.22 5.23
N GLY D 426 6.04 -15.72 4.04
CA GLY D 426 6.95 -14.89 3.28
C GLY D 426 6.20 -14.05 2.27
N ARG D 427 6.96 -13.29 1.48
CA ARG D 427 6.38 -12.39 0.51
C ARG D 427 7.42 -12.08 -0.57
N SER D 428 6.93 -11.84 -1.80
CA SER D 428 7.78 -11.46 -2.92
C SER D 428 6.91 -10.91 -4.03
N VAL D 429 7.56 -10.46 -5.11
CA VAL D 429 6.85 -9.94 -6.27
C VAL D 429 6.19 -11.10 -7.02
N ILE D 430 5.03 -10.83 -7.61
CA ILE D 430 4.29 -11.81 -8.38
C ILE D 430 4.51 -11.58 -9.86
N VAL D 431 4.70 -12.68 -10.59
CA VAL D 431 4.98 -12.66 -12.03
C VAL D 431 4.05 -13.67 -12.69
N VAL D 432 3.46 -13.27 -13.82
CA VAL D 432 2.49 -14.14 -14.48
C VAL D 432 3.17 -15.38 -15.04
N GLY D 433 2.50 -16.52 -14.92
CA GLY D 433 3.00 -17.78 -15.43
C GLY D 433 1.92 -18.54 -16.17
N PRO D 434 1.91 -18.43 -17.50
CA PRO D 434 0.86 -19.09 -18.28
C PRO D 434 0.93 -20.60 -18.25
N GLN D 435 2.13 -21.17 -18.10
CA GLN D 435 2.29 -22.63 -18.11
C GLN D 435 1.67 -23.29 -16.88
N LEU D 436 1.53 -22.55 -15.77
CA LEU D 436 1.00 -23.14 -14.55
C LEU D 436 -0.45 -23.58 -14.76
N LYS D 437 -0.82 -24.68 -14.12
CA LYS D 437 -2.21 -25.07 -14.08
C LYS D 437 -2.95 -24.23 -13.04
N LEU D 438 -4.28 -24.25 -13.12
CA LEU D 438 -5.08 -23.37 -12.28
C LEU D 438 -4.86 -23.64 -10.79
N HIS D 439 -4.50 -24.87 -10.44
CA HIS D 439 -4.28 -25.25 -9.05
C HIS D 439 -2.82 -25.12 -8.62
N GLN D 440 -1.96 -24.56 -9.47
CA GLN D 440 -0.53 -24.51 -9.21
C GLN D 440 -0.06 -23.07 -9.10
N CYS D 441 1.10 -22.91 -8.45
CA CYS D 441 1.77 -21.63 -8.37
C CYS D 441 3.27 -21.88 -8.28
N GLY D 442 4.05 -20.99 -8.87
CA GLY D 442 5.49 -21.07 -8.82
C GLY D 442 6.05 -20.15 -7.76
N LEU D 443 6.71 -20.73 -6.76
CA LEU D 443 7.38 -19.93 -5.76
C LEU D 443 8.88 -20.21 -5.80
N PRO D 444 9.70 -19.20 -5.50
CA PRO D 444 11.15 -19.36 -5.65
C PRO D 444 11.70 -20.47 -4.77
N LYS D 445 12.81 -21.07 -5.24
CA LYS D 445 13.44 -22.14 -4.47
C LYS D 445 13.95 -21.65 -3.13
N LEU D 446 14.54 -20.45 -3.10
CA LEU D 446 15.07 -19.92 -1.85
C LEU D 446 13.95 -19.65 -0.84
N MET D 447 12.77 -19.28 -1.31
CA MET D 447 11.62 -19.11 -0.42
C MET D 447 11.19 -20.43 0.18
N ALA D 448 11.07 -21.47 -0.66
CA ALA D 448 10.58 -22.76 -0.17
C ALA D 448 11.52 -23.37 0.86
N LEU D 449 12.83 -23.22 0.66
CA LEU D 449 13.79 -23.81 1.59
C LEU D 449 13.61 -23.26 3.00
N GLU D 450 13.44 -21.95 3.12
CA GLU D 450 13.23 -21.36 4.44
C GLU D 450 11.82 -21.64 4.94
N LEU D 451 10.83 -21.64 4.03
CA LEU D 451 9.45 -21.89 4.44
C LEU D 451 9.30 -23.30 5.00
N PHE D 452 9.86 -24.30 4.31
CA PHE D 452 9.80 -25.69 4.73
C PHE D 452 11.05 -26.11 5.50
N LYS D 453 11.75 -25.16 6.13
CA LYS D 453 13.02 -25.46 6.78
C LYS D 453 12.93 -26.60 7.79
N PRO D 454 11.98 -26.65 8.73
CA PRO D 454 11.94 -27.79 9.65
C PRO D 454 11.60 -29.10 8.96
N PHE D 455 10.81 -29.07 7.89
CA PHE D 455 10.50 -30.29 7.16
C PHE D 455 11.71 -30.78 6.37
N VAL D 456 12.49 -29.85 5.81
CA VAL D 456 13.70 -30.23 5.09
C VAL D 456 14.71 -30.84 6.06
N MET D 457 14.87 -30.23 7.23
CA MET D 457 15.78 -30.78 8.23
C MET D 457 15.38 -32.20 8.63
N LYS D 458 14.08 -32.47 8.69
CA LYS D 458 13.61 -33.82 9.02
C LYS D 458 14.10 -34.83 7.98
N ARG D 459 13.93 -34.52 6.70
CA ARG D 459 14.29 -35.48 5.67
C ARG D 459 15.81 -35.58 5.50
N LEU D 460 16.54 -34.50 5.76
CA LEU D 460 18.00 -34.54 5.66
C LEU D 460 18.62 -35.54 6.62
N VAL D 461 17.98 -35.76 7.77
CA VAL D 461 18.45 -36.77 8.71
C VAL D 461 17.88 -38.15 8.41
N ASP D 462 16.72 -38.23 7.74
CA ASP D 462 16.17 -39.52 7.37
C ASP D 462 17.00 -40.17 6.26
N LEU D 463 17.19 -39.45 5.14
CA LEU D 463 18.00 -39.97 4.04
C LEU D 463 19.48 -40.01 4.35
N ASN D 464 19.88 -39.66 5.58
CA ASN D 464 21.27 -39.70 6.04
C ASN D 464 22.17 -38.77 5.21
N HIS D 465 21.63 -37.66 4.74
CA HIS D 465 22.48 -36.56 4.26
C HIS D 465 23.13 -35.81 5.42
N ALA D 466 22.54 -35.88 6.61
CA ALA D 466 23.05 -35.23 7.81
C ALA D 466 23.08 -36.23 8.95
N GLN D 467 24.10 -36.12 9.80
CA GLN D 467 24.24 -37.03 10.93
C GLN D 467 23.09 -36.85 11.92
N ASN D 468 22.96 -35.66 12.49
CA ASN D 468 21.92 -35.36 13.46
C ASN D 468 21.11 -34.15 13.00
N ILE D 469 20.01 -33.90 13.73
CA ILE D 469 19.15 -32.77 13.39
C ILE D 469 19.87 -31.45 13.64
N LYS D 470 20.86 -31.45 14.53
CA LYS D 470 21.63 -30.23 14.80
C LYS D 470 22.43 -29.82 13.56
N SER D 471 23.19 -30.75 12.98
CA SER D 471 23.92 -30.45 11.76
C SER D 471 23.00 -30.28 10.56
N ALA D 472 21.80 -30.87 10.60
CA ALA D 472 20.86 -30.68 9.51
C ALA D 472 20.44 -29.22 9.38
N LYS D 473 20.36 -28.49 10.49
CA LYS D 473 20.02 -27.08 10.44
C LYS D 473 21.13 -26.27 9.78
N ARG D 474 22.39 -26.60 10.11
CA ARG D 474 23.52 -25.91 9.49
C ARG D 474 23.56 -26.13 7.99
N MET D 475 23.06 -27.28 7.52
CA MET D 475 23.07 -27.57 6.09
C MET D 475 22.09 -26.68 5.34
N VAL D 476 20.95 -26.36 5.95
CA VAL D 476 19.96 -25.51 5.29
C VAL D 476 20.40 -24.06 5.30
N GLU D 477 21.00 -23.61 6.40
CA GLU D 477 21.50 -22.24 6.47
C GLU D 477 22.66 -22.01 5.51
N ARG D 478 23.47 -23.04 5.25
CA ARG D 478 24.58 -22.95 4.33
C ARG D 478 24.20 -23.35 2.90
N GLN D 479 22.99 -23.90 2.72
CA GLN D 479 22.48 -24.28 1.40
C GLN D 479 23.40 -25.28 0.71
N ARG D 480 23.61 -26.41 1.39
CA ARG D 480 24.37 -27.49 0.79
C ARG D 480 23.58 -28.09 -0.38
N PRO D 481 24.27 -28.55 -1.43
CA PRO D 481 23.57 -28.98 -2.64
C PRO D 481 22.57 -30.10 -2.44
N GLN D 482 22.64 -30.83 -1.31
CA GLN D 482 21.68 -31.90 -1.06
C GLN D 482 20.27 -31.39 -0.78
N VAL D 483 20.13 -30.15 -0.32
CA VAL D 483 18.82 -29.67 0.12
C VAL D 483 17.88 -29.46 -1.07
N TRP D 484 18.42 -29.13 -2.25
CA TRP D 484 17.56 -28.84 -3.38
C TRP D 484 16.88 -30.10 -3.91
N ASP D 485 17.55 -31.24 -3.86
CA ASP D 485 16.92 -32.51 -4.22
C ASP D 485 15.92 -32.92 -3.14
N VAL D 486 16.25 -32.68 -1.88
CA VAL D 486 15.35 -33.06 -0.78
C VAL D 486 14.14 -32.13 -0.73
N LEU D 487 14.35 -30.83 -0.96
CA LEU D 487 13.25 -29.85 -0.88
C LEU D 487 12.10 -30.21 -1.82
N GLU D 488 12.41 -30.79 -2.98
CA GLU D 488 11.36 -31.16 -3.92
C GLU D 488 10.47 -32.26 -3.34
N GLU D 489 11.08 -33.24 -2.68
CA GLU D 489 10.29 -34.30 -2.04
C GLU D 489 9.39 -33.74 -0.95
N VAL D 490 9.79 -32.64 -0.32
CA VAL D 490 9.08 -32.14 0.84
C VAL D 490 7.81 -31.41 0.45
N ILE D 491 7.89 -30.55 -0.56
CA ILE D 491 6.77 -29.68 -0.93
C ILE D 491 5.77 -30.46 -1.79
N ALA D 492 5.98 -31.76 -1.94
CA ALA D 492 5.14 -32.58 -2.80
C ALA D 492 3.71 -32.61 -2.27
N GLU D 493 2.77 -32.08 -3.07
CA GLU D 493 1.35 -32.06 -2.75
C GLU D 493 1.08 -31.46 -1.37
N HIS D 494 1.91 -30.50 -0.97
CA HIS D 494 1.70 -29.77 0.28
C HIS D 494 1.24 -28.37 -0.07
N PRO D 495 -0.05 -28.05 0.07
CA PRO D 495 -0.57 -26.78 -0.44
C PRO D 495 -0.04 -25.59 0.34
N VAL D 496 -0.07 -24.44 -0.33
CA VAL D 496 0.32 -23.16 0.26
C VAL D 496 -0.78 -22.15 -0.02
N LEU D 497 -0.78 -21.08 0.78
CA LEU D 497 -1.78 -20.03 0.67
C LEU D 497 -1.15 -18.78 0.08
N LEU D 498 -1.80 -18.23 -0.95
CA LEU D 498 -1.38 -16.97 -1.55
C LEU D 498 -2.40 -15.88 -1.23
N ASN D 499 -1.91 -14.67 -0.97
CA ASN D 499 -2.76 -13.56 -0.57
C ASN D 499 -2.18 -12.25 -1.06
N ARG D 500 -3.07 -11.35 -1.48
CA ARG D 500 -2.68 -10.00 -1.89
C ARG D 500 -3.57 -8.99 -1.18
N ALA D 501 -2.94 -8.05 -0.50
CA ALA D 501 -3.69 -6.98 0.14
C ALA D 501 -4.18 -5.99 -0.91
N PRO D 502 -5.39 -5.43 -0.76
CA PRO D 502 -6.31 -5.72 0.36
C PRO D 502 -7.13 -6.98 0.14
N THR D 503 -7.46 -7.66 1.23
CA THR D 503 -8.28 -8.88 1.17
C THR D 503 -9.75 -8.46 1.22
N LEU D 504 -10.28 -8.13 0.04
CA LEU D 504 -11.63 -7.60 -0.04
C LEU D 504 -12.67 -8.68 0.17
N HIS D 505 -12.60 -9.77 -0.60
CA HIS D 505 -13.46 -10.92 -0.41
C HIS D 505 -12.62 -12.15 -0.08
N ARG D 506 -13.31 -13.28 0.12
CA ARG D 506 -12.61 -14.47 0.58
C ARG D 506 -11.67 -15.03 -0.48
N LEU D 507 -11.94 -14.78 -1.76
CA LEU D 507 -11.02 -15.19 -2.81
C LEU D 507 -9.75 -14.36 -2.85
N GLY D 508 -9.62 -13.36 -1.97
CA GLY D 508 -8.35 -12.69 -1.78
C GLY D 508 -7.27 -13.57 -1.18
N ILE D 509 -7.64 -14.74 -0.67
CA ILE D 509 -6.69 -15.78 -0.24
C ILE D 509 -7.13 -17.08 -0.89
N GLN D 510 -6.25 -17.69 -1.67
CA GLN D 510 -6.52 -18.95 -2.33
C GLN D 510 -5.34 -19.90 -2.17
N ALA D 511 -5.65 -21.19 -2.16
CA ALA D 511 -4.64 -22.23 -2.00
C ALA D 511 -4.17 -22.74 -3.35
N PHE D 512 -2.89 -23.10 -3.42
CA PHE D 512 -2.28 -23.58 -4.64
C PHE D 512 -1.34 -24.73 -4.32
N GLU D 513 -0.98 -25.49 -5.37
CA GLU D 513 0.07 -26.49 -5.25
C GLU D 513 1.40 -25.88 -5.67
N PRO D 514 2.39 -25.82 -4.78
CA PRO D 514 3.65 -25.15 -5.14
C PRO D 514 4.49 -25.99 -6.08
N MET D 515 5.15 -25.31 -7.01
CA MET D 515 6.09 -25.93 -7.95
C MET D 515 7.38 -25.14 -7.89
N LEU D 516 8.49 -25.82 -7.58
CA LEU D 516 9.78 -25.14 -7.43
C LEU D 516 10.24 -24.56 -8.76
N VAL D 517 10.40 -23.23 -8.80
CA VAL D 517 10.90 -22.53 -9.96
C VAL D 517 12.11 -21.71 -9.54
N GLU D 518 13.04 -21.50 -10.46
CA GLU D 518 14.18 -20.65 -10.20
C GLU D 518 13.73 -19.19 -10.14
N GLY D 519 14.69 -18.28 -9.97
CA GLY D 519 14.37 -16.88 -9.83
C GLY D 519 13.87 -16.56 -8.43
N LYS D 520 13.49 -15.29 -8.24
CA LYS D 520 13.09 -14.79 -6.94
C LYS D 520 11.67 -14.24 -6.94
N ALA D 521 10.90 -14.44 -8.00
CA ALA D 521 9.53 -13.95 -8.08
C ALA D 521 8.55 -15.10 -7.91
N ILE D 522 7.36 -14.75 -7.41
CA ILE D 522 6.26 -15.71 -7.33
C ILE D 522 5.55 -15.78 -8.67
N GLN D 523 5.31 -17.00 -9.15
CA GLN D 523 4.60 -17.21 -10.40
C GLN D 523 3.13 -17.49 -10.10
N LEU D 524 2.25 -16.60 -10.56
CA LEU D 524 0.82 -16.68 -10.30
C LEU D 524 0.08 -17.07 -11.57
N HIS D 525 -1.00 -17.81 -11.39
CA HIS D 525 -1.81 -18.22 -12.53
C HIS D 525 -2.58 -17.02 -13.09
N PRO D 526 -2.67 -16.88 -14.41
CA PRO D 526 -3.29 -15.68 -14.99
C PRO D 526 -4.80 -15.59 -14.79
N LEU D 527 -5.47 -16.67 -14.37
CA LEU D 527 -6.93 -16.66 -14.23
C LEU D 527 -7.39 -16.22 -12.86
N VAL D 528 -6.60 -16.44 -11.80
CA VAL D 528 -6.94 -15.92 -10.48
C VAL D 528 -6.61 -14.44 -10.32
N CYS D 529 -6.15 -13.75 -11.37
CA CYS D 529 -5.85 -12.32 -11.26
C CYS D 529 -7.11 -11.48 -11.01
N GLU D 530 -8.26 -11.92 -11.53
CA GLU D 530 -9.50 -11.18 -11.29
C GLU D 530 -9.91 -11.23 -9.82
N ALA D 531 -9.76 -12.40 -9.19
CA ALA D 531 -10.15 -12.53 -7.79
C ALA D 531 -9.26 -11.68 -6.89
N PHE D 532 -7.94 -11.71 -7.11
CA PHE D 532 -7.02 -10.90 -6.32
C PHE D 532 -7.01 -9.44 -6.70
N ASN D 533 -7.63 -9.07 -7.83
CA ASN D 533 -7.51 -7.72 -8.39
C ASN D 533 -6.04 -7.36 -8.59
N ALA D 534 -5.25 -8.35 -9.00
CA ALA D 534 -3.80 -8.24 -9.06
C ALA D 534 -3.34 -7.99 -10.48
N ASP D 535 -2.74 -6.83 -10.72
CA ASP D 535 -2.00 -6.58 -11.94
C ASP D 535 -0.53 -6.91 -11.70
N PHE D 536 0.27 -6.79 -12.75
CA PHE D 536 1.69 -7.15 -12.64
C PHE D 536 2.57 -5.94 -12.90
N ASP D 537 2.40 -4.88 -12.13
CA ASP D 537 3.20 -3.67 -12.23
C ASP D 537 3.95 -3.40 -10.94
N GLY D 538 4.45 -4.46 -10.31
CA GLY D 538 5.17 -4.35 -9.07
C GLY D 538 4.43 -4.86 -7.84
N ASP D 539 3.35 -5.61 -8.02
CA ASP D 539 2.60 -6.13 -6.89
C ASP D 539 3.39 -7.21 -6.15
N GLN D 540 3.12 -7.31 -4.86
CA GLN D 540 3.67 -8.36 -4.02
C GLN D 540 2.54 -9.17 -3.40
N MET D 541 2.81 -10.45 -3.14
CA MET D 541 1.88 -11.32 -2.46
C MET D 541 2.57 -12.02 -1.30
N ALA D 542 1.77 -12.45 -0.33
CA ALA D 542 2.25 -13.17 0.84
C ALA D 542 1.93 -14.66 0.70
N VAL D 543 2.81 -15.49 1.25
CA VAL D 543 2.66 -16.94 1.25
C VAL D 543 2.57 -17.42 2.69
N HIS D 544 1.61 -18.30 2.97
CA HIS D 544 1.43 -18.88 4.30
C HIS D 544 1.38 -20.39 4.16
N LEU D 545 2.11 -21.08 5.04
CA LEU D 545 2.24 -22.53 4.97
C LEU D 545 1.39 -23.19 6.04
N PRO D 546 0.30 -23.86 5.70
CA PRO D 546 -0.46 -24.61 6.70
C PRO D 546 0.32 -25.83 7.17
N LEU D 547 0.37 -26.02 8.49
CA LEU D 547 1.17 -27.08 9.10
C LEU D 547 0.34 -28.32 9.44
N SER D 548 -0.70 -28.15 10.24
CA SER D 548 -1.48 -29.28 10.71
C SER D 548 -2.21 -29.97 9.57
N ALA D 549 -2.62 -31.22 9.82
CA ALA D 549 -3.34 -31.99 8.80
C ALA D 549 -4.67 -31.33 8.47
N GLU D 550 -5.36 -30.81 9.48
CA GLU D 550 -6.64 -30.13 9.24
C GLU D 550 -6.44 -28.88 8.41
N ALA D 551 -5.35 -28.14 8.64
CA ALA D 551 -5.11 -26.91 7.91
C ALA D 551 -4.81 -27.18 6.44
N GLN D 552 -4.05 -28.23 6.15
CA GLN D 552 -3.81 -28.62 4.76
C GLN D 552 -5.10 -29.10 4.11
N ALA D 553 -5.93 -29.84 4.84
CA ALA D 553 -7.19 -30.32 4.29
C ALA D 553 -8.13 -29.15 3.98
N GLU D 554 -8.13 -28.13 4.83
CA GLU D 554 -8.94 -26.94 4.55
C GLU D 554 -8.41 -26.19 3.33
N ALA D 555 -7.10 -26.24 3.10
CA ALA D 555 -6.53 -25.62 1.91
C ALA D 555 -6.79 -26.47 0.67
N ARG D 556 -6.76 -27.80 0.81
CA ARG D 556 -6.92 -28.67 -0.34
C ARG D 556 -8.36 -28.67 -0.86
N ILE D 557 -9.34 -28.52 0.03
CA ILE D 557 -10.75 -28.71 -0.31
C ILE D 557 -11.49 -27.37 -0.31
N LEU D 558 -11.31 -26.57 0.73
CA LEU D 558 -12.11 -25.35 0.89
C LEU D 558 -11.52 -24.15 0.15
N MET D 559 -10.19 -24.03 0.10
CA MET D 559 -9.54 -22.83 -0.37
C MET D 559 -8.81 -23.01 -1.69
N LEU D 560 -8.82 -24.21 -2.27
CA LEU D 560 -8.11 -24.43 -3.51
C LEU D 560 -8.69 -23.56 -4.63
N SER D 561 -7.81 -22.99 -5.44
CA SER D 561 -8.23 -22.07 -6.50
C SER D 561 -9.14 -22.75 -7.51
N SER D 562 -8.93 -24.04 -7.76
CA SER D 562 -9.74 -24.74 -8.75
C SER D 562 -11.16 -24.97 -8.25
N ASN D 563 -11.35 -25.00 -6.93
CA ASN D 563 -12.66 -25.20 -6.34
C ASN D 563 -13.38 -23.89 -6.07
N ASN D 564 -12.88 -22.77 -6.59
CA ASN D 564 -13.47 -21.46 -6.37
C ASN D 564 -13.39 -20.64 -7.66
N ILE D 565 -14.08 -21.13 -8.70
CA ILE D 565 -14.06 -20.43 -9.97
C ILE D 565 -15.12 -19.34 -10.01
N LEU D 566 -16.23 -19.54 -9.31
CA LEU D 566 -17.34 -18.59 -9.32
C LEU D 566 -17.20 -17.58 -8.20
N SER D 567 -17.72 -16.39 -8.43
CA SER D 567 -17.74 -15.36 -7.40
C SER D 567 -18.83 -15.70 -6.37
N PRO D 568 -18.48 -15.78 -5.08
CA PRO D 568 -19.52 -16.00 -4.05
C PRO D 568 -20.51 -14.87 -3.93
N ALA D 569 -20.21 -13.68 -4.48
CA ALA D 569 -21.12 -12.55 -4.38
C ALA D 569 -22.24 -12.62 -5.42
N SER D 570 -21.93 -13.06 -6.63
CA SER D 570 -22.87 -13.02 -7.73
C SER D 570 -23.11 -14.36 -8.43
N GLY D 571 -22.22 -15.33 -8.27
CA GLY D 571 -22.36 -16.61 -8.94
C GLY D 571 -21.78 -16.66 -10.34
N ARG D 572 -21.40 -15.51 -10.91
CA ARG D 572 -20.78 -15.48 -12.22
C ARG D 572 -19.28 -15.75 -12.08
N PRO D 573 -18.67 -16.38 -13.09
CA PRO D 573 -17.27 -16.81 -12.95
C PRO D 573 -16.31 -15.64 -12.87
N LEU D 574 -15.15 -15.92 -12.29
CA LEU D 574 -14.04 -14.97 -12.22
C LEU D 574 -12.78 -15.47 -12.89
N ALA D 575 -12.43 -16.75 -12.69
CA ALA D 575 -11.29 -17.35 -13.36
C ALA D 575 -11.71 -17.75 -14.78
N MET D 576 -11.77 -16.74 -15.64
CA MET D 576 -12.16 -16.91 -17.03
C MET D 576 -11.22 -16.07 -17.89
N PRO D 577 -11.16 -16.33 -19.20
CA PRO D 577 -10.38 -15.46 -20.10
C PRO D 577 -10.77 -14.01 -19.93
N ARG D 578 -9.77 -13.15 -19.73
CA ARG D 578 -10.04 -11.78 -19.31
C ARG D 578 -9.43 -10.74 -20.24
N LEU D 579 -8.13 -10.84 -20.56
CA LEU D 579 -7.48 -9.80 -21.35
C LEU D 579 -6.95 -10.33 -22.69
N ASP D 580 -5.70 -10.80 -22.71
CA ASP D 580 -5.17 -11.40 -23.93
C ASP D 580 -5.96 -12.65 -24.32
N MET D 581 -6.41 -13.41 -23.32
CA MET D 581 -7.12 -14.66 -23.60
C MET D 581 -8.41 -14.42 -24.35
N VAL D 582 -9.19 -13.40 -23.96
CA VAL D 582 -10.45 -13.15 -24.65
C VAL D 582 -10.20 -12.60 -26.05
N THR D 583 -9.15 -11.80 -26.24
CA THR D 583 -8.80 -11.33 -27.58
C THR D 583 -8.37 -12.49 -28.47
N GLY D 584 -7.58 -13.41 -27.93
CA GLY D 584 -7.15 -14.56 -28.72
C GLY D 584 -8.31 -15.43 -29.16
N LEU D 585 -9.25 -15.70 -28.26
CA LEU D 585 -10.42 -16.50 -28.61
C LEU D 585 -11.34 -15.74 -29.54
N TYR D 586 -11.51 -14.43 -29.30
CA TYR D 586 -12.29 -13.59 -30.21
C TYR D 586 -11.72 -13.57 -31.62
N TYR D 587 -10.42 -13.84 -31.78
CA TYR D 587 -9.80 -13.81 -33.09
C TYR D 587 -10.26 -14.99 -33.95
N LEU D 588 -9.98 -16.23 -33.50
CA LEU D 588 -10.25 -17.39 -34.33
C LEU D 588 -11.74 -17.66 -34.53
N THR D 589 -12.59 -17.19 -33.61
CA THR D 589 -14.03 -17.40 -33.73
C THR D 589 -14.73 -16.27 -34.48
N THR D 590 -14.05 -15.64 -35.42
CA THR D 590 -14.63 -14.57 -36.22
C THR D 590 -14.81 -15.06 -37.65
N GLU D 591 -15.98 -14.79 -38.23
CA GLU D 591 -16.26 -15.12 -39.62
C GLU D 591 -15.84 -13.95 -40.49
N VAL D 592 -14.95 -14.20 -41.45
CA VAL D 592 -14.44 -13.17 -42.34
C VAL D 592 -14.88 -13.52 -43.76
N PRO D 593 -15.57 -12.62 -44.46
CA PRO D 593 -16.08 -12.96 -45.80
C PRO D 593 -14.97 -13.23 -46.80
N GLY D 594 -14.26 -12.20 -47.24
CA GLY D 594 -13.29 -12.33 -48.31
C GLY D 594 -12.05 -13.13 -47.95
N ASP D 595 -12.06 -13.75 -46.77
CA ASP D 595 -10.89 -14.48 -46.31
C ASP D 595 -10.57 -15.64 -47.24
N THR D 596 -9.28 -15.94 -47.36
CA THR D 596 -8.82 -16.94 -48.31
C THR D 596 -9.25 -18.34 -47.87
N GLY D 597 -9.52 -19.19 -48.86
CA GLY D 597 -10.01 -20.53 -48.61
C GLY D 597 -11.48 -20.62 -48.30
N GLU D 598 -12.24 -19.55 -48.51
CA GLU D 598 -13.64 -19.52 -48.16
C GLU D 598 -14.43 -20.48 -49.06
N TYR D 599 -15.69 -20.72 -48.67
CA TYR D 599 -16.58 -21.60 -49.42
C TYR D 599 -17.16 -20.87 -50.62
N GLN D 600 -17.19 -21.57 -51.75
CA GLN D 600 -17.77 -21.04 -52.98
C GLN D 600 -18.83 -22.00 -53.49
N PRO D 601 -20.02 -21.52 -53.84
CA PRO D 601 -21.05 -22.41 -54.40
C PRO D 601 -20.64 -22.93 -55.76
N ALA D 602 -21.09 -24.15 -56.05
CA ALA D 602 -20.75 -24.79 -57.31
C ALA D 602 -21.32 -24.00 -58.48
N SER D 603 -20.44 -23.50 -59.34
CA SER D 603 -20.84 -22.73 -60.52
C SER D 603 -19.89 -23.05 -61.67
N GLY D 604 -20.46 -23.20 -62.86
CA GLY D 604 -19.64 -23.53 -64.02
C GLY D 604 -19.18 -24.97 -63.96
N ASP D 605 -17.95 -25.20 -64.44
CA ASP D 605 -17.37 -26.54 -64.47
C ASP D 605 -16.81 -26.97 -63.11
N HIS D 606 -16.43 -26.02 -62.25
CA HIS D 606 -15.89 -26.48 -60.98
C HIS D 606 -17.02 -26.69 -59.97
N PRO D 607 -16.92 -27.71 -59.13
CA PRO D 607 -17.97 -27.94 -58.11
C PRO D 607 -17.82 -26.98 -56.93
N GLU D 608 -18.28 -27.42 -55.76
CA GLU D 608 -18.18 -26.59 -54.56
C GLU D 608 -16.74 -26.48 -54.09
N THR D 609 -16.27 -25.24 -53.93
CA THR D 609 -14.93 -24.96 -53.45
C THR D 609 -14.98 -24.64 -51.96
N GLY D 610 -14.12 -25.28 -51.18
CA GLY D 610 -14.04 -25.01 -49.76
C GLY D 610 -14.94 -25.85 -48.88
N VAL D 611 -14.91 -27.17 -49.10
CA VAL D 611 -15.59 -28.14 -48.25
C VAL D 611 -14.60 -29.24 -47.94
N TYR D 612 -14.26 -29.40 -46.66
CA TYR D 612 -13.18 -30.27 -46.23
C TYR D 612 -13.72 -31.49 -45.51
N SER D 613 -13.13 -32.65 -45.80
CA SER D 613 -13.64 -33.91 -45.27
C SER D 613 -13.42 -34.02 -43.77
N SER D 614 -12.29 -33.52 -43.28
CA SER D 614 -11.96 -33.57 -41.87
C SER D 614 -11.45 -32.22 -41.40
N PRO D 615 -11.67 -31.89 -40.13
CA PRO D 615 -10.98 -30.72 -39.57
C PRO D 615 -9.47 -30.83 -39.67
N ALA D 616 -8.94 -32.06 -39.61
CA ALA D 616 -7.51 -32.27 -39.85
C ALA D 616 -7.12 -31.87 -41.27
N GLU D 617 -8.03 -32.05 -42.24
CA GLU D 617 -7.75 -31.60 -43.60
C GLU D 617 -7.74 -30.07 -43.66
N ALA D 618 -8.77 -29.43 -43.08
CA ALA D 618 -8.79 -27.97 -43.03
C ALA D 618 -7.53 -27.42 -42.36
N ILE D 619 -6.99 -28.15 -41.38
CA ILE D 619 -5.72 -27.77 -40.77
C ILE D 619 -4.60 -27.86 -41.81
N MET D 620 -4.54 -29.00 -42.52
CA MET D 620 -3.53 -29.15 -43.57
C MET D 620 -3.72 -28.12 -44.68
N ALA D 621 -4.97 -27.72 -44.95
CA ALA D 621 -5.20 -26.67 -45.93
C ALA D 621 -4.67 -25.33 -45.45
N ALA D 622 -4.98 -24.96 -44.20
CA ALA D 622 -4.46 -23.72 -43.64
C ALA D 622 -2.95 -23.77 -43.46
N ASP D 623 -2.38 -24.96 -43.30
CA ASP D 623 -0.94 -25.08 -43.18
C ASP D 623 -0.23 -24.68 -44.47
N ARG D 624 -0.66 -25.24 -45.60
CA ARG D 624 -0.06 -24.87 -46.88
C ARG D 624 -0.28 -23.40 -47.20
N GLY D 625 -1.46 -22.88 -46.87
CA GLY D 625 -1.76 -21.48 -47.10
C GLY D 625 -2.94 -21.26 -48.02
N VAL D 626 -3.73 -22.30 -48.24
CA VAL D 626 -4.92 -22.18 -49.08
C VAL D 626 -6.09 -21.64 -48.26
N LEU D 627 -6.29 -22.18 -47.06
CA LEU D 627 -7.41 -21.83 -46.20
C LEU D 627 -6.95 -20.90 -45.09
N SER D 628 -7.83 -20.00 -44.70
CA SER D 628 -7.62 -19.13 -43.55
C SER D 628 -8.44 -19.62 -42.37
N VAL D 629 -7.89 -19.47 -41.17
CA VAL D 629 -8.55 -19.97 -39.97
C VAL D 629 -9.83 -19.18 -39.67
N ARG D 630 -9.99 -18.01 -40.28
CA ARG D 630 -11.16 -17.17 -40.06
C ARG D 630 -12.12 -17.19 -41.24
N ALA D 631 -12.02 -18.19 -42.11
CA ALA D 631 -12.84 -18.27 -43.31
C ALA D 631 -13.97 -19.26 -43.13
N LYS D 632 -15.14 -18.91 -43.65
CA LYS D 632 -16.32 -19.77 -43.56
C LYS D 632 -16.18 -20.96 -44.51
N ILE D 633 -16.29 -22.16 -43.97
CA ILE D 633 -16.14 -23.40 -44.75
C ILE D 633 -17.17 -24.41 -44.26
N LYS D 634 -17.23 -25.54 -44.98
CA LYS D 634 -18.07 -26.67 -44.60
C LYS D 634 -17.16 -27.84 -44.24
N VAL D 635 -17.30 -28.35 -43.01
CA VAL D 635 -16.45 -29.41 -42.49
C VAL D 635 -17.31 -30.54 -41.97
N ARG D 636 -16.93 -31.77 -42.31
CA ARG D 636 -17.54 -32.95 -41.73
C ARG D 636 -16.92 -33.19 -40.35
N LEU D 637 -17.70 -32.98 -39.30
CA LEU D 637 -17.24 -33.13 -37.93
C LEU D 637 -17.66 -34.50 -37.40
N THR D 638 -16.78 -35.12 -36.62
CA THR D 638 -17.02 -36.46 -36.11
C THR D 638 -16.82 -36.58 -34.61
N GLN D 639 -16.37 -35.53 -33.93
CA GLN D 639 -16.12 -35.61 -32.50
C GLN D 639 -16.65 -34.39 -31.76
N LEU D 640 -17.72 -33.77 -32.28
CA LEU D 640 -18.34 -32.62 -31.64
C LEU D 640 -19.86 -32.79 -31.72
N ARG D 641 -20.54 -32.69 -30.57
CA ARG D 641 -21.99 -32.80 -30.59
C ARG D 641 -22.58 -31.61 -31.35
N PRO D 642 -23.48 -31.86 -32.31
CA PRO D 642 -24.13 -30.75 -33.00
C PRO D 642 -25.05 -29.99 -32.07
N PRO D 643 -25.52 -28.81 -32.47
CA PRO D 643 -26.49 -28.09 -31.62
C PRO D 643 -27.72 -28.92 -31.36
N VAL D 644 -28.29 -28.74 -30.15
CA VAL D 644 -29.51 -29.45 -29.80
C VAL D 644 -30.63 -29.17 -30.80
N GLU D 645 -30.55 -28.05 -31.51
CA GLU D 645 -31.48 -27.78 -32.59
C GLU D 645 -31.32 -28.79 -33.72
N ILE D 646 -30.09 -28.92 -34.24
CA ILE D 646 -29.84 -29.77 -35.40
C ILE D 646 -29.48 -31.20 -35.02
N GLU D 647 -29.10 -31.45 -33.76
CA GLU D 647 -28.98 -32.83 -33.30
C GLU D 647 -30.34 -33.52 -33.33
N ALA D 648 -31.42 -32.76 -33.14
CA ALA D 648 -32.75 -33.35 -33.13
C ALA D 648 -33.16 -33.85 -34.51
N GLU D 649 -32.90 -33.05 -35.56
CA GLU D 649 -33.33 -33.43 -36.90
C GLU D 649 -32.44 -34.51 -37.50
N LEU D 650 -31.19 -34.59 -37.09
CA LEU D 650 -30.30 -35.64 -37.58
C LEU D 650 -30.51 -36.94 -36.80
N PHE D 651 -30.45 -36.87 -35.48
CA PHE D 651 -30.70 -38.03 -34.64
C PHE D 651 -31.98 -37.84 -33.84
N GLY D 652 -31.90 -37.06 -32.77
CA GLY D 652 -33.09 -36.72 -31.99
C GLY D 652 -33.60 -37.85 -31.12
N HIS D 653 -33.96 -38.98 -31.75
CA HIS D 653 -34.41 -40.14 -31.00
C HIS D 653 -33.34 -40.60 -30.01
N SER D 654 -32.08 -40.58 -30.44
CA SER D 654 -30.94 -40.92 -29.61
C SER D 654 -29.95 -39.78 -29.66
N GLY D 655 -29.28 -39.53 -28.54
CA GLY D 655 -28.25 -38.50 -28.53
C GLY D 655 -27.14 -38.80 -29.51
N TRP D 656 -26.56 -37.73 -30.07
CA TRP D 656 -25.44 -37.87 -30.99
C TRP D 656 -24.33 -38.71 -30.35
N GLN D 657 -23.67 -39.52 -31.18
CA GLN D 657 -22.67 -40.41 -30.63
C GLN D 657 -21.28 -40.03 -31.13
N PRO D 658 -20.26 -40.09 -30.26
CA PRO D 658 -18.88 -39.86 -30.72
C PRO D 658 -18.49 -40.82 -31.83
N GLY D 659 -18.36 -40.29 -33.04
CA GLY D 659 -18.09 -41.13 -34.20
C GLY D 659 -19.05 -40.81 -35.33
N ASP D 660 -20.27 -40.44 -34.98
CA ASP D 660 -21.24 -40.02 -35.98
C ASP D 660 -20.80 -38.70 -36.62
N ALA D 661 -21.09 -38.56 -37.91
CA ALA D 661 -20.66 -37.40 -38.68
C ALA D 661 -21.83 -36.44 -38.92
N TRP D 662 -21.48 -35.20 -39.26
CA TRP D 662 -22.44 -34.17 -39.61
C TRP D 662 -21.69 -33.00 -40.22
N MET D 663 -22.42 -32.18 -40.97
CA MET D 663 -21.86 -31.02 -41.66
C MET D 663 -22.11 -29.76 -40.86
N ALA D 664 -21.21 -28.79 -40.98
CA ALA D 664 -21.33 -27.53 -40.28
C ALA D 664 -20.84 -26.40 -41.18
N GLU D 665 -21.42 -25.22 -41.00
CA GLU D 665 -20.97 -24.04 -41.74
C GLU D 665 -20.25 -23.04 -40.84
N THR D 666 -19.07 -23.42 -40.33
CA THR D 666 -18.31 -22.62 -39.38
C THR D 666 -17.01 -22.13 -40.04
N THR D 667 -16.08 -21.68 -39.21
CA THR D 667 -14.70 -21.47 -39.62
C THR D 667 -13.84 -22.52 -38.95
N LEU D 668 -12.64 -22.73 -39.52
CA LEU D 668 -11.72 -23.70 -38.91
C LEU D 668 -11.39 -23.33 -37.47
N GLY D 669 -11.28 -22.04 -37.19
CA GLY D 669 -10.99 -21.61 -35.82
C GLY D 669 -12.12 -21.92 -34.86
N ARG D 670 -13.36 -21.72 -35.29
CA ARG D 670 -14.51 -22.04 -34.44
C ARG D 670 -14.55 -23.52 -34.10
N VAL D 671 -14.06 -24.37 -35.01
CA VAL D 671 -13.96 -25.80 -34.70
C VAL D 671 -12.88 -26.04 -33.66
N MET D 672 -11.72 -25.40 -33.82
CA MET D 672 -10.66 -25.53 -32.83
C MET D 672 -11.10 -25.03 -31.46
N PHE D 673 -11.95 -24.01 -31.43
CA PHE D 673 -12.48 -23.52 -30.15
C PHE D 673 -13.37 -24.56 -29.48
N ASN D 674 -14.33 -25.10 -30.24
CA ASN D 674 -15.25 -26.09 -29.69
C ASN D 674 -14.55 -27.39 -29.27
N GLU D 675 -13.35 -27.65 -29.79
CA GLU D 675 -12.61 -28.81 -29.34
C GLU D 675 -12.20 -28.67 -27.87
N LEU D 676 -11.91 -27.44 -27.45
CA LEU D 676 -11.52 -27.21 -26.06
C LEU D 676 -12.66 -27.55 -25.11
N LEU D 677 -13.90 -27.23 -25.52
CA LEU D 677 -15.05 -27.59 -24.72
C LEU D 677 -15.22 -29.12 -24.70
N PRO D 678 -15.76 -29.66 -23.61
CA PRO D 678 -15.83 -31.11 -23.47
C PRO D 678 -16.79 -31.74 -24.46
N LEU D 679 -16.63 -33.04 -24.65
CA LEU D 679 -17.55 -33.82 -25.47
C LEU D 679 -18.95 -33.77 -24.87
N GLY D 680 -19.95 -33.89 -25.73
CA GLY D 680 -21.33 -33.76 -25.33
C GLY D 680 -21.79 -32.34 -25.08
N TYR D 681 -20.95 -31.32 -25.36
CA TYR D 681 -21.43 -29.95 -25.25
C TYR D 681 -21.87 -29.45 -26.61
N PRO D 682 -23.08 -28.90 -26.72
CA PRO D 682 -23.59 -28.45 -28.02
C PRO D 682 -22.66 -27.44 -28.69
N PHE D 683 -22.36 -27.69 -29.96
CA PHE D 683 -21.53 -26.78 -30.74
C PHE D 683 -22.16 -25.40 -30.78
N VAL D 684 -21.32 -24.37 -30.59
CA VAL D 684 -21.75 -22.98 -30.66
C VAL D 684 -20.99 -22.31 -31.81
N ASN D 685 -21.73 -21.82 -32.81
CA ASN D 685 -21.15 -21.23 -34.00
C ASN D 685 -21.11 -19.70 -33.91
N LYS D 686 -21.14 -19.14 -32.72
CA LYS D 686 -21.14 -17.70 -32.57
C LYS D 686 -19.71 -17.16 -32.46
N GLN D 687 -19.60 -15.84 -32.44
CA GLN D 687 -18.33 -15.16 -32.24
C GLN D 687 -18.09 -14.96 -30.76
N MET D 688 -16.90 -15.38 -30.29
CA MET D 688 -16.62 -15.47 -28.86
C MET D 688 -16.27 -14.09 -28.31
N HIS D 689 -17.31 -13.33 -27.99
CA HIS D 689 -17.17 -12.16 -27.13
C HIS D 689 -16.95 -12.63 -25.69
N LYS D 690 -16.52 -11.71 -24.82
CA LYS D 690 -16.37 -12.05 -23.41
C LYS D 690 -17.70 -12.47 -22.81
N LYS D 691 -18.78 -11.76 -23.15
CA LYS D 691 -20.11 -12.14 -22.68
C LYS D 691 -20.47 -13.55 -23.12
N VAL D 692 -20.10 -13.92 -24.36
CA VAL D 692 -20.39 -15.26 -24.84
C VAL D 692 -19.60 -16.30 -24.04
N GLN D 693 -18.32 -16.03 -23.78
CA GLN D 693 -17.50 -16.97 -23.02
C GLN D 693 -17.98 -17.08 -21.58
N ALA D 694 -18.35 -15.96 -20.96
CA ALA D 694 -18.85 -16.00 -19.59
C ALA D 694 -20.15 -16.79 -19.50
N ALA D 695 -21.00 -16.69 -20.52
CA ALA D 695 -22.25 -17.45 -20.53
C ALA D 695 -21.98 -18.95 -20.61
N ILE D 696 -20.98 -19.35 -21.40
CA ILE D 696 -20.64 -20.77 -21.52
C ILE D 696 -20.11 -21.29 -20.20
N ILE D 697 -19.18 -20.57 -19.58
CA ILE D 697 -18.55 -21.03 -18.35
C ILE D 697 -19.56 -21.08 -17.22
N ASN D 698 -20.49 -20.13 -17.18
CA ASN D 698 -21.57 -20.19 -16.19
C ASN D 698 -22.44 -21.41 -16.41
N ASP D 699 -22.77 -21.71 -17.66
CA ASP D 699 -23.51 -22.93 -17.98
C ASP D 699 -22.69 -24.17 -17.68
N LEU D 700 -21.36 -24.10 -17.86
CA LEU D 700 -20.51 -25.23 -17.54
C LEU D 700 -20.46 -25.48 -16.03
N ALA D 701 -20.46 -24.40 -15.23
CA ALA D 701 -20.42 -24.55 -13.78
C ALA D 701 -21.73 -25.09 -13.23
N GLU D 702 -22.86 -24.75 -13.88
CA GLU D 702 -24.16 -25.22 -13.39
C GLU D 702 -24.36 -26.70 -13.67
N ARG D 703 -24.03 -27.14 -14.89
CA ARG D 703 -24.30 -28.51 -15.31
C ARG D 703 -23.12 -29.44 -15.07
N TYR D 704 -21.98 -29.15 -15.70
CA TYR D 704 -20.81 -30.00 -15.61
C TYR D 704 -20.13 -29.86 -14.25
N PRO D 705 -19.38 -30.88 -13.82
CA PRO D 705 -18.78 -30.84 -12.47
C PRO D 705 -17.64 -29.83 -12.34
N MET D 706 -17.07 -29.76 -11.14
CA MET D 706 -16.05 -28.74 -10.85
C MET D 706 -14.76 -29.00 -11.61
N ILE D 707 -14.24 -30.24 -11.53
CA ILE D 707 -12.93 -30.54 -12.12
C ILE D 707 -12.95 -30.31 -13.63
N VAL D 708 -14.11 -30.47 -14.27
CA VAL D 708 -14.21 -30.20 -15.70
C VAL D 708 -14.12 -28.71 -15.96
N VAL D 709 -14.83 -27.90 -15.15
CA VAL D 709 -14.78 -26.46 -15.31
C VAL D 709 -13.35 -25.94 -15.13
N ALA D 710 -12.64 -26.47 -14.15
CA ALA D 710 -11.27 -26.02 -13.89
C ALA D 710 -10.34 -26.37 -15.05
N GLN D 711 -10.46 -27.59 -15.58
CA GLN D 711 -9.61 -28.00 -16.69
C GLN D 711 -10.02 -27.37 -18.01
N THR D 712 -11.32 -27.11 -18.21
CA THR D 712 -11.76 -26.48 -19.45
C THR D 712 -11.22 -25.07 -19.58
N VAL D 713 -11.19 -24.31 -18.48
CA VAL D 713 -10.78 -22.91 -18.56
C VAL D 713 -9.27 -22.80 -18.73
N ASP D 714 -8.52 -23.80 -18.28
CA ASP D 714 -7.08 -23.85 -18.58
C ASP D 714 -6.85 -24.02 -20.08
N LYS D 715 -7.69 -24.82 -20.73
CA LYS D 715 -7.60 -24.95 -22.19
C LYS D 715 -7.91 -23.62 -22.88
N LEU D 716 -8.93 -22.90 -22.39
CA LEU D 716 -9.22 -21.59 -22.93
C LEU D 716 -8.06 -20.61 -22.69
N LYS D 717 -7.43 -20.71 -21.52
CA LYS D 717 -6.28 -19.87 -21.23
C LYS D 717 -5.14 -20.13 -22.20
N ASP D 718 -4.70 -21.39 -22.31
CA ASP D 718 -3.61 -21.72 -23.22
C ASP D 718 -3.97 -21.36 -24.66
N ALA D 719 -5.20 -21.61 -25.07
CA ALA D 719 -5.60 -21.33 -26.45
C ALA D 719 -5.71 -19.83 -26.69
N GLY D 720 -6.26 -19.08 -25.72
CA GLY D 720 -6.39 -17.65 -25.89
C GLY D 720 -5.04 -16.97 -26.06
N PHE D 721 -4.07 -17.35 -25.23
CA PHE D 721 -2.74 -16.76 -25.32
C PHE D 721 -2.08 -17.07 -26.66
N TYR D 722 -2.27 -18.28 -27.18
CA TYR D 722 -1.65 -18.65 -28.44
C TYR D 722 -2.12 -17.74 -29.57
N TRP D 723 -3.44 -17.55 -29.70
CA TRP D 723 -3.97 -16.78 -30.82
C TRP D 723 -3.96 -15.27 -30.57
N ALA D 724 -3.92 -14.84 -29.31
CA ALA D 724 -3.67 -13.43 -29.03
C ALA D 724 -2.29 -13.02 -29.54
N THR D 725 -1.32 -13.93 -29.46
CA THR D 725 0.01 -13.67 -29.99
C THR D 725 -0.04 -13.46 -31.51
N ARG D 726 -0.90 -14.21 -32.20
CA ARG D 726 -0.96 -14.21 -33.65
C ARG D 726 -2.19 -13.48 -34.19
N SER D 727 -2.80 -12.61 -33.39
CA SER D 727 -3.95 -11.84 -33.82
C SER D 727 -3.59 -10.48 -34.40
N GLY D 728 -2.30 -10.16 -34.49
CA GLY D 728 -1.87 -8.89 -35.05
C GLY D 728 -2.32 -7.68 -34.28
N VAL D 729 -2.72 -7.85 -33.01
CA VAL D 729 -3.20 -6.73 -32.21
C VAL D 729 -2.00 -5.84 -31.86
N THR D 730 -1.96 -4.65 -32.45
CA THR D 730 -0.85 -3.73 -32.26
C THR D 730 -1.38 -2.30 -32.26
N VAL D 731 -0.68 -1.41 -31.56
CA VAL D 731 -0.98 0.01 -31.54
C VAL D 731 0.14 0.75 -32.26
N SER D 732 -0.21 1.47 -33.32
CA SER D 732 0.70 2.36 -34.01
C SER D 732 -0.01 3.69 -34.26
N MET D 733 0.78 4.72 -34.55
CA MET D 733 0.21 6.02 -34.87
C MET D 733 -0.69 5.95 -36.10
N ALA D 734 -0.38 5.05 -37.03
CA ALA D 734 -1.24 4.88 -38.20
C ALA D 734 -2.60 4.31 -37.83
N ASP D 735 -2.66 3.42 -36.84
CA ASP D 735 -3.91 2.80 -36.45
C ASP D 735 -4.83 3.74 -35.66
N VAL D 736 -4.32 4.87 -35.18
CA VAL D 736 -5.15 5.86 -34.49
C VAL D 736 -5.73 6.76 -35.58
N LEU D 737 -6.86 6.35 -36.14
CA LEU D 737 -7.51 7.11 -37.19
C LEU D 737 -8.24 8.31 -36.61
N VAL D 738 -8.21 9.43 -37.33
CA VAL D 738 -8.84 10.67 -36.89
C VAL D 738 -10.17 10.82 -37.61
N PRO D 739 -11.16 11.48 -37.01
CA PRO D 739 -12.46 11.67 -37.68
C PRO D 739 -12.29 12.41 -38.98
N PRO D 740 -13.03 12.03 -40.03
CA PRO D 740 -12.88 12.73 -41.30
C PRO D 740 -13.45 14.14 -41.29
N ARG D 741 -14.57 14.35 -40.60
CA ARG D 741 -15.22 15.66 -40.50
C ARG D 741 -14.84 16.40 -39.23
N LYS D 742 -13.65 16.13 -38.68
CA LYS D 742 -13.25 16.72 -37.40
C LYS D 742 -13.31 18.25 -37.46
N LYS D 743 -12.79 18.84 -38.53
CA LYS D 743 -12.84 20.29 -38.67
C LYS D 743 -14.27 20.78 -38.84
N GLU D 744 -15.06 20.10 -39.68
CA GLU D 744 -16.43 20.53 -39.94
C GLU D 744 -17.29 20.46 -38.69
N ILE D 745 -17.13 19.42 -37.88
CA ILE D 745 -18.01 19.21 -36.74
C ILE D 745 -17.83 20.31 -35.70
N LEU D 746 -16.58 20.64 -35.37
CA LEU D 746 -16.35 21.62 -34.31
C LEU D 746 -16.74 23.03 -34.74
N ASP D 747 -16.60 23.35 -36.03
CA ASP D 747 -16.97 24.68 -36.49
C ASP D 747 -18.47 24.93 -36.38
N HIS D 748 -19.28 23.90 -36.54
CA HIS D 748 -20.72 24.05 -36.34
C HIS D 748 -21.06 24.36 -34.89
N TYR D 749 -20.29 23.80 -33.95
CA TYR D 749 -20.53 24.06 -32.54
C TYR D 749 -19.74 25.27 -32.02
N GLU D 750 -18.62 25.60 -32.65
CA GLU D 750 -17.97 26.87 -32.35
C GLU D 750 -18.85 28.04 -32.78
N GLU D 751 -19.61 27.85 -33.87
CA GLU D 751 -20.61 28.84 -34.27
C GLU D 751 -21.71 28.97 -33.22
N ARG D 752 -22.26 27.82 -32.80
CA ARG D 752 -23.32 27.85 -31.79
C ARG D 752 -22.82 28.33 -30.45
N ALA D 753 -21.53 28.10 -30.14
CA ALA D 753 -20.95 28.67 -28.93
C ALA D 753 -20.72 30.17 -29.07
N ASP D 754 -20.38 30.64 -30.28
CA ASP D 754 -20.20 32.07 -30.50
C ASP D 754 -21.53 32.82 -30.45
N LYS D 755 -22.63 32.15 -30.80
CA LYS D 755 -23.94 32.77 -30.71
C LYS D 755 -24.43 32.83 -29.27
N VAL D 756 -24.13 31.80 -28.47
CA VAL D 756 -24.45 31.84 -27.05
C VAL D 756 -23.53 32.80 -26.33
N GLU D 757 -22.30 32.98 -26.84
CA GLU D 757 -21.42 34.01 -26.29
C GLU D 757 -21.90 35.40 -26.67
N LYS D 758 -22.46 35.57 -27.86
CA LYS D 758 -23.04 36.85 -28.24
C LYS D 758 -24.38 37.09 -27.54
N GLN D 759 -25.14 36.03 -27.26
CA GLN D 759 -26.37 36.16 -26.48
C GLN D 759 -26.08 36.43 -25.01
N PHE D 760 -24.83 36.28 -24.57
CA PHE D 760 -24.42 36.72 -23.25
C PHE D 760 -23.85 38.14 -23.28
N GLN D 761 -23.45 38.63 -24.45
CA GLN D 761 -22.95 39.99 -24.56
C GLN D 761 -24.08 41.01 -24.42
N ARG D 762 -25.26 40.69 -24.97
CA ARG D 762 -26.43 41.55 -24.82
C ARG D 762 -27.17 41.33 -23.52
N GLY D 763 -26.67 40.45 -22.64
CA GLY D 763 -27.29 40.21 -21.37
C GLY D 763 -28.58 39.41 -21.40
N ALA D 764 -28.89 38.77 -22.53
CA ALA D 764 -30.11 37.97 -22.62
C ALA D 764 -29.99 36.64 -21.89
N LEU D 765 -28.78 36.20 -21.56
CA LEU D 765 -28.55 34.96 -20.85
C LEU D 765 -27.83 35.27 -19.54
N ASN D 766 -28.33 34.71 -18.44
CA ASN D 766 -27.65 34.82 -17.16
C ASN D 766 -26.30 34.10 -17.24
N HIS D 767 -25.33 34.61 -16.48
CA HIS D 767 -24.01 33.98 -16.46
C HIS D 767 -24.08 32.54 -15.99
N ASP D 768 -24.95 32.26 -15.00
CA ASP D 768 -25.10 30.90 -14.53
C ASP D 768 -25.74 30.02 -15.60
N GLU D 769 -26.49 30.63 -16.51
CA GLU D 769 -27.14 29.89 -17.59
C GLU D 769 -26.25 29.73 -18.81
N ARG D 770 -25.35 30.69 -19.06
CA ARG D 770 -24.43 30.58 -20.19
C ARG D 770 -23.55 29.35 -20.07
N ASN D 771 -23.08 29.05 -18.85
CA ASN D 771 -22.29 27.84 -18.65
C ASN D 771 -23.12 26.59 -18.90
N GLU D 772 -24.35 26.56 -18.39
CA GLU D 772 -25.23 25.43 -18.67
C GLU D 772 -25.63 25.37 -20.13
N ALA D 773 -25.67 26.52 -20.81
CA ALA D 773 -25.98 26.52 -22.24
C ALA D 773 -24.82 26.01 -23.07
N LEU D 774 -23.59 26.42 -22.73
CA LEU D 774 -22.43 25.98 -23.48
C LEU D 774 -22.09 24.52 -23.20
N VAL D 775 -22.43 24.03 -22.00
CA VAL D 775 -22.17 22.63 -21.67
C VAL D 775 -22.95 21.71 -22.61
N GLU D 776 -24.23 22.00 -22.80
CA GLU D 776 -25.05 21.18 -23.69
C GLU D 776 -24.66 21.35 -25.16
N ILE D 777 -23.91 22.41 -25.49
CA ILE D 777 -23.39 22.54 -26.84
C ILE D 777 -22.23 21.58 -27.06
N TRP D 778 -21.33 21.47 -26.07
CA TRP D 778 -20.17 20.61 -26.20
C TRP D 778 -20.46 19.16 -25.83
N LYS D 779 -21.39 18.93 -24.89
CA LYS D 779 -21.87 17.56 -24.68
C LYS D 779 -22.50 17.00 -25.94
N GLU D 780 -23.24 17.83 -26.67
CA GLU D 780 -23.79 17.41 -27.95
C GLU D 780 -22.71 17.33 -29.02
N ALA D 781 -21.65 18.12 -28.87
CA ALA D 781 -20.56 18.10 -29.85
C ALA D 781 -19.72 16.84 -29.71
N THR D 782 -19.42 16.43 -28.46
CA THR D 782 -18.61 15.24 -28.24
C THR D 782 -19.32 13.97 -28.69
N ASP D 783 -20.65 13.98 -28.77
CA ASP D 783 -21.38 12.83 -29.31
C ASP D 783 -21.24 12.75 -30.82
N GLU D 784 -21.29 13.89 -31.50
CA GLU D 784 -21.17 13.88 -32.96
C GLU D 784 -19.75 13.51 -33.39
N VAL D 785 -18.75 13.82 -32.58
CA VAL D 785 -17.39 13.40 -32.88
C VAL D 785 -17.21 11.91 -32.60
N GLY D 786 -17.80 11.42 -31.50
CA GLY D 786 -17.71 10.00 -31.20
C GLY D 786 -18.41 9.14 -32.24
N GLN D 787 -19.56 9.60 -32.73
CA GLN D 787 -20.26 8.87 -33.79
C GLN D 787 -19.46 8.89 -35.08
N ALA D 788 -18.76 9.99 -35.37
CA ALA D 788 -17.93 10.05 -36.56
C ALA D 788 -16.76 9.09 -36.51
N LEU D 789 -16.42 8.58 -35.33
CA LEU D 789 -15.31 7.64 -35.23
C LEU D 789 -15.76 6.21 -35.46
N ARG D 790 -16.91 5.83 -34.90
CA ARG D 790 -17.39 4.45 -35.01
C ARG D 790 -17.53 4.02 -36.47
N GLU D 791 -18.11 4.88 -37.30
CA GLU D 791 -18.34 4.52 -38.70
C GLU D 791 -17.07 4.63 -39.53
N HIS D 792 -16.20 5.60 -39.23
CA HIS D 792 -14.97 5.74 -40.00
C HIS D 792 -13.98 4.63 -39.67
N TYR D 793 -13.98 4.16 -38.43
CA TYR D 793 -13.03 3.11 -38.04
C TYR D 793 -13.47 1.76 -38.61
N PRO D 794 -12.60 1.06 -39.32
CA PRO D 794 -12.90 -0.33 -39.69
C PRO D 794 -12.92 -1.22 -38.47
N ASP D 795 -13.42 -2.43 -38.66
CA ASP D 795 -13.41 -3.43 -37.60
C ASP D 795 -12.12 -4.24 -37.58
N ASP D 796 -11.25 -4.08 -38.58
CA ASP D 796 -9.93 -4.69 -38.53
C ASP D 796 -8.98 -3.92 -37.61
N ASN D 797 -9.22 -2.63 -37.44
CA ASN D 797 -8.32 -1.79 -36.65
C ASN D 797 -8.19 -2.35 -35.23
N PRO D 798 -6.96 -2.57 -34.74
CA PRO D 798 -6.81 -3.24 -33.44
C PRO D 798 -7.38 -2.47 -32.27
N ILE D 799 -7.39 -1.14 -32.32
CA ILE D 799 -7.95 -0.34 -31.22
C ILE D 799 -9.43 -0.66 -31.06
N ILE D 800 -10.14 -0.85 -32.17
CA ILE D 800 -11.54 -1.23 -32.11
C ILE D 800 -11.69 -2.69 -31.68
N THR D 801 -10.84 -3.57 -32.22
CA THR D 801 -10.94 -4.99 -31.91
C THR D 801 -10.77 -5.26 -30.42
N ILE D 802 -9.89 -4.49 -29.76
CA ILE D 802 -9.67 -4.66 -28.33
C ILE D 802 -10.93 -4.31 -27.55
N VAL D 803 -11.53 -3.15 -27.84
CA VAL D 803 -12.65 -2.68 -27.04
C VAL D 803 -13.90 -3.51 -27.33
N ASP D 804 -14.20 -3.74 -28.61
CA ASP D 804 -15.43 -4.40 -29.01
C ASP D 804 -15.44 -5.91 -28.75
N SER D 805 -14.33 -6.47 -28.29
CA SER D 805 -14.25 -7.89 -27.93
C SER D 805 -14.42 -8.13 -26.45
N GLY D 806 -14.66 -7.08 -25.65
CA GLY D 806 -14.70 -7.24 -24.22
C GLY D 806 -13.37 -7.40 -23.55
N ALA D 807 -12.26 -7.24 -24.30
CA ALA D 807 -10.93 -7.36 -23.74
C ALA D 807 -10.71 -6.33 -22.65
N THR D 808 -10.59 -5.05 -23.04
CA THR D 808 -10.41 -3.97 -22.07
C THR D 808 -10.64 -2.65 -22.78
N GLY D 809 -11.05 -1.65 -21.99
CA GLY D 809 -11.17 -0.30 -22.49
C GLY D 809 -12.59 0.06 -22.90
N ASN D 810 -12.86 1.36 -22.90
CA ASN D 810 -14.11 1.92 -23.38
C ASN D 810 -13.90 2.57 -24.74
N PHE D 811 -15.00 2.80 -25.45
CA PHE D 811 -14.91 3.65 -26.64
C PHE D 811 -14.75 5.11 -26.25
N THR D 812 -15.23 5.49 -25.05
CA THR D 812 -14.97 6.83 -24.53
C THR D 812 -13.47 7.08 -24.41
N GLN D 813 -12.70 6.04 -24.08
CA GLN D 813 -11.24 6.16 -24.12
C GLN D 813 -10.74 6.32 -25.55
N THR D 814 -11.29 5.52 -26.47
CA THR D 814 -10.89 5.64 -27.88
C THR D 814 -11.30 6.99 -28.45
N ARG D 815 -12.48 7.48 -28.07
CA ARG D 815 -12.89 8.81 -28.52
C ARG D 815 -11.98 9.89 -27.96
N THR D 816 -11.59 9.77 -26.68
CA THR D 816 -10.62 10.69 -26.11
C THR D 816 -9.26 10.55 -26.78
N LEU D 817 -8.94 9.34 -27.26
CA LEU D 817 -7.64 9.06 -27.84
C LEU D 817 -7.49 9.65 -29.24
N ALA D 818 -8.54 9.55 -30.05
CA ALA D 818 -8.48 9.98 -31.45
C ALA D 818 -9.37 11.17 -31.78
N GLY D 819 -10.50 11.32 -31.11
CA GLY D 819 -11.42 12.41 -31.42
C GLY D 819 -11.18 13.67 -30.63
N MET D 820 -11.68 13.70 -29.39
CA MET D 820 -11.50 14.86 -28.53
C MET D 820 -11.73 14.44 -27.09
N LYS D 821 -11.01 15.09 -26.17
CA LYS D 821 -11.17 14.82 -24.75
C LYS D 821 -12.55 15.25 -24.26
N GLY D 822 -12.99 16.44 -24.65
CA GLY D 822 -14.28 16.96 -24.25
C GLY D 822 -14.18 17.94 -23.08
N LEU D 823 -15.33 18.15 -22.44
CA LEU D 823 -15.38 19.03 -21.28
C LEU D 823 -14.63 18.41 -20.10
N VAL D 824 -13.69 19.15 -19.55
CA VAL D 824 -12.93 18.72 -18.37
C VAL D 824 -13.47 19.45 -17.15
N THR D 825 -13.33 18.82 -15.99
CA THR D 825 -13.83 19.36 -14.74
C THR D 825 -12.72 20.09 -14.00
N ASN D 826 -13.06 21.25 -13.46
CA ASN D 826 -12.19 21.98 -12.56
C ASN D 826 -12.39 21.47 -11.13
N PRO D 827 -11.46 21.76 -10.21
CA PRO D 827 -11.59 21.21 -8.85
C PRO D 827 -12.88 21.58 -8.14
N LYS D 828 -13.69 22.48 -8.71
CA LYS D 828 -15.02 22.75 -8.16
C LYS D 828 -15.94 21.55 -8.36
N GLY D 829 -16.10 21.13 -9.61
CA GLY D 829 -16.95 19.98 -9.92
C GLY D 829 -17.68 20.15 -11.24
N GLU D 830 -18.16 21.36 -11.50
CA GLU D 830 -18.86 21.64 -12.75
C GLU D 830 -17.87 21.66 -13.92
N PHE D 831 -18.40 21.43 -15.11
CA PHE D 831 -17.56 21.40 -16.29
C PHE D 831 -17.13 22.80 -16.70
N ILE D 832 -15.93 22.90 -17.24
CA ILE D 832 -15.40 24.19 -17.71
C ILE D 832 -16.17 24.63 -18.95
N PRO D 833 -16.57 25.90 -19.05
CA PRO D 833 -17.31 26.34 -20.25
C PRO D 833 -16.55 26.20 -21.55
N ARG D 834 -15.26 25.87 -21.50
CA ARG D 834 -14.45 25.63 -22.69
C ARG D 834 -13.92 24.20 -22.67
N PRO D 835 -14.09 23.44 -23.75
CA PRO D 835 -13.63 22.05 -23.76
C PRO D 835 -12.23 21.90 -24.32
N VAL D 836 -11.63 20.75 -24.01
CA VAL D 836 -10.35 20.36 -24.60
C VAL D 836 -10.67 19.79 -25.99
N LYS D 837 -10.51 20.62 -27.02
CA LYS D 837 -10.87 20.21 -28.38
C LYS D 837 -9.87 19.24 -28.98
N SER D 838 -8.59 19.35 -28.62
CA SER D 838 -7.57 18.47 -29.17
C SER D 838 -7.75 17.05 -28.63
N SER D 839 -7.27 16.09 -29.41
CA SER D 839 -7.16 14.71 -28.97
C SER D 839 -5.72 14.42 -28.56
N PHE D 840 -5.56 13.37 -27.75
CA PHE D 840 -4.21 12.98 -27.33
C PHE D 840 -3.35 12.52 -28.50
N ARG D 841 -3.96 12.05 -29.59
CA ARG D 841 -3.18 11.78 -30.79
C ARG D 841 -2.70 13.07 -31.44
N GLU D 842 -3.56 14.10 -31.45
CA GLU D 842 -3.16 15.40 -32.00
C GLU D 842 -2.13 16.07 -31.12
N GLY D 843 -2.43 16.18 -29.82
CA GLY D 843 -1.52 16.83 -28.89
C GLY D 843 -2.13 18.05 -28.26
N LEU D 844 -2.37 17.99 -26.95
CA LEU D 844 -2.99 19.11 -26.25
C LEU D 844 -2.05 20.30 -26.20
N THR D 845 -2.62 21.50 -26.18
CA THR D 845 -1.84 22.71 -25.99
C THR D 845 -1.44 22.84 -24.52
N VAL D 846 -0.63 23.86 -24.25
CA VAL D 846 -0.17 24.11 -22.88
C VAL D 846 -1.36 24.35 -21.96
N LEU D 847 -2.25 25.26 -22.36
CA LEU D 847 -3.44 25.56 -21.55
C LEU D 847 -4.42 24.39 -21.54
N GLU D 848 -4.55 23.69 -22.66
CA GLU D 848 -5.42 22.50 -22.70
C GLU D 848 -4.93 21.44 -21.72
N TYR D 849 -3.62 21.19 -21.69
CA TYR D 849 -3.08 20.21 -20.77
C TYR D 849 -3.26 20.64 -19.32
N PHE D 850 -3.04 21.94 -19.05
CA PHE D 850 -3.10 22.42 -17.68
C PHE D 850 -4.49 22.25 -17.07
N ILE D 851 -5.54 22.57 -17.84
CA ILE D 851 -6.89 22.49 -17.31
C ILE D 851 -7.31 21.03 -17.15
N ASN D 852 -6.70 20.12 -17.91
CA ASN D 852 -7.03 18.71 -17.78
C ASN D 852 -6.56 18.14 -16.45
N THR D 853 -5.40 18.61 -15.97
CA THR D 853 -4.80 18.03 -14.76
C THR D 853 -5.66 18.28 -13.53
N HIS D 854 -6.49 19.33 -13.55
CA HIS D 854 -7.33 19.65 -12.40
C HIS D 854 -8.23 18.48 -12.02
N GLY D 855 -8.92 17.90 -13.00
CA GLY D 855 -9.75 16.74 -12.73
C GLY D 855 -8.97 15.47 -12.49
N ALA D 856 -7.81 15.32 -13.14
CA ALA D 856 -7.02 14.10 -12.97
C ALA D 856 -6.45 13.98 -11.57
N ARG D 857 -5.97 15.09 -11.00
CA ARG D 857 -5.39 15.02 -9.66
C ARG D 857 -6.45 14.80 -8.60
N LYS D 858 -7.57 15.54 -8.68
CA LYS D 858 -8.65 15.30 -7.74
C LYS D 858 -9.31 13.95 -7.96
N GLY D 859 -9.12 13.34 -9.13
CA GLY D 859 -9.58 11.98 -9.34
C GLY D 859 -8.81 10.98 -8.49
N LEU D 860 -7.48 11.10 -8.48
CA LEU D 860 -6.67 10.23 -7.63
C LEU D 860 -6.83 10.60 -6.16
N ALA D 861 -7.01 11.89 -5.87
CA ALA D 861 -7.03 12.36 -4.48
C ALA D 861 -8.19 11.73 -3.71
N ASP D 862 -9.41 11.80 -4.24
CA ASP D 862 -10.55 11.26 -3.52
C ASP D 862 -10.59 9.74 -3.58
N THR D 863 -9.85 9.12 -4.49
CA THR D 863 -9.82 7.66 -4.56
C THR D 863 -9.22 7.06 -3.31
N ALA D 864 -8.36 7.80 -2.62
CA ALA D 864 -7.84 7.35 -1.33
C ALA D 864 -8.87 7.52 -0.22
N LEU D 865 -9.66 8.60 -0.27
CA LEU D 865 -10.69 8.82 0.72
C LEU D 865 -11.90 7.92 0.49
N ARG D 866 -12.26 7.69 -0.76
CA ARG D 866 -13.44 6.87 -1.05
C ARG D 866 -13.18 5.41 -0.71
N THR D 867 -11.92 4.96 -0.77
CA THR D 867 -11.59 3.62 -0.30
C THR D 867 -11.58 3.54 1.23
N ALA D 868 -11.32 4.66 1.91
CA ALA D 868 -11.32 4.66 3.37
C ALA D 868 -12.74 4.49 3.91
N ASP D 869 -13.67 5.30 3.43
CA ASP D 869 -15.07 5.14 3.84
C ASP D 869 -15.64 3.81 3.37
N SER D 870 -15.13 3.27 2.26
CA SER D 870 -15.55 1.95 1.81
C SER D 870 -15.09 0.87 2.77
N GLY D 871 -13.78 0.82 3.04
CA GLY D 871 -13.25 -0.16 3.97
C GLY D 871 -13.81 -0.02 5.37
N TYR D 872 -14.23 1.20 5.75
CA TYR D 872 -14.88 1.39 7.04
C TYR D 872 -16.30 0.82 7.04
N LEU D 873 -17.05 1.08 5.97
CA LEU D 873 -18.38 0.49 5.84
C LEU D 873 -18.30 -1.03 5.76
N THR D 874 -17.22 -1.56 5.19
CA THR D 874 -17.08 -3.01 5.08
C THR D 874 -16.91 -3.65 6.46
N ARG D 875 -16.02 -3.09 7.29
CA ARG D 875 -15.76 -3.69 8.59
C ARG D 875 -16.94 -3.50 9.54
N ARG D 876 -17.73 -2.45 9.34
CA ARG D 876 -18.98 -2.32 10.09
C ARG D 876 -19.96 -3.43 9.71
N LEU D 877 -20.06 -3.74 8.42
CA LEU D 877 -20.92 -4.82 7.97
C LEU D 877 -20.42 -6.18 8.45
N VAL D 878 -19.12 -6.33 8.68
CA VAL D 878 -18.57 -7.60 9.14
C VAL D 878 -19.02 -7.88 10.58
N ASP D 879 -18.83 -6.90 11.47
CA ASP D 879 -19.12 -7.12 12.88
C ASP D 879 -20.63 -7.29 13.13
N VAL D 880 -21.47 -6.64 12.32
CA VAL D 880 -22.91 -6.77 12.51
C VAL D 880 -23.44 -8.12 12.05
N SER D 881 -22.70 -8.84 11.21
CA SER D 881 -23.14 -10.12 10.67
C SER D 881 -22.09 -11.22 10.84
N GLN D 882 -21.13 -11.02 11.75
CA GLN D 882 -20.04 -11.97 11.91
C GLN D 882 -20.53 -13.31 12.46
N ASP D 883 -21.60 -13.29 13.26
CA ASP D 883 -22.09 -14.49 13.93
C ASP D 883 -23.29 -15.12 13.23
N VAL D 884 -23.61 -14.69 12.01
CA VAL D 884 -24.72 -15.26 11.27
C VAL D 884 -24.23 -16.51 10.56
N ILE D 885 -24.64 -17.68 11.07
CA ILE D 885 -24.22 -18.96 10.51
C ILE D 885 -25.46 -19.76 10.11
N VAL D 886 -25.27 -20.68 9.17
CA VAL D 886 -26.30 -21.64 8.82
C VAL D 886 -26.22 -22.81 9.81
N ARG D 887 -27.18 -22.89 10.72
CA ARG D 887 -27.15 -23.89 11.79
C ARG D 887 -28.17 -25.00 11.61
N GLU D 888 -29.21 -24.79 10.82
CA GLU D 888 -30.26 -25.78 10.63
C GLU D 888 -30.46 -26.04 9.14
N HIS D 889 -30.99 -27.21 8.81
CA HIS D 889 -31.24 -27.55 7.42
C HIS D 889 -32.50 -26.84 6.90
N ASP D 890 -33.62 -26.99 7.61
CA ASP D 890 -34.87 -26.39 7.18
C ASP D 890 -35.66 -25.97 8.42
N CYS D 891 -36.04 -24.69 8.47
CA CYS D 891 -36.84 -24.20 9.58
C CYS D 891 -38.34 -24.41 9.36
N GLN D 892 -38.74 -24.83 8.16
CA GLN D 892 -40.06 -25.32 7.77
C GLN D 892 -41.12 -24.22 7.64
N THR D 893 -40.78 -22.94 7.83
CA THR D 893 -41.77 -21.89 7.71
C THR D 893 -42.19 -21.73 6.25
N GLU D 894 -43.49 -21.83 5.98
CA GLU D 894 -44.00 -21.58 4.64
C GLU D 894 -43.98 -20.11 4.26
N ARG D 895 -43.60 -19.23 5.19
CA ARG D 895 -43.48 -17.81 4.87
C ARG D 895 -42.38 -17.58 3.85
N GLY D 896 -42.57 -16.57 3.03
CA GLY D 896 -41.60 -16.18 2.03
C GLY D 896 -41.87 -14.74 1.63
N ILE D 897 -41.64 -14.44 0.35
CA ILE D 897 -41.95 -13.12 -0.17
C ILE D 897 -42.18 -13.24 -1.66
N VAL D 898 -42.99 -12.33 -2.20
CA VAL D 898 -43.32 -12.34 -3.63
C VAL D 898 -42.22 -11.62 -4.40
N VAL D 899 -41.76 -12.25 -5.48
CA VAL D 899 -40.71 -11.69 -6.32
C VAL D 899 -41.29 -11.44 -7.71
N GLU D 900 -41.04 -10.25 -8.25
CA GLU D 900 -41.50 -9.90 -9.59
C GLU D 900 -40.65 -10.67 -10.60
N LEU D 901 -41.15 -11.82 -11.05
CA LEU D 901 -40.40 -12.64 -11.99
C LEU D 901 -40.36 -11.99 -13.37
N ALA D 902 -41.47 -11.42 -13.81
CA ALA D 902 -41.56 -10.74 -15.10
C ALA D 902 -42.74 -9.80 -15.05
N GLU D 903 -42.81 -8.91 -16.05
CA GLU D 903 -43.86 -7.90 -16.11
C GLU D 903 -44.79 -8.20 -17.27
N ARG D 904 -46.09 -8.28 -16.98
CA ARG D 904 -47.09 -8.42 -18.03
C ARG D 904 -47.16 -7.15 -18.86
N ALA D 905 -47.69 -7.28 -20.07
CA ALA D 905 -47.68 -6.20 -21.03
C ALA D 905 -49.05 -6.00 -21.65
N PRO D 906 -49.36 -4.77 -22.10
CA PRO D 906 -50.58 -4.58 -22.89
C PRO D 906 -50.52 -5.26 -24.24
N ASP D 907 -49.31 -5.44 -24.78
CA ASP D 907 -49.15 -6.09 -26.06
C ASP D 907 -49.46 -7.58 -25.98
N GLY D 908 -49.30 -8.18 -24.80
CA GLY D 908 -49.63 -9.57 -24.59
C GLY D 908 -48.46 -10.49 -24.35
N THR D 909 -47.23 -10.04 -24.56
CA THR D 909 -46.05 -10.86 -24.32
C THR D 909 -45.38 -10.43 -23.03
N LEU D 910 -45.14 -11.39 -22.15
CA LEU D 910 -44.46 -11.10 -20.89
C LEU D 910 -43.08 -10.51 -21.15
N ILE D 911 -42.71 -9.52 -20.35
CA ILE D 911 -41.40 -8.87 -20.43
C ILE D 911 -40.59 -9.28 -19.21
N ARG D 912 -39.37 -9.74 -19.45
CA ARG D 912 -38.50 -10.17 -18.35
C ARG D 912 -38.16 -8.99 -17.45
N ASP D 913 -38.34 -9.17 -16.15
CA ASP D 913 -37.99 -8.14 -15.19
C ASP D 913 -36.47 -8.00 -15.11
N PRO D 914 -35.95 -6.78 -15.00
CA PRO D 914 -34.49 -6.62 -14.87
C PRO D 914 -33.91 -7.22 -13.60
N TYR D 915 -34.72 -7.38 -12.55
CA TYR D 915 -34.25 -7.83 -11.25
C TYR D 915 -34.28 -9.35 -11.08
N ILE D 916 -34.37 -10.11 -12.17
CA ILE D 916 -34.40 -11.56 -12.05
C ILE D 916 -33.06 -12.10 -11.56
N GLU D 917 -31.96 -11.59 -12.12
CA GLU D 917 -30.64 -12.11 -11.80
C GLU D 917 -30.33 -11.98 -10.31
N THR D 918 -30.63 -10.82 -9.73
CA THR D 918 -30.24 -10.54 -8.35
C THR D 918 -31.29 -10.93 -7.32
N SER D 919 -32.56 -11.01 -7.71
CA SER D 919 -33.64 -11.26 -6.77
C SER D 919 -34.37 -12.58 -6.97
N ALA D 920 -34.28 -13.19 -8.15
CA ALA D 920 -35.06 -14.38 -8.46
C ALA D 920 -34.21 -15.63 -8.65
N TYR D 921 -33.09 -15.53 -9.37
CA TYR D 921 -32.24 -16.69 -9.56
C TYR D 921 -31.59 -17.09 -8.24
N ALA D 922 -31.22 -18.37 -8.16
CA ALA D 922 -30.57 -18.99 -7.01
C ALA D 922 -31.46 -19.02 -5.77
N ARG D 923 -32.73 -18.67 -5.91
CA ARG D 923 -33.67 -18.76 -4.79
C ARG D 923 -34.21 -20.18 -4.67
N THR D 924 -35.01 -20.40 -3.62
CA THR D 924 -35.74 -21.64 -3.43
C THR D 924 -37.19 -21.30 -3.14
N LEU D 925 -38.09 -22.21 -3.51
CA LEU D 925 -39.52 -21.95 -3.46
C LEU D 925 -40.11 -22.29 -2.10
N GLY D 926 -41.16 -21.56 -1.74
CA GLY D 926 -41.92 -21.83 -0.53
C GLY D 926 -43.40 -21.98 -0.84
N THR D 927 -43.73 -21.94 -2.14
CA THR D 927 -45.11 -22.09 -2.58
C THR D 927 -45.09 -22.57 -4.03
N ASP D 928 -45.85 -23.61 -4.32
CA ASP D 928 -45.88 -24.17 -5.67
C ASP D 928 -46.36 -23.13 -6.67
N ALA D 929 -45.65 -23.03 -7.80
CA ALA D 929 -46.02 -22.11 -8.86
C ALA D 929 -47.16 -22.70 -9.67
N VAL D 930 -48.28 -21.98 -9.73
CA VAL D 930 -49.49 -22.43 -10.40
C VAL D 930 -49.79 -21.47 -11.55
N ASP D 931 -49.93 -22.03 -12.76
CA ASP D 931 -50.31 -21.24 -13.92
C ASP D 931 -51.84 -21.22 -14.01
N GLU D 932 -52.37 -20.90 -15.19
CA GLU D 932 -53.83 -20.91 -15.36
C GLU D 932 -54.37 -22.33 -15.28
N ALA D 933 -53.59 -23.32 -15.69
CA ALA D 933 -53.96 -24.71 -15.53
C ALA D 933 -53.74 -25.16 -14.08
N GLY D 934 -54.32 -26.32 -13.75
CA GLY D 934 -54.16 -26.86 -12.41
C GLY D 934 -52.79 -27.40 -12.12
N ASN D 935 -51.99 -27.65 -13.15
CA ASN D 935 -50.67 -28.23 -12.96
C ASN D 935 -49.71 -27.21 -12.36
N VAL D 936 -48.87 -27.68 -11.45
CA VAL D 936 -47.82 -26.86 -10.85
C VAL D 936 -46.55 -27.07 -11.66
N ILE D 937 -45.85 -25.97 -11.96
CA ILE D 937 -44.69 -26.04 -12.85
C ILE D 937 -43.45 -26.47 -12.08
N VAL D 938 -43.20 -25.85 -10.93
CA VAL D 938 -42.05 -26.16 -10.09
C VAL D 938 -42.53 -26.37 -8.66
N GLU D 939 -42.06 -27.46 -8.04
CA GLU D 939 -42.47 -27.81 -6.69
C GLU D 939 -41.86 -26.85 -5.67
N ARG D 940 -42.42 -26.88 -4.46
CA ARG D 940 -41.91 -26.07 -3.37
C ARG D 940 -40.60 -26.67 -2.85
N GLY D 941 -39.62 -25.80 -2.61
CA GLY D 941 -38.33 -26.25 -2.13
C GLY D 941 -37.38 -26.70 -3.22
N GLN D 942 -37.51 -26.15 -4.42
CA GLN D 942 -36.64 -26.50 -5.55
C GLN D 942 -35.79 -25.29 -5.92
N ASP D 943 -34.49 -25.48 -6.00
CA ASP D 943 -33.58 -24.39 -6.31
C ASP D 943 -33.82 -23.88 -7.72
N LEU D 944 -34.08 -22.58 -7.84
CA LEU D 944 -34.41 -21.97 -9.13
C LEU D 944 -33.21 -21.95 -10.06
N GLY D 945 -33.06 -23.00 -10.86
CA GLY D 945 -32.01 -23.05 -11.86
C GLY D 945 -32.35 -22.20 -13.07
N ASP D 946 -31.45 -22.25 -14.06
CA ASP D 946 -31.65 -21.48 -15.27
C ASP D 946 -32.84 -21.98 -16.10
N PRO D 947 -32.99 -23.28 -16.36
CA PRO D 947 -34.18 -23.72 -17.12
C PRO D 947 -35.47 -23.61 -16.33
N GLU D 948 -35.40 -23.79 -15.00
CA GLU D 948 -36.60 -23.73 -14.17
C GLU D 948 -37.18 -22.32 -14.07
N ILE D 949 -36.45 -21.31 -14.53
CA ILE D 949 -37.02 -19.97 -14.62
C ILE D 949 -37.76 -19.80 -15.93
N ASP D 950 -37.20 -20.36 -17.02
CA ASP D 950 -37.91 -20.38 -18.29
C ASP D 950 -39.14 -21.29 -18.22
N ALA D 951 -39.18 -22.23 -17.28
CA ALA D 951 -40.36 -23.06 -17.10
C ALA D 951 -41.54 -22.24 -16.62
N LEU D 952 -41.30 -21.37 -15.62
CA LEU D 952 -42.35 -20.45 -15.18
C LEU D 952 -42.55 -19.32 -16.16
N LEU D 953 -41.50 -18.92 -16.89
CA LEU D 953 -41.64 -17.88 -17.91
C LEU D 953 -42.57 -18.35 -19.02
N ALA D 954 -42.30 -19.53 -19.57
CA ALA D 954 -43.14 -20.08 -20.64
C ALA D 954 -44.48 -20.59 -20.13
N ALA D 955 -44.74 -20.54 -18.83
CA ALA D 955 -46.02 -20.99 -18.29
C ALA D 955 -47.01 -19.85 -18.10
N GLY D 956 -46.60 -18.61 -18.30
CA GLY D 956 -47.47 -17.46 -18.14
C GLY D 956 -47.48 -16.86 -16.75
N ILE D 957 -47.04 -17.60 -15.73
CA ILE D 957 -47.02 -17.08 -14.37
C ILE D 957 -45.87 -16.09 -14.22
N THR D 958 -46.17 -14.92 -13.63
CA THR D 958 -45.18 -13.84 -13.53
C THR D 958 -44.81 -13.51 -12.09
N GLN D 959 -45.26 -14.30 -11.12
CA GLN D 959 -44.93 -14.06 -9.71
C GLN D 959 -44.74 -15.39 -9.01
N VAL D 960 -43.72 -15.45 -8.15
CA VAL D 960 -43.39 -16.65 -7.40
C VAL D 960 -43.14 -16.25 -5.94
N LYS D 961 -43.50 -17.15 -5.03
CA LYS D 961 -43.24 -16.97 -3.61
C LYS D 961 -42.05 -17.85 -3.23
N VAL D 962 -40.97 -17.22 -2.78
CA VAL D 962 -39.71 -17.91 -2.55
C VAL D 962 -39.31 -17.81 -1.08
N ARG D 963 -38.63 -18.85 -0.61
CA ARG D 963 -38.07 -18.82 0.73
C ARG D 963 -36.97 -17.78 0.82
N SER D 964 -36.92 -17.05 1.93
CA SER D 964 -35.96 -15.98 2.12
C SER D 964 -35.33 -16.09 3.50
N VAL D 965 -34.11 -15.56 3.61
CA VAL D 965 -33.43 -15.49 4.89
C VAL D 965 -34.13 -14.53 5.83
N LEU D 966 -34.93 -13.60 5.30
CA LEU D 966 -35.69 -12.68 6.14
C LEU D 966 -36.74 -13.42 6.95
N THR D 967 -37.52 -14.29 6.28
CA THR D 967 -38.62 -15.00 6.93
C THR D 967 -38.17 -16.23 7.69
N CYS D 968 -36.90 -16.63 7.58
CA CYS D 968 -36.41 -17.82 8.27
C CYS D 968 -36.55 -17.66 9.78
N ALA D 969 -37.42 -18.47 10.38
CA ALA D 969 -37.66 -18.43 11.82
C ALA D 969 -36.75 -19.45 12.49
N THR D 970 -35.55 -19.00 12.86
CA THR D 970 -34.60 -19.81 13.61
C THR D 970 -34.05 -18.98 14.76
N SER D 971 -33.72 -19.66 15.86
CA SER D 971 -33.42 -18.97 17.11
C SER D 971 -32.24 -18.01 16.96
N THR D 972 -31.13 -18.49 16.40
CA THR D 972 -29.94 -17.67 16.25
C THR D 972 -29.51 -17.53 14.80
N GLY D 973 -29.12 -18.62 14.15
CA GLY D 973 -28.69 -18.57 12.77
C GLY D 973 -29.86 -18.58 11.79
N VAL D 974 -29.57 -19.04 10.58
CA VAL D 974 -30.58 -19.15 9.54
C VAL D 974 -30.54 -20.58 8.99
N CYS D 975 -31.69 -21.07 8.55
CA CYS D 975 -31.72 -22.40 7.99
C CYS D 975 -31.24 -22.39 6.55
N ALA D 976 -30.76 -23.56 6.10
CA ALA D 976 -30.19 -23.64 4.77
C ALA D 976 -31.25 -23.50 3.68
N THR D 977 -32.45 -24.04 3.93
CA THR D 977 -33.49 -24.01 2.91
C THR D 977 -33.94 -22.59 2.60
N CYS D 978 -33.92 -21.70 3.58
CA CYS D 978 -34.30 -20.32 3.35
C CYS D 978 -33.18 -19.52 2.69
N TYR D 979 -31.93 -19.89 2.92
CA TYR D 979 -30.83 -19.19 2.26
C TYR D 979 -30.86 -19.44 0.76
N GLY D 980 -30.69 -20.69 0.35
CA GLY D 980 -30.77 -21.05 -1.04
C GLY D 980 -29.45 -21.54 -1.59
N ARG D 981 -29.15 -21.19 -2.83
CA ARG D 981 -27.95 -21.67 -3.51
C ARG D 981 -26.74 -20.82 -3.15
N SER D 982 -25.70 -21.46 -2.64
CA SER D 982 -24.42 -20.79 -2.44
C SER D 982 -23.84 -20.41 -3.80
N MET D 983 -23.69 -19.10 -4.03
CA MET D 983 -23.31 -18.63 -5.35
C MET D 983 -21.97 -19.19 -5.80
N ALA D 984 -21.02 -19.39 -4.87
CA ALA D 984 -19.73 -19.94 -5.24
C ALA D 984 -19.80 -21.43 -5.50
N THR D 985 -20.50 -22.17 -4.64
CA THR D 985 -20.61 -23.61 -4.79
C THR D 985 -21.61 -24.02 -5.85
N GLY D 986 -22.50 -23.12 -6.27
CA GLY D 986 -23.52 -23.46 -7.24
C GLY D 986 -24.55 -24.47 -6.76
N LYS D 987 -24.56 -24.78 -5.47
CA LYS D 987 -25.50 -25.73 -4.87
C LYS D 987 -26.05 -25.13 -3.58
N LEU D 988 -26.87 -25.93 -2.89
CA LEU D 988 -27.42 -25.50 -1.61
C LEU D 988 -26.30 -25.23 -0.61
N VAL D 989 -26.46 -24.14 0.16
CA VAL D 989 -25.45 -23.77 1.14
C VAL D 989 -25.30 -24.87 2.17
N ASP D 990 -24.04 -25.20 2.50
CA ASP D 990 -23.77 -26.20 3.51
C ASP D 990 -24.10 -25.65 4.90
N ILE D 991 -24.41 -26.57 5.82
CA ILE D 991 -24.65 -26.19 7.20
C ILE D 991 -23.32 -25.83 7.86
N GLY D 992 -23.26 -24.64 8.45
CA GLY D 992 -22.07 -24.16 9.12
C GLY D 992 -21.29 -23.08 8.38
N GLU D 993 -21.69 -22.75 7.16
CA GLU D 993 -21.00 -21.71 6.40
C GLU D 993 -21.38 -20.34 6.93
N ALA D 994 -20.36 -19.56 7.30
CA ALA D 994 -20.59 -18.21 7.81
C ALA D 994 -21.11 -17.29 6.71
N VAL D 995 -22.38 -17.47 6.32
CA VAL D 995 -22.96 -16.70 5.23
C VAL D 995 -22.98 -15.21 5.54
N GLY D 996 -22.92 -14.83 6.81
CA GLY D 996 -22.93 -13.41 7.16
C GLY D 996 -21.66 -12.70 6.71
N ILE D 997 -20.50 -13.28 7.00
CA ILE D 997 -19.24 -12.68 6.60
C ILE D 997 -19.11 -12.68 5.09
N VAL D 998 -19.56 -13.75 4.44
CA VAL D 998 -19.58 -13.80 2.98
C VAL D 998 -20.45 -12.68 2.41
N ALA D 999 -21.64 -12.50 2.99
CA ALA D 999 -22.54 -11.44 2.52
C ALA D 999 -21.92 -10.06 2.76
N ALA D 1000 -21.27 -9.87 3.91
CA ALA D 1000 -20.67 -8.58 4.22
C ALA D 1000 -19.55 -8.24 3.24
N GLN D 1001 -18.64 -9.18 3.00
CA GLN D 1001 -17.57 -8.96 2.03
C GLN D 1001 -18.13 -8.73 0.63
N SER D 1002 -19.24 -9.41 0.30
CA SER D 1002 -19.83 -9.28 -1.03
C SER D 1002 -20.32 -7.87 -1.31
N ILE D 1003 -20.77 -7.16 -0.27
CA ILE D 1003 -21.25 -5.79 -0.43
C ILE D 1003 -20.09 -4.79 -0.36
N GLY D 1004 -19.09 -5.06 0.49
CA GLY D 1004 -18.02 -4.09 0.66
C GLY D 1004 -16.92 -4.15 -0.37
N GLU D 1005 -16.86 -5.24 -1.15
CA GLU D 1005 -15.83 -5.34 -2.17
C GLU D 1005 -16.06 -4.38 -3.33
N PRO D 1006 -17.27 -4.25 -3.89
CA PRO D 1006 -17.46 -3.28 -4.98
C PRO D 1006 -17.60 -1.83 -4.51
N GLY D 1007 -17.65 -1.59 -3.21
CA GLY D 1007 -17.84 -0.24 -2.69
C GLY D 1007 -16.77 0.75 -3.11
N THR D 1008 -15.72 0.29 -3.79
CA THR D 1008 -14.67 1.17 -4.27
C THR D 1008 -15.15 2.14 -5.35
N GLN D 1009 -16.28 1.83 -6.00
CA GLN D 1009 -16.72 2.56 -7.20
C GLN D 1009 -18.16 3.04 -7.00
N LEU D 1010 -18.31 4.29 -6.54
CA LEU D 1010 -19.62 4.90 -6.34
C LEU D 1010 -19.50 6.40 -6.56
N THR D 1011 -20.61 7.10 -6.32
CA THR D 1011 -20.66 8.54 -6.49
C THR D 1011 -20.94 9.25 -5.17
N GLY D 1026 -27.54 9.81 -4.93
CA GLY D 1026 -27.11 8.53 -4.39
C GLY D 1026 -25.64 8.47 -4.07
N GLY D 1027 -25.01 7.34 -4.38
CA GLY D 1027 -23.59 7.16 -4.16
C GLY D 1027 -23.30 6.35 -2.91
N LEU D 1028 -22.02 6.40 -2.52
CA LEU D 1028 -21.60 5.70 -1.31
C LEU D 1028 -22.24 6.24 -0.04
N PRO D 1029 -22.33 7.55 0.20
CA PRO D 1029 -23.05 8.02 1.40
C PRO D 1029 -24.50 7.59 1.43
N ARG D 1030 -25.13 7.38 0.27
CA ARG D 1030 -26.49 6.86 0.24
C ARG D 1030 -26.54 5.44 0.80
N VAL D 1031 -25.53 4.62 0.50
CA VAL D 1031 -25.48 3.27 1.03
C VAL D 1031 -25.30 3.31 2.54
N GLN D 1032 -24.53 4.27 3.05
CA GLN D 1032 -24.36 4.40 4.49
C GLN D 1032 -25.62 4.89 5.17
N GLU D 1033 -26.39 5.76 4.49
CA GLU D 1033 -27.66 6.23 5.05
C GLU D 1033 -28.63 5.09 5.27
N LEU D 1034 -28.57 4.05 4.43
CA LEU D 1034 -29.52 2.95 4.52
C LEU D 1034 -29.10 1.92 5.56
N PHE D 1035 -27.84 1.51 5.53
CA PHE D 1035 -27.36 0.49 6.46
C PHE D 1035 -27.29 0.99 7.90
N GLU D 1036 -27.19 2.30 8.10
CA GLU D 1036 -27.17 2.86 9.45
C GLU D 1036 -28.53 3.33 9.91
N ALA D 1037 -29.58 3.12 9.10
CA ALA D 1037 -30.95 3.45 9.48
C ALA D 1037 -31.10 4.92 9.86
N ARG D 1038 -30.44 5.79 9.10
CA ARG D 1038 -30.47 7.22 9.39
C ARG D 1038 -31.66 7.88 8.70
N VAL D 1039 -32.13 8.98 9.29
CA VAL D 1039 -33.19 9.78 8.69
C VAL D 1039 -32.59 10.48 7.48
N PRO D 1040 -32.96 10.06 6.26
CA PRO D 1040 -32.15 10.42 5.07
C PRO D 1040 -32.20 11.90 4.69
N ARG D 1041 -31.39 12.24 3.69
CA ARG D 1041 -31.39 13.59 3.15
C ARG D 1041 -32.66 13.87 2.36
N GLY D 1042 -33.15 12.88 1.61
CA GLY D 1042 -34.37 13.08 0.85
C GLY D 1042 -35.57 13.32 1.75
N LYS D 1043 -35.74 12.48 2.77
CA LYS D 1043 -36.82 12.63 3.74
C LYS D 1043 -38.19 12.71 3.06
N ALA D 1044 -38.41 11.82 2.10
CA ALA D 1044 -39.65 11.84 1.35
C ALA D 1044 -40.82 11.43 2.25
N PRO D 1045 -41.99 12.04 2.07
CA PRO D 1045 -43.16 11.66 2.87
C PRO D 1045 -43.77 10.36 2.36
N ILE D 1046 -44.71 9.84 3.15
CA ILE D 1046 -45.39 8.59 2.85
C ILE D 1046 -46.85 8.70 3.24
N ALA D 1047 -47.66 7.82 2.64
CA ALA D 1047 -49.09 7.78 2.92
C ALA D 1047 -49.35 6.85 4.09
N ASP D 1048 -49.67 7.43 5.25
CA ASP D 1048 -49.89 6.62 6.45
C ASP D 1048 -51.17 5.80 6.37
N VAL D 1049 -52.17 6.31 5.66
CA VAL D 1049 -53.46 5.63 5.51
C VAL D 1049 -53.90 5.69 4.06
N THR D 1050 -54.37 4.56 3.54
CA THR D 1050 -54.87 4.51 2.18
C THR D 1050 -56.20 5.25 2.08
N GLY D 1051 -56.39 5.97 0.98
CA GLY D 1051 -57.62 6.71 0.78
C GLY D 1051 -57.61 7.63 -0.42
N ARG D 1052 -58.15 8.83 -0.25
CA ARG D 1052 -58.27 9.81 -1.31
C ARG D 1052 -57.28 10.95 -1.07
N VAL D 1053 -56.67 11.41 -2.15
CA VAL D 1053 -55.67 12.48 -2.05
C VAL D 1053 -56.37 13.83 -2.04
N ARG D 1054 -55.93 14.70 -1.13
CA ARG D 1054 -56.46 16.06 -1.00
C ARG D 1054 -55.31 17.03 -1.16
N LEU D 1055 -54.98 17.37 -2.41
CA LEU D 1055 -53.86 18.25 -2.72
C LEU D 1055 -54.28 19.70 -2.48
N GLU D 1056 -53.65 20.34 -1.49
CA GLU D 1056 -53.88 21.75 -1.18
C GLU D 1056 -52.58 22.51 -1.43
N ASP D 1057 -52.17 22.57 -2.68
CA ASP D 1057 -50.90 23.21 -3.02
C ASP D 1057 -51.06 24.70 -3.18
N GLY D 1058 -50.05 25.43 -2.71
CA GLY D 1058 -49.88 26.85 -2.94
C GLY D 1058 -48.51 27.15 -3.50
N GLU D 1059 -48.06 28.36 -3.29
CA GLU D 1059 -46.70 28.77 -3.63
C GLU D 1059 -45.87 29.13 -2.40
N ARG D 1060 -46.49 29.60 -1.33
CA ARG D 1060 -45.76 29.85 -0.10
C ARG D 1060 -45.25 28.57 0.52
N PHE D 1061 -45.96 27.46 0.34
CA PHE D 1061 -45.68 26.20 1.00
C PHE D 1061 -46.55 25.13 0.35
N TYR D 1062 -46.45 23.91 0.86
CA TYR D 1062 -47.27 22.79 0.40
C TYR D 1062 -47.87 22.07 1.59
N LYS D 1063 -49.19 21.92 1.59
CA LYS D 1063 -49.88 21.12 2.59
C LYS D 1063 -50.81 20.16 1.88
N ILE D 1064 -50.83 18.91 2.33
CA ILE D 1064 -51.60 17.84 1.70
C ILE D 1064 -52.27 17.01 2.78
N THR D 1065 -53.57 16.75 2.60
CA THR D 1065 -54.35 15.93 3.50
C THR D 1065 -54.81 14.68 2.75
N ILE D 1066 -55.25 13.68 3.51
CA ILE D 1066 -55.82 12.46 2.95
C ILE D 1066 -57.04 12.07 3.76
N VAL D 1067 -58.18 11.97 3.09
CA VAL D 1067 -59.40 11.47 3.71
C VAL D 1067 -59.30 9.95 3.79
N PRO D 1068 -59.36 9.35 4.97
CA PRO D 1068 -59.23 7.89 5.07
C PRO D 1068 -60.36 7.18 4.32
N ASP D 1069 -59.97 6.18 3.53
CA ASP D 1069 -60.94 5.43 2.74
C ASP D 1069 -61.90 4.64 3.60
N ASP D 1070 -61.63 4.50 4.90
CA ASP D 1070 -62.52 3.76 5.80
C ASP D 1070 -62.38 4.37 7.19
N GLY D 1071 -63.44 5.04 7.66
CA GLY D 1071 -63.43 5.63 8.98
C GLY D 1071 -62.35 6.68 9.12
N GLY D 1072 -61.73 6.73 10.30
CA GLY D 1072 -60.64 7.64 10.58
C GLY D 1072 -61.01 9.11 10.41
N GLU D 1073 -59.96 9.94 10.47
CA GLU D 1073 -60.10 11.37 10.26
C GLU D 1073 -58.95 11.86 9.38
N GLU D 1074 -59.12 13.07 8.86
CA GLU D 1074 -58.14 13.64 7.95
C GLU D 1074 -56.78 13.79 8.63
N VAL D 1075 -55.72 13.42 7.90
CA VAL D 1075 -54.35 13.47 8.39
C VAL D 1075 -53.62 14.55 7.63
N VAL D 1076 -53.13 15.57 8.34
CA VAL D 1076 -52.58 16.77 7.73
C VAL D 1076 -51.05 16.71 7.77
N TYR D 1077 -50.42 17.07 6.66
CA TYR D 1077 -48.97 17.19 6.55
C TYR D 1077 -48.60 18.62 6.16
N ASP D 1078 -47.30 18.91 6.21
CA ASP D 1078 -46.76 20.21 5.85
C ASP D 1078 -45.41 19.99 5.20
N LYS D 1079 -45.30 20.28 3.90
CA LYS D 1079 -44.08 20.03 3.15
C LYS D 1079 -43.64 21.27 2.39
N ILE D 1080 -42.35 21.36 2.13
CA ILE D 1080 -41.79 22.48 1.38
C ILE D 1080 -42.06 22.27 -0.10
N SER D 1081 -42.33 23.38 -0.81
CA SER D 1081 -42.61 23.36 -2.25
C SER D 1081 -41.40 22.98 -3.10
N LYS D 1082 -40.21 22.84 -2.50
CA LYS D 1082 -39.02 22.54 -3.29
C LYS D 1082 -38.97 21.11 -3.82
N ARG D 1083 -39.81 20.22 -3.30
CA ARG D 1083 -39.87 18.85 -3.80
C ARG D 1083 -40.92 18.73 -4.91
N GLN D 1084 -41.01 17.53 -5.48
CA GLN D 1084 -41.99 17.23 -6.52
C GLN D 1084 -42.56 15.84 -6.27
N ARG D 1085 -43.81 15.64 -6.69
CA ARG D 1085 -44.51 14.40 -6.44
C ARG D 1085 -44.02 13.30 -7.37
N LEU D 1086 -43.87 12.09 -6.83
CA LEU D 1086 -43.50 10.94 -7.63
C LEU D 1086 -44.66 10.51 -8.52
N ARG D 1087 -44.36 10.17 -9.76
CA ARG D 1087 -45.37 9.66 -10.70
C ARG D 1087 -45.85 8.30 -10.22
N VAL D 1088 -47.02 8.29 -9.58
CA VAL D 1088 -47.55 7.10 -8.93
C VAL D 1088 -48.43 6.34 -9.91
N PHE D 1089 -48.27 5.02 -9.93
CA PHE D 1089 -49.18 4.15 -10.69
C PHE D 1089 -50.58 4.26 -10.11
N LYS D 1090 -51.51 4.75 -10.92
CA LYS D 1090 -52.88 4.98 -10.47
C LYS D 1090 -53.77 3.79 -10.83
N HIS D 1091 -54.90 3.71 -10.11
CA HIS D 1091 -55.82 2.60 -10.25
C HIS D 1091 -56.49 2.54 -11.62
N GLU D 1092 -56.56 3.64 -12.36
CA GLU D 1092 -57.21 3.67 -13.66
C GLU D 1092 -56.23 3.58 -14.82
N ASP D 1093 -55.11 2.90 -14.61
CA ASP D 1093 -54.18 2.42 -15.65
C ASP D 1093 -53.20 3.49 -16.14
N GLY D 1094 -53.08 4.60 -15.42
CA GLY D 1094 -52.07 5.58 -15.76
C GLY D 1094 -50.83 5.45 -14.90
N SER D 1095 -49.81 4.72 -15.40
CA SER D 1095 -48.62 4.46 -14.59
C SER D 1095 -47.86 5.74 -14.30
N GLU D 1096 -47.89 6.71 -15.22
CA GLU D 1096 -47.20 7.98 -15.05
C GLU D 1096 -48.15 9.07 -14.58
N ARG D 1097 -49.05 8.74 -13.66
CA ARG D 1097 -50.04 9.68 -13.16
C ARG D 1097 -49.40 10.53 -12.07
N VAL D 1098 -49.02 11.76 -12.42
CA VAL D 1098 -48.50 12.69 -11.43
C VAL D 1098 -49.57 12.94 -10.38
N LEU D 1099 -49.17 12.86 -9.11
CA LEU D 1099 -50.12 12.90 -8.00
C LEU D 1099 -50.88 14.23 -7.94
N SER D 1100 -52.11 14.23 -8.44
CA SER D 1100 -53.05 15.32 -8.23
C SER D 1100 -54.15 14.86 -7.29
N ASP D 1101 -54.87 15.82 -6.74
CA ASP D 1101 -55.95 15.50 -5.80
C ASP D 1101 -57.01 14.65 -6.49
N GLY D 1102 -57.55 13.68 -5.75
CA GLY D 1102 -58.52 12.76 -6.28
C GLY D 1102 -57.97 11.39 -6.62
N ASP D 1103 -56.64 11.22 -6.61
CA ASP D 1103 -56.06 9.91 -6.86
C ASP D 1103 -56.27 8.99 -5.66
N HIS D 1104 -56.25 7.69 -5.93
CA HIS D 1104 -56.45 6.65 -4.92
C HIS D 1104 -55.10 6.00 -4.66
N VAL D 1105 -54.39 6.52 -3.67
CA VAL D 1105 -53.10 5.98 -3.26
C VAL D 1105 -53.31 4.93 -2.18
N GLU D 1106 -52.41 3.95 -2.14
CA GLU D 1106 -52.49 2.89 -1.15
C GLU D 1106 -51.70 3.26 0.10
N VAL D 1107 -51.85 2.42 1.12
CA VAL D 1107 -51.13 2.65 2.38
C VAL D 1107 -49.65 2.40 2.18
N GLY D 1108 -48.83 3.29 2.73
CA GLY D 1108 -47.39 3.18 2.57
C GLY D 1108 -46.92 3.47 1.16
N GLN D 1109 -47.55 4.42 0.48
CA GLN D 1109 -47.19 4.79 -0.88
C GLN D 1109 -46.35 6.07 -0.85
N GLN D 1110 -45.27 6.06 -1.62
CA GLN D 1110 -44.39 7.22 -1.68
C GLN D 1110 -45.11 8.41 -2.30
N LEU D 1111 -45.02 9.57 -1.65
CA LEU D 1111 -45.72 10.76 -2.10
C LEU D 1111 -44.82 11.57 -3.02
N MET D 1112 -43.87 12.30 -2.46
CA MET D 1112 -42.93 13.08 -3.26
C MET D 1112 -41.65 12.28 -3.49
N GLU D 1113 -40.87 12.73 -4.47
CA GLU D 1113 -39.66 12.03 -4.84
C GLU D 1113 -38.61 12.12 -3.73
N GLY D 1114 -37.65 11.22 -3.78
CA GLY D 1114 -36.58 11.17 -2.80
C GLY D 1114 -36.42 9.81 -2.16
N SER D 1115 -36.10 9.79 -0.86
CA SER D 1115 -35.88 8.56 -0.11
C SER D 1115 -36.75 8.59 1.13
N ALA D 1116 -37.72 7.70 1.20
CA ALA D 1116 -38.61 7.64 2.36
C ALA D 1116 -37.83 7.21 3.60
N ASP D 1117 -38.17 7.80 4.74
CA ASP D 1117 -37.53 7.51 6.02
C ASP D 1117 -37.75 6.05 6.39
N PRO D 1118 -36.70 5.22 6.39
CA PRO D 1118 -36.89 3.80 6.72
C PRO D 1118 -37.43 3.58 8.12
N HIS D 1119 -37.17 4.50 9.06
CA HIS D 1119 -37.79 4.40 10.37
C HIS D 1119 -39.31 4.52 10.28
N GLU D 1120 -39.80 5.42 9.44
CA GLU D 1120 -41.24 5.60 9.29
C GLU D 1120 -41.88 4.53 8.41
N VAL D 1121 -41.11 3.92 7.49
CA VAL D 1121 -41.67 2.83 6.69
C VAL D 1121 -42.02 1.64 7.57
N LEU D 1122 -41.25 1.42 8.64
CA LEU D 1122 -41.54 0.31 9.55
C LEU D 1122 -42.85 0.53 10.28
N ARG D 1123 -43.08 1.73 10.79
CA ARG D 1123 -44.26 2.03 11.59
C ARG D 1123 -45.48 2.34 10.72
N VAL D 1124 -45.53 1.77 9.52
CA VAL D 1124 -46.67 1.98 8.63
C VAL D 1124 -47.11 0.66 8.03
N GLN D 1125 -46.20 0.00 7.30
CA GLN D 1125 -46.53 -1.20 6.56
C GLN D 1125 -46.14 -2.49 7.26
N GLY D 1126 -45.17 -2.44 8.17
CA GLY D 1126 -44.78 -3.62 8.91
C GLY D 1126 -43.33 -3.99 8.71
N PRO D 1127 -42.80 -4.84 9.59
CA PRO D 1127 -41.39 -5.26 9.45
C PRO D 1127 -41.10 -6.02 8.17
N ARG D 1128 -42.10 -6.70 7.59
CA ARG D 1128 -41.86 -7.45 6.36
C ARG D 1128 -41.58 -6.51 5.19
N GLU D 1129 -42.28 -5.37 5.13
CA GLU D 1129 -42.17 -4.49 3.99
C GLU D 1129 -40.96 -3.56 4.07
N VAL D 1130 -40.60 -3.11 5.27
CA VAL D 1130 -39.45 -2.23 5.41
C VAL D 1130 -38.16 -2.96 5.03
N GLN D 1131 -38.10 -4.26 5.27
CA GLN D 1131 -36.93 -5.03 4.84
C GLN D 1131 -36.84 -5.09 3.33
N ILE D 1132 -37.98 -5.15 2.65
CA ILE D 1132 -37.98 -5.17 1.18
C ILE D 1132 -37.57 -3.81 0.64
N HIS D 1133 -37.95 -2.72 1.32
CA HIS D 1133 -37.55 -1.40 0.87
C HIS D 1133 -36.04 -1.24 0.90
N LEU D 1134 -35.40 -1.64 2.01
CA LEU D 1134 -33.97 -1.46 2.13
C LEU D 1134 -33.20 -2.30 1.12
N VAL D 1135 -33.72 -3.49 0.80
CA VAL D 1135 -32.99 -4.40 -0.08
C VAL D 1135 -32.85 -3.80 -1.48
N ARG D 1136 -33.98 -3.53 -2.13
CA ARG D 1136 -33.93 -3.00 -3.49
C ARG D 1136 -33.62 -1.50 -3.54
N GLU D 1137 -33.52 -0.83 -2.40
CA GLU D 1137 -33.01 0.54 -2.40
C GLU D 1137 -31.48 0.54 -2.39
N VAL D 1138 -30.88 -0.30 -1.55
CA VAL D 1138 -29.44 -0.51 -1.62
C VAL D 1138 -29.05 -1.06 -2.98
N GLN D 1139 -29.85 -1.99 -3.51
CA GLN D 1139 -29.54 -2.61 -4.79
C GLN D 1139 -29.55 -1.60 -5.93
N GLU D 1140 -30.38 -0.56 -5.83
CA GLU D 1140 -30.44 0.43 -6.90
C GLU D 1140 -29.18 1.28 -6.96
N VAL D 1141 -28.46 1.42 -5.85
CA VAL D 1141 -27.21 2.17 -5.87
C VAL D 1141 -26.11 1.35 -6.53
N TYR D 1142 -26.11 0.03 -6.33
CA TYR D 1142 -25.11 -0.83 -6.96
C TYR D 1142 -25.47 -1.15 -8.40
N ARG D 1143 -26.76 -1.30 -8.70
CA ARG D 1143 -27.19 -1.56 -10.07
C ARG D 1143 -26.92 -0.36 -10.97
N ALA D 1144 -27.06 0.86 -10.44
CA ALA D 1144 -26.83 2.06 -11.21
C ALA D 1144 -25.34 2.32 -11.40
N GLN D 1145 -24.51 1.30 -11.17
CA GLN D 1145 -23.08 1.40 -11.38
C GLN D 1145 -22.49 0.21 -12.13
N GLY D 1146 -23.27 -0.82 -12.42
CA GLY D 1146 -22.76 -1.99 -13.09
C GLY D 1146 -22.31 -3.11 -12.19
N VAL D 1147 -22.80 -3.16 -10.95
CA VAL D 1147 -22.42 -4.17 -9.98
C VAL D 1147 -23.64 -4.99 -9.62
N SER D 1148 -23.57 -6.29 -9.83
CA SER D 1148 -24.67 -7.21 -9.56
C SER D 1148 -24.37 -7.99 -8.29
N ILE D 1149 -25.01 -7.59 -7.19
CA ILE D 1149 -25.00 -8.34 -5.95
C ILE D 1149 -26.37 -8.97 -5.75
N HIS D 1150 -26.40 -10.26 -5.46
CA HIS D 1150 -27.66 -10.94 -5.23
C HIS D 1150 -28.34 -10.35 -4.00
N ASP D 1151 -29.67 -10.16 -4.08
CA ASP D 1151 -30.42 -9.63 -2.95
C ASP D 1151 -30.27 -10.48 -1.70
N LYS D 1152 -29.92 -11.75 -1.85
CA LYS D 1152 -29.69 -12.63 -0.70
C LYS D 1152 -28.72 -12.00 0.29
N HIS D 1153 -27.59 -11.49 -0.20
CA HIS D 1153 -26.58 -10.94 0.70
C HIS D 1153 -27.06 -9.68 1.40
N ILE D 1154 -27.72 -8.78 0.67
CA ILE D 1154 -28.28 -7.58 1.28
C ILE D 1154 -29.32 -7.96 2.33
N GLU D 1155 -30.04 -9.07 2.13
CA GLU D 1155 -31.06 -9.49 3.07
C GLU D 1155 -30.46 -10.00 4.38
N VAL D 1156 -29.28 -10.64 4.31
CA VAL D 1156 -28.64 -11.16 5.53
C VAL D 1156 -28.31 -10.02 6.48
N ILE D 1157 -28.01 -8.84 5.95
CA ILE D 1157 -27.69 -7.69 6.80
C ILE D 1157 -28.96 -7.13 7.44
N VAL D 1158 -30.02 -6.97 6.64
CA VAL D 1158 -31.26 -6.38 7.15
C VAL D 1158 -31.88 -7.25 8.23
N ARG D 1159 -31.67 -8.57 8.16
CA ARG D 1159 -32.19 -9.46 9.19
C ARG D 1159 -31.61 -9.12 10.56
N GLN D 1160 -30.38 -8.63 10.61
CA GLN D 1160 -29.75 -8.27 11.87
C GLN D 1160 -30.20 -6.90 12.39
N MET D 1161 -30.78 -6.07 11.52
CA MET D 1161 -31.23 -4.75 11.95
C MET D 1161 -32.59 -4.80 12.63
N LEU D 1162 -33.43 -5.78 12.31
CA LEU D 1162 -34.77 -5.87 12.86
C LEU D 1162 -34.93 -7.01 13.86
N ARG D 1163 -33.82 -7.55 14.37
CA ARG D 1163 -33.90 -8.61 15.36
C ARG D 1163 -34.24 -8.12 16.75
N ARG D 1164 -34.26 -6.81 16.98
CA ARG D 1164 -34.54 -6.24 18.29
C ARG D 1164 -35.83 -5.45 18.27
N VAL D 1165 -36.57 -5.50 19.38
CA VAL D 1165 -37.77 -4.71 19.58
C VAL D 1165 -37.63 -3.96 20.90
N THR D 1166 -38.34 -2.84 21.00
CA THR D 1166 -38.33 -2.04 22.22
C THR D 1166 -39.53 -2.39 23.08
N ILE D 1167 -39.47 -1.96 24.35
CA ILE D 1167 -40.48 -2.29 25.33
C ILE D 1167 -41.33 -1.04 25.58
N ILE D 1168 -42.64 -1.17 25.37
CA ILE D 1168 -43.57 -0.09 25.70
C ILE D 1168 -44.05 -0.19 27.14
N ASP D 1169 -44.58 -1.36 27.51
CA ASP D 1169 -45.05 -1.63 28.86
C ASP D 1169 -44.32 -2.85 29.40
N SER D 1170 -43.86 -2.75 30.65
CA SER D 1170 -43.08 -3.84 31.23
C SER D 1170 -43.96 -4.99 31.70
N GLY D 1171 -45.22 -4.71 32.04
CA GLY D 1171 -46.11 -5.76 32.50
C GLY D 1171 -45.64 -6.32 33.83
N SER D 1172 -45.37 -7.62 33.85
CA SER D 1172 -44.87 -8.31 35.03
C SER D 1172 -43.43 -8.77 34.86
N THR D 1173 -42.79 -8.42 33.74
CA THR D 1173 -41.42 -8.84 33.48
C THR D 1173 -40.43 -7.83 34.06
N GLU D 1174 -39.16 -8.22 34.05
CA GLU D 1174 -38.07 -7.36 34.50
C GLU D 1174 -37.46 -6.55 33.37
N PHE D 1175 -38.06 -6.57 32.18
CA PHE D 1175 -37.55 -5.81 31.05
C PHE D 1175 -37.79 -4.33 31.29
N LEU D 1176 -36.72 -3.55 31.27
CA LEU D 1176 -36.83 -2.10 31.45
C LEU D 1176 -37.51 -1.49 30.24
N PRO D 1177 -38.64 -0.80 30.40
CA PRO D 1177 -39.31 -0.22 29.23
C PRO D 1177 -38.43 0.81 28.54
N GLY D 1178 -38.43 0.76 27.21
CA GLY D 1178 -37.57 1.58 26.39
C GLY D 1178 -36.29 0.89 25.95
N SER D 1179 -35.90 -0.17 26.64
CA SER D 1179 -34.69 -0.90 26.29
C SER D 1179 -34.90 -1.72 25.02
N LEU D 1180 -33.84 -1.84 24.23
CA LEU D 1180 -33.87 -2.59 22.97
C LEU D 1180 -33.42 -4.01 23.24
N ILE D 1181 -34.34 -4.97 23.10
CA ILE D 1181 -34.09 -6.37 23.44
C ILE D 1181 -34.32 -7.23 22.21
N ASP D 1182 -33.56 -8.32 22.13
CA ASP D 1182 -33.68 -9.23 21.00
C ASP D 1182 -35.06 -9.88 20.96
N ARG D 1183 -35.57 -10.09 19.74
CA ARG D 1183 -36.94 -10.53 19.56
C ARG D 1183 -37.05 -12.03 19.75
N ALA D 1184 -36.05 -12.61 20.41
CA ALA D 1184 -36.09 -14.00 20.85
C ALA D 1184 -36.14 -14.12 22.36
N GLU D 1185 -35.35 -13.32 23.08
CA GLU D 1185 -35.50 -13.23 24.52
C GLU D 1185 -36.81 -12.56 24.91
N PHE D 1186 -37.33 -11.68 24.03
CA PHE D 1186 -38.59 -10.99 24.31
C PHE D 1186 -39.76 -11.96 24.30
N GLU D 1187 -39.82 -12.85 23.31
CA GLU D 1187 -40.92 -13.81 23.23
C GLU D 1187 -40.72 -15.03 24.12
N ALA D 1188 -39.52 -15.21 24.67
CA ALA D 1188 -39.27 -16.28 25.63
C ALA D 1188 -39.65 -15.88 27.05
N GLU D 1189 -39.60 -14.58 27.37
CA GLU D 1189 -40.00 -14.14 28.69
C GLU D 1189 -41.51 -13.91 28.77
N ASN D 1190 -42.11 -13.40 27.69
CA ASN D 1190 -43.55 -13.26 27.63
C ASN D 1190 -44.27 -14.60 27.53
N ARG D 1191 -43.52 -15.69 27.31
CA ARG D 1191 -44.10 -17.03 27.28
C ARG D 1191 -44.23 -17.64 28.66
N ARG D 1192 -43.35 -17.28 29.60
CA ARG D 1192 -43.43 -17.80 30.96
C ARG D 1192 -44.39 -16.96 31.81
N VAL D 1193 -44.42 -15.64 31.59
CA VAL D 1193 -45.28 -14.78 32.38
C VAL D 1193 -46.75 -14.97 31.97
N VAL D 1194 -47.00 -15.27 30.70
CA VAL D 1194 -48.37 -15.56 30.26
C VAL D 1194 -48.90 -16.80 30.96
N ALA D 1195 -48.05 -17.80 31.16
CA ALA D 1195 -48.44 -19.02 31.84
C ALA D 1195 -48.26 -18.94 33.36
N GLU D 1196 -47.71 -17.85 33.87
CA GLU D 1196 -47.55 -17.67 35.31
C GLU D 1196 -48.68 -16.87 35.95
N GLY D 1197 -49.34 -16.01 35.20
CA GLY D 1197 -50.43 -15.21 35.73
C GLY D 1197 -50.23 -13.73 35.54
N GLY D 1198 -48.98 -13.27 35.62
CA GLY D 1198 -48.67 -11.86 35.46
C GLY D 1198 -48.91 -11.38 34.04
N GLU D 1199 -48.71 -10.08 33.86
CA GLU D 1199 -48.93 -9.46 32.55
C GLU D 1199 -47.68 -9.57 31.70
N PRO D 1200 -47.79 -10.06 30.46
CA PRO D 1200 -46.64 -10.07 29.57
C PRO D 1200 -46.26 -8.67 29.12
N ALA D 1201 -44.99 -8.49 28.81
CA ALA D 1201 -44.49 -7.20 28.39
C ALA D 1201 -44.96 -6.86 26.98
N ALA D 1202 -45.17 -5.57 26.73
CA ALA D 1202 -45.56 -5.10 25.42
C ALA D 1202 -44.35 -5.04 24.49
N GLY D 1203 -44.63 -4.96 23.19
CA GLY D 1203 -43.57 -4.98 22.19
C GLY D 1203 -43.82 -3.96 21.10
N ARG D 1204 -42.76 -3.69 20.35
CA ARG D 1204 -42.79 -2.77 19.20
C ARG D 1204 -41.51 -2.94 18.41
N PRO D 1205 -41.59 -3.32 17.13
CA PRO D 1205 -40.38 -3.52 16.34
C PRO D 1205 -39.62 -2.22 16.14
N VAL D 1206 -38.29 -2.32 16.12
CA VAL D 1206 -37.41 -1.16 16.06
C VAL D 1206 -36.35 -1.40 15.01
N LEU D 1207 -36.12 -0.41 14.16
CA LEU D 1207 -35.06 -0.44 13.17
C LEU D 1207 -33.78 0.14 13.75
N MET D 1208 -32.68 -0.59 13.63
CA MET D 1208 -31.39 -0.17 14.16
C MET D 1208 -30.36 -0.09 13.04
N GLY D 1209 -29.46 0.88 13.16
CA GLY D 1209 -28.29 0.90 12.31
C GLY D 1209 -27.33 -0.21 12.64
N ILE D 1210 -26.49 -0.56 11.67
CA ILE D 1210 -25.55 -1.66 11.85
C ILE D 1210 -24.57 -1.35 12.97
N THR D 1211 -24.16 -0.09 13.11
CA THR D 1211 -23.25 0.29 14.17
C THR D 1211 -23.92 0.16 15.54
N LYS D 1212 -25.20 0.53 15.63
CA LYS D 1212 -25.90 0.43 16.91
C LYS D 1212 -26.16 -1.02 17.29
N ALA D 1213 -26.58 -1.84 16.32
CA ALA D 1213 -26.84 -3.25 16.59
C ALA D 1213 -25.56 -4.00 16.93
N SER D 1214 -24.42 -3.58 16.38
CA SER D 1214 -23.16 -4.24 16.68
C SER D 1214 -22.72 -3.97 18.12
N LEU D 1215 -22.81 -2.72 18.56
CA LEU D 1215 -22.48 -2.40 19.95
C LEU D 1215 -23.49 -2.99 20.92
N ALA D 1216 -24.73 -3.19 20.47
CA ALA D 1216 -25.76 -3.81 21.29
C ALA D 1216 -25.60 -5.32 21.41
N THR D 1217 -24.58 -5.90 20.76
CA THR D 1217 -24.38 -7.34 20.85
C THR D 1217 -24.09 -7.74 22.30
N ASP D 1218 -24.45 -8.97 22.64
CA ASP D 1218 -24.38 -9.44 24.02
C ASP D 1218 -22.96 -9.73 24.49
N SER D 1219 -22.00 -9.83 23.57
CA SER D 1219 -20.61 -10.09 23.94
C SER D 1219 -19.89 -8.76 24.13
N TRP D 1220 -19.43 -8.50 25.35
CA TRP D 1220 -18.64 -7.30 25.60
C TRP D 1220 -17.24 -7.40 25.02
N LEU D 1221 -16.77 -8.62 24.75
CA LEU D 1221 -15.47 -8.79 24.11
C LEU D 1221 -15.55 -8.56 22.60
N SER D 1222 -16.66 -8.97 21.98
CA SER D 1222 -16.87 -8.68 20.56
C SER D 1222 -17.10 -7.19 20.33
N ALA D 1223 -17.61 -6.47 21.33
CA ALA D 1223 -17.91 -5.07 21.15
C ALA D 1223 -16.70 -4.19 21.42
N ALA D 1224 -15.92 -4.51 22.47
CA ALA D 1224 -14.75 -3.70 22.81
C ALA D 1224 -13.71 -3.70 21.71
N SER D 1225 -13.74 -4.66 20.80
CA SER D 1225 -12.81 -4.74 19.69
C SER D 1225 -13.37 -4.13 18.41
N PHE D 1226 -14.56 -3.53 18.46
CA PHE D 1226 -15.17 -2.92 17.29
C PHE D 1226 -14.98 -1.40 17.33
N GLN D 1227 -15.77 -0.73 18.17
CA GLN D 1227 -15.69 0.71 18.34
C GLN D 1227 -15.95 1.06 19.79
N GLU D 1228 -15.53 2.28 20.17
CA GLU D 1228 -15.78 2.84 21.49
C GLU D 1228 -15.37 1.86 22.60
N THR D 1229 -14.06 1.63 22.65
CA THR D 1229 -13.52 0.61 23.56
C THR D 1229 -13.82 0.95 25.01
N THR D 1230 -13.59 2.21 25.41
CA THR D 1230 -13.82 2.60 26.79
C THR D 1230 -15.31 2.64 27.11
N ARG D 1231 -16.12 3.18 26.19
CA ARG D 1231 -17.56 3.27 26.44
C ARG D 1231 -18.19 1.90 26.66
N VAL D 1232 -17.66 0.88 25.99
CA VAL D 1232 -18.17 -0.48 26.18
C VAL D 1232 -17.59 -1.10 27.44
N LEU D 1233 -16.32 -0.86 27.72
CA LEU D 1233 -15.69 -1.44 28.90
C LEU D 1233 -16.19 -0.82 30.19
N THR D 1234 -16.56 0.47 30.16
CA THR D 1234 -17.13 1.09 31.35
C THR D 1234 -18.48 0.47 31.70
N ASP D 1235 -19.39 0.43 30.74
CA ASP D 1235 -20.69 -0.18 30.96
C ASP D 1235 -20.59 -1.69 31.22
N ALA D 1236 -19.47 -2.31 30.84
CA ALA D 1236 -19.31 -3.74 31.07
C ALA D 1236 -19.03 -4.05 32.54
N ALA D 1237 -18.13 -3.30 33.18
CA ALA D 1237 -17.81 -3.51 34.58
C ALA D 1237 -18.92 -3.03 35.51
N ILE D 1238 -19.72 -2.05 35.10
CA ILE D 1238 -20.83 -1.58 35.93
C ILE D 1238 -21.92 -2.64 36.01
N ASN D 1239 -22.44 -3.06 34.85
CA ASN D 1239 -23.43 -4.13 34.82
C ASN D 1239 -22.84 -5.49 35.15
N CYS D 1240 -21.52 -5.58 35.29
CA CYS D 1240 -20.82 -6.83 35.62
C CYS D 1240 -21.19 -7.93 34.64
N ARG D 1241 -21.13 -7.61 33.35
CA ARG D 1241 -21.51 -8.54 32.32
C ARG D 1241 -20.49 -9.67 32.20
N SER D 1242 -21.00 -10.90 32.05
CA SER D 1242 -20.19 -12.07 31.76
C SER D 1242 -20.42 -12.48 30.32
N ASP D 1243 -19.33 -12.78 29.60
CA ASP D 1243 -19.40 -13.09 28.19
C ASP D 1243 -19.24 -14.60 27.98
N LYS D 1244 -20.28 -15.22 27.44
CA LYS D 1244 -20.19 -16.62 27.03
C LYS D 1244 -19.39 -16.67 25.74
N LEU D 1245 -18.19 -17.24 25.80
CA LEU D 1245 -17.31 -17.22 24.64
C LEU D 1245 -17.82 -18.13 23.53
N ASN D 1246 -18.91 -17.73 22.87
CA ASN D 1246 -19.52 -18.48 21.78
C ASN D 1246 -19.79 -17.47 20.66
N GLY D 1247 -18.79 -17.24 19.83
CA GLY D 1247 -18.91 -16.30 18.74
C GLY D 1247 -17.62 -16.25 17.96
N LEU D 1248 -17.73 -15.82 16.70
CA LEU D 1248 -16.57 -15.80 15.82
C LEU D 1248 -15.48 -14.87 16.34
N LYS D 1249 -15.85 -13.62 16.62
CA LYS D 1249 -14.85 -12.64 17.05
C LYS D 1249 -14.24 -13.02 18.38
N GLU D 1250 -15.01 -13.64 19.27
CA GLU D 1250 -14.50 -14.00 20.59
C GLU D 1250 -13.48 -15.13 20.50
N ASN D 1251 -13.85 -16.24 19.85
CA ASN D 1251 -12.97 -17.40 19.80
C ASN D 1251 -11.67 -17.10 19.04
N VAL D 1252 -11.71 -16.14 18.11
CA VAL D 1252 -10.49 -15.72 17.42
C VAL D 1252 -9.48 -15.18 18.42
N ILE D 1253 -9.95 -14.39 19.40
CA ILE D 1253 -9.05 -13.76 20.35
C ILE D 1253 -8.43 -14.79 21.28
N ILE D 1254 -9.25 -15.65 21.88
CA ILE D 1254 -8.76 -16.62 22.86
C ILE D 1254 -8.09 -17.82 22.22
N GLY D 1255 -8.25 -18.03 20.92
CA GLY D 1255 -7.62 -19.14 20.24
C GLY D 1255 -8.44 -20.40 20.09
N LYS D 1256 -9.76 -20.33 20.28
CA LYS D 1256 -10.63 -21.48 20.06
C LYS D 1256 -11.00 -21.60 18.59
N LEU D 1257 -11.43 -22.79 18.19
CA LEU D 1257 -12.00 -22.98 16.87
C LEU D 1257 -13.27 -22.13 16.74
N ILE D 1258 -13.37 -21.41 15.63
CA ILE D 1258 -14.56 -20.56 15.46
C ILE D 1258 -15.78 -21.47 15.29
N PRO D 1259 -16.93 -21.14 15.88
CA PRO D 1259 -18.13 -21.97 15.71
C PRO D 1259 -18.77 -21.81 14.33
N ALA D 1260 -17.99 -22.08 13.30
CA ALA D 1260 -18.45 -21.97 11.92
C ALA D 1260 -17.56 -22.83 11.04
N GLY D 1261 -18.13 -23.33 9.95
CA GLY D 1261 -17.38 -24.18 9.05
C GLY D 1261 -16.98 -25.46 9.73
N THR D 1262 -15.70 -25.83 9.59
CA THR D 1262 -15.16 -27.04 10.21
C THR D 1262 -15.05 -26.93 11.73
N GLY D 1263 -15.55 -25.86 12.36
CA GLY D 1263 -15.44 -25.69 13.79
C GLY D 1263 -16.70 -26.05 14.56
N ILE D 1264 -17.83 -26.16 13.86
CA ILE D 1264 -19.08 -26.50 14.54
C ILE D 1264 -18.99 -27.93 15.06
N ASN D 1265 -19.77 -28.21 16.10
CA ASN D 1265 -19.70 -29.51 16.76
C ASN D 1265 -20.14 -30.65 15.86
N ARG D 1266 -20.86 -30.36 14.78
CA ARG D 1266 -21.29 -31.43 13.87
C ARG D 1266 -20.11 -32.05 13.14
N TYR D 1267 -19.24 -31.22 12.56
CA TYR D 1267 -18.09 -31.72 11.83
C TYR D 1267 -16.86 -31.91 12.71
N ARG D 1268 -16.79 -31.21 13.85
CA ARG D 1268 -15.59 -31.26 14.69
C ARG D 1268 -15.43 -32.63 15.33
N ASN D 1269 -16.40 -33.03 16.16
CA ASN D 1269 -16.36 -34.32 16.84
C ASN D 1269 -16.83 -35.39 15.87
N ILE D 1270 -15.91 -35.93 15.09
CA ILE D 1270 -16.20 -36.97 14.11
C ILE D 1270 -15.16 -38.07 14.24
N ALA D 1271 -15.63 -39.31 14.28
CA ALA D 1271 -14.76 -40.48 14.37
C ALA D 1271 -14.71 -41.17 13.00
N VAL D 1272 -13.51 -41.55 12.58
CA VAL D 1272 -13.30 -42.27 11.33
C VAL D 1272 -12.62 -43.59 11.66
N GLN D 1273 -13.17 -44.67 11.12
CA GLN D 1273 -12.62 -46.01 11.33
C GLN D 1273 -12.66 -46.79 10.03
N PRO D 1274 -11.68 -47.64 9.78
CA PRO D 1274 -11.71 -48.45 8.56
C PRO D 1274 -12.82 -49.49 8.61
N THR D 1275 -13.38 -49.79 7.45
CA THR D 1275 -14.34 -50.87 7.34
C THR D 1275 -13.66 -52.20 7.66
N GLU D 1276 -14.49 -53.19 8.05
CA GLU D 1276 -13.94 -54.45 8.55
C GLU D 1276 -13.03 -55.14 7.54
N GLU D 1277 -13.25 -54.90 6.25
CA GLU D 1277 -12.38 -55.45 5.22
C GLU D 1277 -10.98 -54.88 5.39
N ALA D 1278 -9.99 -55.76 5.58
CA ALA D 1278 -8.63 -55.33 5.86
C ALA D 1278 -7.65 -56.21 5.08
N ARG D 1279 -6.46 -55.65 4.86
CA ARG D 1279 -5.40 -56.36 4.16
C ARG D 1279 -4.79 -57.43 5.07
N ALA D 1280 -4.04 -58.34 4.45
CA ALA D 1280 -3.44 -59.45 5.18
C ALA D 1280 -2.01 -59.14 5.62
N ALA D 1281 -1.23 -58.47 4.78
CA ALA D 1281 0.16 -58.17 5.08
C ALA D 1281 0.27 -57.18 6.24
N GLY E 28 -15.38 -39.37 -17.35
CA GLY E 28 -16.01 -38.36 -18.19
C GLY E 28 -15.27 -37.03 -18.10
N TYR E 29 -13.96 -37.10 -17.84
CA TYR E 29 -13.15 -35.91 -17.66
C TYR E 29 -11.69 -36.28 -17.94
N ASP E 30 -10.86 -35.25 -18.10
CA ASP E 30 -9.44 -35.47 -18.29
C ASP E 30 -8.78 -35.95 -17.00
N THR E 31 -7.67 -36.64 -17.15
CA THR E 31 -6.99 -37.23 -16.01
C THR E 31 -6.58 -36.16 -15.01
N PRO E 32 -6.98 -36.28 -13.74
CA PRO E 32 -6.61 -35.24 -12.76
C PRO E 32 -5.13 -35.29 -12.44
N LEU E 33 -4.48 -34.14 -12.54
CA LEU E 33 -3.04 -34.03 -12.38
C LEU E 33 -2.71 -33.31 -11.07
N GLY E 34 -1.73 -33.84 -10.35
CA GLY E 34 -1.25 -33.18 -9.15
C GLY E 34 -2.23 -33.24 -8.00
N ILE E 35 -2.45 -32.08 -7.37
CA ILE E 35 -3.28 -32.01 -6.17
C ILE E 35 -4.76 -32.15 -6.49
N THR E 36 -5.14 -31.95 -7.76
CA THR E 36 -6.55 -32.09 -8.15
C THR E 36 -7.03 -33.52 -7.93
N ASN E 37 -6.15 -34.50 -8.14
CA ASN E 37 -6.46 -35.91 -7.97
C ASN E 37 -6.38 -36.29 -6.49
N PRO E 38 -7.38 -37.01 -5.95
CA PRO E 38 -8.63 -37.46 -6.56
C PRO E 38 -9.59 -36.31 -6.82
N PRO E 39 -10.33 -36.38 -7.91
CA PRO E 39 -11.22 -35.27 -8.30
C PRO E 39 -12.08 -34.82 -7.13
N ILE E 40 -12.13 -33.49 -6.93
CA ILE E 40 -12.88 -32.92 -5.83
C ILE E 40 -14.37 -33.19 -5.98
N ASP E 41 -14.82 -33.58 -7.17
CA ASP E 41 -16.23 -33.87 -7.39
C ASP E 41 -16.61 -35.23 -6.83
N GLU E 42 -15.77 -36.25 -7.04
CA GLU E 42 -16.09 -37.58 -6.54
C GLU E 42 -15.90 -37.66 -5.02
N LEU E 43 -14.95 -36.89 -4.47
CA LEU E 43 -14.74 -36.89 -3.03
C LEU E 43 -15.94 -36.29 -2.29
N LEU E 44 -16.65 -35.35 -2.91
CA LEU E 44 -17.82 -34.75 -2.31
C LEU E 44 -19.05 -35.65 -2.37
N ASP E 45 -18.92 -36.88 -2.87
CA ASP E 45 -20.04 -37.80 -2.93
C ASP E 45 -20.12 -38.68 -1.70
N ARG E 46 -18.99 -39.18 -1.20
CA ARG E 46 -18.95 -39.97 0.02
C ARG E 46 -19.10 -39.14 1.29
N VAL E 47 -19.41 -37.85 1.15
CA VAL E 47 -19.44 -36.93 2.28
C VAL E 47 -20.62 -35.98 2.13
N SER E 48 -21.07 -35.43 3.26
CA SER E 48 -22.26 -34.59 3.28
C SER E 48 -21.98 -33.17 2.79
N SER E 49 -20.79 -32.64 3.04
CA SER E 49 -20.50 -31.26 2.66
C SER E 49 -18.99 -31.09 2.52
N LYS E 50 -18.59 -29.93 2.00
CA LYS E 50 -17.18 -29.59 1.91
C LYS E 50 -16.51 -29.61 3.28
N TYR E 51 -17.20 -29.08 4.29
CA TYR E 51 -16.59 -28.99 5.62
C TYR E 51 -16.44 -30.35 6.28
N ALA E 52 -17.33 -31.30 5.95
CA ALA E 52 -17.24 -32.63 6.54
C ALA E 52 -16.10 -33.45 5.94
N LEU E 53 -15.80 -33.26 4.65
CA LEU E 53 -14.70 -33.98 4.02
C LEU E 53 -13.35 -33.58 4.62
N VAL E 54 -13.23 -32.35 5.11
CA VAL E 54 -11.98 -31.89 5.69
C VAL E 54 -11.63 -32.72 6.92
N ILE E 55 -12.61 -32.97 7.78
CA ILE E 55 -12.35 -33.69 9.02
C ILE E 55 -12.14 -35.18 8.76
N TYR E 56 -12.89 -35.75 7.81
CA TYR E 56 -12.69 -37.15 7.46
C TYR E 56 -11.26 -37.42 7.01
N ALA E 57 -10.73 -36.55 6.14
CA ALA E 57 -9.39 -36.75 5.61
C ALA E 57 -8.32 -36.45 6.66
N ALA E 58 -8.51 -35.37 7.43
CA ALA E 58 -7.49 -34.96 8.40
C ALA E 58 -7.36 -35.96 9.54
N LYS E 59 -8.48 -36.43 10.08
CA LYS E 59 -8.42 -37.37 11.20
C LYS E 59 -7.85 -38.70 10.77
N ARG E 60 -8.13 -39.14 9.53
CA ARG E 60 -7.50 -40.35 9.02
C ARG E 60 -6.03 -40.10 8.72
N ALA E 61 -5.69 -38.91 8.23
CA ALA E 61 -4.29 -38.57 7.97
C ALA E 61 -3.46 -38.63 9.25
N ARG E 62 -4.04 -38.24 10.39
CA ARG E 62 -3.31 -38.36 11.66
C ARG E 62 -3.13 -39.82 12.06
N GLN E 63 -4.09 -40.69 11.72
CA GLN E 63 -3.93 -42.11 12.00
C GLN E 63 -2.80 -42.71 11.18
N ILE E 64 -2.77 -42.40 9.87
CA ILE E 64 -1.72 -42.91 9.00
C ILE E 64 -0.35 -42.39 9.45
N ASN E 65 -0.30 -41.12 9.87
CA ASN E 65 0.96 -40.55 10.33
C ASN E 65 1.44 -41.20 11.62
N ASP E 66 0.52 -41.56 12.51
CA ASP E 66 0.89 -42.25 13.74
C ASP E 66 1.27 -43.70 13.52
N TYR E 67 0.80 -44.32 12.43
CA TYR E 67 1.23 -45.67 12.11
C TYR E 67 2.68 -45.70 11.66
N TYR E 68 3.10 -44.71 10.87
CA TYR E 68 4.47 -44.65 10.37
C TYR E 68 5.48 -44.33 11.48
N ASN E 69 5.04 -43.67 12.55
CA ASN E 69 5.91 -43.35 13.67
C ASN E 69 5.80 -44.32 14.83
N GLN E 70 4.81 -45.22 14.79
CA GLN E 70 4.66 -46.26 15.82
C GLN E 70 4.74 -47.65 15.23
N LEU E 71 5.30 -47.79 14.02
CA LEU E 71 5.49 -49.10 13.42
C LEU E 71 6.69 -49.83 14.01
N GLY E 72 7.75 -49.09 14.37
CA GLY E 72 8.92 -49.73 14.93
C GLY E 72 8.83 -49.98 16.41
N GLU E 73 8.01 -49.22 17.12
CA GLU E 73 7.86 -49.38 18.57
C GLU E 73 6.39 -49.39 18.95
N GLY E 74 6.05 -50.24 19.89
CA GLY E 74 4.70 -50.26 20.46
C GLY E 74 3.77 -51.20 19.74
N ILE E 75 2.82 -51.75 20.50
CA ILE E 75 1.76 -52.59 19.95
C ILE E 75 0.49 -51.75 19.88
N LEU E 76 -0.61 -52.36 19.43
CA LEU E 76 -1.89 -51.67 19.27
C LEU E 76 -1.74 -50.44 18.38
N GLU E 77 -0.76 -50.48 17.48
CA GLU E 77 -0.56 -49.38 16.55
C GLU E 77 -1.75 -49.25 15.61
N TYR E 78 -2.00 -48.01 15.18
CA TYR E 78 -3.19 -47.71 14.40
C TYR E 78 -3.17 -48.45 13.07
N VAL E 79 -4.36 -48.65 12.50
CA VAL E 79 -4.49 -49.41 11.26
C VAL E 79 -3.72 -48.72 10.16
N GLY E 80 -2.89 -49.49 9.45
CA GLY E 80 -2.03 -48.95 8.44
C GLY E 80 -2.81 -48.44 7.24
N PRO E 81 -2.08 -47.92 6.25
CA PRO E 81 -2.73 -47.38 5.04
C PRO E 81 -3.52 -48.47 4.32
N LEU E 82 -4.81 -48.20 4.11
CA LEU E 82 -5.70 -49.22 3.54
C LEU E 82 -5.38 -49.46 2.07
N VAL E 83 -5.10 -48.40 1.32
CA VAL E 83 -4.72 -48.55 -0.09
C VAL E 83 -3.21 -48.70 -0.17
N GLU E 84 -2.71 -49.01 -1.36
CA GLU E 84 -1.27 -49.09 -1.57
C GLU E 84 -0.69 -47.69 -1.71
N PRO E 85 0.23 -47.27 -0.86
CA PRO E 85 0.80 -45.92 -0.96
C PRO E 85 1.91 -45.85 -1.98
N GLY E 86 2.02 -44.67 -2.60
CA GLY E 86 3.16 -44.39 -3.45
C GLY E 86 4.40 -44.08 -2.64
N LEU E 87 5.55 -44.06 -3.32
CA LEU E 87 6.80 -43.80 -2.65
C LEU E 87 6.85 -42.34 -2.20
N GLN E 88 7.05 -42.12 -0.90
CA GLN E 88 7.13 -40.78 -0.30
C GLN E 88 5.83 -40.00 -0.52
N GLU E 89 4.70 -40.69 -0.37
CA GLU E 89 3.40 -40.05 -0.51
C GLU E 89 2.94 -39.47 0.81
N LYS E 90 2.41 -38.26 0.76
CA LYS E 90 2.00 -37.57 1.98
C LYS E 90 0.76 -38.26 2.58
N PRO E 91 0.71 -38.39 3.91
CA PRO E 91 -0.46 -39.04 4.54
C PRO E 91 -1.78 -38.36 4.24
N LEU E 92 -1.78 -37.06 3.93
CA LEU E 92 -3.00 -36.41 3.49
C LEU E 92 -3.47 -36.96 2.14
N SER E 93 -2.52 -37.27 1.26
CA SER E 93 -2.87 -37.83 -0.04
C SER E 93 -3.30 -39.28 0.08
N ILE E 94 -2.67 -40.05 0.96
CA ILE E 94 -3.07 -41.43 1.18
C ILE E 94 -4.50 -41.48 1.71
N ALA E 95 -4.79 -40.65 2.71
CA ALA E 95 -6.12 -40.63 3.30
C ALA E 95 -7.18 -40.16 2.31
N LEU E 96 -6.82 -39.23 1.42
CA LEU E 96 -7.80 -38.72 0.46
C LEU E 96 -8.09 -39.74 -0.64
N ARG E 97 -7.15 -40.63 -0.93
CA ARG E 97 -7.39 -41.65 -1.94
C ARG E 97 -8.32 -42.74 -1.40
N GLU E 98 -8.15 -43.13 -0.14
CA GLU E 98 -8.94 -44.24 0.39
C GLU E 98 -10.36 -43.79 0.72
N ILE E 99 -10.56 -42.52 1.06
CA ILE E 99 -11.92 -41.98 1.12
C ILE E 99 -12.61 -42.14 -0.22
N HIS E 100 -11.86 -41.90 -1.31
CA HIS E 100 -12.39 -42.09 -2.65
C HIS E 100 -12.66 -43.55 -2.96
N ALA E 101 -11.91 -44.46 -2.34
CA ALA E 101 -12.05 -45.89 -2.58
C ALA E 101 -13.04 -46.57 -1.64
N ASP E 102 -13.78 -45.80 -0.84
CA ASP E 102 -14.83 -46.33 0.02
C ASP E 102 -14.30 -47.39 1.00
N LEU E 103 -13.15 -47.10 1.60
CA LEU E 103 -12.55 -47.99 2.59
C LEU E 103 -12.69 -47.46 4.01
N LEU E 104 -13.29 -46.30 4.20
CA LEU E 104 -13.42 -45.69 5.52
C LEU E 104 -14.89 -45.46 5.86
N GLU E 105 -15.13 -45.24 7.15
CA GLU E 105 -16.48 -44.90 7.61
C GLU E 105 -16.47 -43.51 8.23
N HIS E 106 -17.47 -43.18 9.03
CA HIS E 106 -17.56 -41.86 9.62
C HIS E 106 -18.59 -41.87 10.75
N THR E 107 -18.64 -40.77 11.49
CA THR E 107 -19.58 -40.64 12.60
C THR E 107 -19.77 -39.14 12.87
N GLU E 108 -20.90 -38.60 12.44
CA GLU E 108 -21.21 -37.19 12.64
C GLU E 108 -22.05 -36.99 13.90
N VAL F 4 -5.19 31.73 70.13
CA VAL F 4 -6.41 30.96 70.25
C VAL F 4 -6.66 30.15 68.99
N SER F 5 -7.91 29.74 68.78
CA SER F 5 -8.25 28.98 67.58
C SER F 5 -8.30 29.87 66.35
N GLY F 6 -8.64 31.15 66.52
CA GLY F 6 -8.65 32.07 65.40
C GLY F 6 -7.27 32.48 64.93
N ALA F 7 -6.25 32.26 65.76
CA ALA F 7 -4.88 32.57 65.34
C ALA F 7 -4.31 31.53 64.39
N ALA F 8 -4.69 30.26 64.57
CA ALA F 8 -4.26 29.23 63.64
C ALA F 8 -4.95 29.36 62.30
N ALA F 9 -6.18 29.87 62.28
CA ALA F 9 -6.89 30.07 61.02
C ALA F 9 -6.36 31.27 60.26
N ALA F 10 -5.68 32.20 60.93
CA ALA F 10 -5.07 33.32 60.23
C ALA F 10 -3.83 32.90 59.46
N GLU F 11 -3.17 31.83 59.90
CA GLU F 11 -2.02 31.31 59.16
C GLU F 11 -2.44 30.69 57.84
N ALA F 12 -3.60 30.02 57.82
CA ALA F 12 -4.11 29.43 56.59
C ALA F 12 -4.69 30.49 55.66
N ALA F 13 -5.26 31.57 56.22
CA ALA F 13 -5.73 32.67 55.39
C ALA F 13 -4.57 33.50 54.84
N LEU F 14 -3.40 33.42 55.45
CA LEU F 14 -2.22 34.10 54.92
C LEU F 14 -1.66 33.37 53.71
N MET F 15 -1.61 32.04 53.76
CA MET F 15 -1.13 31.27 52.61
C MET F 15 -2.08 31.39 51.43
N ARG F 16 -3.38 31.33 51.69
CA ARG F 16 -4.36 31.49 50.61
C ARG F 16 -4.25 32.85 49.93
N ALA F 17 -3.63 33.83 50.57
CA ALA F 17 -3.47 35.15 49.96
C ALA F 17 -2.38 35.12 48.90
N LEU F 18 -1.19 34.62 49.25
CA LEU F 18 -0.08 34.60 48.30
C LEU F 18 -0.33 33.66 47.13
N TYR F 19 -1.21 32.66 47.31
CA TYR F 19 -1.64 31.85 46.18
C TYR F 19 -2.33 32.70 45.12
N ASP F 20 -3.22 33.59 45.54
CA ASP F 20 -4.05 34.35 44.61
C ASP F 20 -3.26 35.39 43.83
N GLU F 21 -2.07 35.77 44.30
CA GLU F 21 -1.27 36.79 43.62
C GLU F 21 -0.02 36.25 42.95
N HIS F 22 0.51 35.11 43.40
CA HIS F 22 1.80 34.64 42.91
C HIS F 22 1.76 33.26 42.26
N ALA F 23 0.84 32.39 42.67
CA ALA F 23 0.85 31.01 42.17
C ALA F 23 0.65 30.94 40.67
N ALA F 24 -0.39 31.63 40.16
CA ALA F 24 -0.67 31.57 38.74
C ALA F 24 0.40 32.27 37.91
N VAL F 25 1.08 33.26 38.47
CA VAL F 25 2.18 33.90 37.76
C VAL F 25 3.45 33.06 37.86
N LEU F 26 3.64 32.37 38.99
CA LEU F 26 4.80 31.49 39.13
C LEU F 26 4.68 30.26 38.24
N TRP F 27 3.46 29.84 37.93
CA TRP F 27 3.26 28.65 37.09
C TRP F 27 3.76 28.88 35.68
N ARG F 28 3.48 30.06 35.11
CA ARG F 28 3.96 30.37 33.77
C ARG F 28 5.47 30.54 33.72
N TYR F 29 6.12 30.79 34.85
CA TYR F 29 7.57 30.87 34.88
C TYR F 29 8.19 29.48 34.76
N ALA F 30 7.68 28.52 35.53
CA ALA F 30 8.21 27.17 35.47
C ALA F 30 7.87 26.48 34.16
N LEU F 31 6.79 26.90 33.51
CA LEU F 31 6.37 26.25 32.27
C LEU F 31 7.38 26.49 31.16
N ARG F 32 7.94 27.70 31.08
CA ARG F 32 8.95 27.97 30.08
C ARG F 32 10.28 27.30 30.42
N LEU F 33 10.56 27.13 31.71
CA LEU F 33 11.82 26.51 32.09
C LEU F 33 11.83 25.00 31.87
N THR F 34 10.69 24.34 32.02
CA THR F 34 10.59 22.90 31.83
C THR F 34 9.91 22.51 30.52
N GLY F 35 8.81 23.16 30.16
CA GLY F 35 8.06 22.78 28.99
C GLY F 35 6.90 21.85 29.25
N ASP F 36 6.83 21.25 30.43
CA ASP F 36 5.75 20.33 30.81
C ASP F 36 4.85 21.02 31.81
N ALA F 37 3.57 21.17 31.46
CA ALA F 37 2.63 21.86 32.35
C ALA F 37 2.46 21.09 33.65
N ALA F 38 2.35 19.76 33.58
CA ALA F 38 2.22 18.95 34.78
C ALA F 38 3.46 19.02 35.67
N GLN F 39 4.63 19.31 35.09
CA GLN F 39 5.82 19.51 35.89
C GLN F 39 5.84 20.87 36.56
N ALA F 40 5.27 21.89 35.91
CA ALA F 40 5.23 23.22 36.50
C ALA F 40 4.37 23.26 37.75
N GLU F 41 3.25 22.53 37.74
CA GLU F 41 2.42 22.45 38.95
C GLU F 41 3.19 21.82 40.11
N ASP F 42 4.05 20.84 39.80
CA ASP F 42 4.88 20.24 40.84
C ASP F 42 5.87 21.26 41.39
N VAL F 43 6.41 22.11 40.53
CA VAL F 43 7.36 23.13 40.99
C VAL F 43 6.65 24.17 41.85
N VAL F 44 5.41 24.52 41.50
CA VAL F 44 4.69 25.55 42.23
C VAL F 44 4.39 25.09 43.66
N GLN F 45 3.90 23.85 43.81
CA GLN F 45 3.57 23.33 45.13
C GLN F 45 4.80 23.26 46.02
N GLU F 46 5.94 22.83 45.46
CA GLU F 46 7.17 22.75 46.24
C GLU F 46 7.69 24.13 46.61
N THR F 47 7.53 25.11 45.72
CA THR F 47 8.01 26.46 46.01
C THR F 47 7.24 27.10 47.15
N LEU F 48 5.91 27.10 47.06
CA LEU F 48 5.09 27.69 48.11
C LEU F 48 5.18 26.91 49.41
N LEU F 49 5.47 25.61 49.32
CA LEU F 49 5.67 24.82 50.54
C LEU F 49 6.89 25.32 51.32
N ARG F 50 7.94 25.75 50.62
CA ARG F 50 9.10 26.32 51.29
C ARG F 50 8.82 27.73 51.80
N ALA F 51 7.91 28.46 51.14
CA ALA F 51 7.49 29.76 51.67
C ALA F 51 6.77 29.59 52.99
N TRP F 52 5.92 28.56 53.10
CA TRP F 52 5.23 28.29 54.35
C TRP F 52 6.21 27.84 55.43
N GLN F 53 7.34 27.26 55.05
CA GLN F 53 8.36 26.83 56.00
C GLN F 53 9.40 27.91 56.29
N HIS F 54 9.39 29.00 55.54
CA HIS F 54 10.30 30.14 55.76
C HIS F 54 9.48 31.35 56.17
N PRO F 55 9.29 31.58 57.47
CA PRO F 55 8.59 32.80 57.90
C PRO F 55 9.36 34.07 57.58
N GLU F 56 10.67 33.97 57.32
CA GLU F 56 11.46 35.15 56.98
C GLU F 56 11.05 35.73 55.64
N VAL F 57 10.60 34.90 54.71
CA VAL F 57 10.17 35.40 53.41
C VAL F 57 8.75 35.95 53.44
N ILE F 58 7.92 35.47 54.37
CA ILE F 58 6.57 36.00 54.53
C ILE F 58 6.50 37.15 55.51
N GLY F 59 7.63 37.52 56.13
CA GLY F 59 7.65 38.56 57.13
C GLY F 59 7.59 39.96 56.55
N ASP F 60 8.61 40.34 55.79
CA ASP F 60 8.71 41.69 55.24
C ASP F 60 7.90 41.76 53.94
N THR F 61 6.79 42.50 53.98
CA THR F 61 6.07 42.82 52.75
C THR F 61 6.74 43.96 51.99
N ALA F 62 7.52 44.81 52.68
CA ALA F 62 8.27 45.87 52.05
C ALA F 62 9.43 45.37 51.21
N ARG F 63 9.69 44.05 51.23
CA ARG F 63 10.68 43.37 50.41
C ARG F 63 9.98 42.44 49.42
N PRO F 64 10.38 42.46 48.15
CA PRO F 64 9.67 41.66 47.14
C PRO F 64 9.76 40.17 47.44
N ALA F 65 8.61 39.57 47.74
CA ALA F 65 8.51 38.14 47.97
C ALA F 65 8.30 37.35 46.69
N ARG F 66 7.76 37.97 45.64
CA ARG F 66 7.56 37.27 44.38
C ARG F 66 8.90 36.80 43.81
N ALA F 67 9.95 37.59 44.01
CA ALA F 67 11.25 37.25 43.43
C ALA F 67 11.89 36.06 44.13
N TRP F 68 11.74 35.99 45.46
CA TRP F 68 12.24 34.83 46.19
C TRP F 68 11.66 33.54 45.63
N LEU F 69 10.44 33.59 45.10
CA LEU F 69 9.83 32.40 44.51
C LEU F 69 10.47 32.03 43.19
N PHE F 70 10.74 33.03 42.33
CA PHE F 70 11.28 32.74 41.00
C PHE F 70 12.67 32.12 41.08
N THR F 71 13.45 32.46 42.12
CA THR F 71 14.77 31.86 42.26
C THR F 71 14.71 30.50 42.93
N VAL F 72 13.77 30.31 43.87
CA VAL F 72 13.53 28.98 44.40
C VAL F 72 13.08 28.04 43.30
N ALA F 73 12.20 28.52 42.42
CA ALA F 73 11.80 27.72 41.26
C ALA F 73 12.97 27.49 40.32
N ARG F 74 13.85 28.48 40.19
CA ARG F 74 15.04 28.30 39.36
C ARG F 74 15.95 27.21 39.92
N ASN F 75 16.11 27.19 41.24
CA ASN F 75 17.00 26.21 41.86
C ASN F 75 16.41 24.81 41.83
N MET F 76 15.08 24.69 41.92
CA MET F 76 14.45 23.38 41.84
C MET F 76 14.58 22.80 40.44
N ILE F 77 14.40 23.64 39.42
CA ILE F 77 14.47 23.15 38.04
C ILE F 77 15.91 22.82 37.66
N ILE F 78 16.88 23.57 38.17
CA ILE F 78 18.28 23.26 37.88
C ILE F 78 18.74 22.02 38.65
N ASP F 79 18.08 21.69 39.76
CA ASP F 79 18.39 20.47 40.49
C ASP F 79 17.69 19.27 39.86
N GLU F 80 16.41 19.44 39.50
CA GLU F 80 15.74 18.45 38.67
C GLU F 80 16.52 18.20 37.38
N ARG F 81 17.25 19.20 36.90
CA ARG F 81 18.08 19.12 35.69
C ARG F 81 19.43 18.42 35.93
N ARG F 82 19.60 17.69 37.02
CA ARG F 82 20.86 17.01 37.23
C ARG F 82 20.72 15.52 36.91
N SER F 83 21.39 14.67 37.68
CA SER F 83 21.75 13.35 37.20
C SER F 83 20.55 12.49 36.81
N ALA F 84 19.51 12.48 37.64
CA ALA F 84 18.37 11.58 37.38
C ALA F 84 17.72 11.90 36.04
N ARG F 85 17.51 13.18 35.74
CA ARG F 85 17.01 13.55 34.43
C ARG F 85 18.03 13.28 33.34
N PHE F 86 19.33 13.40 33.67
CA PHE F 86 20.37 13.39 32.64
C PHE F 86 20.30 12.13 31.77
N ARG F 87 20.23 10.96 32.40
CA ARG F 87 20.26 9.71 31.65
C ARG F 87 18.90 9.38 31.05
N ASN F 88 17.84 9.45 31.86
CA ASN F 88 16.58 8.81 31.50
C ASN F 88 15.75 9.65 30.54
N VAL F 89 15.69 10.96 30.77
CA VAL F 89 14.68 11.84 30.18
C VAL F 89 14.62 11.78 28.66
N VAL F 90 15.51 11.01 28.04
CA VAL F 90 15.80 11.24 26.62
C VAL F 90 14.70 10.66 25.75
N GLY F 91 14.33 9.42 26.03
CA GLY F 91 13.54 8.65 25.10
C GLY F 91 12.33 8.06 25.77
N SER F 92 11.30 7.84 24.96
CA SER F 92 10.07 7.18 25.32
C SER F 92 9.77 6.11 24.30
N THR F 93 9.44 4.90 24.78
CA THR F 93 9.16 3.77 23.88
C THR F 93 7.94 4.04 23.01
N ASP F 94 6.88 4.63 23.61
CA ASP F 94 5.71 4.99 22.82
C ASP F 94 6.08 5.96 21.70
N GLN F 95 7.05 6.84 21.96
CA GLN F 95 7.51 7.76 20.92
C GLN F 95 8.17 6.99 19.79
N SER F 96 7.98 7.46 18.56
CA SER F 96 8.58 6.81 17.40
C SER F 96 10.10 7.02 17.40
N GLY F 97 10.78 6.20 16.59
CA GLY F 97 12.22 6.27 16.48
C GLY F 97 12.99 5.43 17.47
N THR F 98 12.32 4.70 18.35
CA THR F 98 12.97 3.82 19.32
C THR F 98 12.74 2.37 18.92
N PRO F 99 13.81 1.57 18.78
CA PRO F 99 13.63 0.18 18.38
C PRO F 99 12.97 -0.65 19.48
N GLU F 100 12.04 -1.51 19.08
CA GLU F 100 11.35 -2.38 20.02
C GLU F 100 12.23 -3.57 20.38
N GLN F 101 12.04 -4.09 21.59
CA GLN F 101 12.83 -5.22 22.04
C GLN F 101 12.39 -6.51 21.37
N SER F 102 13.35 -7.38 21.10
CA SER F 102 13.09 -8.67 20.47
C SER F 102 13.78 -9.77 21.27
N THR F 103 13.26 -10.98 21.14
CA THR F 103 13.87 -12.16 21.75
C THR F 103 14.06 -13.22 20.67
N PRO F 104 15.24 -13.82 20.58
CA PRO F 104 15.49 -14.82 19.53
C PRO F 104 14.63 -16.06 19.72
N ASP F 105 14.58 -16.87 18.67
CA ASP F 105 13.81 -18.09 18.71
C ASP F 105 14.55 -19.18 19.48
N GLU F 106 13.79 -20.15 19.98
CA GLU F 106 14.32 -21.25 20.77
C GLU F 106 14.63 -22.48 19.93
N VAL F 107 14.95 -22.31 18.64
CA VAL F 107 15.18 -23.45 17.77
C VAL F 107 16.43 -24.21 18.18
N ASN F 108 17.56 -23.51 18.30
CA ASN F 108 18.81 -24.17 18.69
C ASN F 108 18.68 -24.81 20.07
N ALA F 109 17.98 -24.14 20.99
CA ALA F 109 17.80 -24.70 22.32
C ALA F 109 16.86 -25.91 22.29
N ALA F 110 15.86 -25.90 21.41
CA ALA F 110 14.93 -27.02 21.34
C ALA F 110 15.60 -28.26 20.78
N LEU F 111 16.48 -28.08 19.78
CA LEU F 111 17.14 -29.22 19.16
C LEU F 111 18.12 -29.87 20.13
N ASP F 112 18.92 -29.06 20.83
CA ASP F 112 19.83 -29.60 21.83
C ASP F 112 19.07 -30.34 22.93
N ARG F 113 17.97 -29.75 23.41
CA ARG F 113 17.14 -30.41 24.41
C ARG F 113 16.61 -31.76 23.90
N LEU F 114 16.30 -31.86 22.61
CA LEU F 114 15.86 -33.13 22.05
C LEU F 114 17.00 -34.15 22.04
N LEU F 115 18.20 -33.73 21.63
CA LEU F 115 19.32 -34.66 21.59
C LEU F 115 19.77 -35.04 23.00
N ILE F 116 19.72 -34.09 23.94
CA ILE F 116 20.06 -34.40 25.33
C ILE F 116 19.07 -35.41 25.90
N ALA F 117 17.79 -35.27 25.55
CA ALA F 117 16.79 -36.22 26.02
C ALA F 117 16.98 -37.59 25.40
N ASP F 118 17.50 -37.66 24.18
CA ASP F 118 17.78 -38.95 23.56
C ASP F 118 18.95 -39.65 24.24
N ALA F 119 20.08 -38.94 24.40
CA ALA F 119 21.24 -39.51 25.05
C ALA F 119 20.97 -39.82 26.52
N LEU F 120 19.99 -39.16 27.14
CA LEU F 120 19.68 -39.42 28.53
C LEU F 120 18.99 -40.77 28.71
N ALA F 121 18.14 -41.14 27.76
CA ALA F 121 17.44 -42.42 27.86
C ALA F 121 18.41 -43.60 27.78
N GLN F 122 19.55 -43.42 27.13
CA GLN F 122 20.51 -44.51 26.96
C GLN F 122 21.49 -44.54 28.11
N LEU F 123 21.07 -44.05 29.27
CA LEU F 123 21.88 -44.08 30.48
C LEU F 123 21.22 -44.99 31.51
N SER F 124 22.05 -45.58 32.36
CA SER F 124 21.54 -46.39 33.45
C SER F 124 20.70 -45.53 34.39
N ALA F 125 19.72 -46.17 35.04
CA ALA F 125 18.83 -45.43 35.93
C ALA F 125 19.59 -44.73 37.05
N GLU F 126 20.78 -45.24 37.38
CA GLU F 126 21.60 -44.57 38.38
C GLU F 126 22.25 -43.32 37.81
N HIS F 127 22.84 -43.44 36.60
CA HIS F 127 23.52 -42.30 36.00
C HIS F 127 22.52 -41.22 35.57
N ARG F 128 21.39 -41.62 34.99
CA ARG F 128 20.40 -40.63 34.56
C ARG F 128 19.82 -39.87 35.74
N ALA F 129 19.64 -40.54 36.88
CA ALA F 129 19.11 -39.92 38.08
C ALA F 129 20.17 -39.15 38.87
N VAL F 130 21.38 -39.02 38.34
CA VAL F 130 22.44 -38.25 38.98
C VAL F 130 22.80 -37.01 38.18
N ILE F 131 22.82 -37.11 36.85
CA ILE F 131 23.04 -35.92 36.04
C ILE F 131 21.82 -35.01 36.07
N GLN F 132 20.63 -35.58 36.23
CA GLN F 132 19.41 -34.78 36.33
C GLN F 132 19.23 -34.16 37.71
N ARG F 133 20.08 -34.51 38.67
CA ARG F 133 20.08 -33.88 39.99
C ARG F 133 21.24 -32.92 40.19
N SER F 134 22.22 -32.90 39.30
CA SER F 134 23.34 -31.98 39.37
C SER F 134 23.24 -30.84 38.36
N TYR F 135 22.71 -31.10 37.17
CA TYR F 135 22.58 -30.09 36.13
C TYR F 135 21.14 -29.62 35.91
N TYR F 136 20.16 -30.50 36.06
CA TYR F 136 18.76 -30.09 35.93
C TYR F 136 18.18 -29.54 37.22
N ARG F 137 18.65 -30.01 38.37
CA ARG F 137 18.23 -29.47 39.66
C ARG F 137 19.30 -28.59 40.31
N GLY F 138 20.53 -28.63 39.80
CA GLY F 138 21.57 -27.72 40.27
C GLY F 138 22.03 -27.93 41.69
N TRP F 139 21.81 -29.12 42.24
CA TRP F 139 22.21 -29.39 43.61
C TRP F 139 23.73 -29.49 43.71
N SER F 140 24.22 -29.59 44.95
CA SER F 140 25.63 -29.76 45.21
C SER F 140 26.01 -31.24 45.13
N THR F 141 27.30 -31.51 45.22
CA THR F 141 27.76 -32.90 45.20
C THR F 141 27.29 -33.66 46.42
N ALA F 142 27.31 -33.00 47.59
CA ALA F 142 26.89 -33.68 48.82
C ALA F 142 25.38 -33.73 48.95
N GLN F 143 24.66 -32.81 48.28
CA GLN F 143 23.21 -32.84 48.34
C GLN F 143 22.66 -34.09 47.67
N ILE F 144 23.20 -34.44 46.49
CA ILE F 144 22.76 -35.64 45.80
C ILE F 144 23.13 -36.89 46.60
N ALA F 145 24.29 -36.85 47.28
CA ALA F 145 24.70 -37.98 48.10
C ALA F 145 23.71 -38.22 49.24
N THR F 146 23.19 -37.15 49.83
CA THR F 146 22.24 -37.29 50.92
C THR F 146 20.91 -37.85 50.43
N ASP F 147 20.46 -37.41 49.25
CA ASP F 147 19.18 -37.86 48.73
C ASP F 147 19.23 -39.32 48.33
N LEU F 148 20.20 -39.71 47.51
CA LEU F 148 20.26 -41.06 46.98
C LEU F 148 20.74 -42.08 48.01
N GLY F 149 21.13 -41.66 49.20
CA GLY F 149 21.62 -42.59 50.20
C GLY F 149 22.88 -43.32 49.77
N ILE F 150 23.80 -42.61 49.14
CA ILE F 150 25.06 -43.17 48.65
C ILE F 150 26.21 -42.32 49.17
N ALA F 151 27.43 -42.76 48.88
CA ALA F 151 28.62 -42.09 49.39
C ALA F 151 28.88 -40.79 48.64
N GLU F 152 29.78 -39.97 49.21
CA GLU F 152 30.16 -38.71 48.57
C GLU F 152 30.85 -38.95 47.24
N GLY F 153 31.93 -39.73 47.26
CA GLY F 153 32.67 -40.04 46.05
C GLY F 153 31.89 -40.86 45.04
N THR F 154 30.83 -41.56 45.48
CA THR F 154 30.00 -42.31 44.55
C THR F 154 29.30 -41.38 43.57
N VAL F 155 28.82 -40.23 44.05
CA VAL F 155 28.21 -39.25 43.16
C VAL F 155 29.25 -38.64 42.25
N LYS F 156 30.47 -38.44 42.75
CA LYS F 156 31.54 -37.89 41.92
C LYS F 156 31.90 -38.83 40.78
N SER F 157 31.94 -40.14 41.06
CA SER F 157 32.34 -41.09 40.03
C SER F 157 31.24 -41.28 38.99
N ARG F 158 29.98 -41.33 39.44
CA ARG F 158 28.88 -41.51 38.51
C ARG F 158 28.78 -40.33 37.53
N LEU F 159 28.85 -39.10 38.06
CA LEU F 159 28.84 -37.93 37.20
C LEU F 159 30.02 -37.95 36.23
N HIS F 160 31.19 -38.37 36.70
CA HIS F 160 32.37 -38.41 35.85
C HIS F 160 32.17 -39.31 34.65
N TYR F 161 31.55 -40.48 34.86
CA TYR F 161 31.31 -41.38 33.73
C TYR F 161 30.10 -40.95 32.91
N ALA F 162 28.98 -40.64 33.59
CA ALA F 162 27.74 -40.30 32.88
C ALA F 162 27.95 -39.14 31.92
N VAL F 163 28.84 -38.21 32.25
CA VAL F 163 29.19 -37.14 31.32
C VAL F 163 29.89 -37.71 30.09
N ARG F 164 30.89 -38.57 30.31
CA ARG F 164 31.59 -39.20 29.19
C ARG F 164 30.67 -40.14 28.42
N ALA F 165 29.73 -40.80 29.12
CA ALA F 165 28.77 -41.65 28.44
C ALA F 165 27.92 -40.86 27.46
N LEU F 166 27.54 -39.64 27.82
CA LEU F 166 26.79 -38.79 26.91
C LEU F 166 27.66 -38.32 25.75
N ARG F 167 28.92 -37.99 26.04
CA ARG F 167 29.84 -37.59 24.97
C ARG F 167 30.04 -38.73 23.98
N LEU F 168 30.03 -39.98 24.45
CA LEU F 168 30.06 -41.12 23.54
C LEU F 168 28.83 -41.14 22.65
N THR F 169 27.64 -41.00 23.25
CA THR F 169 26.40 -41.06 22.49
C THR F 169 26.28 -39.88 21.53
N LEU F 170 26.78 -38.71 21.90
CA LEU F 170 26.66 -37.54 21.04
C LEU F 170 27.65 -37.59 19.88
N GLN F 171 28.91 -37.95 20.16
CA GLN F 171 29.90 -38.03 19.10
C GLN F 171 29.58 -39.14 18.11
N GLU F 172 28.90 -40.20 18.56
CA GLU F 172 28.48 -41.26 17.66
C GLU F 172 27.37 -40.80 16.72
N LEU F 173 26.67 -39.71 17.05
CA LEU F 173 25.64 -39.14 16.21
C LEU F 173 26.09 -37.88 15.49
N GLY F 174 27.35 -37.49 15.66
CA GLY F 174 27.86 -36.33 14.95
C GLY F 174 27.55 -35.00 15.58
N VAL F 175 27.46 -34.95 16.91
CA VAL F 175 27.21 -33.68 17.60
C VAL F 175 28.50 -32.88 17.63
N THR F 176 28.42 -31.62 17.21
CA THR F 176 29.60 -30.80 17.07
C THR F 176 30.21 -30.49 18.43
N ARG F 177 31.52 -30.68 18.54
CA ARG F 177 32.27 -30.42 19.76
C ARG F 177 32.10 -28.97 20.23
#